data_3UDU
#
_entry.id   3UDU
#
_cell.length_a   74.717
_cell.length_b   83.170
_cell.length_c   111.204
_cell.angle_alpha   94.19
_cell.angle_beta   90.07
_cell.angle_gamma   89.64
#
_symmetry.space_group_name_H-M   'P 1'
#
loop_
_entity.id
_entity.type
_entity.pdbx_description
1 polymer '3-isopropylmalate dehydrogenase'
2 non-polymer 1,2-ETHANEDIOL
3 non-polymer 'CHLORIDE ION'
4 water water
#
_entity_poly.entity_id   1
_entity_poly.type   'polypeptide(L)'
_entity_poly.pdbx_seq_one_letter_code
;SNAMKTYKVAVLAGDGIGPLVMKEALKILTFIAQKYNFSFELNEAKIGGASIDAYGVALSDETLKLCEQSDAILFGSVGG
PKWDNLPIDQRPERASLLPLRKHFNLFANLRPCKIYESLTHASPLKNEIIQKGVDILCVRELTGGIYFGKQDLGKESAYD
TEIYTKKEIERIARIAFESARIRKKKVHLIDKANVLASSILWREVVANVAKDYQDINLEYMYVDNAAMQIVKNPSIFDVM
LCSNLFGDILSDELAAINGSLGLLSSASLNDKGFGLYEPAGGSAPDIAHLNIANPIAQILSAALMLKYSFKEEQAAQDIE
NAISLALAQGKMTKDLNAKSYLNTDEMGDCILEILKENDNG
;
_entity_poly.pdbx_strand_id   A,B,C,D,E,F,G,H
#
# COMPACT_ATOMS: atom_id res chain seq x y z
N LYS A 5 -26.68 55.28 -40.26
CA LYS A 5 -26.48 54.47 -39.02
C LYS A 5 -27.66 53.45 -38.84
N THR A 6 -27.34 52.17 -39.00
CA THR A 6 -28.26 51.03 -38.71
C THR A 6 -27.67 50.15 -37.60
N TYR A 7 -28.47 49.95 -36.56
CA TYR A 7 -28.07 49.14 -35.41
C TYR A 7 -28.80 47.79 -35.57
N LYS A 8 -28.05 46.69 -35.66
CA LYS A 8 -28.63 45.42 -35.80
C LYS A 8 -28.81 44.72 -34.44
N VAL A 9 -30.06 44.32 -34.13
CA VAL A 9 -30.42 43.74 -32.81
C VAL A 9 -31.01 42.38 -33.03
N ALA A 10 -30.42 41.36 -32.39
CA ALA A 10 -31.06 40.06 -32.26
C ALA A 10 -32.05 40.07 -31.15
N VAL A 11 -33.34 39.88 -31.50
CA VAL A 11 -34.43 39.93 -30.53
C VAL A 11 -34.87 38.50 -30.20
N LEU A 12 -34.51 38.04 -28.98
CA LEU A 12 -34.78 36.72 -28.48
C LEU A 12 -35.77 36.78 -27.32
N ALA A 13 -37.07 36.88 -27.64
CA ALA A 13 -38.10 37.21 -26.65
C ALA A 13 -38.40 36.04 -25.70
N GLY A 14 -38.30 34.80 -26.18
CA GLY A 14 -38.35 33.64 -25.30
C GLY A 14 -39.79 33.16 -24.96
N ASP A 15 -39.99 32.86 -23.70
CA ASP A 15 -41.14 32.14 -23.19
C ASP A 15 -41.98 33.05 -22.30
N GLY A 16 -43.17 32.55 -21.95
CA GLY A 16 -44.08 33.23 -21.05
C GLY A 16 -44.34 34.69 -21.47
N ILE A 17 -44.04 35.62 -20.57
CA ILE A 17 -44.37 37.04 -20.79
C ILE A 17 -43.36 37.66 -21.77
N GLY A 18 -42.27 36.96 -22.11
CA GLY A 18 -41.27 37.57 -22.92
C GLY A 18 -41.74 38.23 -24.21
N PRO A 19 -42.47 37.51 -25.05
CA PRO A 19 -42.97 38.10 -26.30
C PRO A 19 -43.91 39.32 -26.10
N LEU A 20 -44.72 39.23 -25.07
CA LEU A 20 -45.71 40.33 -24.77
C LEU A 20 -45.00 41.63 -24.35
N VAL A 21 -44.04 41.54 -23.45
CA VAL A 21 -43.29 42.73 -23.00
C VAL A 21 -42.33 43.23 -24.08
N MET A 22 -41.75 42.30 -24.85
CA MET A 22 -40.90 42.71 -25.96
C MET A 22 -41.59 43.62 -26.98
N LYS A 23 -42.85 43.31 -27.31
CA LYS A 23 -43.58 44.18 -28.15
C LYS A 23 -43.47 45.67 -27.68
N GLU A 24 -43.55 45.91 -26.38
CA GLU A 24 -43.54 47.27 -25.83
C GLU A 24 -42.13 47.89 -25.95
N ALA A 25 -41.08 47.10 -25.64
CA ALA A 25 -39.71 47.57 -25.87
C ALA A 25 -39.51 47.96 -27.34
N LEU A 26 -39.96 47.14 -28.30
CA LEU A 26 -39.81 47.44 -29.76
C LEU A 26 -40.61 48.72 -30.18
N LYS A 27 -41.79 48.89 -29.62
CA LYS A 27 -42.54 50.08 -29.77
C LYS A 27 -41.78 51.34 -29.37
N ILE A 28 -41.09 51.29 -28.24
CA ILE A 28 -40.32 52.42 -27.76
C ILE A 28 -39.07 52.62 -28.62
N LEU A 29 -38.38 51.54 -28.95
CA LEU A 29 -37.22 51.69 -29.77
C LEU A 29 -37.53 52.27 -31.18
N THR A 30 -38.63 51.86 -31.76
CA THR A 30 -39.08 52.38 -33.04
C THR A 30 -39.26 53.90 -32.97
N PHE A 31 -39.87 54.39 -31.91
CA PHE A 31 -40.01 55.82 -31.77
C PHE A 31 -38.65 56.54 -31.60
N ILE A 32 -37.77 55.93 -30.80
CA ILE A 32 -36.43 56.49 -30.53
C ILE A 32 -35.64 56.62 -31.85
N ALA A 33 -35.66 55.59 -32.69
CA ALA A 33 -35.01 55.61 -34.02
C ALA A 33 -35.54 56.75 -34.89
N GLN A 34 -36.87 56.95 -34.83
CA GLN A 34 -37.49 58.05 -35.57
C GLN A 34 -36.97 59.40 -35.04
N LYS A 35 -36.97 59.59 -33.72
CA LYS A 35 -36.57 60.86 -33.09
C LYS A 35 -35.08 61.19 -33.39
N TYR A 36 -34.23 60.16 -33.40
CA TYR A 36 -32.82 60.39 -33.50
C TYR A 36 -32.23 60.15 -34.86
N ASN A 37 -33.07 59.77 -35.82
CA ASN A 37 -32.74 59.61 -37.20
C ASN A 37 -31.71 58.54 -37.44
N PHE A 38 -31.90 57.41 -36.78
CA PHE A 38 -31.04 56.22 -37.10
C PHE A 38 -32.02 55.10 -37.36
N SER A 39 -31.57 53.93 -37.82
CA SER A 39 -32.44 52.79 -38.05
C SER A 39 -32.04 51.59 -37.22
N PHE A 40 -33.06 50.80 -36.88
CA PHE A 40 -32.88 49.46 -36.32
C PHE A 40 -33.17 48.40 -37.35
N GLU A 41 -32.37 47.33 -37.39
CA GLU A 41 -32.79 46.13 -38.03
C GLU A 41 -33.07 45.15 -36.89
N LEU A 42 -34.31 44.75 -36.78
CA LEU A 42 -34.69 43.90 -35.69
C LEU A 42 -35.01 42.55 -36.24
N ASN A 43 -34.21 41.57 -35.89
CA ASN A 43 -34.47 40.22 -36.31
C ASN A 43 -34.82 39.34 -35.13
N GLU A 44 -36.02 38.79 -35.17
CA GLU A 44 -36.60 38.05 -34.05
C GLU A 44 -36.28 36.60 -34.29
N ALA A 45 -35.91 35.89 -33.25
CA ALA A 45 -35.64 34.45 -33.33
C ALA A 45 -36.05 33.76 -32.06
N LYS A 46 -36.24 32.44 -32.12
CA LYS A 46 -36.62 31.64 -30.95
C LYS A 46 -35.48 31.38 -30.04
N ILE A 47 -35.79 31.31 -28.75
CA ILE A 47 -34.82 31.00 -27.74
C ILE A 47 -35.54 30.29 -26.59
N GLY A 48 -34.80 29.51 -25.85
CA GLY A 48 -35.39 28.94 -24.64
C GLY A 48 -36.39 27.85 -24.97
N GLY A 49 -37.44 27.74 -24.16
CA GLY A 49 -38.48 26.77 -24.40
C GLY A 49 -39.03 26.76 -25.82
N ALA A 50 -39.26 27.96 -26.37
CA ALA A 50 -39.77 28.13 -27.71
C ALA A 50 -38.87 27.40 -28.71
N SER A 51 -37.57 27.49 -28.46
CA SER A 51 -36.58 26.94 -29.40
C SER A 51 -36.49 25.43 -29.19
N ILE A 52 -36.58 24.96 -27.93
CA ILE A 52 -36.57 23.50 -27.63
C ILE A 52 -37.76 22.86 -28.40
N ASP A 53 -38.94 23.48 -28.32
CA ASP A 53 -40.12 22.99 -29.02
C ASP A 53 -39.97 22.98 -30.56
N ALA A 54 -39.40 24.04 -31.13
CA ALA A 54 -39.31 24.14 -32.57
C ALA A 54 -38.08 23.35 -33.14
N TYR A 55 -36.96 23.35 -32.44
CA TYR A 55 -35.67 22.91 -33.01
C TYR A 55 -34.99 21.87 -32.16
N GLY A 56 -35.55 21.50 -31.01
CA GLY A 56 -34.98 20.44 -30.17
C GLY A 56 -33.89 20.87 -29.19
N VAL A 57 -33.43 22.11 -29.32
CA VAL A 57 -32.41 22.69 -28.44
C VAL A 57 -32.79 24.13 -28.10
N ALA A 58 -32.29 24.60 -26.96
CA ALA A 58 -32.66 25.94 -26.46
C ALA A 58 -32.04 27.08 -27.26
N LEU A 59 -30.91 26.77 -27.91
CA LEU A 59 -30.21 27.75 -28.78
C LEU A 59 -29.76 27.08 -30.06
N SER A 60 -30.41 27.40 -31.18
CA SER A 60 -30.08 26.73 -32.44
C SER A 60 -28.87 27.40 -33.09
N ASP A 61 -28.18 26.65 -33.95
CA ASP A 61 -27.03 27.20 -34.66
C ASP A 61 -27.41 28.39 -35.49
N GLU A 62 -28.57 28.42 -36.12
CA GLU A 62 -28.91 29.56 -36.95
C GLU A 62 -29.15 30.80 -36.03
N THR A 63 -29.70 30.58 -34.85
CA THR A 63 -30.00 31.69 -33.88
C THR A 63 -28.66 32.20 -33.37
N LEU A 64 -27.73 31.27 -33.07
CA LEU A 64 -26.39 31.70 -32.68
C LEU A 64 -25.71 32.53 -33.76
N LYS A 65 -25.83 32.12 -35.03
CA LYS A 65 -25.22 32.87 -36.14
C LYS A 65 -25.84 34.23 -36.35
N LEU A 66 -27.12 34.30 -36.14
CA LEU A 66 -27.80 35.59 -36.18
C LEU A 66 -27.22 36.57 -35.16
N CYS A 67 -27.04 36.08 -33.92
CA CYS A 67 -26.43 36.89 -32.84
C CYS A 67 -25.03 37.38 -33.24
N GLU A 68 -24.26 36.50 -33.82
CA GLU A 68 -22.92 36.83 -34.26
C GLU A 68 -22.96 37.94 -35.28
N GLN A 69 -24.02 37.92 -36.05
CA GLN A 69 -24.19 38.88 -37.10
C GLN A 69 -24.87 40.19 -36.65
N SER A 70 -25.18 40.31 -35.41
CA SER A 70 -25.85 41.47 -34.81
C SER A 70 -24.91 42.36 -33.95
N ASP A 71 -25.36 43.52 -33.52
CA ASP A 71 -24.60 44.39 -32.68
C ASP A 71 -24.87 44.22 -31.14
N ALA A 72 -26.02 43.61 -30.83
CA ALA A 72 -26.41 43.31 -29.45
C ALA A 72 -27.59 42.33 -29.52
N ILE A 73 -27.88 41.71 -28.38
CA ILE A 73 -29.01 40.83 -28.17
C ILE A 73 -29.96 41.51 -27.15
N LEU A 74 -31.17 41.69 -27.60
CA LEU A 74 -32.24 42.12 -26.71
C LEU A 74 -33.04 40.86 -26.40
N PHE A 75 -32.91 40.43 -25.17
CA PHE A 75 -33.40 39.15 -24.70
C PHE A 75 -34.61 39.38 -23.79
N GLY A 76 -35.61 38.54 -23.92
CA GLY A 76 -36.76 38.59 -22.98
C GLY A 76 -36.64 37.73 -21.73
N SER A 77 -37.33 36.65 -21.66
CA SER A 77 -37.23 35.75 -20.51
C SER A 77 -37.43 34.32 -21.04
N VAL A 78 -36.79 33.38 -20.36
CA VAL A 78 -36.94 31.97 -20.72
C VAL A 78 -37.29 31.12 -19.54
N GLY A 79 -37.99 30.02 -19.84
CA GLY A 79 -38.30 28.99 -18.86
C GLY A 79 -39.79 28.92 -18.60
N GLY A 80 -40.21 27.76 -18.11
CA GLY A 80 -41.62 27.53 -17.75
C GLY A 80 -41.81 26.09 -17.30
N PRO A 81 -42.99 25.76 -16.77
CA PRO A 81 -43.29 24.42 -16.24
C PRO A 81 -43.04 23.30 -17.23
N LYS A 82 -43.35 23.54 -18.50
CA LYS A 82 -43.19 22.53 -19.54
C LYS A 82 -41.78 21.93 -19.64
N TRP A 83 -40.75 22.69 -19.30
CA TRP A 83 -39.35 22.26 -19.46
C TRP A 83 -38.65 22.14 -18.16
N ASP A 84 -39.38 22.35 -17.06
CA ASP A 84 -38.75 22.28 -15.72
C ASP A 84 -38.23 20.85 -15.41
N ASN A 85 -38.73 19.84 -16.13
CA ASN A 85 -38.38 18.42 -15.90
C ASN A 85 -37.18 17.89 -16.69
N LEU A 86 -36.65 18.71 -17.59
CA LEU A 86 -35.47 18.28 -18.39
C LEU A 86 -34.24 18.20 -17.47
N PRO A 87 -33.17 17.49 -17.91
CA PRO A 87 -31.90 17.55 -17.20
C PRO A 87 -31.47 19.00 -17.01
N ILE A 88 -30.81 19.27 -15.87
CA ILE A 88 -30.49 20.65 -15.45
C ILE A 88 -29.72 21.45 -16.53
N ASP A 89 -28.74 20.81 -17.18
CA ASP A 89 -28.01 21.45 -18.30
C ASP A 89 -28.80 21.72 -19.60
N GLN A 90 -30.00 21.15 -19.75
CA GLN A 90 -30.80 21.37 -20.96
C GLN A 90 -31.96 22.35 -20.76
N ARG A 91 -32.16 22.81 -19.53
CA ARG A 91 -33.30 23.68 -19.22
C ARG A 91 -33.12 25.06 -19.86
N PRO A 92 -34.23 25.70 -20.28
CA PRO A 92 -34.16 26.91 -21.11
C PRO A 92 -33.12 27.94 -20.68
N GLU A 93 -33.07 28.28 -19.42
CA GLU A 93 -32.17 29.36 -18.98
C GLU A 93 -30.71 28.93 -19.09
N ARG A 94 -30.38 27.80 -18.48
CA ARG A 94 -29.01 27.30 -18.49
C ARG A 94 -28.50 27.08 -19.91
N ALA A 95 -29.35 26.55 -20.79
CA ALA A 95 -28.96 26.19 -22.17
C ALA A 95 -29.06 27.33 -23.17
N SER A 96 -29.57 28.51 -22.77
CA SER A 96 -29.53 29.67 -23.63
C SER A 96 -28.48 30.73 -23.20
N LEU A 97 -28.54 31.19 -21.97
CA LEU A 97 -27.75 32.36 -21.54
C LEU A 97 -26.30 31.97 -21.36
N LEU A 98 -26.05 30.80 -20.80
CA LEU A 98 -24.69 30.42 -20.48
C LEU A 98 -23.87 30.29 -21.78
N PRO A 99 -24.36 29.55 -22.77
CA PRO A 99 -23.61 29.48 -24.05
C PRO A 99 -23.46 30.82 -24.73
N LEU A 100 -24.45 31.70 -24.62
CA LEU A 100 -24.31 32.99 -25.20
C LEU A 100 -23.22 33.81 -24.52
N ARG A 101 -23.18 33.78 -23.19
CA ARG A 101 -22.20 34.51 -22.40
C ARG A 101 -20.80 34.01 -22.76
N LYS A 102 -20.66 32.70 -22.86
CA LYS A 102 -19.37 32.13 -23.31
C LYS A 102 -19.00 32.52 -24.73
N HIS A 103 -19.96 32.41 -25.67
CA HIS A 103 -19.63 32.62 -27.06
C HIS A 103 -19.11 34.01 -27.29
N PHE A 104 -19.74 34.97 -26.60
CA PHE A 104 -19.49 36.38 -26.82
C PHE A 104 -18.62 37.05 -25.75
N ASN A 105 -18.03 36.22 -24.86
CA ASN A 105 -17.10 36.66 -23.81
C ASN A 105 -17.81 37.75 -22.99
N LEU A 106 -19.06 37.52 -22.57
CA LEU A 106 -19.76 38.54 -21.78
C LEU A 106 -19.37 38.44 -20.30
N PHE A 107 -18.24 39.08 -19.97
CA PHE A 107 -17.64 38.92 -18.66
C PHE A 107 -18.12 39.89 -17.60
N ALA A 108 -18.91 40.89 -17.98
CA ALA A 108 -19.35 41.92 -17.08
C ALA A 108 -20.90 41.91 -16.98
N ASN A 109 -21.43 41.87 -15.76
CA ASN A 109 -22.89 42.01 -15.57
C ASN A 109 -23.13 43.30 -14.87
N LEU A 110 -24.00 44.12 -15.46
CA LEU A 110 -24.33 45.44 -14.96
C LEU A 110 -25.84 45.34 -14.55
N ARG A 111 -26.13 45.62 -13.29
CA ARG A 111 -27.50 45.63 -12.80
C ARG A 111 -27.72 46.96 -12.10
N PRO A 112 -28.53 47.81 -12.69
CA PRO A 112 -28.90 49.05 -11.96
C PRO A 112 -29.89 48.83 -10.83
N CYS A 113 -29.74 49.60 -9.75
CA CYS A 113 -30.70 49.65 -8.67
C CYS A 113 -31.04 51.13 -8.43
N LYS A 114 -32.13 51.53 -9.03
CA LYS A 114 -32.66 52.87 -8.90
C LYS A 114 -34.05 52.77 -8.28
N ILE A 115 -34.25 53.45 -7.17
CA ILE A 115 -35.54 53.43 -6.48
C ILE A 115 -36.25 54.73 -6.88
N TYR A 116 -37.44 54.61 -7.46
CA TYR A 116 -38.15 55.75 -7.97
C TYR A 116 -38.86 56.37 -6.81
N GLU A 117 -38.88 57.71 -6.74
CA GLU A 117 -39.53 58.43 -5.66
C GLU A 117 -40.96 57.97 -5.42
N SER A 118 -41.69 57.72 -6.50
CA SER A 118 -43.11 57.28 -6.41
C SER A 118 -43.27 55.83 -5.89
N LEU A 119 -42.15 55.08 -5.83
CA LEU A 119 -42.19 53.66 -5.38
C LEU A 119 -41.35 53.42 -4.13
N THR A 120 -41.10 54.50 -3.38
CA THR A 120 -40.33 54.43 -2.11
C THR A 120 -41.08 53.52 -1.16
N HIS A 121 -42.41 53.53 -1.21
CA HIS A 121 -43.18 52.70 -0.30
C HIS A 121 -42.89 51.19 -0.51
N ALA A 122 -42.50 50.81 -1.70
CA ALA A 122 -42.34 49.44 -2.03
C ALA A 122 -40.97 48.92 -1.57
N SER A 123 -40.03 49.82 -1.31
CA SER A 123 -38.74 49.35 -0.70
C SER A 123 -38.98 48.86 0.72
N PRO A 124 -38.31 47.80 1.10
CA PRO A 124 -38.36 47.39 2.50
C PRO A 124 -37.58 48.33 3.43
N LEU A 125 -36.84 49.30 2.91
CA LEU A 125 -36.08 50.21 3.78
C LEU A 125 -37.06 51.37 4.16
N LYS A 126 -36.97 51.82 5.38
CA LYS A 126 -37.70 53.09 5.72
C LYS A 126 -37.40 54.22 4.74
N ASN A 127 -38.42 55.04 4.52
CA ASN A 127 -38.33 56.09 3.53
C ASN A 127 -37.19 57.02 3.85
N GLU A 128 -36.91 57.21 5.13
CA GLU A 128 -35.93 58.18 5.58
C GLU A 128 -34.52 57.68 5.20
N ILE A 129 -34.34 56.36 5.15
CA ILE A 129 -33.03 55.79 4.80
C ILE A 129 -32.64 56.09 3.37
N ILE A 130 -33.63 56.09 2.49
CA ILE A 130 -33.45 56.17 1.03
C ILE A 130 -33.82 57.49 0.43
N GLN A 131 -34.24 58.41 1.27
CA GLN A 131 -34.89 59.63 0.77
C GLN A 131 -33.98 60.51 -0.07
N LYS A 132 -32.69 60.43 0.14
CA LYS A 132 -31.78 61.22 -0.68
C LYS A 132 -31.66 60.77 -2.12
N GLY A 133 -32.07 59.55 -2.43
CA GLY A 133 -32.16 59.08 -3.77
C GLY A 133 -31.16 57.90 -3.83
N VAL A 134 -31.66 56.75 -4.21
CA VAL A 134 -30.80 55.54 -4.45
C VAL A 134 -30.72 55.34 -5.97
N ASP A 135 -29.50 55.30 -6.49
CA ASP A 135 -29.22 55.09 -7.87
C ASP A 135 -27.88 54.46 -8.01
N ILE A 136 -27.86 53.15 -8.11
CA ILE A 136 -26.62 52.36 -7.92
C ILE A 136 -26.45 51.51 -9.16
N LEU A 137 -25.21 51.20 -9.54
CA LEU A 137 -25.01 50.24 -10.58
C LEU A 137 -24.06 49.17 -10.03
N CYS A 138 -24.53 47.94 -9.98
CA CYS A 138 -23.68 46.81 -9.53
C CYS A 138 -22.95 46.26 -10.76
N VAL A 139 -21.59 46.17 -10.72
CA VAL A 139 -20.83 45.68 -11.81
C VAL A 139 -20.13 44.42 -11.28
N ARG A 140 -20.54 43.26 -11.77
CA ARG A 140 -20.12 41.98 -11.24
C ARG A 140 -19.30 41.19 -12.30
N GLU A 141 -18.10 40.79 -11.92
CA GLU A 141 -17.24 39.99 -12.81
C GLU A 141 -17.85 38.58 -12.92
N LEU A 142 -17.95 38.00 -14.13
CA LEU A 142 -18.69 36.74 -14.37
C LEU A 142 -17.82 35.48 -14.70
N THR A 143 -16.52 35.65 -14.87
CA THR A 143 -15.68 34.58 -15.48
C THR A 143 -14.64 33.98 -14.58
N GLY A 144 -14.39 34.67 -13.47
CA GLY A 144 -13.31 34.36 -12.57
C GLY A 144 -13.79 33.91 -11.22
N GLY A 145 -12.79 33.70 -10.37
CA GLY A 145 -12.98 33.39 -8.99
C GLY A 145 -13.45 31.98 -8.70
N ILE A 146 -14.02 31.90 -7.50
CA ILE A 146 -14.29 30.68 -6.81
C ILE A 146 -15.24 29.76 -7.59
N TYR A 147 -16.13 30.32 -8.41
CA TYR A 147 -17.02 29.46 -9.21
C TYR A 147 -16.31 28.65 -10.31
N PHE A 148 -15.09 29.04 -10.68
CA PHE A 148 -14.35 28.39 -11.75
C PHE A 148 -12.99 27.84 -11.38
N GLY A 149 -12.50 28.18 -10.18
CA GLY A 149 -11.18 27.67 -9.75
C GLY A 149 -11.20 26.17 -9.44
N LYS A 150 -10.00 25.66 -9.17
CA LYS A 150 -9.86 24.23 -8.85
C LYS A 150 -10.67 23.91 -7.60
N GLN A 151 -11.38 22.80 -7.63
CA GLN A 151 -12.15 22.37 -6.49
C GLN A 151 -12.12 20.86 -6.37
N ASP A 152 -12.39 20.40 -5.17
CA ASP A 152 -12.48 18.95 -4.94
C ASP A 152 -13.43 18.65 -3.77
N LEU A 153 -14.30 17.65 -3.97
CA LEU A 153 -15.16 17.15 -2.94
C LEU A 153 -14.61 15.79 -2.49
N GLY A 154 -14.13 15.74 -1.25
CA GLY A 154 -13.75 14.51 -0.60
C GLY A 154 -14.72 14.15 0.50
N LYS A 155 -14.43 13.03 1.15
CA LYS A 155 -15.24 12.54 2.24
C LYS A 155 -15.02 13.33 3.52
N GLU A 156 -13.78 13.77 3.73
CA GLU A 156 -13.35 14.38 5.01
C GLU A 156 -12.96 15.86 4.87
N SER A 157 -12.82 16.30 3.64
CA SER A 157 -12.32 17.61 3.29
C SER A 157 -12.86 17.98 1.89
N ALA A 158 -13.04 19.29 1.66
CA ALA A 158 -13.47 19.76 0.40
C ALA A 158 -12.94 21.20 0.27
N TYR A 159 -12.63 21.62 -0.94
CA TYR A 159 -12.17 22.96 -1.22
C TYR A 159 -12.60 23.46 -2.58
N ASP A 160 -12.51 24.80 -2.67
CA ASP A 160 -12.78 25.60 -3.81
C ASP A 160 -11.79 26.73 -3.78
N THR A 161 -11.44 27.23 -4.93
CA THR A 161 -10.42 28.20 -5.07
C THR A 161 -10.84 29.50 -5.71
N GLU A 162 -10.73 30.56 -4.93
CA GLU A 162 -10.98 31.94 -5.37
C GLU A 162 -9.69 32.43 -6.06
N ILE A 163 -9.66 32.26 -7.36
CA ILE A 163 -8.54 32.65 -8.17
C ILE A 163 -8.94 33.69 -9.19
N TYR A 164 -8.12 34.74 -9.27
CA TYR A 164 -8.24 35.76 -10.24
C TYR A 164 -6.90 36.09 -10.92
N THR A 165 -6.98 36.39 -12.20
CA THR A 165 -5.89 36.98 -12.96
C THR A 165 -5.99 38.49 -13.15
N LYS A 166 -4.84 39.10 -13.44
CA LYS A 166 -4.80 40.53 -13.77
C LYS A 166 -5.65 40.86 -15.00
N LYS A 167 -5.64 39.98 -15.99
CA LYS A 167 -6.42 40.17 -17.22
C LYS A 167 -7.95 40.27 -16.85
N GLU A 168 -8.39 39.35 -16.03
CA GLU A 168 -9.81 39.34 -15.56
C GLU A 168 -10.17 40.59 -14.84
N ILE A 169 -9.33 41.02 -13.91
CA ILE A 169 -9.60 42.24 -13.11
C ILE A 169 -9.57 43.53 -13.94
N GLU A 170 -8.60 43.61 -14.83
CA GLU A 170 -8.44 44.80 -15.62
C GLU A 170 -9.66 45.08 -16.51
N ARG A 171 -10.17 44.05 -17.15
CA ARG A 171 -11.27 44.23 -18.08
C ARG A 171 -12.57 44.63 -17.41
N ILE A 172 -12.83 44.00 -16.27
CA ILE A 172 -14.05 44.41 -15.49
C ILE A 172 -13.88 45.77 -14.89
N ALA A 173 -12.67 46.11 -14.37
CA ALA A 173 -12.44 47.44 -13.84
C ALA A 173 -12.70 48.52 -14.88
N ARG A 174 -12.24 48.29 -16.09
N ARG A 174 -12.22 48.31 -16.10
CA ARG A 174 -12.45 49.26 -17.14
CA ARG A 174 -12.43 49.27 -17.17
C ARG A 174 -13.92 49.49 -17.42
C ARG A 174 -13.91 49.50 -17.44
N ILE A 175 -14.66 48.41 -17.49
CA ILE A 175 -16.11 48.54 -17.61
C ILE A 175 -16.71 49.39 -16.52
N ALA A 176 -16.35 49.13 -15.24
CA ALA A 176 -16.86 49.90 -14.12
C ALA A 176 -16.51 51.42 -14.23
N PHE A 177 -15.28 51.74 -14.61
CA PHE A 177 -14.89 53.16 -14.66
C PHE A 177 -15.60 53.92 -15.78
N GLU A 178 -15.77 53.26 -16.91
CA GLU A 178 -16.47 53.79 -18.10
C GLU A 178 -17.93 54.05 -17.69
N SER A 179 -18.53 53.12 -16.96
CA SER A 179 -19.92 53.39 -16.43
C SER A 179 -19.94 54.60 -15.49
N ALA A 180 -18.96 54.67 -14.56
CA ALA A 180 -18.89 55.71 -13.54
C ALA A 180 -18.75 57.05 -14.24
N ARG A 181 -17.96 57.06 -15.32
CA ARG A 181 -17.79 58.30 -16.11
C ARG A 181 -19.08 58.96 -16.58
N ILE A 182 -20.07 58.17 -16.93
CA ILE A 182 -21.33 58.67 -17.47
C ILE A 182 -22.46 58.60 -16.43
N ARG A 183 -22.15 58.15 -15.22
CA ARG A 183 -23.12 58.18 -14.09
C ARG A 183 -22.86 59.31 -13.07
N LYS A 184 -22.27 59.02 -11.88
CA LYS A 184 -21.94 60.04 -10.87
C LYS A 184 -20.46 60.07 -10.50
N LYS A 185 -19.66 59.48 -11.32
CA LYS A 185 -18.20 59.53 -11.15
C LYS A 185 -17.64 59.00 -9.87
N LYS A 186 -18.19 57.86 -9.41
CA LYS A 186 -17.70 57.21 -8.26
C LYS A 186 -17.77 55.70 -8.44
N VAL A 187 -16.67 55.04 -8.10
CA VAL A 187 -16.54 53.58 -7.99
C VAL A 187 -16.21 53.20 -6.57
N HIS A 188 -16.94 52.25 -5.98
CA HIS A 188 -16.49 51.52 -4.81
C HIS A 188 -16.05 50.12 -5.24
N LEU A 189 -14.79 49.82 -5.02
CA LEU A 189 -14.27 48.44 -5.20
C LEU A 189 -14.57 47.66 -3.91
N ILE A 190 -15.33 46.58 -4.05
CA ILE A 190 -15.83 45.78 -2.94
C ILE A 190 -14.97 44.53 -2.93
N ASP A 191 -14.27 44.34 -1.81
CA ASP A 191 -13.35 43.21 -1.64
C ASP A 191 -13.26 42.72 -0.20
N LYS A 192 -12.28 41.86 0.07
CA LYS A 192 -11.89 41.52 1.44
C LYS A 192 -10.32 41.53 1.55
N ALA A 193 -9.73 42.69 1.22
CA ALA A 193 -8.27 42.88 1.13
C ALA A 193 -7.53 42.78 2.44
N ASN A 194 -8.21 42.81 3.56
CA ASN A 194 -7.54 42.63 4.84
C ASN A 194 -7.17 41.18 5.06
N VAL A 195 -7.76 40.26 4.31
CA VAL A 195 -7.44 38.84 4.46
C VAL A 195 -7.20 38.04 3.18
N LEU A 196 -7.78 38.45 2.05
CA LEU A 196 -7.65 37.66 0.81
C LEU A 196 -6.55 38.20 -0.05
N ALA A 197 -5.64 37.31 -0.44
CA ALA A 197 -4.60 37.64 -1.40
C ALA A 197 -5.21 38.09 -2.78
N SER A 198 -6.27 37.41 -3.23
CA SER A 198 -6.94 37.76 -4.49
C SER A 198 -7.51 39.19 -4.38
N SER A 199 -7.99 39.56 -3.21
CA SER A 199 -8.48 40.96 -3.04
C SER A 199 -7.35 41.99 -3.08
N ILE A 200 -6.18 41.59 -2.58
CA ILE A 200 -5.00 42.47 -2.66
C ILE A 200 -4.66 42.73 -4.15
N LEU A 201 -4.65 41.68 -4.94
CA LEU A 201 -4.44 41.81 -6.39
C LEU A 201 -5.53 42.76 -7.02
N TRP A 202 -6.80 42.55 -6.67
CA TRP A 202 -7.84 43.46 -7.13
C TRP A 202 -7.43 44.88 -6.88
N ARG A 203 -7.03 45.23 -5.68
CA ARG A 203 -6.74 46.63 -5.33
C ARG A 203 -5.57 47.18 -6.14
N GLU A 204 -4.57 46.32 -6.37
CA GLU A 204 -3.42 46.68 -7.17
C GLU A 204 -3.78 47.05 -8.63
N VAL A 205 -4.48 46.13 -9.24
CA VAL A 205 -4.88 46.26 -10.62
C VAL A 205 -5.87 47.41 -10.81
N VAL A 206 -6.90 47.45 -9.96
CA VAL A 206 -7.87 48.54 -10.04
C VAL A 206 -7.24 49.92 -9.85
N ALA A 207 -6.33 50.05 -8.89
CA ALA A 207 -5.66 51.35 -8.64
C ALA A 207 -4.86 51.74 -9.88
N ASN A 208 -4.28 50.79 -10.56
CA ASN A 208 -3.55 51.07 -11.81
C ASN A 208 -4.51 51.45 -12.98
N VAL A 209 -5.65 50.74 -13.12
CA VAL A 209 -6.63 51.11 -14.11
C VAL A 209 -7.12 52.51 -13.85
N ALA A 210 -7.29 52.85 -12.58
CA ALA A 210 -7.82 54.14 -12.18
C ALA A 210 -7.00 55.35 -12.67
N LYS A 211 -5.74 55.13 -12.98
CA LYS A 211 -4.87 56.23 -13.44
C LYS A 211 -5.36 56.86 -14.72
N ASP A 212 -6.08 56.08 -15.52
CA ASP A 212 -6.68 56.53 -16.76
C ASP A 212 -8.01 57.27 -16.50
N TYR A 213 -8.41 57.36 -15.25
CA TYR A 213 -9.78 57.85 -14.92
C TYR A 213 -9.70 58.75 -13.75
N GLN A 214 -8.90 59.80 -13.92
CA GLN A 214 -8.61 60.68 -12.82
C GLN A 214 -9.83 61.55 -12.42
N ASP A 215 -10.84 61.56 -13.26
CA ASP A 215 -12.12 62.25 -12.99
C ASP A 215 -13.02 61.42 -12.06
N ILE A 216 -12.67 60.16 -11.82
CA ILE A 216 -13.54 59.28 -11.01
C ILE A 216 -12.96 59.14 -9.60
N ASN A 217 -13.83 59.23 -8.60
CA ASN A 217 -13.52 58.96 -7.21
C ASN A 217 -13.55 57.45 -6.96
N LEU A 218 -12.40 56.89 -6.69
CA LEU A 218 -12.28 55.48 -6.31
C LEU A 218 -12.19 55.33 -4.78
N GLU A 219 -13.07 54.51 -4.22
CA GLU A 219 -13.05 54.14 -2.83
C GLU A 219 -13.06 52.60 -2.73
N TYR A 220 -12.60 52.13 -1.59
CA TYR A 220 -12.51 50.70 -1.32
C TYR A 220 -13.37 50.39 -0.13
N MET A 221 -14.05 49.26 -0.16
CA MET A 221 -14.89 48.89 0.93
C MET A 221 -14.91 47.38 1.05
N TYR A 222 -14.86 46.87 2.28
CA TYR A 222 -14.94 45.44 2.52
C TYR A 222 -16.33 44.99 2.25
N VAL A 223 -16.46 43.77 1.77
CA VAL A 223 -17.78 43.20 1.42
C VAL A 223 -18.79 43.19 2.59
N ASP A 224 -18.30 42.94 3.80
CA ASP A 224 -19.16 42.87 4.96
C ASP A 224 -19.71 44.24 5.28
N ASN A 225 -18.86 45.26 5.16
CA ASN A 225 -19.32 46.65 5.38
C ASN A 225 -20.30 47.06 4.28
N ALA A 226 -20.04 46.62 3.07
CA ALA A 226 -20.94 46.89 1.97
C ALA A 226 -22.33 46.29 2.18
N ALA A 227 -22.39 45.07 2.72
CA ALA A 227 -23.68 44.45 3.04
C ALA A 227 -24.42 45.28 4.06
N MET A 228 -23.71 45.90 5.02
CA MET A 228 -24.33 46.82 5.98
C MET A 228 -24.78 48.10 5.39
N GLN A 229 -23.89 48.73 4.63
CA GLN A 229 -24.19 50.05 4.01
C GLN A 229 -25.33 50.06 2.98
N ILE A 230 -25.57 48.93 2.34
CA ILE A 230 -26.70 48.82 1.40
C ILE A 230 -28.00 48.96 2.18
N VAL A 231 -28.02 48.48 3.40
CA VAL A 231 -29.19 48.59 4.25
C VAL A 231 -29.25 49.96 4.95
N LYS A 232 -28.14 50.42 5.51
CA LYS A 232 -28.12 51.58 6.38
C LYS A 232 -28.05 52.91 5.67
N ASN A 233 -27.33 52.95 4.55
CA ASN A 233 -27.03 54.19 3.86
C ASN A 233 -26.70 53.98 2.40
N PRO A 234 -27.63 53.39 1.61
CA PRO A 234 -27.34 53.07 0.22
C PRO A 234 -27.18 54.26 -0.73
N SER A 235 -27.70 55.47 -0.40
CA SER A 235 -27.59 56.57 -1.32
C SER A 235 -26.15 57.04 -1.59
N ILE A 236 -25.19 56.58 -0.81
CA ILE A 236 -23.82 56.93 -1.04
C ILE A 236 -23.23 56.24 -2.30
N PHE A 237 -23.78 55.10 -2.74
CA PHE A 237 -23.19 54.38 -3.84
C PHE A 237 -23.51 54.92 -5.25
N ASP A 238 -22.52 54.85 -6.16
CA ASP A 238 -22.75 54.94 -7.60
C ASP A 238 -22.46 53.62 -8.25
N VAL A 239 -21.21 53.42 -8.68
CA VAL A 239 -20.85 52.15 -9.23
C VAL A 239 -20.22 51.30 -8.16
N MET A 240 -20.63 50.00 -8.07
CA MET A 240 -20.14 49.10 -7.09
C MET A 240 -19.48 47.98 -7.89
N LEU A 241 -18.15 47.94 -7.81
CA LEU A 241 -17.41 46.97 -8.60
C LEU A 241 -17.07 45.74 -7.73
N CYS A 242 -17.48 44.56 -8.16
CA CYS A 242 -17.48 43.40 -7.30
C CYS A 242 -16.85 42.22 -8.07
N SER A 243 -16.18 41.39 -7.34
CA SER A 243 -15.86 40.03 -7.81
C SER A 243 -17.14 39.22 -8.08
N ASN A 244 -16.95 38.04 -8.67
CA ASN A 244 -18.04 37.16 -9.05
C ASN A 244 -18.88 36.77 -7.83
N LEU A 245 -18.23 36.27 -6.78
CA LEU A 245 -18.96 35.82 -5.56
C LEU A 245 -19.62 37.00 -4.84
N PHE A 246 -18.82 38.02 -4.58
CA PHE A 246 -19.33 39.15 -3.85
C PHE A 246 -20.48 39.84 -4.63
N GLY A 247 -20.35 39.99 -5.95
CA GLY A 247 -21.39 40.58 -6.80
C GLY A 247 -22.65 39.76 -6.79
N ASP A 248 -22.51 38.43 -6.75
CA ASP A 248 -23.65 37.53 -6.75
C ASP A 248 -24.47 37.84 -5.49
N ILE A 249 -23.83 38.03 -4.31
CA ILE A 249 -24.49 38.29 -3.05
C ILE A 249 -25.07 39.68 -3.07
N LEU A 250 -24.22 40.67 -3.37
CA LEU A 250 -24.67 42.10 -3.21
C LEU A 250 -25.72 42.52 -4.25
N SER A 251 -25.67 41.94 -5.46
CA SER A 251 -26.70 42.21 -6.46
C SER A 251 -28.08 41.79 -5.98
N ASP A 252 -28.16 40.66 -5.27
CA ASP A 252 -29.44 40.24 -4.70
C ASP A 252 -29.90 41.11 -3.57
N GLU A 253 -28.95 41.53 -2.72
CA GLU A 253 -29.24 42.47 -1.60
C GLU A 253 -29.79 43.78 -2.18
N LEU A 254 -29.17 44.23 -3.27
CA LEU A 254 -29.64 45.44 -3.96
C LEU A 254 -31.05 45.29 -4.56
N ALA A 255 -31.33 44.12 -5.17
CA ALA A 255 -32.66 43.79 -5.60
C ALA A 255 -33.64 43.89 -4.46
N ALA A 256 -33.27 43.33 -3.30
CA ALA A 256 -34.11 43.30 -2.15
C ALA A 256 -34.46 44.74 -1.73
N ILE A 257 -33.43 45.61 -1.59
CA ILE A 257 -33.71 46.98 -1.10
C ILE A 257 -34.56 47.79 -2.12
N ASN A 258 -34.45 47.42 -3.39
CA ASN A 258 -35.16 48.10 -4.43
C ASN A 258 -36.67 47.99 -4.24
N GLY A 259 -37.14 46.76 -4.08
CA GLY A 259 -38.55 46.52 -3.83
C GLY A 259 -39.48 46.30 -4.99
N SER A 260 -39.08 46.66 -6.19
CA SER A 260 -39.94 46.60 -7.39
C SER A 260 -39.26 45.75 -8.46
N LEU A 261 -39.40 44.42 -8.33
CA LEU A 261 -38.69 43.46 -9.17
C LEU A 261 -39.00 43.63 -10.64
N GLY A 262 -40.24 43.99 -10.95
CA GLY A 262 -40.63 44.20 -12.29
C GLY A 262 -39.98 45.35 -13.01
N LEU A 263 -39.22 46.20 -12.33
CA LEU A 263 -38.53 47.28 -12.97
C LEU A 263 -37.04 46.97 -13.21
N LEU A 264 -36.57 45.81 -12.80
CA LEU A 264 -35.13 45.60 -12.72
C LEU A 264 -34.61 44.99 -14.01
N SER A 265 -33.48 45.52 -14.50
CA SER A 265 -32.85 45.09 -15.76
C SER A 265 -31.42 44.67 -15.54
N SER A 266 -30.85 44.11 -16.58
CA SER A 266 -29.53 43.50 -16.55
C SER A 266 -28.87 43.65 -17.90
N ALA A 267 -27.56 43.95 -17.92
CA ALA A 267 -26.79 43.92 -19.14
C ALA A 267 -25.57 43.00 -18.93
N SER A 268 -25.26 42.15 -19.87
CA SER A 268 -24.03 41.33 -19.80
C SER A 268 -23.18 41.79 -21.00
N LEU A 269 -21.99 42.34 -20.73
CA LEU A 269 -21.23 43.04 -21.75
C LEU A 269 -19.80 42.38 -21.89
N ASN A 270 -19.23 42.55 -23.06
CA ASN A 270 -17.85 42.27 -23.28
C ASN A 270 -17.09 43.60 -23.44
N ASP A 271 -15.87 43.53 -23.96
CA ASP A 271 -15.01 44.71 -24.04
C ASP A 271 -15.07 45.42 -25.38
N LYS A 272 -15.97 44.95 -26.27
CA LYS A 272 -16.13 45.49 -27.63
C LYS A 272 -17.49 46.12 -27.92
N GLY A 273 -18.23 46.42 -26.89
CA GLY A 273 -19.52 47.04 -27.08
C GLY A 273 -20.68 46.08 -27.35
N PHE A 274 -20.44 44.77 -27.41
CA PHE A 274 -21.52 43.82 -27.57
C PHE A 274 -22.12 43.49 -26.19
N GLY A 275 -23.44 43.38 -26.15
CA GLY A 275 -24.13 43.06 -24.91
C GLY A 275 -25.43 42.28 -25.14
N LEU A 276 -25.84 41.60 -24.10
CA LEU A 276 -27.10 40.90 -23.98
C LEU A 276 -27.83 41.63 -22.83
N TYR A 277 -29.00 42.12 -23.18
CA TYR A 277 -29.77 42.98 -22.33
C TYR A 277 -31.13 42.28 -22.04
N GLU A 278 -31.45 42.16 -20.77
CA GLU A 278 -32.67 41.42 -20.35
C GLU A 278 -33.26 41.97 -19.06
N PRO A 279 -34.57 41.75 -18.83
CA PRO A 279 -35.12 41.88 -17.46
C PRO A 279 -34.46 40.92 -16.45
N ALA A 280 -34.26 41.39 -15.22
CA ALA A 280 -33.68 40.58 -14.14
C ALA A 280 -34.65 39.50 -13.71
N GLY A 281 -35.95 39.80 -13.71
CA GLY A 281 -36.98 38.83 -13.35
C GLY A 281 -37.21 37.66 -14.31
N GLY A 282 -38.12 36.76 -13.95
CA GLY A 282 -38.34 35.55 -14.75
C GLY A 282 -39.46 35.66 -15.76
N SER A 283 -39.89 34.52 -16.32
CA SER A 283 -40.80 34.50 -17.43
C SER A 283 -42.32 34.48 -16.99
N ALA A 284 -42.59 34.43 -15.71
CA ALA A 284 -44.00 34.65 -15.19
C ALA A 284 -45.08 33.85 -15.96
N PRO A 285 -44.87 32.53 -16.09
CA PRO A 285 -45.70 31.71 -16.96
C PRO A 285 -47.22 31.80 -16.68
N ASP A 286 -47.56 31.94 -15.43
CA ASP A 286 -48.96 31.92 -15.00
C ASP A 286 -49.74 33.18 -15.41
N ILE A 287 -49.04 34.26 -15.79
CA ILE A 287 -49.78 35.44 -16.31
C ILE A 287 -49.50 35.72 -17.79
N ALA A 288 -48.85 34.78 -18.47
CA ALA A 288 -48.41 34.96 -19.84
C ALA A 288 -49.55 35.21 -20.82
N HIS A 289 -50.70 34.60 -20.56
CA HIS A 289 -51.86 34.72 -21.43
C HIS A 289 -52.64 35.97 -21.19
N LEU A 290 -52.34 36.66 -20.11
CA LEU A 290 -53.02 37.89 -19.74
C LEU A 290 -52.32 39.10 -20.38
N ASN A 291 -52.80 40.30 -20.12
CA ASN A 291 -52.22 41.49 -20.68
C ASN A 291 -51.86 42.42 -19.53
N ILE A 292 -51.24 41.86 -18.48
CA ILE A 292 -50.91 42.67 -17.26
C ILE A 292 -49.40 42.73 -16.85
N ALA A 293 -48.54 41.93 -17.45
CA ALA A 293 -47.16 41.95 -17.14
C ALA A 293 -46.55 43.37 -17.26
N ASN A 294 -45.62 43.68 -16.38
CA ASN A 294 -44.90 44.97 -16.36
C ASN A 294 -43.87 44.99 -17.48
N PRO A 295 -44.04 45.83 -18.51
CA PRO A 295 -43.01 45.90 -19.57
C PRO A 295 -41.79 46.83 -19.29
N ILE A 296 -41.77 47.46 -18.12
CA ILE A 296 -40.79 48.53 -17.86
C ILE A 296 -39.36 47.92 -17.82
N ALA A 297 -39.18 46.74 -17.22
CA ALA A 297 -37.84 46.08 -17.15
C ALA A 297 -37.29 45.84 -18.54
N GLN A 298 -38.14 45.35 -19.46
CA GLN A 298 -37.78 45.16 -20.86
C GLN A 298 -37.44 46.44 -21.59
N ILE A 299 -38.25 47.49 -21.33
CA ILE A 299 -37.93 48.77 -21.92
C ILE A 299 -36.64 49.35 -21.42
N LEU A 300 -36.37 49.21 -20.10
CA LEU A 300 -35.15 49.65 -19.49
C LEU A 300 -33.90 48.85 -19.99
N SER A 301 -34.07 47.56 -20.29
CA SER A 301 -33.02 46.77 -20.97
C SER A 301 -32.69 47.36 -22.32
N ALA A 302 -33.70 47.81 -23.03
CA ALA A 302 -33.54 48.51 -24.35
C ALA A 302 -32.79 49.78 -24.18
N ALA A 303 -33.09 50.52 -23.11
CA ALA A 303 -32.32 51.73 -22.85
C ALA A 303 -30.85 51.43 -22.53
N LEU A 304 -30.63 50.41 -21.74
CA LEU A 304 -29.23 50.00 -21.38
C LEU A 304 -28.46 49.63 -22.65
N MET A 305 -29.14 48.94 -23.58
CA MET A 305 -28.57 48.55 -24.86
C MET A 305 -28.17 49.80 -25.68
N LEU A 306 -29.09 50.81 -25.74
CA LEU A 306 -28.73 52.08 -26.34
C LEU A 306 -27.46 52.72 -25.74
N LYS A 307 -27.36 52.74 -24.40
CA LYS A 307 -26.34 53.47 -23.63
C LYS A 307 -25.01 52.76 -23.83
N TYR A 308 -25.03 51.47 -23.64
CA TYR A 308 -23.76 50.67 -23.63
C TYR A 308 -23.32 49.97 -24.89
N SER A 309 -24.22 49.53 -25.76
CA SER A 309 -23.78 48.94 -27.03
C SER A 309 -23.76 49.97 -28.16
N PHE A 310 -24.69 50.92 -28.16
CA PHE A 310 -24.82 51.84 -29.31
C PHE A 310 -24.35 53.27 -29.05
N LYS A 311 -23.97 53.56 -27.82
CA LYS A 311 -23.47 54.87 -27.41
C LYS A 311 -24.45 55.98 -27.71
N GLU A 312 -25.73 55.65 -27.59
CA GLU A 312 -26.78 56.62 -27.82
C GLU A 312 -27.30 57.06 -26.45
N GLU A 313 -26.49 57.86 -25.74
CA GLU A 313 -26.65 58.11 -24.33
C GLU A 313 -27.91 58.96 -24.13
N GLN A 314 -28.14 59.87 -25.04
CA GLN A 314 -29.28 60.76 -24.84
C GLN A 314 -30.59 60.06 -25.10
N ALA A 315 -30.62 59.24 -26.12
CA ALA A 315 -31.78 58.38 -26.44
C ALA A 315 -32.13 57.51 -25.23
N ALA A 316 -31.13 56.86 -24.66
CA ALA A 316 -31.28 56.09 -23.34
C ALA A 316 -31.84 56.93 -22.23
N GLN A 317 -31.28 58.12 -22.06
CA GLN A 317 -31.73 59.03 -21.00
C GLN A 317 -33.19 59.41 -21.22
N ASP A 318 -33.59 59.61 -22.48
CA ASP A 318 -34.96 60.08 -22.79
C ASP A 318 -35.97 58.99 -22.38
N ILE A 319 -35.62 57.74 -22.68
CA ILE A 319 -36.44 56.54 -22.23
C ILE A 319 -36.51 56.49 -20.69
N GLU A 320 -35.38 56.62 -20.01
CA GLU A 320 -35.35 56.56 -18.57
C GLU A 320 -36.20 57.68 -17.94
N ASN A 321 -36.08 58.89 -18.49
CA ASN A 321 -36.87 60.01 -17.94
C ASN A 321 -38.34 59.81 -18.18
N ALA A 322 -38.71 59.23 -19.33
CA ALA A 322 -40.12 58.95 -19.68
C ALA A 322 -40.72 58.00 -18.68
N ILE A 323 -39.96 56.98 -18.30
CA ILE A 323 -40.40 56.07 -17.20
C ILE A 323 -40.57 56.74 -15.84
N SER A 324 -39.61 57.60 -15.46
CA SER A 324 -39.67 58.32 -14.23
C SER A 324 -40.93 59.15 -14.21
N LEU A 325 -41.17 59.85 -15.32
CA LEU A 325 -42.33 60.74 -15.38
C LEU A 325 -43.66 59.97 -15.34
N ALA A 326 -43.77 58.88 -16.07
CA ALA A 326 -44.97 58.02 -16.05
C ALA A 326 -45.29 57.52 -14.64
N LEU A 327 -44.26 57.04 -13.93
CA LEU A 327 -44.43 56.59 -12.54
C LEU A 327 -44.86 57.77 -11.66
N ALA A 328 -44.20 58.93 -11.83
CA ALA A 328 -44.50 60.12 -11.03
C ALA A 328 -45.95 60.56 -11.28
N GLN A 329 -46.48 60.31 -12.48
CA GLN A 329 -47.92 60.58 -12.76
C GLN A 329 -48.88 59.50 -12.24
N GLY A 330 -48.36 58.41 -11.68
CA GLY A 330 -49.19 57.35 -11.09
C GLY A 330 -49.57 56.31 -12.11
N LYS A 331 -48.87 56.26 -13.25
CA LYS A 331 -49.26 55.36 -14.30
C LYS A 331 -48.42 54.08 -14.14
N MET A 332 -49.06 52.98 -13.76
CA MET A 332 -48.34 51.80 -13.24
C MET A 332 -49.10 50.54 -13.62
N THR A 333 -48.38 49.43 -13.69
CA THR A 333 -48.99 48.14 -13.90
C THR A 333 -49.43 47.49 -12.56
N LYS A 334 -50.15 46.37 -12.65
CA LYS A 334 -50.76 45.73 -11.50
C LYS A 334 -49.81 45.36 -10.38
N ASP A 335 -48.63 44.85 -10.75
CA ASP A 335 -47.58 44.52 -9.78
C ASP A 335 -47.14 45.70 -8.94
N LEU A 336 -47.23 46.91 -9.47
CA LEU A 336 -46.86 48.14 -8.74
C LEU A 336 -48.05 48.85 -8.03
N ASN A 337 -49.25 48.71 -8.60
CA ASN A 337 -50.46 49.24 -7.92
C ASN A 337 -51.65 48.36 -8.24
N ALA A 338 -52.08 47.58 -7.25
CA ALA A 338 -53.08 46.53 -7.44
C ALA A 338 -54.47 47.11 -7.58
N LYS A 339 -54.64 48.33 -7.10
CA LYS A 339 -55.96 48.95 -7.12
C LYS A 339 -56.26 49.74 -8.36
N SER A 340 -55.26 50.40 -8.93
CA SER A 340 -55.48 51.19 -10.10
C SER A 340 -54.31 51.04 -11.08
N TYR A 341 -54.50 50.30 -12.16
CA TYR A 341 -53.34 49.97 -13.03
C TYR A 341 -53.64 49.98 -14.49
N LEU A 342 -52.56 49.98 -15.30
CA LEU A 342 -52.63 49.93 -16.74
C LEU A 342 -52.26 48.53 -17.21
N ASN A 343 -52.83 48.09 -18.33
CA ASN A 343 -52.45 46.80 -18.97
C ASN A 343 -51.07 46.99 -19.60
N THR A 344 -50.45 45.89 -20.03
CA THR A 344 -49.12 46.01 -20.64
C THR A 344 -48.97 46.98 -21.82
N ASP A 345 -49.89 46.86 -22.78
CA ASP A 345 -49.91 47.71 -23.96
C ASP A 345 -50.26 49.15 -23.61
N GLU A 346 -51.16 49.37 -22.67
CA GLU A 346 -51.44 50.73 -22.15
C GLU A 346 -50.24 51.39 -21.47
N MET A 347 -49.48 50.60 -20.72
CA MET A 347 -48.27 51.09 -20.08
C MET A 347 -47.28 51.54 -21.16
N GLY A 348 -47.07 50.68 -22.17
CA GLY A 348 -46.19 51.00 -23.31
C GLY A 348 -46.62 52.33 -23.98
N ASP A 349 -47.91 52.44 -24.24
CA ASP A 349 -48.47 53.61 -24.89
C ASP A 349 -48.29 54.85 -24.07
N CYS A 350 -48.42 54.73 -22.74
CA CYS A 350 -48.24 55.82 -21.81
C CYS A 350 -46.82 56.37 -21.89
N ILE A 351 -45.87 55.46 -21.92
CA ILE A 351 -44.46 55.86 -22.05
C ILE A 351 -44.19 56.48 -23.37
N LEU A 352 -44.75 55.91 -24.43
CA LEU A 352 -44.64 56.49 -25.74
C LEU A 352 -45.20 57.92 -25.81
N GLU A 353 -46.41 58.11 -25.28
CA GLU A 353 -47.03 59.43 -25.26
C GLU A 353 -46.17 60.51 -24.51
N ILE A 354 -45.56 60.14 -23.39
CA ILE A 354 -44.64 61.00 -22.67
C ILE A 354 -43.40 61.31 -23.50
N LEU A 355 -42.83 60.31 -24.15
CA LEU A 355 -41.72 60.57 -25.09
C LEU A 355 -42.11 61.60 -26.18
N LYS A 356 -43.30 61.45 -26.76
CA LYS A 356 -43.79 62.39 -27.80
C LYS A 356 -44.03 63.79 -27.28
N GLU A 357 -44.59 63.86 -26.09
CA GLU A 357 -44.86 65.12 -25.39
C GLU A 357 -43.63 65.94 -25.04
N ASN A 358 -42.50 65.26 -24.92
CA ASN A 358 -41.21 65.89 -24.62
C ASN A 358 -40.31 65.98 -25.84
N ASP A 359 -40.88 65.75 -27.01
CA ASP A 359 -40.12 65.79 -28.26
C ASP A 359 -40.40 67.11 -29.03
N ASN A 360 -39.84 68.21 -28.51
CA ASN A 360 -40.11 69.59 -29.05
C ASN A 360 -38.88 70.33 -29.56
N THR B 6 -20.42 26.06 42.45
CA THR B 6 -19.94 27.42 42.05
C THR B 6 -19.74 27.45 40.53
N TYR B 7 -20.17 28.55 39.91
CA TYR B 7 -19.88 28.84 38.51
C TYR B 7 -18.75 29.84 38.55
N LYS B 8 -17.58 29.43 38.04
CA LYS B 8 -16.41 30.25 38.08
C LYS B 8 -16.30 31.09 36.80
N VAL B 9 -16.27 32.43 36.95
CA VAL B 9 -16.26 33.35 35.82
C VAL B 9 -14.99 34.20 35.95
N ALA B 10 -14.20 34.25 34.87
CA ALA B 10 -13.14 35.21 34.74
C ALA B 10 -13.74 36.48 34.16
N VAL B 11 -13.73 37.54 34.97
CA VAL B 11 -14.29 38.85 34.58
C VAL B 11 -13.14 39.73 34.17
N LEU B 12 -13.03 39.99 32.86
CA LEU B 12 -12.01 40.79 32.24
C LEU B 12 -12.60 42.06 31.64
N ALA B 13 -12.77 43.09 32.46
CA ALA B 13 -13.58 44.26 32.05
C ALA B 13 -12.84 45.19 31.10
N GLY B 14 -11.51 45.26 31.27
CA GLY B 14 -10.69 45.95 30.32
C GLY B 14 -10.58 47.47 30.54
N ASP B 15 -10.69 48.22 29.47
CA ASP B 15 -10.41 49.63 29.40
C ASP B 15 -11.66 50.49 29.05
N GLY B 16 -11.50 51.80 29.16
CA GLY B 16 -12.55 52.77 28.77
C GLY B 16 -13.85 52.50 29.45
N ILE B 17 -14.87 52.24 28.70
CA ILE B 17 -16.25 52.00 29.24
C ILE B 17 -16.36 50.60 29.85
N GLY B 18 -15.37 49.73 29.61
CA GLY B 18 -15.51 48.36 30.06
C GLY B 18 -15.83 48.16 31.55
N PRO B 19 -15.04 48.75 32.47
CA PRO B 19 -15.29 48.58 33.88
C PRO B 19 -16.63 49.14 34.26
N LEU B 20 -17.02 50.24 33.63
CA LEU B 20 -18.26 50.98 33.99
C LEU B 20 -19.51 50.16 33.62
N VAL B 21 -19.57 49.61 32.41
CA VAL B 21 -20.65 48.69 32.02
C VAL B 21 -20.57 47.30 32.74
N MET B 22 -19.35 46.79 32.97
CA MET B 22 -19.19 45.52 33.75
C MET B 22 -19.80 45.60 35.13
N LYS B 23 -19.65 46.75 35.81
CA LYS B 23 -20.26 46.96 37.10
C LYS B 23 -21.77 46.64 37.05
N GLU B 24 -22.43 46.98 35.97
CA GLU B 24 -23.87 46.75 35.86
C GLU B 24 -24.17 45.27 35.60
N ALA B 25 -23.39 44.62 34.78
CA ALA B 25 -23.57 43.22 34.57
C ALA B 25 -23.36 42.46 35.86
N LEU B 26 -22.35 42.80 36.65
CA LEU B 26 -22.07 42.13 37.94
C LEU B 26 -23.19 42.34 38.94
N LYS B 27 -23.72 43.56 38.96
CA LYS B 27 -24.90 43.85 39.73
C LYS B 27 -26.05 42.87 39.39
N ILE B 28 -26.30 42.63 38.11
CA ILE B 28 -27.39 41.77 37.67
C ILE B 28 -27.08 40.31 37.99
N LEU B 29 -25.86 39.87 37.70
CA LEU B 29 -25.54 38.48 38.01
C LEU B 29 -25.62 38.17 39.54
N THR B 30 -25.19 39.11 40.38
CA THR B 30 -25.25 38.96 41.81
C THR B 30 -26.71 38.75 42.22
N PHE B 31 -27.63 39.52 41.69
CA PHE B 31 -29.04 39.28 41.99
C PHE B 31 -29.52 37.89 41.52
N ILE B 32 -29.12 37.51 40.31
CA ILE B 32 -29.52 36.25 39.70
C ILE B 32 -29.05 35.04 40.53
N ALA B 33 -27.81 35.10 41.02
CA ALA B 33 -27.25 34.06 41.90
C ALA B 33 -28.03 33.97 43.22
N GLN B 34 -28.43 35.14 43.74
CA GLN B 34 -29.30 35.15 44.91
C GLN B 34 -30.64 34.49 44.64
N LYS B 35 -31.30 34.89 43.56
CA LYS B 35 -32.64 34.40 43.23
C LYS B 35 -32.64 32.88 43.04
N TYR B 36 -31.61 32.37 42.40
CA TYR B 36 -31.60 30.95 42.02
C TYR B 36 -30.82 30.07 42.93
N ASN B 37 -30.21 30.66 43.95
CA ASN B 37 -29.51 29.95 45.00
C ASN B 37 -28.37 29.13 44.46
N PHE B 38 -27.58 29.76 43.62
CA PHE B 38 -26.31 29.16 43.20
C PHE B 38 -25.25 30.19 43.50
N SER B 39 -23.98 29.78 43.45
CA SER B 39 -22.92 30.76 43.75
C SER B 39 -22.04 31.00 42.54
N PHE B 40 -21.66 32.26 42.38
CA PHE B 40 -20.64 32.69 41.42
C PHE B 40 -19.36 32.89 42.16
N GLU B 41 -18.24 32.50 41.56
CA GLU B 41 -16.98 33.01 41.96
C GLU B 41 -16.59 33.95 40.83
N LEU B 42 -16.55 35.23 40.96
CA LEU B 42 -16.36 36.25 39.93
C LEU B 42 -15.00 36.85 40.01
N ASN B 43 -14.00 36.29 39.57
CA ASN B 43 -12.66 36.77 39.75
C ASN B 43 -12.35 37.81 38.70
N GLU B 44 -12.19 39.05 39.14
CA GLU B 44 -11.90 40.12 38.26
C GLU B 44 -10.41 40.09 38.08
N ALA B 45 -9.98 40.30 36.85
CA ALA B 45 -8.58 40.32 36.54
C ALA B 45 -8.40 41.30 35.41
N LYS B 46 -7.20 41.83 35.32
CA LYS B 46 -6.88 42.82 34.34
C LYS B 46 -6.70 42.21 32.95
N ILE B 47 -7.07 42.99 31.96
CA ILE B 47 -6.89 42.63 30.55
C ILE B 47 -6.68 43.90 29.76
N GLY B 48 -5.99 43.79 28.65
CA GLY B 48 -5.87 44.92 27.76
C GLY B 48 -4.95 46.00 28.32
N GLY B 49 -5.27 47.26 28.08
CA GLY B 49 -4.54 48.37 28.65
C GLY B 49 -4.27 48.29 30.15
N ALA B 50 -5.31 47.91 30.90
CA ALA B 50 -5.21 47.76 32.35
C ALA B 50 -4.06 46.82 32.69
N SER B 51 -3.92 45.78 31.89
CA SER B 51 -2.93 44.74 32.15
C SER B 51 -1.55 45.18 31.66
N ILE B 52 -1.49 45.89 30.54
CA ILE B 52 -0.23 46.46 30.12
C ILE B 52 0.35 47.39 31.20
N ASP B 53 -0.50 48.22 31.83
CA ASP B 53 -0.06 49.11 32.86
C ASP B 53 0.51 48.38 34.07
N ALA B 54 -0.11 47.27 34.45
CA ALA B 54 0.22 46.63 35.69
C ALA B 54 1.36 45.63 35.47
N TYR B 55 1.26 44.91 34.37
CA TYR B 55 2.11 43.75 34.17
C TYR B 55 2.94 43.83 32.93
N GLY B 56 2.81 44.88 32.14
CA GLY B 56 3.67 45.05 30.95
C GLY B 56 3.18 44.39 29.68
N VAL B 57 2.19 43.49 29.80
CA VAL B 57 1.60 42.80 28.67
C VAL B 57 0.05 42.84 28.76
N ALA B 58 -0.61 42.68 27.60
CA ALA B 58 -2.09 42.78 27.55
C ALA B 58 -2.81 41.56 28.17
N LEU B 59 -2.14 40.40 28.17
CA LEU B 59 -2.67 39.16 28.79
C LEU B 59 -1.56 38.46 29.54
N SER B 60 -1.58 38.55 30.86
CA SER B 60 -0.55 37.99 31.70
C SER B 60 -0.75 36.49 31.92
N ASP B 61 0.32 35.79 32.31
CA ASP B 61 0.25 34.38 32.58
C ASP B 61 -0.70 34.08 33.74
N GLU B 62 -0.68 34.91 34.77
CA GLU B 62 -1.56 34.71 35.89
C GLU B 62 -3.03 34.87 35.47
N THR B 63 -3.29 35.83 34.62
CA THR B 63 -4.67 36.06 34.09
C THR B 63 -5.09 34.93 33.14
N LEU B 64 -4.16 34.50 32.29
CA LEU B 64 -4.45 33.30 31.47
C LEU B 64 -4.78 32.09 32.34
N LYS B 65 -3.99 31.82 33.38
CA LYS B 65 -4.23 30.67 34.26
C LYS B 65 -5.57 30.78 34.96
N LEU B 66 -5.93 32.01 35.35
CA LEU B 66 -7.25 32.23 35.94
C LEU B 66 -8.38 31.80 34.98
N CYS B 67 -8.27 32.20 33.73
CA CYS B 67 -9.21 31.83 32.67
C CYS B 67 -9.30 30.27 32.51
N GLU B 68 -8.14 29.60 32.51
CA GLU B 68 -8.09 28.14 32.46
C GLU B 68 -8.79 27.47 33.66
N GLN B 69 -8.76 28.11 34.84
CA GLN B 69 -9.41 27.62 35.99
C GLN B 69 -10.89 28.02 36.05
N SER B 70 -11.35 28.82 35.09
CA SER B 70 -12.77 29.28 35.10
C SER B 70 -13.69 28.47 34.15
N ASP B 71 -14.98 28.69 34.27
CA ASP B 71 -15.94 28.03 33.42
C ASP B 71 -16.32 28.86 32.20
N ALA B 72 -16.04 30.16 32.26
CA ALA B 72 -16.29 31.09 31.17
C ALA B 72 -15.55 32.40 31.45
N ILE B 73 -15.45 33.23 30.41
CA ILE B 73 -14.86 34.58 30.46
C ILE B 73 -15.97 35.59 30.12
N LEU B 74 -16.25 36.47 31.08
CA LEU B 74 -17.12 37.62 30.79
C LEU B 74 -16.18 38.80 30.53
N PHE B 75 -16.18 39.24 29.29
CA PHE B 75 -15.19 40.18 28.73
C PHE B 75 -15.87 41.51 28.47
N GLY B 76 -15.20 42.60 28.81
CA GLY B 76 -15.74 43.94 28.46
C GLY B 76 -15.28 44.47 27.12
N SER B 77 -14.40 45.49 27.17
CA SER B 77 -13.87 46.14 25.99
C SER B 77 -12.42 46.48 26.25
N VAL B 78 -11.58 46.41 25.23
CA VAL B 78 -10.17 46.83 25.41
C VAL B 78 -9.74 47.86 24.39
N GLY B 79 -8.72 48.65 24.77
CA GLY B 79 -8.08 49.59 23.88
C GLY B 79 -8.40 51.02 24.27
N GLY B 80 -7.52 51.93 23.87
CA GLY B 80 -7.70 53.35 24.14
C GLY B 80 -6.45 54.11 23.67
N PRO B 81 -6.53 55.45 23.66
CA PRO B 81 -5.44 56.31 23.15
C PRO B 81 -4.13 56.05 23.83
N LYS B 82 -4.16 55.80 25.15
CA LYS B 82 -2.92 55.64 25.93
C LYS B 82 -2.00 54.57 25.36
N TRP B 83 -2.57 53.54 24.73
CA TRP B 83 -1.79 52.38 24.21
C TRP B 83 -1.77 52.30 22.71
N ASP B 84 -2.36 53.30 22.05
CA ASP B 84 -2.42 53.28 20.58
C ASP B 84 -1.03 53.38 19.94
N ASN B 85 -0.03 53.85 20.70
CA ASN B 85 1.36 54.05 20.20
C ASN B 85 2.33 52.89 20.42
N LEU B 86 1.87 51.83 21.07
CA LEU B 86 2.70 50.63 21.25
C LEU B 86 2.88 49.93 19.89
N PRO B 87 3.90 49.04 19.80
CA PRO B 87 3.99 48.18 18.62
C PRO B 87 2.68 47.45 18.37
N ILE B 88 2.33 47.28 17.10
CA ILE B 88 1.02 46.74 16.71
C ILE B 88 0.68 45.43 17.44
N ASP B 89 1.65 44.51 17.53
CA ASP B 89 1.43 43.22 18.16
C ASP B 89 1.22 43.27 19.70
N GLN B 90 1.51 44.43 20.34
CA GLN B 90 1.37 44.52 21.78
C GLN B 90 0.07 45.28 22.16
N ARG B 91 -0.61 45.83 21.19
CA ARG B 91 -1.79 46.71 21.50
C ARG B 91 -2.95 45.89 22.10
N PRO B 92 -3.77 46.54 22.95
CA PRO B 92 -4.71 45.80 23.80
C PRO B 92 -5.57 44.74 23.08
N GLU B 93 -6.22 45.11 21.98
CA GLU B 93 -7.17 44.21 21.33
C GLU B 93 -6.49 42.98 20.71
N ARG B 94 -5.49 43.26 19.83
CA ARG B 94 -4.74 42.19 19.14
C ARG B 94 -4.10 41.23 20.12
N ALA B 95 -3.52 41.78 21.19
CA ALA B 95 -2.81 40.96 22.19
C ALA B 95 -3.71 40.30 23.26
N SER B 96 -5.03 40.58 23.28
CA SER B 96 -5.90 39.91 24.29
C SER B 96 -6.91 38.92 23.68
N LEU B 97 -7.76 39.36 22.73
CA LEU B 97 -8.91 38.51 22.26
C LEU B 97 -8.47 37.36 21.37
N LEU B 98 -7.58 37.69 20.45
CA LEU B 98 -7.12 36.68 19.51
C LEU B 98 -6.42 35.49 20.27
N PRO B 99 -5.42 35.76 21.12
CA PRO B 99 -4.81 34.64 21.88
C PRO B 99 -5.79 33.87 22.77
N LEU B 100 -6.78 34.56 23.30
CA LEU B 100 -7.77 33.86 24.13
C LEU B 100 -8.57 32.90 23.28
N ARG B 101 -9.07 33.38 22.11
CA ARG B 101 -9.85 32.52 21.21
C ARG B 101 -9.03 31.29 20.81
N LYS B 102 -7.77 31.53 20.49
CA LYS B 102 -6.90 30.40 20.14
C LYS B 102 -6.65 29.44 21.30
N HIS B 103 -6.31 29.99 22.50
CA HIS B 103 -5.97 29.15 23.64
C HIS B 103 -7.08 28.20 23.98
N PHE B 104 -8.31 28.70 23.92
CA PHE B 104 -9.47 27.96 24.34
C PHE B 104 -10.29 27.31 23.20
N ASN B 105 -9.75 27.37 21.96
CA ASN B 105 -10.36 26.71 20.78
C ASN B 105 -11.80 27.23 20.62
N LEU B 106 -11.96 28.56 20.68
CA LEU B 106 -13.32 29.12 20.57
C LEU B 106 -13.68 29.23 19.05
N PHE B 107 -14.22 28.14 18.51
CA PHE B 107 -14.46 28.00 17.07
C PHE B 107 -15.83 28.48 16.58
N ALA B 108 -16.71 28.83 17.51
CA ALA B 108 -18.12 29.16 17.16
C ALA B 108 -18.39 30.58 17.66
N ASN B 109 -18.88 31.45 16.79
CA ASN B 109 -19.35 32.79 17.23
C ASN B 109 -20.87 32.78 17.10
N LEU B 110 -21.53 33.20 18.18
CA LEU B 110 -22.98 33.32 18.24
C LEU B 110 -23.24 34.80 18.42
N ARG B 111 -24.01 35.39 17.53
CA ARG B 111 -24.43 36.78 17.63
C ARG B 111 -25.95 36.86 17.47
N PRO B 112 -26.67 37.18 18.54
CA PRO B 112 -28.12 37.36 18.39
C PRO B 112 -28.48 38.63 17.72
N CYS B 113 -29.56 38.60 16.95
CA CYS B 113 -30.18 39.78 16.36
C CYS B 113 -31.65 39.74 16.71
N LYS B 114 -31.97 40.42 17.81
CA LYS B 114 -33.37 40.55 18.26
C LYS B 114 -33.75 42.02 18.20
N ILE B 115 -34.86 42.34 17.57
CA ILE B 115 -35.28 43.74 17.47
C ILE B 115 -36.44 43.89 18.45
N TYR B 116 -36.28 44.82 19.37
CA TYR B 116 -37.24 45.01 20.43
C TYR B 116 -38.36 45.84 19.84
N GLU B 117 -39.60 45.45 20.15
CA GLU B 117 -40.78 46.16 19.66
C GLU B 117 -40.67 47.66 19.89
N SER B 118 -40.19 48.06 21.06
CA SER B 118 -40.04 49.50 21.42
C SER B 118 -38.94 50.25 20.60
N LEU B 119 -38.08 49.50 19.90
CA LEU B 119 -36.98 50.09 19.12
C LEU B 119 -37.09 49.77 17.62
N THR B 120 -38.32 49.46 17.21
CA THR B 120 -38.63 49.19 15.81
C THR B 120 -38.32 50.41 14.95
N HIS B 121 -38.53 51.61 15.50
CA HIS B 121 -38.22 52.82 14.75
C HIS B 121 -36.74 52.93 14.36
N ALA B 122 -35.87 52.32 15.15
CA ALA B 122 -34.41 52.43 14.95
C ALA B 122 -33.88 51.43 13.88
N SER B 123 -34.66 50.41 13.55
CA SER B 123 -34.28 49.55 12.42
C SER B 123 -34.44 50.33 11.11
N PRO B 124 -33.48 50.13 10.21
CA PRO B 124 -33.68 50.73 8.90
C PRO B 124 -34.79 50.07 8.05
N LEU B 125 -35.31 48.90 8.47
CA LEU B 125 -36.33 48.21 7.70
C LEU B 125 -37.71 48.85 8.10
N LYS B 126 -38.58 48.94 7.13
CA LYS B 126 -39.98 49.38 7.46
C LYS B 126 -40.59 48.48 8.53
N ASN B 127 -41.38 49.11 9.39
CA ASN B 127 -41.97 48.42 10.50
C ASN B 127 -42.79 47.22 10.05
N GLU B 128 -43.39 47.29 8.85
CA GLU B 128 -44.26 46.25 8.34
C GLU B 128 -43.43 45.00 7.97
N ILE B 129 -42.18 45.20 7.61
CA ILE B 129 -41.33 44.09 7.26
C ILE B 129 -40.94 43.21 8.48
N ILE B 130 -40.74 43.87 9.60
CA ILE B 130 -40.26 43.25 10.84
C ILE B 130 -41.34 42.99 11.89
N GLN B 131 -42.59 43.34 11.56
CA GLN B 131 -43.65 43.43 12.60
C GLN B 131 -43.96 42.10 13.25
N LYS B 132 -43.72 40.98 12.58
CA LYS B 132 -43.96 39.70 13.22
C LYS B 132 -42.98 39.34 14.30
N GLY B 133 -41.82 39.98 14.34
CA GLY B 133 -40.89 39.81 15.41
C GLY B 133 -39.63 39.25 14.69
N VAL B 134 -38.52 39.96 14.88
CA VAL B 134 -37.19 39.46 14.45
C VAL B 134 -36.40 38.97 15.71
N ASP B 135 -36.00 37.70 15.68
CA ASP B 135 -35.24 37.11 16.70
C ASP B 135 -34.37 36.01 16.09
N ILE B 136 -33.11 36.34 15.80
CA ILE B 136 -32.28 35.50 14.98
C ILE B 136 -31.00 35.24 15.73
N LEU B 137 -30.40 34.08 15.49
CA LEU B 137 -29.11 33.85 16.07
C LEU B 137 -28.20 33.48 14.91
N CYS B 138 -27.16 34.27 14.68
CA CYS B 138 -26.16 33.93 13.64
C CYS B 138 -25.06 33.09 14.27
N VAL B 139 -24.78 31.90 13.71
CA VAL B 139 -23.80 31.01 14.26
C VAL B 139 -22.73 30.86 13.16
N ARG B 140 -21.53 31.38 13.41
CA ARG B 140 -20.50 31.52 12.38
C ARG B 140 -19.28 30.68 12.82
N GLU B 141 -18.84 29.81 11.93
CA GLU B 141 -17.58 29.04 12.09
C GLU B 141 -16.33 29.97 11.99
N LEU B 142 -15.37 29.85 12.91
CA LEU B 142 -14.28 30.86 13.05
C LEU B 142 -12.87 30.34 12.66
N THR B 143 -12.75 29.07 12.40
CA THR B 143 -11.42 28.40 12.26
C THR B 143 -11.04 27.90 10.90
N GLY B 144 -12.04 27.82 10.03
CA GLY B 144 -11.94 27.18 8.75
C GLY B 144 -12.11 28.16 7.61
N GLY B 145 -12.09 27.58 6.43
CA GLY B 145 -12.33 28.23 5.17
C GLY B 145 -11.25 29.17 4.68
N ILE B 146 -11.73 30.08 3.83
CA ILE B 146 -10.92 30.92 2.99
C ILE B 146 -9.92 31.80 3.75
N TYR B 147 -10.23 32.19 4.97
CA TYR B 147 -9.30 32.98 5.77
C TYR B 147 -8.03 32.21 6.22
N PHE B 148 -8.09 30.89 6.19
CA PHE B 148 -6.99 30.05 6.64
C PHE B 148 -6.42 29.12 5.59
N GLY B 149 -7.07 28.98 4.44
CA GLY B 149 -6.56 28.07 3.39
C GLY B 149 -5.35 28.62 2.63
N LYS B 150 -4.77 27.78 1.80
CA LYS B 150 -3.57 28.14 1.05
C LYS B 150 -3.86 29.33 0.15
N GLN B 151 -2.95 30.30 0.15
CA GLN B 151 -3.14 31.48 -0.67
C GLN B 151 -1.80 31.91 -1.26
N ASP B 152 -1.86 32.67 -2.35
CA ASP B 152 -0.66 33.22 -2.96
C ASP B 152 -0.96 34.52 -3.71
N LEU B 153 -0.11 35.51 -3.50
CA LEU B 153 -0.17 36.79 -4.22
C LEU B 153 0.98 36.82 -5.22
N GLY B 154 0.62 36.79 -6.49
CA GLY B 154 1.56 37.00 -7.59
C GLY B 154 1.32 38.32 -8.27
N LYS B 155 2.17 38.61 -9.25
CA LYS B 155 2.08 39.85 -10.01
C LYS B 155 0.92 39.81 -11.02
N GLU B 156 0.62 38.63 -11.54
CA GLU B 156 -0.33 38.44 -12.65
C GLU B 156 -1.58 37.63 -12.25
N SER B 157 -1.56 37.03 -11.05
CA SER B 157 -2.52 36.03 -10.58
C SER B 157 -2.43 35.98 -9.03
N ALA B 158 -3.53 35.62 -8.39
CA ALA B 158 -3.60 35.51 -6.91
C ALA B 158 -4.77 34.59 -6.62
N TYR B 159 -4.62 33.80 -5.55
CA TYR B 159 -5.67 32.94 -5.10
C TYR B 159 -5.69 32.79 -3.60
N ASP B 160 -6.89 32.33 -3.16
CA ASP B 160 -7.20 32.00 -1.81
C ASP B 160 -8.07 30.73 -1.89
N THR B 161 -8.04 29.93 -0.83
CA THR B 161 -8.67 28.63 -0.82
C THR B 161 -9.67 28.41 0.29
N GLU B 162 -10.91 28.24 -0.11
CA GLU B 162 -12.03 27.95 0.79
C GLU B 162 -12.04 26.42 1.06
N ILE B 163 -11.42 26.08 2.17
CA ILE B 163 -11.22 24.67 2.54
C ILE B 163 -11.80 24.41 3.89
N TYR B 164 -12.57 23.32 3.95
CA TYR B 164 -13.19 22.86 5.17
C TYR B 164 -13.11 21.36 5.34
N THR B 165 -12.99 20.94 6.59
CA THR B 165 -13.04 19.56 6.99
C THR B 165 -14.36 19.17 7.60
N LYS B 166 -14.65 17.87 7.56
CA LYS B 166 -15.80 17.32 8.25
C LYS B 166 -15.73 17.63 9.78
N LYS B 167 -14.55 17.55 10.39
CA LYS B 167 -14.41 17.82 11.83
C LYS B 167 -14.86 19.29 12.16
N GLU B 168 -14.39 20.23 11.33
CA GLU B 168 -14.78 21.63 11.47
C GLU B 168 -16.29 21.86 11.30
N ILE B 169 -16.91 21.18 10.32
CA ILE B 169 -18.32 21.39 10.04
C ILE B 169 -19.14 20.74 11.15
N GLU B 170 -18.79 19.52 11.53
CA GLU B 170 -19.56 18.83 12.51
C GLU B 170 -19.70 19.59 13.85
N ARG B 171 -18.58 20.14 14.33
CA ARG B 171 -18.56 20.77 15.67
C ARG B 171 -19.38 22.10 15.65
N ILE B 172 -19.31 22.83 14.55
CA ILE B 172 -20.15 24.08 14.45
C ILE B 172 -21.61 23.73 14.25
N ALA B 173 -21.92 22.73 13.45
CA ALA B 173 -23.29 22.25 13.27
C ALA B 173 -23.95 21.81 14.59
N ARG B 174 -23.19 21.09 15.43
CA ARG B 174 -23.71 20.70 16.77
C ARG B 174 -24.05 21.93 17.65
N ILE B 175 -23.17 22.90 17.64
CA ILE B 175 -23.47 24.17 18.34
C ILE B 175 -24.76 24.78 17.84
N ALA B 176 -24.92 24.91 16.53
CA ALA B 176 -26.12 25.47 15.94
C ALA B 176 -27.42 24.71 16.33
N PHE B 177 -27.40 23.38 16.26
CA PHE B 177 -28.61 22.61 16.60
C PHE B 177 -29.00 22.68 18.09
N GLU B 178 -27.97 22.67 18.95
CA GLU B 178 -28.13 22.84 20.40
C GLU B 178 -28.78 24.21 20.71
N SER B 179 -28.36 25.25 20.01
CA SER B 179 -29.03 26.57 20.12
C SER B 179 -30.46 26.52 19.67
N ALA B 180 -30.71 25.92 18.51
CA ALA B 180 -32.02 25.86 17.92
C ALA B 180 -32.96 25.13 18.86
N ARG B 181 -32.44 24.08 19.48
CA ARG B 181 -33.24 23.33 20.49
C ARG B 181 -33.85 24.15 21.61
N ILE B 182 -33.16 25.17 22.07
CA ILE B 182 -33.64 26.04 23.13
C ILE B 182 -34.17 27.41 22.62
N ARG B 183 -34.19 27.60 21.32
CA ARG B 183 -34.81 28.81 20.73
C ARG B 183 -36.18 28.51 20.07
N LYS B 184 -36.27 28.41 18.75
CA LYS B 184 -37.53 28.19 18.00
C LYS B 184 -37.43 26.94 17.10
N LYS B 185 -36.43 26.14 17.36
CA LYS B 185 -36.30 24.84 16.68
C LYS B 185 -36.21 24.86 15.21
N LYS B 186 -35.45 25.83 14.67
CA LYS B 186 -35.17 25.89 13.24
C LYS B 186 -33.73 26.34 12.99
N VAL B 187 -33.04 25.61 12.12
CA VAL B 187 -31.71 25.96 11.59
C VAL B 187 -31.82 26.16 10.06
N HIS B 188 -31.31 27.31 9.53
CA HIS B 188 -31.04 27.48 8.13
C HIS B 188 -29.54 27.35 7.96
N LEU B 189 -29.14 26.35 7.17
CA LEU B 189 -27.76 26.26 6.71
C LEU B 189 -27.63 27.15 5.51
N ILE B 190 -26.76 28.16 5.63
CA ILE B 190 -26.42 29.10 4.61
C ILE B 190 -25.15 28.64 3.89
N ASP B 191 -25.29 28.40 2.58
CA ASP B 191 -24.18 27.96 1.73
C ASP B 191 -24.28 28.44 0.29
N LYS B 192 -23.43 27.85 -0.60
CA LYS B 192 -23.56 28.01 -2.05
C LYS B 192 -23.35 26.65 -2.72
N ALA B 193 -24.17 25.68 -2.31
CA ALA B 193 -24.06 24.26 -2.73
C ALA B 193 -24.34 24.02 -4.22
N ASN B 194 -24.91 25.00 -4.92
CA ASN B 194 -25.13 24.87 -6.36
C ASN B 194 -23.83 25.05 -7.14
N VAL B 195 -22.77 25.56 -6.52
CA VAL B 195 -21.49 25.67 -7.19
C VAL B 195 -20.26 25.26 -6.35
N LEU B 196 -20.31 25.32 -5.02
CA LEU B 196 -19.11 25.10 -4.22
C LEU B 196 -19.07 23.67 -3.70
N ALA B 197 -17.93 22.99 -3.95
CA ALA B 197 -17.68 21.64 -3.43
C ALA B 197 -17.68 21.65 -1.87
N SER B 198 -17.07 22.66 -1.27
CA SER B 198 -17.03 22.80 0.17
C SER B 198 -18.49 22.97 0.72
N SER B 199 -19.36 23.65 0.00
CA SER B 199 -20.79 23.77 0.45
C SER B 199 -21.52 22.43 0.35
N ILE B 200 -21.16 21.64 -0.63
CA ILE B 200 -21.73 20.27 -0.76
C ILE B 200 -21.35 19.43 0.42
N LEU B 201 -20.09 19.51 0.85
CA LEU B 201 -19.66 18.83 2.08
C LEU B 201 -20.44 19.35 3.30
N TRP B 202 -20.62 20.67 3.40
CA TRP B 202 -21.42 21.24 4.49
C TRP B 202 -22.77 20.53 4.53
N ARG B 203 -23.44 20.39 3.40
CA ARG B 203 -24.82 19.86 3.42
C ARG B 203 -24.81 18.42 3.86
N GLU B 204 -23.79 17.68 3.44
CA GLU B 204 -23.73 16.29 3.79
C GLU B 204 -23.52 16.09 5.28
N VAL B 205 -22.56 16.84 5.84
CA VAL B 205 -22.23 16.74 7.25
C VAL B 205 -23.36 17.25 8.12
N VAL B 206 -23.92 18.40 7.77
CA VAL B 206 -25.05 18.96 8.55
C VAL B 206 -26.28 18.05 8.52
N ALA B 207 -26.64 17.52 7.34
CA ALA B 207 -27.78 16.60 7.24
C ALA B 207 -27.56 15.36 8.15
N ASN B 208 -26.33 14.90 8.24
CA ASN B 208 -26.01 13.77 9.14
C ASN B 208 -26.10 14.15 10.65
N VAL B 209 -25.55 15.33 11.02
CA VAL B 209 -25.67 15.81 12.37
C VAL B 209 -27.13 15.95 12.72
N ALA B 210 -27.95 16.42 11.77
CA ALA B 210 -29.37 16.67 11.98
C ALA B 210 -30.15 15.43 12.42
N LYS B 211 -29.60 14.25 12.14
CA LYS B 211 -30.29 12.99 12.59
C LYS B 211 -30.44 12.87 14.12
N ASP B 212 -29.54 13.48 14.83
CA ASP B 212 -29.55 13.54 16.28
C ASP B 212 -30.55 14.60 16.80
N TYR B 213 -31.16 15.33 15.88
CA TYR B 213 -31.97 16.51 16.27
C TYR B 213 -33.21 16.53 15.46
N GLN B 214 -33.98 15.47 15.61
CA GLN B 214 -35.16 15.29 14.80
C GLN B 214 -36.29 16.25 15.22
N ASP B 215 -36.14 16.90 16.37
CA ASP B 215 -37.06 17.95 16.84
C ASP B 215 -36.82 19.31 16.08
N ILE B 216 -35.71 19.42 15.35
CA ILE B 216 -35.36 20.69 14.70
C ILE B 216 -35.69 20.62 13.25
N ASN B 217 -36.31 21.67 12.73
CA ASN B 217 -36.50 21.87 11.32
C ASN B 217 -35.19 22.41 10.64
N LEU B 218 -34.56 21.60 9.80
CA LEU B 218 -33.42 22.04 9.00
C LEU B 218 -33.85 22.47 7.59
N GLU B 219 -33.44 23.67 7.19
CA GLU B 219 -33.62 24.20 5.86
C GLU B 219 -32.25 24.67 5.31
N TYR B 220 -32.16 24.75 4.01
CA TYR B 220 -30.97 25.16 3.32
C TYR B 220 -31.30 26.41 2.52
N MET B 221 -30.40 27.35 2.52
CA MET B 221 -30.56 28.53 1.77
C MET B 221 -29.21 29.02 1.22
N TYR B 222 -29.18 29.46 -0.04
CA TYR B 222 -27.97 30.05 -0.63
C TYR B 222 -27.70 31.41 -0.03
N VAL B 223 -26.43 31.72 0.11
CA VAL B 223 -26.01 32.98 0.76
C VAL B 223 -26.55 34.24 0.09
N ASP B 224 -26.72 34.20 -1.22
CA ASP B 224 -27.29 35.37 -1.93
C ASP B 224 -28.78 35.55 -1.66
N ASN B 225 -29.51 34.45 -1.56
CA ASN B 225 -30.92 34.52 -1.16
C ASN B 225 -31.02 34.95 0.30
N ALA B 226 -30.11 34.45 1.16
CA ALA B 226 -30.13 34.84 2.56
C ALA B 226 -29.88 36.36 2.68
N ALA B 227 -29.00 36.90 1.85
CA ALA B 227 -28.76 38.39 1.89
C ALA B 227 -30.04 39.14 1.52
N MET B 228 -30.82 38.60 0.60
CA MET B 228 -32.14 39.18 0.25
C MET B 228 -33.16 39.05 1.32
N GLN B 229 -33.32 37.82 1.79
CA GLN B 229 -34.30 37.56 2.89
C GLN B 229 -34.11 38.29 4.23
N ILE B 230 -32.87 38.65 4.57
CA ILE B 230 -32.60 39.38 5.76
C ILE B 230 -33.23 40.80 5.60
N VAL B 231 -33.23 41.32 4.40
CA VAL B 231 -33.87 42.61 4.12
C VAL B 231 -35.41 42.47 3.93
N LYS B 232 -35.86 41.45 3.20
CA LYS B 232 -37.26 41.34 2.75
C LYS B 232 -38.18 40.68 3.73
N ASN B 233 -37.67 39.69 4.45
CA ASN B 233 -38.51 38.87 5.34
C ASN B 233 -37.71 38.19 6.46
N PRO B 234 -37.07 38.98 7.34
CA PRO B 234 -36.14 38.39 8.32
C PRO B 234 -36.84 37.63 9.43
N SER B 235 -38.16 37.86 9.67
CA SER B 235 -38.80 37.13 10.76
C SER B 235 -38.87 35.64 10.60
N ILE B 236 -38.62 35.13 9.41
CA ILE B 236 -38.60 33.71 9.23
C ILE B 236 -37.43 32.99 9.93
N PHE B 237 -36.32 33.68 10.17
CA PHE B 237 -35.14 33.01 10.64
C PHE B 237 -35.19 32.74 12.12
N ASP B 238 -34.63 31.60 12.53
CA ASP B 238 -34.23 31.38 13.92
C ASP B 238 -32.71 31.29 13.99
N VAL B 239 -32.20 30.08 13.86
CA VAL B 239 -30.74 29.91 13.91
C VAL B 239 -30.24 29.94 12.47
N MET B 240 -29.15 30.72 12.19
CA MET B 240 -28.57 30.80 10.85
C MET B 240 -27.14 30.27 10.97
N LEU B 241 -26.92 29.07 10.44
CA LEU B 241 -25.58 28.42 10.48
C LEU B 241 -24.75 28.76 9.23
N CYS B 242 -23.55 29.38 9.41
CA CYS B 242 -22.83 29.96 8.32
C CYS B 242 -21.36 29.48 8.40
N SER B 243 -20.76 29.35 7.26
CA SER B 243 -19.31 29.32 7.14
C SER B 243 -18.66 30.62 7.65
N ASN B 244 -17.32 30.59 7.78
CA ASN B 244 -16.60 31.76 8.27
C ASN B 244 -16.86 32.98 7.40
N LEU B 245 -16.68 32.85 6.09
CA LEU B 245 -16.78 34.01 5.16
C LEU B 245 -18.23 34.49 5.12
N PHE B 246 -19.12 33.53 4.94
CA PHE B 246 -20.52 33.93 4.80
C PHE B 246 -21.07 34.51 6.06
N GLY B 247 -20.74 33.93 7.22
CA GLY B 247 -21.09 34.48 8.55
C GLY B 247 -20.57 35.89 8.80
N ASP B 248 -19.36 36.15 8.33
CA ASP B 248 -18.72 37.45 8.49
C ASP B 248 -19.57 38.51 7.76
N ILE B 249 -20.06 38.18 6.58
CA ILE B 249 -20.91 39.07 5.82
C ILE B 249 -22.32 39.21 6.41
N LEU B 250 -22.99 38.07 6.65
CA LEU B 250 -24.39 38.12 7.13
C LEU B 250 -24.55 38.67 8.55
N SER B 251 -23.56 38.45 9.44
CA SER B 251 -23.61 38.95 10.77
C SER B 251 -23.63 40.50 10.74
N ASP B 252 -22.87 41.10 9.80
CA ASP B 252 -22.90 42.56 9.64
C ASP B 252 -24.21 43.08 9.07
N GLU B 253 -24.78 42.32 8.15
CA GLU B 253 -26.07 42.64 7.57
C GLU B 253 -27.15 42.59 8.66
N LEU B 254 -27.10 41.55 9.49
CA LEU B 254 -27.99 41.44 10.63
C LEU B 254 -27.85 42.60 11.64
N ALA B 255 -26.60 43.00 11.93
CA ALA B 255 -26.36 44.17 12.74
C ALA B 255 -27.07 45.39 12.14
N ALA B 256 -26.95 45.57 10.82
CA ALA B 256 -27.49 46.69 10.12
C ALA B 256 -28.98 46.72 10.22
N ILE B 257 -29.64 45.57 9.98
CA ILE B 257 -31.14 45.58 10.11
C ILE B 257 -31.64 45.78 11.56
N ASN B 258 -30.76 45.43 12.54
CA ASN B 258 -31.15 45.56 13.93
C ASN B 258 -31.40 47.02 14.27
N GLY B 259 -30.42 47.87 13.96
CA GLY B 259 -30.52 49.28 14.23
C GLY B 259 -30.03 49.83 15.56
N SER B 260 -29.87 48.98 16.57
CA SER B 260 -29.48 49.40 17.91
C SER B 260 -28.17 48.67 18.31
N LEU B 261 -27.07 49.19 17.81
CA LEU B 261 -25.70 48.63 17.96
C LEU B 261 -25.29 48.42 19.44
N GLY B 262 -25.74 49.33 20.33
CA GLY B 262 -25.44 49.23 21.74
C GLY B 262 -26.06 48.07 22.46
N LEU B 263 -27.00 47.38 21.83
CA LEU B 263 -27.66 46.24 22.48
C LEU B 263 -27.09 44.90 22.00
N LEU B 264 -26.10 44.92 21.14
CA LEU B 264 -25.65 43.69 20.49
C LEU B 264 -24.52 43.03 21.25
N SER B 265 -24.62 41.69 21.39
CA SER B 265 -23.71 40.89 22.15
C SER B 265 -23.18 39.77 21.31
N SER B 266 -22.19 39.08 21.87
CA SER B 266 -21.45 38.09 21.12
C SER B 266 -20.97 36.99 22.10
N ALA B 267 -20.99 35.73 21.68
CA ALA B 267 -20.42 34.63 22.46
C ALA B 267 -19.48 33.86 21.52
N SER B 268 -18.28 33.57 21.99
CA SER B 268 -17.34 32.72 21.23
C SER B 268 -17.16 31.44 22.05
N LEU B 269 -17.60 30.31 21.53
CA LEU B 269 -17.72 29.08 22.29
C LEU B 269 -16.85 27.96 21.71
N ASN B 270 -16.52 27.01 22.54
CA ASN B 270 -15.89 25.77 22.11
C ASN B 270 -16.89 24.67 22.31
N ASP B 271 -16.42 23.43 22.23
CA ASP B 271 -17.32 22.27 22.31
C ASP B 271 -17.50 21.68 23.71
N LYS B 272 -16.90 22.35 24.72
CA LYS B 272 -16.97 21.87 26.14
C LYS B 272 -17.74 22.82 27.09
N GLY B 273 -18.57 23.70 26.55
CA GLY B 273 -19.34 24.65 27.37
C GLY B 273 -18.58 25.92 27.75
N PHE B 274 -17.31 26.04 27.40
CA PHE B 274 -16.53 27.25 27.69
C PHE B 274 -16.82 28.33 26.65
N GLY B 275 -16.98 29.58 27.09
CA GLY B 275 -17.20 30.69 26.18
C GLY B 275 -16.59 31.98 26.67
N LEU B 276 -16.39 32.89 25.74
CA LEU B 276 -15.99 34.29 26.01
C LEU B 276 -17.14 35.10 25.49
N TYR B 277 -17.71 35.89 26.39
CA TYR B 277 -18.97 36.60 26.17
C TYR B 277 -18.68 38.11 26.30
N GLU B 278 -19.04 38.87 25.28
CA GLU B 278 -18.69 40.29 25.19
C GLU B 278 -19.68 41.08 24.40
N PRO B 279 -19.77 42.40 24.65
CA PRO B 279 -20.52 43.26 23.69
C PRO B 279 -19.90 43.23 22.30
N ALA B 280 -20.74 43.33 21.27
CA ALA B 280 -20.32 43.36 19.89
C ALA B 280 -19.58 44.63 19.55
N GLY B 281 -20.03 45.74 20.12
CA GLY B 281 -19.44 47.04 19.86
C GLY B 281 -18.05 47.23 20.44
N GLY B 282 -17.43 48.35 20.16
CA GLY B 282 -16.03 48.51 20.52
C GLY B 282 -15.77 49.21 21.83
N SER B 283 -14.54 49.65 21.98
CA SER B 283 -14.29 50.73 22.91
C SER B 283 -15.04 51.99 22.54
N ALA B 284 -15.14 52.88 23.51
CA ALA B 284 -15.84 54.15 23.30
C ALA B 284 -15.06 55.17 24.12
N PRO B 285 -13.75 55.34 23.83
CA PRO B 285 -12.89 56.21 24.67
C PRO B 285 -13.42 57.62 24.89
N ASP B 286 -14.11 58.15 23.90
CA ASP B 286 -14.62 59.52 23.98
C ASP B 286 -15.78 59.72 24.95
N ILE B 287 -16.45 58.65 25.38
CA ILE B 287 -17.46 58.77 26.46
C ILE B 287 -17.08 58.03 27.75
N ALA B 288 -15.83 57.59 27.85
CA ALA B 288 -15.34 56.76 28.96
C ALA B 288 -15.37 57.43 30.32
N HIS B 289 -15.33 58.78 30.32
CA HIS B 289 -15.27 59.55 31.57
C HIS B 289 -16.64 59.96 32.01
N LEU B 290 -17.65 59.69 31.20
CA LEU B 290 -19.00 60.09 31.47
C LEU B 290 -19.69 58.84 32.06
N ASN B 291 -20.97 58.95 32.30
CA ASN B 291 -21.69 57.84 32.97
C ASN B 291 -22.91 57.56 32.10
N ILE B 292 -22.70 57.53 30.77
CA ILE B 292 -23.82 57.37 29.80
C ILE B 292 -23.78 56.09 28.92
N ALA B 293 -22.67 55.38 28.89
CA ALA B 293 -22.56 54.15 28.10
C ALA B 293 -23.71 53.17 28.35
N ASN B 294 -24.21 52.56 27.30
CA ASN B 294 -25.26 51.56 27.38
C ASN B 294 -24.72 50.27 27.97
N PRO B 295 -25.18 49.86 29.16
CA PRO B 295 -24.70 48.61 29.75
C PRO B 295 -25.46 47.37 29.28
N ILE B 296 -26.48 47.53 28.44
CA ILE B 296 -27.37 46.40 28.06
C ILE B 296 -26.63 45.30 27.28
N ALA B 297 -25.75 45.67 26.35
CA ALA B 297 -24.96 44.67 25.66
C ALA B 297 -24.14 43.79 26.62
N GLN B 298 -23.48 44.40 27.61
CA GLN B 298 -22.71 43.68 28.62
C GLN B 298 -23.63 42.79 29.43
N ILE B 299 -24.78 43.32 29.82
CA ILE B 299 -25.74 42.49 30.58
C ILE B 299 -26.28 41.30 29.78
N LEU B 300 -26.56 41.52 28.47
CA LEU B 300 -27.02 40.52 27.59
C LEU B 300 -25.92 39.47 27.31
N SER B 301 -24.66 39.89 27.27
CA SER B 301 -23.48 38.93 27.26
C SER B 301 -23.48 38.01 28.49
N ALA B 302 -23.77 38.58 29.66
CA ALA B 302 -23.86 37.80 30.91
C ALA B 302 -25.06 36.82 30.81
N ALA B 303 -26.17 37.23 30.19
CA ALA B 303 -27.27 36.29 29.93
C ALA B 303 -26.87 35.12 29.04
N LEU B 304 -26.20 35.46 27.93
CA LEU B 304 -25.73 34.43 27.02
C LEU B 304 -24.83 33.47 27.71
N MET B 305 -23.97 33.98 28.60
CA MET B 305 -23.06 33.09 29.42
C MET B 305 -23.86 32.15 30.33
N LEU B 306 -24.89 32.68 31.02
CA LEU B 306 -25.77 31.81 31.79
C LEU B 306 -26.40 30.67 30.93
N LYS B 307 -26.92 31.02 29.75
CA LYS B 307 -27.68 30.15 28.87
C LYS B 307 -26.71 29.06 28.32
N TYR B 308 -25.56 29.48 27.82
CA TYR B 308 -24.65 28.59 27.07
C TYR B 308 -23.51 27.96 27.80
N SER B 309 -22.93 28.63 28.81
CA SER B 309 -21.90 27.98 29.56
C SER B 309 -22.43 27.30 30.79
N PHE B 310 -23.45 27.88 31.45
CA PHE B 310 -23.93 27.34 32.73
C PHE B 310 -25.22 26.58 32.69
N LYS B 311 -25.87 26.58 31.54
CA LYS B 311 -27.17 25.90 31.35
C LYS B 311 -28.23 26.39 32.28
N GLU B 312 -28.17 27.68 32.58
CA GLU B 312 -29.17 28.30 33.48
C GLU B 312 -30.12 29.10 32.65
N GLU B 313 -30.96 28.39 31.91
CA GLU B 313 -31.75 28.96 30.88
C GLU B 313 -32.80 29.92 31.41
N GLN B 314 -33.40 29.58 32.55
CA GLN B 314 -34.46 30.44 33.06
C GLN B 314 -33.89 31.70 33.59
N ALA B 315 -32.74 31.61 34.26
CA ALA B 315 -32.04 32.80 34.75
C ALA B 315 -31.75 33.74 33.58
N ALA B 316 -31.17 33.22 32.51
CA ALA B 316 -30.96 33.98 31.25
C ALA B 316 -32.20 34.61 30.75
N GLN B 317 -33.28 33.83 30.72
CA GLN B 317 -34.54 34.33 30.20
C GLN B 317 -35.05 35.46 31.06
N ASP B 318 -34.87 35.36 32.38
CA ASP B 318 -35.38 36.40 33.30
C ASP B 318 -34.69 37.75 32.96
N ILE B 319 -33.38 37.67 32.72
CA ILE B 319 -32.58 38.88 32.43
C ILE B 319 -33.08 39.44 31.12
N GLU B 320 -33.22 38.59 30.11
CA GLU B 320 -33.70 39.08 28.82
C GLU B 320 -35.08 39.73 28.92
N ASN B 321 -35.98 39.08 29.67
CA ASN B 321 -37.35 39.65 29.81
C ASN B 321 -37.34 40.96 30.56
N ALA B 322 -36.43 41.11 31.52
CA ALA B 322 -36.27 42.37 32.26
C ALA B 322 -35.87 43.52 31.32
N ILE B 323 -34.87 43.27 30.46
CA ILE B 323 -34.45 44.24 29.45
C ILE B 323 -35.63 44.62 28.51
N SER B 324 -36.39 43.63 28.02
CA SER B 324 -37.54 43.84 27.17
C SER B 324 -38.54 44.75 27.87
N LEU B 325 -38.78 44.46 29.14
CA LEU B 325 -39.81 45.28 29.88
C LEU B 325 -39.33 46.68 30.14
N ALA B 326 -38.05 46.85 30.53
CA ALA B 326 -37.42 48.15 30.76
C ALA B 326 -37.56 49.00 29.50
N LEU B 327 -37.17 48.44 28.35
CA LEU B 327 -37.27 49.17 27.08
C LEU B 327 -38.75 49.51 26.75
N ALA B 328 -39.65 48.54 27.01
CA ALA B 328 -41.10 48.76 26.80
C ALA B 328 -41.65 49.88 27.69
N GLN B 329 -41.07 50.07 28.87
CA GLN B 329 -41.45 51.20 29.75
C GLN B 329 -40.79 52.53 29.36
N GLY B 330 -39.93 52.53 28.35
CA GLY B 330 -39.32 53.74 27.87
C GLY B 330 -38.02 54.03 28.59
N LYS B 331 -37.47 53.05 29.30
CA LYS B 331 -36.31 53.29 30.12
C LYS B 331 -35.07 52.93 29.29
N MET B 332 -34.30 53.92 28.92
CA MET B 332 -33.29 53.76 27.86
C MET B 332 -32.11 54.69 28.08
N THR B 333 -30.93 54.31 27.56
CA THR B 333 -29.76 55.13 27.64
C THR B 333 -29.73 56.12 26.45
N LYS B 334 -28.79 57.05 26.49
CA LYS B 334 -28.73 58.17 25.53
C LYS B 334 -28.60 57.76 24.09
N ASP B 335 -27.82 56.70 23.82
CA ASP B 335 -27.75 56.14 22.48
C ASP B 335 -29.10 55.68 21.88
N LEU B 336 -30.05 55.24 22.70
CA LEU B 336 -31.35 54.77 22.27
C LEU B 336 -32.47 55.85 22.31
N ASN B 337 -32.35 56.79 23.21
CA ASN B 337 -33.26 57.94 23.23
C ASN B 337 -32.52 59.18 23.75
N ALA B 338 -32.21 60.10 22.86
CA ALA B 338 -31.35 61.25 23.12
C ALA B 338 -32.05 62.29 23.95
N LYS B 339 -33.37 62.26 23.93
CA LYS B 339 -34.13 63.30 24.59
C LYS B 339 -34.46 62.97 26.03
N SER B 340 -34.70 61.70 26.32
CA SER B 340 -35.03 61.31 27.65
C SER B 340 -34.34 60.01 28.00
N TYR B 341 -33.29 60.07 28.82
CA TYR B 341 -32.49 58.85 29.06
C TYR B 341 -32.00 58.70 30.47
N LEU B 342 -31.52 57.48 30.77
CA LEU B 342 -30.93 57.11 32.05
C LEU B 342 -29.44 56.98 31.92
N ASN B 343 -28.72 57.32 32.97
CA ASN B 343 -27.25 57.10 33.02
C ASN B 343 -26.97 55.61 33.13
N THR B 344 -25.72 55.23 32.97
CA THR B 344 -25.38 53.79 33.03
C THR B 344 -25.83 53.04 34.26
N ASP B 345 -25.54 53.62 35.42
CA ASP B 345 -25.92 53.05 36.69
C ASP B 345 -27.44 53.09 36.91
N GLU B 346 -28.10 54.13 36.47
CA GLU B 346 -29.59 54.18 36.53
C GLU B 346 -30.26 53.12 35.66
N MET B 347 -29.66 52.84 34.51
CA MET B 347 -30.16 51.80 33.63
C MET B 347 -30.01 50.44 34.28
N GLY B 348 -28.83 50.17 34.86
CA GLY B 348 -28.58 48.93 35.61
C GLY B 348 -29.59 48.73 36.77
N ASP B 349 -29.82 49.79 37.50
CA ASP B 349 -30.77 49.79 38.63
C ASP B 349 -32.19 49.55 38.18
N CYS B 350 -32.59 50.13 37.05
CA CYS B 350 -33.90 49.91 36.41
C CYS B 350 -34.16 48.43 36.08
N ILE B 351 -33.17 47.81 35.46
CA ILE B 351 -33.22 46.40 35.21
C ILE B 351 -33.31 45.58 36.47
N LEU B 352 -32.47 45.91 37.46
CA LEU B 352 -32.49 45.21 38.74
C LEU B 352 -33.86 45.30 39.37
N GLU B 353 -34.43 46.49 39.38
CA GLU B 353 -35.75 46.66 40.01
C GLU B 353 -36.82 45.82 39.32
N ILE B 354 -36.81 45.73 37.99
CA ILE B 354 -37.73 44.91 37.23
C ILE B 354 -37.52 43.44 37.59
N LEU B 355 -36.27 42.97 37.66
CA LEU B 355 -36.01 41.63 38.15
C LEU B 355 -36.61 41.36 39.56
N LYS B 356 -36.44 42.30 40.50
CA LYS B 356 -37.01 42.18 41.86
C LYS B 356 -38.54 42.19 41.86
N GLU B 357 -39.14 43.04 41.01
CA GLU B 357 -40.62 43.19 40.85
C GLU B 357 -41.28 41.92 40.35
N ASN B 358 -40.52 41.11 39.62
CA ASN B 358 -41.00 39.88 39.03
C ASN B 358 -40.50 38.63 39.79
N ASP B 359 -39.99 38.84 41.00
CA ASP B 359 -39.43 37.76 41.80
C ASP B 359 -40.38 37.41 42.96
N ASN B 360 -41.46 36.72 42.63
CA ASN B 360 -42.55 36.48 43.60
C ASN B 360 -42.74 35.00 43.89
N THR C 6 22.13 -5.55 31.12
CA THR C 6 22.80 -4.23 30.84
C THR C 6 23.17 -4.15 29.36
N TYR C 7 22.80 -3.04 28.72
CA TYR C 7 23.06 -2.81 27.33
C TYR C 7 24.18 -1.80 27.30
N LYS C 8 25.32 -2.18 26.76
CA LYS C 8 26.46 -1.34 26.76
C LYS C 8 26.53 -0.53 25.47
N VAL C 9 26.64 0.80 25.61
CA VAL C 9 26.65 1.70 24.47
C VAL C 9 27.88 2.57 24.53
N ALA C 10 28.65 2.61 23.43
CA ALA C 10 29.71 3.59 23.27
C ALA C 10 29.12 4.88 22.62
N VAL C 11 29.11 5.95 23.39
CA VAL C 11 28.48 7.23 23.02
C VAL C 11 29.59 8.14 22.56
N LEU C 12 29.68 8.34 21.25
CA LEU C 12 30.70 9.14 20.61
C LEU C 12 30.11 10.38 19.97
N ALA C 13 29.93 11.45 20.76
CA ALA C 13 29.13 12.56 20.37
C ALA C 13 29.83 13.49 19.36
N GLY C 14 31.15 13.61 19.48
CA GLY C 14 31.93 14.25 18.47
C GLY C 14 32.06 15.79 18.61
N ASP C 15 31.84 16.50 17.53
CA ASP C 15 32.09 17.93 17.36
C ASP C 15 30.83 18.74 17.01
N GLY C 16 31.00 20.06 17.01
CA GLY C 16 29.89 20.99 16.68
C GLY C 16 28.65 20.69 17.52
N ILE C 17 27.54 20.44 16.85
CA ILE C 17 26.27 20.22 17.51
C ILE C 17 26.21 18.83 18.15
N GLY C 18 27.18 17.96 17.87
CA GLY C 18 27.05 16.60 18.36
C GLY C 18 26.78 16.44 19.85
N PRO C 19 27.63 17.04 20.71
CA PRO C 19 27.44 16.89 22.15
C PRO C 19 26.08 17.43 22.62
N LEU C 20 25.65 18.53 22.01
CA LEU C 20 24.39 19.24 22.40
C LEU C 20 23.17 18.35 22.12
N VAL C 21 23.11 17.76 20.90
CA VAL C 21 22.00 16.92 20.51
C VAL C 21 22.11 15.53 21.24
N MET C 22 23.34 15.04 21.46
CA MET C 22 23.52 13.79 22.24
C MET C 22 22.92 13.85 23.63
N LYS C 23 23.10 14.97 24.32
CA LYS C 23 22.47 15.16 25.60
C LYS C 23 20.99 14.78 25.56
N GLU C 24 20.29 15.17 24.49
CA GLU C 24 18.85 14.92 24.41
C GLU C 24 18.58 13.43 24.19
N ALA C 25 19.38 12.79 23.35
CA ALA C 25 19.18 11.37 23.12
C ALA C 25 19.39 10.62 24.43
N LEU C 26 20.42 10.98 25.19
CA LEU C 26 20.72 10.32 26.48
C LEU C 26 19.60 10.54 27.49
N LYS C 27 19.06 11.74 27.47
CA LYS C 27 17.88 12.03 28.28
C LYS C 27 16.72 11.06 27.98
N ILE C 28 16.47 10.78 26.71
CA ILE C 28 15.36 9.94 26.30
C ILE C 28 15.71 8.49 26.62
N LEU C 29 16.93 8.05 26.32
CA LEU C 29 17.27 6.71 26.66
C LEU C 29 17.18 6.41 28.19
N THR C 30 17.62 7.35 29.02
CA THR C 30 17.58 7.20 30.47
C THR C 30 16.14 6.96 30.90
N PHE C 31 15.20 7.72 30.36
CA PHE C 31 13.80 7.49 30.70
C PHE C 31 13.33 6.08 30.25
N ILE C 32 13.72 5.68 29.03
CA ILE C 32 13.33 4.41 28.42
C ILE C 32 13.83 3.22 29.24
N ALA C 33 15.07 3.29 29.72
CA ALA C 33 15.65 2.27 30.66
C ALA C 33 14.85 2.20 31.95
N GLN C 34 14.43 3.38 32.43
CA GLN C 34 13.59 3.40 33.63
C GLN C 34 12.26 2.72 33.41
N LYS C 35 11.57 3.10 32.34
CA LYS C 35 10.27 2.55 32.01
C LYS C 35 10.30 1.05 31.82
N TYR C 36 11.34 0.55 31.17
CA TYR C 36 11.35 -0.84 30.76
C TYR C 36 12.14 -1.72 31.70
N ASN C 37 12.72 -1.11 32.74
CA ASN C 37 13.43 -1.81 33.79
C ASN C 37 14.61 -2.62 33.25
N PHE C 38 15.42 -1.97 32.42
CA PHE C 38 16.70 -2.55 32.01
C PHE C 38 17.73 -1.50 32.30
N SER C 39 19.01 -1.82 32.20
CA SER C 39 20.03 -0.78 32.46
C SER C 39 20.88 -0.54 31.26
N PHE C 40 21.29 0.72 31.10
CA PHE C 40 22.30 1.13 30.12
C PHE C 40 23.59 1.35 30.83
N GLU C 41 24.69 0.98 30.21
CA GLU C 41 25.94 1.52 30.59
C GLU C 41 26.30 2.44 29.43
N LEU C 42 26.23 3.77 29.63
CA LEU C 42 26.39 4.75 28.60
C LEU C 42 27.75 5.39 28.65
N ASN C 43 28.87 4.82 28.11
CA ASN C 43 30.19 5.33 28.21
C ASN C 43 30.50 6.32 27.14
N GLU C 44 30.69 7.56 27.54
CA GLU C 44 30.95 8.63 26.60
C GLU C 44 32.43 8.67 26.38
N ALA C 45 32.83 8.87 25.14
CA ALA C 45 34.24 8.98 24.80
C ALA C 45 34.37 9.91 23.66
N LYS C 46 35.59 10.41 23.50
CA LYS C 46 35.89 11.38 22.47
C LYS C 46 36.09 10.74 21.11
N ILE C 47 35.66 11.47 20.09
CA ILE C 47 35.80 11.04 18.69
C ILE C 47 35.97 12.25 17.84
N GLY C 48 36.57 12.08 16.69
CA GLY C 48 36.63 13.17 15.75
C GLY C 48 37.55 14.29 16.24
N GLY C 49 37.19 15.54 15.94
CA GLY C 49 37.97 16.69 16.37
C GLY C 49 38.30 16.70 17.86
N ALA C 50 37.30 16.35 18.67
CA ALA C 50 37.44 16.32 20.10
C ALA C 50 38.57 15.40 20.49
N SER C 51 38.70 14.29 19.77
CA SER C 51 39.71 13.26 20.07
C SER C 51 41.06 13.71 19.57
N ILE C 52 41.11 14.43 18.49
CA ILE C 52 42.37 14.89 18.01
C ILE C 52 42.99 15.80 19.09
N ASP C 53 42.15 16.65 19.69
CA ASP C 53 42.56 17.57 20.76
C ASP C 53 43.03 16.90 22.04
N ALA C 54 42.32 15.88 22.49
CA ALA C 54 42.77 15.19 23.67
C ALA C 54 43.94 14.30 23.38
N TYR C 55 43.90 13.60 22.23
CA TYR C 55 44.74 12.42 22.10
C TYR C 55 45.56 12.40 20.83
N GLY C 56 45.43 13.42 19.99
CA GLY C 56 46.27 13.54 18.79
C GLY C 56 45.77 12.80 17.57
N VAL C 57 44.78 11.93 17.76
CA VAL C 57 44.20 11.12 16.69
C VAL C 57 42.67 11.17 16.79
N ALA C 58 41.99 11.00 15.66
CA ALA C 58 40.51 11.09 15.61
C ALA C 58 39.83 9.89 16.31
N LEU C 59 40.51 8.76 16.38
CA LEU C 59 40.01 7.54 17.02
C LEU C 59 41.13 6.90 17.81
N SER C 60 41.16 7.06 19.11
CA SER C 60 42.20 6.47 19.97
C SER C 60 42.06 4.97 20.23
N ASP C 61 43.13 4.33 20.67
CA ASP C 61 43.08 2.91 20.97
C ASP C 61 42.13 2.53 22.08
N GLU C 62 42.10 3.31 23.15
CA GLU C 62 41.16 3.02 24.21
C GLU C 62 39.72 3.22 23.75
N THR C 63 39.46 4.23 22.91
CA THR C 63 38.08 4.48 22.39
C THR C 63 37.68 3.29 21.49
N LEU C 64 38.59 2.83 20.66
CA LEU C 64 38.27 1.68 19.86
C LEU C 64 37.99 0.46 20.73
N LYS C 65 38.79 0.24 21.77
CA LYS C 65 38.59 -0.89 22.67
C LYS C 65 37.24 -0.79 23.36
N LEU C 66 36.87 0.42 23.69
CA LEU C 66 35.60 0.65 24.33
C LEU C 66 34.45 0.20 23.45
N CYS C 67 34.50 0.56 22.18
CA CYS C 67 33.55 0.14 21.17
C CYS C 67 33.48 -1.41 21.06
N GLU C 68 34.66 -2.05 21.04
CA GLU C 68 34.73 -3.52 21.00
C GLU C 68 34.06 -4.16 22.21
N GLN C 69 34.09 -3.48 23.36
CA GLN C 69 33.43 -3.98 24.56
C GLN C 69 31.98 -3.60 24.66
N SER C 70 31.47 -2.83 23.70
CA SER C 70 30.07 -2.37 23.75
C SER C 70 29.15 -3.24 22.88
N ASP C 71 27.87 -3.03 23.01
CA ASP C 71 26.91 -3.70 22.16
C ASP C 71 26.49 -2.87 20.92
N ALA C 72 26.77 -1.55 20.94
CA ALA C 72 26.47 -0.64 19.83
C ALA C 72 27.14 0.68 20.10
N ILE C 73 27.25 1.48 19.04
CA ILE C 73 27.86 2.82 19.04
C ILE C 73 26.76 3.80 18.67
N LEU C 74 26.57 4.74 19.57
CA LEU C 74 25.68 5.86 19.30
C LEU C 74 26.60 7.03 19.01
N PHE C 75 26.56 7.45 17.75
CA PHE C 75 27.48 8.40 17.19
C PHE C 75 26.75 9.74 16.93
N GLY C 76 27.40 10.84 17.24
CA GLY C 76 26.89 12.15 16.85
C GLY C 76 27.32 12.62 15.47
N SER C 77 28.15 13.64 15.45
CA SER C 77 28.63 14.19 14.19
C SER C 77 30.06 14.67 14.42
N VAL C 78 30.86 14.57 13.37
CA VAL C 78 32.25 14.95 13.50
C VAL C 78 32.64 15.92 12.41
N GLY C 79 33.64 16.73 12.71
CA GLY C 79 34.23 17.63 11.73
C GLY C 79 33.90 19.08 12.05
N GLY C 80 34.72 19.97 11.53
CA GLY C 80 34.53 21.41 11.70
C GLY C 80 35.71 22.15 11.07
N PRO C 81 35.59 23.49 10.96
CA PRO C 81 36.64 24.35 10.36
C PRO C 81 38.03 24.11 10.96
N LYS C 82 38.11 23.93 12.28
CA LYS C 82 39.41 23.78 12.97
C LYS C 82 40.30 22.67 12.39
N TRP C 83 39.70 21.61 11.83
CA TRP C 83 40.45 20.43 11.36
C TRP C 83 40.28 20.21 9.90
N ILE C 88 43.79 15.29 4.68
CA ILE C 88 42.60 14.55 4.21
C ILE C 88 42.33 13.22 4.96
N ASP C 89 43.30 12.29 4.93
CA ASP C 89 43.18 11.01 5.66
C ASP C 89 43.19 11.14 7.20
N GLN C 90 43.53 12.33 7.71
CA GLN C 90 43.55 12.54 9.15
C GLN C 90 42.35 13.36 9.68
N ARG C 91 41.51 13.85 8.75
CA ARG C 91 40.39 14.72 9.12
C ARG C 91 39.30 13.91 9.86
N PRO C 92 38.58 14.56 10.78
CA PRO C 92 37.69 13.86 11.71
C PRO C 92 36.79 12.78 11.11
N GLU C 93 36.09 13.09 10.02
CA GLU C 93 35.14 12.13 9.46
C GLU C 93 35.84 10.90 8.91
N ARG C 94 36.80 11.14 7.99
CA ARG C 94 37.52 10.07 7.29
C ARG C 94 38.22 9.16 8.29
N ALA C 95 38.82 9.77 9.32
CA ALA C 95 39.57 9.03 10.31
C ALA C 95 38.73 8.40 11.45
N SER C 96 37.43 8.66 11.53
CA SER C 96 36.61 8.01 12.57
C SER C 96 35.61 6.99 12.02
N LEU C 97 34.75 7.38 11.08
CA LEU C 97 33.62 6.49 10.65
C LEU C 97 34.09 5.34 9.79
N LEU C 98 35.00 5.64 8.87
CA LEU C 98 35.45 4.63 7.93
C LEU C 98 36.17 3.47 8.69
N PRO C 99 37.16 3.78 9.53
CA PRO C 99 37.77 2.68 10.32
C PRO C 99 36.79 1.92 11.21
N LEU C 100 35.80 2.62 11.75
CA LEU C 100 34.84 1.93 12.57
C LEU C 100 34.02 0.96 11.77
N ARG C 101 33.51 1.42 10.62
CA ARG C 101 32.74 0.54 9.72
C ARG C 101 33.57 -0.70 9.32
N LYS C 102 34.82 -0.48 8.99
CA LYS C 102 35.67 -1.60 8.67
C LYS C 102 35.90 -2.54 9.86
N HIS C 103 36.23 -1.97 11.03
CA HIS C 103 36.61 -2.79 12.18
C HIS C 103 35.54 -3.71 12.59
N PHE C 104 34.30 -3.23 12.49
CA PHE C 104 33.13 -3.96 12.92
C PHE C 104 32.28 -4.59 11.80
N ASN C 105 32.79 -4.55 10.57
CA ASN C 105 32.18 -5.22 9.42
C ASN C 105 30.78 -4.71 9.27
N LEU C 106 30.64 -3.38 9.28
CA LEU C 106 29.28 -2.81 9.17
C LEU C 106 28.91 -2.70 7.65
N PHE C 107 28.38 -3.81 7.12
CA PHE C 107 28.11 -3.94 5.69
C PHE C 107 26.75 -3.42 5.22
N ALA C 108 25.86 -3.09 6.16
CA ALA C 108 24.49 -2.78 5.83
C ALA C 108 24.16 -1.36 6.32
N ASN C 109 23.69 -0.53 5.44
CA ASN C 109 23.22 0.84 5.87
C ASN C 109 21.69 0.83 5.78
N LEU C 110 21.04 1.24 6.85
CA LEU C 110 19.60 1.35 6.90
C LEU C 110 19.32 2.89 7.08
N ARG C 111 18.52 3.45 6.21
CA ARG C 111 18.09 4.83 6.34
C ARG C 111 16.58 4.90 6.16
N PRO C 112 15.90 5.26 7.20
CA PRO C 112 14.44 5.38 7.09
C PRO C 112 14.06 6.68 6.43
N CYS C 113 12.96 6.62 5.68
CA CYS C 113 12.34 7.78 5.07
C CYS C 113 10.86 7.73 5.42
N LYS C 114 10.55 8.39 6.51
CA LYS C 114 9.18 8.55 6.99
C LYS C 114 8.81 10.03 6.97
N ILE C 115 7.70 10.33 6.31
CA ILE C 115 7.30 11.73 6.19
C ILE C 115 6.16 11.84 7.20
N TYR C 116 6.31 12.77 8.13
CA TYR C 116 5.30 12.98 9.19
C TYR C 116 4.17 13.82 8.61
N GLU C 117 2.92 13.47 8.97
CA GLU C 117 1.72 14.14 8.46
C GLU C 117 1.80 15.65 8.66
N SER C 118 2.34 16.08 9.79
CA SER C 118 2.49 17.49 10.13
C SER C 118 3.58 18.23 9.32
N LEU C 119 4.44 17.46 8.63
CA LEU C 119 5.53 18.06 7.84
C LEU C 119 5.42 17.76 6.33
N THR C 120 4.21 17.43 5.92
CA THR C 120 3.92 17.15 4.52
C THR C 120 4.19 18.37 3.66
N HIS C 121 3.97 19.55 4.22
CA HIS C 121 4.28 20.78 3.48
C HIS C 121 5.75 20.91 3.12
N ALA C 122 6.62 20.32 3.92
CA ALA C 122 8.05 20.41 3.68
C ALA C 122 8.59 19.44 2.61
N SER C 123 7.82 18.42 2.26
CA SER C 123 8.21 17.55 1.12
C SER C 123 8.06 18.33 -0.17
N PRO C 124 8.98 18.12 -1.09
CA PRO C 124 8.80 18.73 -2.39
C PRO C 124 7.74 18.03 -3.22
N LEU C 125 7.23 16.87 -2.76
CA LEU C 125 6.18 16.17 -3.53
C LEU C 125 4.82 16.81 -3.14
N LYS C 126 3.94 16.91 -4.11
CA LYS C 126 2.56 17.34 -3.79
C LYS C 126 1.95 16.47 -2.72
N ASN C 127 1.15 17.10 -1.90
CA ASN C 127 0.55 16.41 -0.77
C ASN C 127 -0.27 15.22 -1.22
N GLU C 128 -0.89 15.30 -2.40
CA GLU C 128 -1.74 14.17 -2.92
C GLU C 128 -0.88 12.95 -3.20
N ILE C 129 0.38 13.16 -3.59
CA ILE C 129 1.27 12.03 -3.94
C ILE C 129 1.63 11.18 -2.73
N ILE C 130 1.76 11.82 -1.59
CA ILE C 130 2.23 11.22 -0.40
C ILE C 130 1.17 10.98 0.67
N GLN C 131 -0.08 11.37 0.37
CA GLN C 131 -1.11 11.47 1.41
C GLN C 131 -1.41 10.16 2.07
N LYS C 132 -1.18 9.04 1.38
CA LYS C 132 -1.40 7.72 2.01
C LYS C 132 -0.42 7.34 3.09
N GLY C 133 0.74 7.99 3.15
CA GLY C 133 1.66 7.79 4.18
C GLY C 133 2.89 7.20 3.52
N VAL C 134 4.02 7.90 3.67
CA VAL C 134 5.33 7.43 3.20
C VAL C 134 6.12 6.96 4.46
N ASP C 135 6.56 5.69 4.41
CA ASP C 135 7.31 5.12 5.48
C ASP C 135 8.19 3.98 4.91
N ILE C 136 9.42 4.32 4.60
CA ILE C 136 10.24 3.50 3.69
C ILE C 136 11.53 3.27 4.44
N LEU C 137 12.18 2.11 4.17
CA LEU C 137 13.47 1.89 4.72
C LEU C 137 14.37 1.49 3.60
N CYS C 138 15.41 2.26 3.36
CA CYS C 138 16.37 1.94 2.30
C CYS C 138 17.49 1.09 2.93
N VAL C 139 17.77 -0.08 2.36
CA VAL C 139 18.77 -0.97 2.92
C VAL C 139 19.82 -1.16 1.84
N ARG C 140 21.01 -0.62 2.09
CA ARG C 140 22.01 -0.48 1.06
C ARG C 140 23.24 -1.31 1.46
N GLU C 141 23.67 -2.19 0.57
CA GLU C 141 24.92 -2.93 0.75
C GLU C 141 26.15 -1.98 0.66
N LEU C 142 27.13 -2.09 1.57
CA LEU C 142 28.23 -1.08 1.68
C LEU C 142 29.65 -1.63 1.33
N THR C 143 29.78 -2.92 1.09
CA THR C 143 31.12 -3.58 0.91
C THR C 143 31.46 -4.11 -0.44
N GLY C 144 30.46 -4.20 -1.31
CA GLY C 144 30.57 -4.80 -2.61
C GLY C 144 30.38 -3.82 -3.76
N GLY C 145 30.41 -4.41 -4.93
CA GLY C 145 30.17 -3.75 -6.18
C GLY C 145 31.23 -2.81 -6.68
N ILE C 146 30.74 -1.91 -7.54
CA ILE C 146 31.56 -1.04 -8.40
C ILE C 146 32.56 -0.14 -7.63
N TYR C 147 32.22 0.26 -6.41
CA TYR C 147 33.15 1.05 -5.62
C TYR C 147 34.42 0.28 -5.18
N PHE C 148 34.39 -1.04 -5.21
CA PHE C 148 35.52 -1.84 -4.75
C PHE C 148 36.09 -2.80 -5.76
N GLY C 149 35.43 -2.97 -6.91
CA GLY C 149 35.94 -3.91 -7.94
C GLY C 149 37.16 -3.38 -8.66
N LYS C 150 37.74 -4.23 -9.48
CA LYS C 150 38.92 -3.83 -10.22
C LYS C 150 38.60 -2.62 -11.11
N GLN C 151 39.50 -1.66 -11.11
CA GLN C 151 39.29 -0.48 -11.96
C GLN C 151 40.64 -0.05 -12.54
N ASP C 152 40.57 0.70 -13.65
CA ASP C 152 41.78 1.25 -14.26
C ASP C 152 41.50 2.52 -15.03
N LEU C 153 42.36 3.51 -14.85
CA LEU C 153 42.33 4.75 -15.57
C LEU C 153 43.50 4.76 -16.57
N GLY C 154 43.16 4.71 -17.86
CA GLY C 154 44.10 4.96 -18.95
C GLY C 154 43.86 6.32 -19.58
N LYS C 155 44.70 6.64 -20.57
CA LYS C 155 44.62 7.90 -21.30
C LYS C 155 43.45 7.90 -22.33
N GLU C 156 43.13 6.73 -22.87
CA GLU C 156 42.11 6.58 -23.93
C GLU C 156 40.88 5.72 -23.53
N SER C 157 40.94 5.07 -22.36
CA SER C 157 39.98 4.07 -21.90
C SER C 157 40.07 3.94 -20.38
N ALA C 158 38.96 3.58 -19.73
CA ALA C 158 38.89 3.45 -18.29
C ALA C 158 37.74 2.53 -17.98
N TYR C 159 37.87 1.77 -16.91
CA TYR C 159 36.79 0.92 -16.44
C TYR C 159 36.76 0.77 -14.91
N ASP C 160 35.59 0.26 -14.48
CA ASP C 160 35.25 -0.04 -13.12
C ASP C 160 34.41 -1.27 -13.19
N THR C 161 34.47 -2.08 -12.15
CA THR C 161 33.82 -3.37 -12.15
C THR C 161 32.81 -3.53 -11.05
N GLU C 162 31.58 -3.72 -11.46
CA GLU C 162 30.47 -4.04 -10.55
C GLU C 162 30.48 -5.54 -10.33
N ILE C 163 31.07 -5.92 -9.20
CA ILE C 163 31.24 -7.32 -8.85
C ILE C 163 30.67 -7.59 -7.50
N TYR C 164 29.88 -8.66 -7.46
CA TYR C 164 29.26 -9.12 -6.21
C TYR C 164 29.41 -10.63 -6.02
N THR C 165 29.56 -11.04 -4.77
CA THR C 165 29.53 -12.44 -4.36
C THR C 165 28.22 -12.83 -3.72
N LYS C 166 27.96 -14.14 -3.76
CA LYS C 166 26.78 -14.68 -3.08
C LYS C 166 26.82 -14.38 -1.57
N LYS C 167 28.00 -14.47 -0.95
CA LYS C 167 28.13 -14.16 0.48
C LYS C 167 27.66 -12.70 0.77
N GLU C 168 28.13 -11.79 -0.05
CA GLU C 168 27.78 -10.36 0.12
C GLU C 168 26.29 -10.15 -0.05
N ILE C 169 25.67 -10.86 -0.99
CA ILE C 169 24.22 -10.62 -1.31
C ILE C 169 23.43 -11.22 -0.18
N GLU C 170 23.80 -12.42 0.20
CA GLU C 170 23.01 -13.12 1.18
C GLU C 170 22.90 -12.37 2.53
N ARG C 171 24.02 -11.83 3.00
CA ARG C 171 24.06 -11.17 4.34
C ARG C 171 23.22 -9.86 4.36
N ILE C 172 23.28 -9.12 3.24
CA ILE C 172 22.44 -7.89 3.12
C ILE C 172 20.98 -8.24 2.92
N ALA C 173 20.68 -9.29 2.14
CA ALA C 173 19.30 -9.78 2.00
C ALA C 173 18.66 -10.14 3.34
N ARG C 174 19.41 -10.87 4.17
CA ARG C 174 18.90 -11.27 5.51
C ARG C 174 18.55 -10.05 6.38
N ILE C 175 19.41 -9.04 6.35
CA ILE C 175 19.13 -7.79 7.03
C ILE C 175 17.81 -7.20 6.57
N ALA C 176 17.65 -7.09 5.23
CA ALA C 176 16.45 -6.53 4.63
C ALA C 176 15.17 -7.30 5.02
N PHE C 177 15.23 -8.62 4.96
CA PHE C 177 14.05 -9.42 5.32
C PHE C 177 13.67 -9.33 6.82
N GLU C 178 14.67 -9.32 7.68
CA GLU C 178 14.50 -9.16 9.12
C GLU C 178 13.83 -7.78 9.40
N SER C 179 14.24 -6.75 8.71
CA SER C 179 13.58 -5.43 8.86
C SER C 179 12.14 -5.46 8.42
N ALA C 180 11.88 -6.09 7.24
CA ALA C 180 10.56 -6.17 6.65
C ALA C 180 9.66 -6.86 7.63
N ARG C 181 10.19 -7.92 8.26
CA ARG C 181 9.40 -8.69 9.23
C ARG C 181 8.79 -7.84 10.32
N ILE C 182 9.48 -6.81 10.76
CA ILE C 182 8.98 -5.93 11.84
C ILE C 182 8.45 -4.61 11.35
N ARG C 183 8.44 -4.41 10.04
CA ARG C 183 7.81 -3.21 9.45
C ARG C 183 6.46 -3.50 8.80
N LYS C 184 6.36 -3.58 7.47
CA LYS C 184 5.11 -3.85 6.74
C LYS C 184 5.19 -5.10 5.85
N LYS C 185 6.19 -5.91 6.10
CA LYS C 185 6.31 -7.20 5.44
C LYS C 185 6.37 -7.15 3.95
N LYS C 186 7.12 -6.16 3.42
CA LYS C 186 7.38 -6.12 1.98
C LYS C 186 8.82 -5.66 1.70
N VAL C 187 9.50 -6.39 0.81
CA VAL C 187 10.86 -6.06 0.29
C VAL C 187 10.74 -5.86 -1.20
N HIS C 188 11.18 -4.69 -1.71
CA HIS C 188 11.45 -4.51 -3.12
C HIS C 188 12.95 -4.68 -3.31
N LEU C 189 13.36 -5.67 -4.11
CA LEU C 189 14.79 -5.77 -4.61
C LEU C 189 14.91 -4.86 -5.82
N ILE C 190 15.74 -3.84 -5.70
CA ILE C 190 16.05 -2.90 -6.70
C ILE C 190 17.34 -3.33 -7.44
N ASP C 191 17.19 -3.54 -8.74
CA ASP C 191 18.33 -4.00 -9.58
C ASP C 191 18.24 -3.52 -11.03
N LYS C 192 19.05 -4.11 -11.91
CA LYS C 192 18.94 -3.95 -13.36
C LYS C 192 19.18 -5.35 -14.03
N ALA C 193 18.34 -6.32 -13.63
CA ALA C 193 18.43 -7.73 -14.07
C ALA C 193 18.14 -7.95 -15.55
N ASN C 194 17.54 -6.99 -16.24
CA ASN C 194 17.34 -7.12 -17.68
C ASN C 194 18.63 -6.94 -18.46
N VAL C 195 19.68 -6.39 -17.84
CA VAL C 195 20.98 -6.28 -18.50
C VAL C 195 22.21 -6.73 -17.68
N LEU C 196 22.16 -6.64 -16.36
CA LEU C 196 23.38 -6.88 -15.58
C LEU C 196 23.44 -8.29 -15.04
N ALA C 197 24.58 -8.98 -15.32
CA ALA C 197 24.80 -10.32 -14.79
C ALA C 197 24.83 -10.34 -13.24
N SER C 198 25.42 -9.33 -12.61
CA SER C 198 25.43 -9.19 -11.19
C SER C 198 23.98 -9.04 -10.63
N SER C 199 23.12 -8.33 -11.33
CA SER C 199 21.70 -8.22 -10.89
C SER C 199 20.98 -9.55 -11.01
N ILE C 200 21.34 -10.33 -12.02
CA ILE C 200 20.75 -11.70 -12.17
C ILE C 200 21.12 -12.54 -10.93
N LEU C 201 22.38 -12.46 -10.51
CA LEU C 201 22.83 -13.15 -9.28
C LEU C 201 22.03 -12.65 -8.06
N TRP C 202 21.87 -11.32 -7.94
CA TRP C 202 21.08 -10.79 -6.87
C TRP C 202 19.76 -11.46 -6.81
N ARG C 203 19.04 -11.54 -7.90
CA ARG C 203 17.70 -12.08 -7.88
C ARG C 203 17.72 -13.55 -7.46
N GLU C 204 18.74 -14.29 -7.91
CA GLU C 204 18.81 -15.70 -7.56
C GLU C 204 19.04 -15.92 -6.08
N VAL C 205 20.01 -15.20 -5.53
CA VAL C 205 20.35 -15.29 -4.13
C VAL C 205 19.21 -14.79 -3.25
N VAL C 206 18.65 -13.63 -3.59
CA VAL C 206 17.54 -13.10 -2.78
C VAL C 206 16.29 -13.96 -2.79
N ALA C 207 15.92 -14.49 -3.96
CA ALA C 207 14.75 -15.39 -4.04
C ALA C 207 14.98 -16.65 -3.16
N ASN C 208 16.22 -17.11 -3.10
CA ASN C 208 16.56 -18.24 -2.20
C ASN C 208 16.50 -17.86 -0.70
N VAL C 209 17.00 -16.68 -0.36
CA VAL C 209 16.93 -16.21 1.03
C VAL C 209 15.47 -16.05 1.43
N ALA C 210 14.65 -15.62 0.51
CA ALA C 210 13.23 -15.33 0.79
C ALA C 210 12.47 -16.58 1.24
N LYS C 211 13.00 -17.76 0.92
CA LYS C 211 12.30 -19.01 1.33
C LYS C 211 12.18 -19.14 2.85
N ASP C 212 13.12 -18.55 3.56
CA ASP C 212 13.14 -18.47 5.02
C ASP C 212 12.19 -17.37 5.57
N TYR C 213 11.54 -16.64 4.68
CA TYR C 213 10.72 -15.48 5.08
C TYR C 213 9.46 -15.48 4.27
N GLN C 214 8.71 -16.55 4.43
CA GLN C 214 7.52 -16.77 3.67
C GLN C 214 6.41 -15.79 4.05
N ASP C 215 6.55 -15.12 5.18
CA ASP C 215 5.60 -14.07 5.64
C ASP C 215 5.84 -12.73 4.89
N ILE C 216 6.95 -12.62 4.17
CA ILE C 216 7.30 -11.34 3.52
C ILE C 216 7.02 -11.40 2.02
N ASN C 217 6.39 -10.34 1.51
CA ASN C 217 6.15 -10.16 0.08
C ASN C 217 7.41 -9.61 -0.60
N LEU C 218 8.02 -10.40 -1.47
CA LEU C 218 9.17 -9.97 -2.24
C LEU C 218 8.74 -9.54 -3.66
N GLU C 219 9.10 -8.33 -4.03
CA GLU C 219 8.88 -7.81 -5.38
C GLU C 219 10.23 -7.29 -5.95
N TYR C 220 10.30 -7.26 -7.27
CA TYR C 220 11.52 -6.84 -7.95
C TYR C 220 11.20 -5.62 -8.75
N MET C 221 12.12 -4.68 -8.80
CA MET C 221 11.93 -3.47 -9.55
C MET C 221 13.25 -2.99 -10.09
N TYR C 222 13.28 -2.56 -11.35
CA TYR C 222 14.48 -1.98 -11.95
C TYR C 222 14.77 -0.61 -11.31
N VAL C 223 16.04 -0.28 -11.20
CA VAL C 223 16.47 0.98 -10.55
C VAL C 223 15.86 2.21 -11.21
N ASP C 224 15.70 2.19 -12.52
CA ASP C 224 15.18 3.33 -13.24
C ASP C 224 13.65 3.53 -12.91
N ASN C 225 12.92 2.45 -12.85
CA ASN C 225 11.51 2.50 -12.46
C ASN C 225 11.41 2.91 -11.00
N ALA C 226 12.32 2.44 -10.16
CA ALA C 226 12.33 2.86 -8.76
C ALA C 226 12.55 4.38 -8.64
N ALA C 227 13.47 4.95 -9.44
CA ALA C 227 13.71 6.40 -9.42
C ALA C 227 12.41 7.13 -9.77
N MET C 228 11.61 6.56 -10.67
CA MET C 228 10.27 7.18 -11.04
C MET C 228 9.28 7.07 -9.92
N GLN C 229 9.11 5.85 -9.43
CA GLN C 229 8.14 5.57 -8.37
C GLN C 229 8.35 6.27 -7.03
N ILE C 230 9.61 6.59 -6.67
CA ILE C 230 9.89 7.36 -5.48
C ILE C 230 9.25 8.74 -5.64
N VAL C 231 9.22 9.24 -6.85
CA VAL C 231 8.57 10.55 -7.08
C VAL C 231 7.06 10.43 -7.28
N LYS C 232 6.60 9.42 -8.02
CA LYS C 232 5.18 9.32 -8.45
C LYS C 232 4.27 8.66 -7.47
N ASN C 233 4.78 7.67 -6.76
CA ASN C 233 3.96 6.84 -5.91
C ASN C 233 4.77 6.17 -4.80
N PRO C 234 5.44 6.96 -3.94
CA PRO C 234 6.37 6.36 -2.94
C PRO C 234 5.67 5.61 -1.81
N SER C 235 4.38 5.84 -1.56
CA SER C 235 3.72 5.15 -0.43
C SER C 235 3.62 3.64 -0.61
N ILE C 236 3.86 3.14 -1.81
CA ILE C 236 3.88 1.68 -1.98
C ILE C 236 5.08 0.97 -1.31
N PHE C 237 6.19 1.68 -1.09
CA PHE C 237 7.38 1.00 -0.60
C PHE C 237 7.40 0.76 0.90
N ASP C 238 7.96 -0.41 1.31
CA ASP C 238 8.33 -0.66 2.67
C ASP C 238 9.85 -0.74 2.76
N VAL C 239 10.39 -1.94 2.61
CA VAL C 239 11.83 -2.08 2.62
C VAL C 239 12.34 -2.07 1.19
N MET C 240 13.37 -1.27 0.89
CA MET C 240 13.93 -1.20 -0.46
C MET C 240 15.35 -1.76 -0.33
N LEU C 241 15.56 -2.94 -0.89
CA LEU C 241 16.90 -3.57 -0.84
C LEU C 241 17.72 -3.18 -2.11
N CYS C 242 18.92 -2.64 -1.93
CA CYS C 242 19.69 -2.02 -3.02
C CYS C 242 21.16 -2.45 -2.95
N SER C 243 21.76 -2.61 -4.10
CA SER C 243 23.21 -2.68 -4.18
C SER C 243 23.84 -1.38 -3.70
N ASN C 244 25.16 -1.37 -3.62
CA ASN C 244 25.85 -0.23 -3.11
C ASN C 244 25.61 1.02 -3.97
N LEU C 245 25.78 0.87 -5.28
CA LEU C 245 25.66 2.02 -6.21
C LEU C 245 24.19 2.51 -6.23
N PHE C 246 23.32 1.57 -6.46
CA PHE C 246 21.90 1.92 -6.58
C PHE C 246 21.33 2.49 -5.27
N GLY C 247 21.71 1.93 -4.13
CA GLY C 247 21.35 2.46 -2.79
C GLY C 247 21.89 3.88 -2.55
N ASP C 248 23.10 4.15 -3.04
CA ASP C 248 23.73 5.43 -2.87
C ASP C 248 22.88 6.48 -3.58
N ILE C 249 22.40 6.19 -4.79
CA ILE C 249 21.55 7.10 -5.57
C ILE C 249 20.15 7.21 -4.93
N LEU C 250 19.49 6.06 -4.72
CA LEU C 250 18.06 6.11 -4.22
C LEU C 250 17.94 6.66 -2.78
N SER C 251 18.94 6.45 -1.92
CA SER C 251 18.88 6.95 -0.56
C SER C 251 18.88 8.51 -0.58
N ASP C 252 19.61 9.11 -1.54
CA ASP C 252 19.56 10.56 -1.69
C ASP C 252 18.27 11.06 -2.24
N GLU C 253 17.72 10.32 -3.20
CA GLU C 253 16.40 10.64 -3.77
C GLU C 253 15.33 10.58 -2.65
N LEU C 254 15.41 9.55 -1.83
CA LEU C 254 14.49 9.43 -0.67
C LEU C 254 14.64 10.59 0.35
N ALA C 255 15.90 10.96 0.64
CA ALA C 255 16.16 12.19 1.44
C ALA C 255 15.47 13.41 0.82
N ALA C 256 15.55 13.56 -0.49
CA ALA C 256 14.99 14.68 -1.18
C ALA C 256 13.49 14.72 -1.01
N ILE C 257 12.83 13.55 -1.23
CA ILE C 257 11.35 13.56 -1.15
C ILE C 257 10.88 13.78 0.28
N ASN C 258 11.75 13.40 1.24
CA ASN C 258 11.38 13.56 2.62
C ASN C 258 11.13 15.04 2.97
N GLY C 259 12.10 15.88 2.65
CA GLY C 259 12.01 17.28 2.94
C GLY C 259 12.54 17.85 4.23
N SER C 260 12.72 17.00 5.24
CA SER C 260 13.10 17.45 6.59
C SER C 260 14.41 16.75 7.01
N LEU C 261 15.53 17.27 6.53
CA LEU C 261 16.84 16.65 6.74
C LEU C 261 17.18 16.43 8.18
N GLY C 262 16.80 17.38 9.03
CA GLY C 262 17.12 17.31 10.43
C GLY C 262 16.47 16.14 11.13
N LEU C 263 15.54 15.44 10.50
CA LEU C 263 14.89 14.30 11.15
C LEU C 263 15.47 12.96 10.68
N LEU C 264 16.47 12.99 9.81
CA LEU C 264 16.89 11.75 9.14
C LEU C 264 18.05 11.09 9.88
N SER C 265 17.92 9.77 10.06
CA SER C 265 18.85 8.94 10.81
C SER C 265 19.38 7.82 9.95
N SER C 266 20.39 7.16 10.46
CA SER C 266 21.15 6.18 9.73
C SER C 266 21.64 5.11 10.69
N ALA C 267 21.62 3.84 10.27
CA ALA C 267 22.21 2.75 11.06
C ALA C 267 23.14 1.98 10.15
N SER C 268 24.32 1.66 10.62
CA SER C 268 25.23 0.78 9.86
C SER C 268 25.41 -0.48 10.71
N LEU C 269 24.99 -1.63 10.20
CA LEU C 269 24.86 -2.84 10.95
C LEU C 269 25.80 -3.93 10.39
N ASN C 270 26.16 -4.87 11.26
CA ASN C 270 26.72 -6.15 10.82
C ASN C 270 25.70 -7.23 11.09
N ASP C 271 26.15 -8.49 11.04
CA ASP C 271 25.23 -9.64 11.08
C ASP C 271 25.07 -10.20 12.46
N LYS C 272 25.68 -9.56 13.45
CA LYS C 272 25.65 -10.02 14.84
C LYS C 272 24.91 -9.05 15.80
N GLY C 273 24.09 -8.15 15.27
CA GLY C 273 23.35 -7.20 16.12
C GLY C 273 24.13 -5.95 16.52
N PHE C 274 25.39 -5.80 16.09
CA PHE C 274 26.16 -4.60 16.38
C PHE C 274 25.89 -3.53 15.32
N GLY C 275 25.76 -2.30 15.75
CA GLY C 275 25.49 -1.20 14.83
C GLY C 275 26.06 0.11 15.32
N LEU C 276 26.24 1.01 14.37
CA LEU C 276 26.63 2.39 14.59
C LEU C 276 25.44 3.22 14.08
N TYR C 277 24.91 4.01 14.97
CA TYR C 277 23.67 4.73 14.78
C TYR C 277 24.01 6.23 14.86
N GLU C 278 23.58 6.98 13.85
CA GLU C 278 23.90 8.41 13.75
C GLU C 278 22.87 9.17 12.99
N PRO C 279 22.78 10.49 13.20
CA PRO C 279 22.06 11.31 12.24
C PRO C 279 22.66 11.31 10.87
N ALA C 280 21.80 11.40 9.85
CA ALA C 280 22.25 11.48 8.46
C ALA C 280 22.99 12.80 8.16
N GLY C 281 22.53 13.90 8.75
CA GLY C 281 23.13 15.24 8.53
C GLY C 281 24.53 15.46 9.12
N GLY C 282 25.13 16.63 8.91
CA GLY C 282 26.50 16.93 9.42
C GLY C 282 26.60 17.60 10.79
N SER C 283 27.79 18.12 11.14
CA SER C 283 28.02 18.71 12.47
C SER C 283 27.60 20.22 12.66
N ALA C 284 27.10 20.87 11.60
CA ALA C 284 26.56 22.26 11.64
C ALA C 284 27.33 23.25 12.50
N PRO C 285 28.63 23.42 12.22
CA PRO C 285 29.51 24.16 13.16
C PRO C 285 29.05 25.60 13.40
N ASP C 286 28.42 26.19 12.40
CA ASP C 286 27.96 27.58 12.51
C ASP C 286 26.82 27.81 13.49
N ILE C 287 26.10 26.75 13.88
CA ILE C 287 25.05 26.93 14.94
C ILE C 287 25.40 26.17 16.23
N ALA C 288 26.63 25.67 16.33
CA ALA C 288 27.09 24.87 17.46
C ALA C 288 27.02 25.54 18.81
N HIS C 289 27.12 26.87 18.83
CA HIS C 289 27.22 27.66 20.08
C HIS C 289 25.87 28.09 20.51
N LEU C 290 24.85 27.82 19.70
CA LEU C 290 23.51 28.23 19.97
C LEU C 290 22.81 27.00 20.60
N ASN C 291 21.54 27.10 20.85
CA ASN C 291 20.84 26.03 21.49
C ASN C 291 19.62 25.74 20.60
N ILE C 292 19.84 25.69 19.27
CA ILE C 292 18.70 25.51 18.32
C ILE C 292 18.72 24.25 17.43
N ALA C 293 19.83 23.53 17.40
CA ALA C 293 19.95 22.31 16.61
C ALA C 293 18.82 21.30 16.90
N ASN C 294 18.30 20.68 15.85
CA ASN C 294 17.25 19.69 15.93
C ASN C 294 17.81 18.41 16.52
N PRO C 295 17.39 18.04 17.76
CA PRO C 295 17.90 16.77 18.32
C PRO C 295 17.15 15.49 17.84
N ILE C 296 16.13 15.65 16.98
CA ILE C 296 15.24 14.50 16.69
C ILE C 296 15.97 13.39 15.91
N ALA C 297 16.85 13.75 14.99
CA ALA C 297 17.66 12.75 14.23
C ALA C 297 18.46 11.88 15.18
N GLN C 298 19.13 12.50 16.16
CA GLN C 298 19.90 11.82 17.19
C GLN C 298 19.01 10.92 18.10
N ILE C 299 17.84 11.41 18.44
CA ILE C 299 16.87 10.57 19.22
C ILE C 299 16.33 9.39 18.42
N LEU C 300 16.01 9.61 17.12
CA LEU C 300 15.62 8.59 16.25
C LEU C 300 16.76 7.57 15.99
N SER C 301 18.02 8.01 15.92
CA SER C 301 19.19 7.04 15.90
C SER C 301 19.23 6.13 17.15
N ALA C 302 18.96 6.71 18.31
CA ALA C 302 18.84 5.97 19.57
C ALA C 302 17.68 4.97 19.49
N ALA C 303 16.55 5.36 18.88
CA ALA C 303 15.46 4.41 18.67
C ALA C 303 15.85 3.25 17.76
N LEU C 304 16.51 3.58 16.66
CA LEU C 304 16.99 2.53 15.73
C LEU C 304 17.91 1.58 16.42
N MET C 305 18.77 2.08 17.31
CA MET C 305 19.66 1.25 18.12
C MET C 305 18.88 0.29 19.02
N LEU C 306 17.87 0.79 19.70
CA LEU C 306 16.99 -0.07 20.47
C LEU C 306 16.38 -1.23 19.63
N LYS C 307 15.84 -0.89 18.44
CA LYS C 307 15.08 -1.76 17.58
C LYS C 307 16.05 -2.84 17.04
N TYR C 308 17.17 -2.40 16.54
CA TYR C 308 18.12 -3.30 15.76
C TYR C 308 19.28 -3.90 16.51
N SER C 309 19.84 -3.24 17.51
CA SER C 309 20.87 -3.84 18.29
C SER C 309 20.34 -4.52 19.54
N PHE C 310 19.32 -3.97 20.19
CA PHE C 310 18.91 -4.48 21.49
C PHE C 310 17.59 -5.27 21.49
N LYS C 311 16.94 -5.29 20.34
CA LYS C 311 15.65 -5.98 20.14
C LYS C 311 14.56 -5.47 21.07
N GLU C 312 14.59 -4.17 21.36
CA GLU C 312 13.64 -3.58 22.28
C GLU C 312 12.69 -2.81 21.45
N GLU C 313 11.87 -3.56 20.70
CA GLU C 313 11.05 -3.01 19.66
C GLU C 313 10.00 -2.06 20.22
N GLN C 314 9.43 -2.42 21.38
CA GLN C 314 8.37 -1.55 21.90
C GLN C 314 8.93 -0.22 22.44
N ALA C 315 10.09 -0.29 23.09
CA ALA C 315 10.80 0.89 23.57
C ALA C 315 11.07 1.83 22.41
N ALA C 316 11.60 1.30 21.31
CA ALA C 316 11.80 2.06 20.03
C ALA C 316 10.55 2.67 19.50
N GLN C 317 9.48 1.85 19.49
CA GLN C 317 8.20 2.37 19.00
C GLN C 317 7.68 3.49 19.84
N ASP C 318 7.88 3.41 21.16
CA ASP C 318 7.34 4.46 22.07
C ASP C 318 8.03 5.82 21.72
N ILE C 319 9.33 5.75 21.47
CA ILE C 319 10.14 6.94 21.15
C ILE C 319 9.60 7.50 19.85
N GLU C 320 9.42 6.64 18.85
CA GLU C 320 8.94 7.10 17.56
C GLU C 320 7.56 7.72 17.65
N ASN C 321 6.66 7.10 18.42
CA ASN C 321 5.33 7.66 18.61
C ASN C 321 5.34 8.99 19.34
N ALA C 322 6.24 9.14 20.31
CA ALA C 322 6.39 10.40 21.01
C ALA C 322 6.77 11.54 20.07
N ILE C 323 7.72 11.27 19.17
CA ILE C 323 8.11 12.27 18.17
C ILE C 323 6.96 12.64 17.24
N SER C 324 6.21 11.62 16.79
CA SER C 324 5.04 11.82 15.92
C SER C 324 4.04 12.71 16.63
N LEU C 325 3.82 12.43 17.92
CA LEU C 325 2.83 13.22 18.69
C LEU C 325 3.30 14.66 18.90
N ALA C 326 4.55 14.85 19.26
CA ALA C 326 5.13 16.19 19.47
C ALA C 326 4.99 17.02 18.22
N LEU C 327 5.38 16.45 17.08
CA LEU C 327 5.27 17.15 15.80
C LEU C 327 3.78 17.48 15.53
N ALA C 328 2.90 16.51 15.76
CA ALA C 328 1.43 16.71 15.53
C ALA C 328 0.86 17.81 16.43
N GLN C 329 1.46 18.00 17.61
CA GLN C 329 1.10 19.14 18.47
C GLN C 329 1.75 20.47 18.09
N GLY C 330 2.60 20.48 17.07
CA GLY C 330 3.21 21.70 16.58
C GLY C 330 4.47 22.02 17.33
N LYS C 331 5.04 21.03 18.03
CA LYS C 331 6.21 21.30 18.82
C LYS C 331 7.44 20.95 18.00
N MET C 332 8.21 21.93 17.61
CA MET C 332 9.21 21.78 16.52
C MET C 332 10.38 22.70 16.76
N THR C 333 11.56 22.34 16.21
CA THR C 333 12.73 23.22 16.28
C THR C 333 12.76 24.19 15.07
N LYS C 334 13.67 25.16 15.12
CA LYS C 334 13.70 26.28 14.18
C LYS C 334 13.82 25.86 12.72
N ASP C 335 14.60 24.80 12.43
CA ASP C 335 14.66 24.25 11.08
C ASP C 335 13.32 23.77 10.51
N LEU C 336 12.41 23.32 11.36
CA LEU C 336 11.09 22.83 10.94
C LEU C 336 10.00 23.91 10.96
N ASN C 337 10.13 24.86 11.89
CA ASN C 337 9.17 26.01 11.93
C ASN C 337 9.88 27.25 12.44
N ALA C 338 10.20 28.17 11.52
CA ALA C 338 11.04 29.31 11.80
C ALA C 338 10.33 30.36 12.63
N LYS C 339 9.01 30.33 12.62
CA LYS C 339 8.23 31.36 13.28
C LYS C 339 7.91 31.02 14.74
N SER C 340 7.71 29.75 15.05
CA SER C 340 7.41 29.35 16.39
C SER C 340 8.11 28.04 16.74
N TYR C 341 9.17 28.11 17.53
CA TYR C 341 9.99 26.91 17.75
C TYR C 341 10.52 26.79 19.13
N LEU C 342 10.97 25.56 19.45
CA LEU C 342 11.55 25.21 20.71
C LEU C 342 13.07 25.12 20.54
N ASN C 343 13.82 25.43 21.60
CA ASN C 343 15.28 25.22 21.62
C ASN C 343 15.58 23.75 21.79
N THR C 344 16.84 23.38 21.60
CA THR C 344 17.18 21.96 21.61
C THR C 344 16.75 21.20 22.86
N ASP C 345 17.10 21.77 24.01
CA ASP C 345 16.75 21.18 25.30
C ASP C 345 15.23 21.19 25.52
N GLU C 346 14.56 22.24 25.07
CA GLU C 346 13.06 22.29 25.16
C GLU C 346 12.38 21.19 24.31
N MET C 347 12.97 20.93 23.15
CA MET C 347 12.46 19.90 22.27
C MET C 347 12.65 18.52 22.94
N GLY C 348 13.84 18.28 23.50
CA GLY C 348 14.08 17.05 24.27
C GLY C 348 13.07 16.86 25.40
N ASP C 349 12.83 17.93 26.12
CA ASP C 349 11.93 17.89 27.25
C ASP C 349 10.52 17.63 26.83
N CYS C 350 10.10 18.19 25.68
CA CYS C 350 8.80 17.99 25.10
C CYS C 350 8.56 16.50 24.80
N ILE C 351 9.54 15.88 24.18
CA ILE C 351 9.45 14.46 23.87
C ILE C 351 9.38 13.67 25.15
N LEU C 352 10.22 14.01 26.13
CA LEU C 352 10.23 13.32 27.40
C LEU C 352 8.85 13.41 28.11
N GLU C 353 8.27 14.59 28.13
CA GLU C 353 6.96 14.81 28.75
C GLU C 353 5.85 13.97 28.06
N ILE C 354 5.86 13.89 26.72
CA ILE C 354 4.94 13.02 26.01
C ILE C 354 5.17 11.53 26.36
N LEU C 355 6.43 11.09 26.40
CA LEU C 355 6.70 9.72 26.88
C LEU C 355 6.13 9.45 28.28
N LYS C 356 6.31 10.39 29.22
CA LYS C 356 5.74 10.25 30.59
C LYS C 356 4.21 10.25 30.61
N GLU C 357 3.62 11.13 29.78
CA GLU C 357 2.13 11.24 29.61
C GLU C 357 1.48 9.96 29.11
N ASN C 358 2.26 9.17 28.37
CA ASN C 358 1.77 7.92 27.77
C ASN C 358 2.30 6.69 28.54
N ASP C 359 2.83 6.91 29.73
CA ASP C 359 3.37 5.83 30.56
C ASP C 359 2.40 5.51 31.71
N ASN C 360 1.29 4.87 31.37
CA ASN C 360 0.15 4.69 32.32
C ASN C 360 -0.24 3.23 32.54
N LYS D 5 16.25 24.07 -50.91
CA LYS D 5 16.40 22.97 -49.93
C LYS D 5 15.19 21.93 -49.93
N THR D 6 15.52 20.64 -50.16
CA THR D 6 14.60 19.52 -49.97
C THR D 6 15.13 18.61 -48.86
N TYR D 7 14.29 18.39 -47.84
CA TYR D 7 14.65 17.59 -46.67
C TYR D 7 13.91 16.25 -46.83
N LYS D 8 14.65 15.15 -46.92
CA LYS D 8 14.07 13.88 -47.13
C LYS D 8 13.91 13.13 -45.80
N VAL D 9 12.70 12.69 -45.55
CA VAL D 9 12.37 12.11 -44.30
C VAL D 9 11.72 10.78 -44.50
N ALA D 10 12.24 9.77 -43.82
CA ALA D 10 11.60 8.48 -43.72
C ALA D 10 10.60 8.51 -42.58
N VAL D 11 9.31 8.34 -42.93
CA VAL D 11 8.21 8.42 -42.00
C VAL D 11 7.73 7.00 -41.71
N LEU D 12 8.04 6.53 -40.50
CA LEU D 12 7.77 5.15 -40.05
C LEU D 12 6.77 5.23 -38.91
N ALA D 13 5.47 5.32 -39.24
CA ALA D 13 4.43 5.62 -38.25
C ALA D 13 4.11 4.44 -37.32
N GLY D 14 4.22 3.20 -37.86
CA GLY D 14 4.17 2.01 -37.00
C GLY D 14 2.75 1.53 -36.70
N ASP D 15 2.51 1.23 -35.42
CA ASP D 15 1.34 0.51 -34.92
C ASP D 15 0.50 1.35 -33.94
N GLY D 16 -0.68 0.84 -33.63
CA GLY D 16 -1.57 1.50 -32.67
C GLY D 16 -1.85 2.94 -33.06
N ILE D 17 -1.55 3.84 -32.15
CA ILE D 17 -1.85 5.27 -32.35
C ILE D 17 -0.84 5.91 -33.31
N GLY D 18 0.23 5.22 -33.66
CA GLY D 18 1.25 5.85 -34.47
C GLY D 18 0.79 6.54 -35.74
N PRO D 19 0.04 5.85 -36.62
CA PRO D 19 -0.42 6.45 -37.84
C PRO D 19 -1.34 7.66 -37.59
N LEU D 20 -2.16 7.57 -36.56
CA LEU D 20 -3.15 8.65 -36.21
C LEU D 20 -2.43 9.94 -35.79
N VAL D 21 -1.47 9.83 -34.89
CA VAL D 21 -0.69 11.00 -34.48
C VAL D 21 0.27 11.48 -35.56
N MET D 22 0.83 10.56 -36.34
CA MET D 22 1.73 10.98 -37.43
C MET D 22 0.99 11.92 -38.43
N LYS D 23 -0.28 11.62 -38.74
CA LYS D 23 -1.08 12.54 -39.58
C LYS D 23 -0.99 14.02 -39.10
N GLU D 24 -1.03 14.22 -37.80
CA GLU D 24 -0.97 15.61 -37.21
C GLU D 24 0.43 16.23 -37.32
N ALA D 25 1.48 15.44 -37.06
CA ALA D 25 2.85 15.89 -37.26
C ALA D 25 3.11 16.30 -38.74
N LEU D 26 2.62 15.51 -39.70
CA LEU D 26 2.78 15.82 -41.15
C LEU D 26 1.99 17.08 -41.56
N LYS D 27 0.81 17.25 -40.98
CA LYS D 27 0.04 18.47 -41.14
C LYS D 27 0.84 19.72 -40.73
N ILE D 28 1.51 19.65 -39.57
CA ILE D 28 2.30 20.76 -39.08
C ILE D 28 3.55 20.95 -39.95
N LEU D 29 4.26 19.88 -40.25
CA LEU D 29 5.44 20.05 -41.11
C LEU D 29 5.12 20.65 -42.51
N THR D 30 4.00 20.25 -43.10
CA THR D 30 3.57 20.73 -44.40
C THR D 30 3.39 22.24 -44.30
N PHE D 31 2.77 22.72 -43.24
CA PHE D 31 2.66 24.16 -43.07
C PHE D 31 4.03 24.86 -42.91
N ILE D 32 4.90 24.26 -42.10
CA ILE D 32 6.22 24.80 -41.85
C ILE D 32 7.01 24.93 -43.15
N ALA D 33 6.94 23.92 -44.01
CA ALA D 33 7.63 23.94 -45.31
C ALA D 33 7.11 25.10 -46.18
N GLN D 34 5.80 25.34 -46.09
CA GLN D 34 5.20 26.44 -46.82
C GLN D 34 5.68 27.75 -46.31
N LYS D 35 5.67 27.94 -44.97
CA LYS D 35 6.07 29.19 -44.35
C LYS D 35 7.55 29.53 -44.62
N TYR D 36 8.41 28.52 -44.62
CA TYR D 36 9.84 28.74 -44.71
C TYR D 36 10.42 28.54 -46.07
N ASN D 37 9.56 28.22 -47.05
CA ASN D 37 9.94 28.06 -48.42
C ASN D 37 11.02 27.00 -48.63
N PHE D 38 10.82 25.85 -48.03
CA PHE D 38 11.67 24.68 -48.34
C PHE D 38 10.73 23.56 -48.64
N SER D 39 11.23 22.41 -49.13
CA SER D 39 10.36 21.26 -49.41
C SER D 39 10.72 20.05 -48.58
N PHE D 40 9.71 19.25 -48.25
CA PHE D 40 9.89 17.93 -47.69
C PHE D 40 9.62 16.88 -48.72
N GLU D 41 10.38 15.79 -48.71
CA GLU D 41 9.97 14.62 -49.36
C GLU D 41 9.67 13.63 -48.25
N LEU D 42 8.41 13.26 -48.09
CA LEU D 42 7.99 12.47 -46.96
C LEU D 42 7.58 11.10 -47.39
N ASN D 43 8.49 10.16 -47.31
CA ASN D 43 8.25 8.83 -47.75
C ASN D 43 7.83 7.94 -46.60
N GLU D 44 6.58 7.50 -46.65
CA GLU D 44 6.01 6.71 -45.60
C GLU D 44 6.36 5.28 -45.91
N ALA D 45 6.71 4.51 -44.89
CA ALA D 45 7.04 3.10 -45.04
C ALA D 45 6.57 2.36 -43.81
N LYS D 46 6.30 1.04 -43.92
CA LYS D 46 5.88 0.25 -42.78
C LYS D 46 7.04 -0.07 -41.84
N ILE D 47 6.70 -0.21 -40.55
CA ILE D 47 7.66 -0.57 -39.51
C ILE D 47 6.91 -1.30 -38.40
N GLY D 48 7.61 -2.14 -37.67
CA GLY D 48 7.03 -2.76 -36.51
C GLY D 48 6.01 -3.83 -36.88
N GLY D 49 4.97 -3.95 -36.07
CA GLY D 49 3.87 -4.88 -36.35
C GLY D 49 3.33 -4.79 -37.76
N ALA D 50 3.15 -3.57 -38.23
CA ALA D 50 2.61 -3.35 -39.57
C ALA D 50 3.51 -4.04 -40.59
N SER D 51 4.81 -3.99 -40.35
CA SER D 51 5.79 -4.53 -41.29
C SER D 51 5.86 -6.06 -41.15
N ILE D 52 5.77 -6.57 -39.93
CA ILE D 52 5.69 -8.03 -39.71
C ILE D 52 4.49 -8.62 -40.48
N ASP D 53 3.32 -7.97 -40.37
CA ASP D 53 2.13 -8.40 -41.10
C ASP D 53 2.28 -8.37 -42.64
N ALA D 54 2.92 -7.34 -43.17
CA ALA D 54 3.03 -7.21 -44.61
C ALA D 54 4.22 -7.99 -45.18
N TYR D 55 5.36 -7.97 -44.49
CA TYR D 55 6.64 -8.41 -45.06
C TYR D 55 7.28 -9.52 -44.26
N GLY D 56 6.69 -9.91 -43.15
CA GLY D 56 7.22 -10.99 -42.32
C GLY D 56 8.30 -10.62 -41.32
N VAL D 57 8.81 -9.40 -41.43
CA VAL D 57 9.84 -8.89 -40.53
C VAL D 57 9.47 -7.48 -40.07
N ALA D 58 9.99 -7.06 -38.92
CA ALA D 58 9.69 -5.69 -38.39
C ALA D 58 10.36 -4.56 -39.17
N LEU D 59 11.51 -4.85 -39.78
CA LEU D 59 12.26 -3.88 -40.57
C LEU D 59 12.75 -4.51 -41.87
N SER D 60 12.12 -4.15 -42.98
CA SER D 60 12.44 -4.82 -44.25
C SER D 60 13.67 -4.16 -44.87
N ASP D 61 14.32 -4.87 -45.77
CA ASP D 61 15.47 -4.34 -46.44
C ASP D 61 15.14 -3.10 -47.23
N GLU D 62 13.98 -3.05 -47.87
CA GLU D 62 13.71 -1.91 -48.69
C GLU D 62 13.42 -0.65 -47.78
N THR D 63 12.84 -0.89 -46.63
CA THR D 63 12.58 0.19 -45.63
C THR D 63 13.90 0.65 -45.03
N LEU D 64 14.80 -0.29 -44.73
CA LEU D 64 16.16 0.11 -44.32
C LEU D 64 16.83 0.99 -45.34
N LYS D 65 16.78 0.60 -46.62
CA LYS D 65 17.42 1.35 -47.69
C LYS D 65 16.81 2.74 -47.88
N LEU D 66 15.50 2.82 -47.73
CA LEU D 66 14.83 4.14 -47.73
C LEU D 66 15.42 5.08 -46.66
N CYS D 67 15.58 4.55 -45.45
CA CYS D 67 16.18 5.29 -44.36
C CYS D 67 17.62 5.77 -44.71
N GLU D 68 18.43 4.88 -45.26
CA GLU D 68 19.77 5.25 -45.71
C GLU D 68 19.75 6.39 -46.71
N GLN D 69 18.70 6.43 -47.57
CA GLN D 69 18.58 7.48 -48.58
C GLN D 69 17.90 8.75 -48.04
N SER D 70 17.56 8.76 -46.75
CA SER D 70 16.87 9.94 -46.12
C SER D 70 17.80 10.80 -45.26
N ASP D 71 17.35 11.98 -44.84
CA ASP D 71 18.13 12.81 -43.99
C ASP D 71 17.85 12.56 -42.45
N ALA D 72 16.71 11.93 -42.18
CA ALA D 72 16.26 11.66 -40.83
C ALA D 72 15.05 10.75 -40.90
N ILE D 73 14.74 10.14 -39.76
CA ILE D 73 13.62 9.23 -39.56
C ILE D 73 12.66 9.84 -38.52
N LEU D 74 11.42 10.01 -38.91
CA LEU D 74 10.37 10.47 -38.03
C LEU D 74 9.56 9.21 -37.82
N PHE D 75 9.63 8.76 -36.61
CA PHE D 75 9.17 7.42 -36.15
C PHE D 75 7.97 7.63 -35.24
N GLY D 76 6.94 6.79 -35.42
CA GLY D 76 5.79 6.83 -34.52
C GLY D 76 5.94 5.93 -33.29
N SER D 77 5.15 4.89 -33.24
CA SER D 77 5.25 3.96 -32.11
C SER D 77 5.04 2.55 -32.66
N VAL D 78 5.64 1.55 -32.04
CA VAL D 78 5.51 0.19 -32.50
C VAL D 78 5.21 -0.75 -31.36
N GLY D 79 4.51 -1.80 -31.68
CA GLY D 79 4.14 -2.83 -30.73
C GLY D 79 2.64 -2.87 -30.47
N GLY D 80 2.19 -4.03 -29.95
CA GLY D 80 0.77 -4.24 -29.60
C GLY D 80 0.56 -5.69 -29.20
N PRO D 81 -0.66 -6.00 -28.67
CA PRO D 81 -1.00 -7.38 -28.20
C PRO D 81 -0.77 -8.47 -29.24
N LYS D 82 -1.06 -8.16 -30.51
CA LYS D 82 -0.94 -9.14 -31.58
C LYS D 82 0.43 -9.76 -31.71
N TRP D 83 1.49 -9.04 -31.35
CA TRP D 83 2.87 -9.49 -31.53
C TRP D 83 3.57 -9.67 -30.23
N ASP D 84 2.86 -9.50 -29.12
CA ASP D 84 3.50 -9.63 -27.80
C ASP D 84 3.98 -11.06 -27.54
N ASN D 85 3.44 -12.03 -28.29
CA ASN D 85 3.77 -13.46 -28.07
C ASN D 85 4.89 -14.03 -28.95
N LEU D 86 5.43 -13.21 -29.85
CA LEU D 86 6.57 -13.62 -30.68
C LEU D 86 7.82 -13.75 -29.82
N PRO D 87 8.84 -14.47 -30.33
CA PRO D 87 10.12 -14.51 -29.63
C PRO D 87 10.58 -13.10 -29.35
N ILE D 88 11.25 -12.91 -28.23
CA ILE D 88 11.64 -11.60 -27.77
C ILE D 88 12.42 -10.76 -28.83
N ASP D 89 13.37 -11.38 -29.52
CA ASP D 89 14.14 -10.68 -30.57
C ASP D 89 13.35 -10.33 -31.84
N GLN D 90 12.15 -10.90 -32.02
CA GLN D 90 11.35 -10.59 -33.21
C GLN D 90 10.24 -9.55 -32.93
N ARG D 91 10.06 -9.16 -31.67
CA ARG D 91 8.94 -8.26 -31.31
C ARG D 91 9.16 -6.85 -31.87
N PRO D 92 8.07 -6.14 -32.25
CA PRO D 92 8.16 -4.94 -33.03
C PRO D 92 9.21 -3.94 -32.54
N GLU D 93 9.26 -3.65 -31.25
CA GLU D 93 10.17 -2.64 -30.76
C GLU D 93 11.63 -3.07 -30.88
N ARG D 94 11.95 -4.24 -30.32
CA ARG D 94 13.29 -4.75 -30.30
C ARG D 94 13.84 -4.91 -31.72
N ALA D 95 13.00 -5.39 -32.64
CA ALA D 95 13.42 -5.68 -34.01
C ALA D 95 13.34 -4.48 -34.97
N SER D 96 12.82 -3.32 -34.52
CA SER D 96 12.88 -2.12 -35.37
C SER D 96 13.89 -1.07 -34.88
N LEU D 97 13.77 -0.61 -33.63
CA LEU D 97 14.56 0.54 -33.15
C LEU D 97 16.03 0.15 -32.95
N LEU D 98 16.27 -1.03 -32.39
CA LEU D 98 17.63 -1.43 -32.03
C LEU D 98 18.52 -1.57 -33.30
N PRO D 99 18.06 -2.31 -34.32
CA PRO D 99 18.80 -2.32 -35.60
C PRO D 99 18.95 -0.96 -36.29
N LEU D 100 17.95 -0.09 -36.18
CA LEU D 100 18.11 1.22 -36.74
C LEU D 100 19.19 2.03 -36.02
N ARG D 101 19.19 2.01 -34.68
CA ARG D 101 20.18 2.70 -33.88
C ARG D 101 21.59 2.21 -34.23
N LYS D 102 21.74 0.90 -34.29
CA LYS D 102 23.02 0.37 -34.70
C LYS D 102 23.42 0.77 -36.11
N HIS D 103 22.50 0.61 -37.08
CA HIS D 103 22.84 0.84 -38.48
C HIS D 103 23.35 2.24 -38.72
N PHE D 104 22.75 3.20 -38.02
CA PHE D 104 23.05 4.59 -38.22
C PHE D 104 23.95 5.23 -37.15
N ASN D 105 24.50 4.39 -36.27
CA ASN D 105 25.41 4.81 -35.19
C ASN D 105 24.73 5.91 -34.35
N LEU D 106 23.50 5.67 -33.93
CA LEU D 106 22.79 6.69 -33.15
C LEU D 106 23.18 6.55 -31.67
N PHE D 107 24.30 7.19 -31.33
CA PHE D 107 24.87 7.02 -30.04
C PHE D 107 24.37 7.98 -28.93
N ALA D 108 23.57 8.98 -29.30
CA ALA D 108 23.16 10.00 -28.39
C ALA D 108 21.61 10.01 -28.27
N ASN D 109 21.09 9.94 -27.06
CA ASN D 109 19.63 10.08 -26.87
C ASN D 109 19.45 11.42 -26.21
N LEU D 110 18.56 12.23 -26.78
CA LEU D 110 18.19 13.51 -26.26
C LEU D 110 16.71 13.45 -25.86
N ARG D 111 16.40 13.70 -24.59
CA ARG D 111 15.03 13.66 -24.09
C ARG D 111 14.78 15.01 -23.37
N PRO D 112 14.03 15.89 -23.97
CA PRO D 112 13.63 17.11 -23.24
C PRO D 112 12.63 16.87 -22.12
N CYS D 113 12.79 17.64 -21.04
CA CYS D 113 11.84 17.68 -19.95
C CYS D 113 11.49 19.12 -19.68
N LYS D 114 10.42 19.54 -20.32
CA LYS D 114 9.91 20.90 -20.14
C LYS D 114 8.52 20.80 -19.52
N ILE D 115 8.30 21.49 -18.43
CA ILE D 115 7.01 21.47 -17.77
C ILE D 115 6.31 22.79 -18.13
N TYR D 116 5.13 22.66 -18.73
CA TYR D 116 4.38 23.82 -19.22
C TYR D 116 3.69 24.43 -18.03
N GLU D 117 3.67 25.78 -17.97
CA GLU D 117 3.02 26.51 -16.90
C GLU D 117 1.59 26.03 -16.66
N SER D 118 0.87 25.78 -17.73
CA SER D 118 -0.56 25.34 -17.64
C SER D 118 -0.73 23.89 -17.11
N LEU D 119 0.39 23.12 -17.05
CA LEU D 119 0.32 21.73 -16.62
C LEU D 119 1.16 21.46 -15.41
N THR D 120 1.47 22.55 -14.69
CA THR D 120 2.15 22.46 -13.42
C THR D 120 1.42 21.57 -12.41
N HIS D 121 0.09 21.58 -12.45
CA HIS D 121 -0.69 20.75 -11.52
C HIS D 121 -0.42 19.26 -11.76
N ALA D 122 -0.05 18.88 -12.96
CA ALA D 122 0.18 17.45 -13.32
C ALA D 122 1.55 16.92 -12.86
N SER D 123 2.49 17.80 -12.58
CA SER D 123 3.76 17.33 -11.99
C SER D 123 3.50 16.83 -10.59
N PRO D 124 4.19 15.74 -10.21
CA PRO D 124 4.13 15.33 -8.82
C PRO D 124 4.92 16.27 -7.86
N LEU D 125 5.68 17.26 -8.35
CA LEU D 125 6.37 18.20 -7.46
C LEU D 125 5.43 19.36 -7.10
N LYS D 126 5.57 19.88 -5.92
CA LYS D 126 4.81 21.10 -5.52
C LYS D 126 5.12 22.26 -6.46
N ASN D 127 4.12 23.10 -6.64
CA ASN D 127 4.22 24.12 -7.66
C ASN D 127 5.33 25.07 -7.34
N GLU D 128 5.62 25.23 -6.05
CA GLU D 128 6.64 26.19 -5.58
C GLU D 128 8.06 25.66 -5.96
N ILE D 129 8.20 24.36 -6.01
CA ILE D 129 9.48 23.77 -6.41
C ILE D 129 9.89 24.05 -7.86
N ILE D 130 8.90 24.04 -8.74
CA ILE D 130 9.07 24.13 -10.19
C ILE D 130 8.77 25.52 -10.77
N GLN D 131 8.35 26.45 -9.92
CA GLN D 131 7.68 27.67 -10.40
C GLN D 131 8.58 28.56 -11.24
N LYS D 132 9.89 28.47 -11.02
CA LYS D 132 10.83 29.25 -11.83
C LYS D 132 10.95 28.80 -13.27
N GLY D 133 10.51 27.59 -13.59
CA GLY D 133 10.42 27.12 -14.96
C GLY D 133 11.40 25.94 -15.05
N VAL D 134 10.90 24.81 -15.41
CA VAL D 134 11.73 23.59 -15.69
C VAL D 134 11.81 23.36 -17.20
N ASP D 135 13.05 23.32 -17.72
CA ASP D 135 13.31 23.14 -19.11
C ASP D 135 14.69 22.50 -19.24
N ILE D 136 14.70 21.21 -19.33
CA ILE D 136 15.92 20.38 -19.16
C ILE D 136 16.04 19.55 -20.39
N LEU D 137 17.28 19.25 -20.78
CA LEU D 137 17.46 18.31 -21.85
C LEU D 137 18.43 17.22 -21.32
N CYS D 138 17.98 15.99 -21.28
CA CYS D 138 18.87 14.86 -20.81
C CYS D 138 19.59 14.33 -22.04
N VAL D 139 20.91 14.25 -22.00
CA VAL D 139 21.69 13.74 -23.09
C VAL D 139 22.42 12.51 -22.62
N ARG D 140 22.06 11.35 -23.15
CA ARG D 140 22.49 10.08 -22.60
C ARG D 140 23.28 9.34 -23.68
N GLU D 141 24.46 8.89 -23.30
CA GLU D 141 25.29 8.07 -24.15
C GLU D 141 24.67 6.65 -24.28
N LEU D 142 24.59 6.09 -25.49
CA LEU D 142 23.87 4.82 -25.69
C LEU D 142 24.73 3.57 -26.00
N THR D 143 26.02 3.75 -26.19
CA THR D 143 26.87 2.68 -26.84
C THR D 143 27.90 2.05 -25.94
N GLY D 144 28.12 2.70 -24.81
CA GLY D 144 29.22 2.41 -23.92
C GLY D 144 28.73 1.95 -22.58
N GLY D 145 29.69 1.77 -21.73
CA GLY D 145 29.53 1.45 -20.36
C GLY D 145 29.09 0.03 -20.06
N ILE D 146 28.50 -0.06 -18.87
CA ILE D 146 28.20 -1.30 -18.17
C ILE D 146 27.27 -2.20 -18.93
N TYR D 147 26.37 -1.64 -19.75
CA TYR D 147 25.51 -2.49 -20.59
C TYR D 147 26.25 -3.29 -21.71
N PHE D 148 27.44 -2.91 -22.04
CA PHE D 148 28.20 -3.53 -23.11
C PHE D 148 29.55 -4.09 -22.71
N GLY D 149 30.03 -3.77 -21.51
CA GLY D 149 31.34 -4.28 -21.07
C GLY D 149 31.34 -5.76 -20.75
N LYS D 150 32.54 -6.28 -20.46
CA LYS D 150 32.66 -7.70 -20.14
C LYS D 150 31.87 -8.04 -18.90
N GLN D 151 31.17 -9.16 -18.94
CA GLN D 151 30.38 -9.60 -17.78
C GLN D 151 30.46 -11.10 -17.66
N ASP D 152 30.17 -11.60 -16.47
CA ASP D 152 30.06 -13.04 -16.25
C ASP D 152 29.11 -13.34 -15.11
N LEU D 153 28.26 -14.37 -15.31
CA LEU D 153 27.36 -14.88 -14.29
C LEU D 153 27.86 -16.24 -13.81
N GLY D 154 28.27 -16.29 -12.55
CA GLY D 154 28.56 -17.53 -11.83
C GLY D 154 27.55 -17.83 -10.73
N LYS D 155 27.70 -18.98 -10.09
CA LYS D 155 26.89 -19.39 -8.96
C LYS D 155 27.30 -18.63 -7.67
N GLU D 156 28.57 -18.24 -7.56
CA GLU D 156 29.12 -17.64 -6.33
C GLU D 156 29.51 -16.16 -6.47
N SER D 157 29.60 -15.69 -7.71
CA SER D 157 30.14 -14.39 -8.09
C SER D 157 29.58 -14.01 -9.44
N ALA D 158 29.43 -12.70 -9.68
CA ALA D 158 28.98 -12.21 -10.97
C ALA D 158 29.50 -10.79 -11.09
N TYR D 159 29.88 -10.41 -12.29
CA TYR D 159 30.30 -9.02 -12.55
C TYR D 159 29.86 -8.52 -13.88
N ASP D 160 29.96 -7.19 -13.97
CA ASP D 160 29.68 -6.38 -15.13
C ASP D 160 30.67 -5.25 -15.10
N THR D 161 31.03 -4.73 -16.26
CA THR D 161 32.10 -3.75 -16.40
C THR D 161 31.65 -2.45 -17.05
N GLU D 162 31.75 -1.41 -16.26
CA GLU D 162 31.53 -0.03 -16.72
C GLU D 162 32.82 0.48 -17.41
N ILE D 163 32.84 0.34 -18.72
CA ILE D 163 33.96 0.71 -19.52
C ILE D 163 33.59 1.72 -20.54
N TYR D 164 34.41 2.76 -20.60
CA TYR D 164 34.28 3.81 -21.57
C TYR D 164 35.63 4.17 -22.25
N THR D 165 35.54 4.55 -23.53
CA THR D 165 36.65 5.13 -24.27
C THR D 165 36.55 6.61 -24.39
N LYS D 166 37.70 7.21 -24.66
CA LYS D 166 37.74 8.61 -24.97
C LYS D 166 36.86 8.96 -26.23
N LYS D 167 36.91 8.11 -27.24
CA LYS D 167 36.14 8.35 -28.49
C LYS D 167 34.63 8.41 -28.16
N GLU D 168 34.18 7.48 -27.35
CA GLU D 168 32.77 7.45 -26.89
C GLU D 168 32.38 8.70 -26.13
N ILE D 169 33.24 9.17 -25.24
CA ILE D 169 32.93 10.31 -24.37
C ILE D 169 32.95 11.57 -25.19
N GLU D 170 33.98 11.68 -26.04
CA GLU D 170 34.11 12.89 -26.80
C GLU D 170 32.88 13.20 -27.71
N ARG D 171 32.38 12.18 -28.39
CA ARG D 171 31.33 12.36 -29.41
C ARG D 171 29.96 12.74 -28.70
N ILE D 172 29.69 12.12 -27.54
CA ILE D 172 28.48 12.50 -26.76
C ILE D 172 28.64 13.86 -26.14
N ALA D 173 29.83 14.19 -25.62
CA ALA D 173 30.09 15.52 -25.08
C ALA D 173 29.86 16.62 -26.11
N ARG D 174 30.34 16.41 -27.34
CA ARG D 174 30.13 17.39 -28.39
C ARG D 174 28.63 17.63 -28.67
N ILE D 175 27.89 16.54 -28.73
CA ILE D 175 26.41 16.64 -28.85
C ILE D 175 25.84 17.48 -27.76
N ALA D 176 26.21 17.22 -26.50
CA ALA D 176 25.69 17.99 -25.37
C ALA D 176 26.03 19.50 -25.46
N PHE D 177 27.28 19.82 -25.82
CA PHE D 177 27.66 21.24 -25.90
C PHE D 177 26.97 22.01 -27.04
N GLU D 178 26.77 21.33 -28.15
CA GLU D 178 26.10 21.88 -29.32
C GLU D 178 24.63 22.15 -28.94
N SER D 179 24.03 21.23 -28.19
CA SER D 179 22.65 21.48 -27.64
C SER D 179 22.61 22.68 -26.73
N ALA D 180 23.58 22.76 -25.81
CA ALA D 180 23.65 23.78 -24.81
C ALA D 180 23.77 25.14 -25.47
N ARG D 181 24.56 25.16 -26.55
CA ARG D 181 24.74 26.40 -27.32
C ARG D 181 23.47 27.04 -27.78
N ILE D 182 22.49 26.23 -28.14
CA ILE D 182 21.21 26.74 -28.65
C ILE D 182 20.10 26.69 -27.62
N ARG D 183 20.41 26.22 -26.40
CA ARG D 183 19.44 26.27 -25.33
C ARG D 183 19.72 27.40 -24.32
N LYS D 184 20.28 27.14 -23.12
CA LYS D 184 20.60 28.10 -22.08
C LYS D 184 22.06 28.07 -21.66
N LYS D 185 22.88 27.49 -22.50
CA LYS D 185 24.34 27.58 -22.36
C LYS D 185 24.88 27.05 -21.07
N LYS D 186 24.30 25.95 -20.60
CA LYS D 186 24.85 25.27 -19.46
C LYS D 186 24.77 23.74 -19.64
N VAL D 187 25.87 23.07 -19.30
CA VAL D 187 25.99 21.61 -19.24
C VAL D 187 26.34 21.22 -17.83
N HIS D 188 25.54 20.29 -17.24
CA HIS D 188 25.98 19.57 -16.07
C HIS D 188 26.43 18.20 -16.51
N LEU D 189 27.68 17.88 -16.25
CA LEU D 189 28.18 16.49 -16.39
C LEU D 189 27.84 15.74 -15.10
N ILE D 190 27.07 14.66 -15.25
CA ILE D 190 26.63 13.78 -14.17
C ILE D 190 27.55 12.57 -14.20
N ASP D 191 28.25 12.39 -13.08
CA ASP D 191 29.16 11.24 -12.94
C ASP D 191 29.27 10.78 -11.47
N LYS D 192 30.26 9.93 -11.18
CA LYS D 192 30.62 9.54 -9.82
C LYS D 192 32.21 9.54 -9.72
N ALA D 193 32.78 10.69 -10.10
CA ALA D 193 34.25 10.87 -10.16
C ALA D 193 35.00 10.77 -8.82
N ASN D 194 34.28 10.85 -7.72
CA ASN D 194 34.90 10.64 -6.43
C ASN D 194 35.35 9.18 -6.30
N VAL D 195 34.59 8.26 -6.87
CA VAL D 195 34.97 6.85 -6.77
C VAL D 195 35.24 6.04 -8.05
N LEU D 196 34.71 6.45 -9.20
CA LEU D 196 34.89 5.69 -10.42
C LEU D 196 35.98 6.21 -11.35
N ALA D 197 36.86 5.31 -11.78
CA ALA D 197 37.88 5.64 -12.72
C ALA D 197 37.30 6.11 -14.09
N SER D 198 36.24 5.44 -14.56
CA SER D 198 35.57 5.80 -15.78
C SER D 198 35.00 7.25 -15.67
N SER D 199 34.52 7.62 -14.50
CA SER D 199 34.03 9.02 -14.30
C SER D 199 35.17 10.02 -14.35
N ILE D 200 36.32 9.63 -13.85
CA ILE D 200 37.51 10.53 -13.94
C ILE D 200 37.84 10.80 -15.41
N LEU D 201 37.82 9.76 -16.21
CA LEU D 201 38.04 9.89 -17.65
C LEU D 201 36.99 10.81 -18.29
N TRP D 202 35.73 10.63 -17.90
CA TRP D 202 34.69 11.55 -18.34
C TRP D 202 35.02 12.99 -18.08
N ARG D 203 35.44 13.33 -16.88
CA ARG D 203 35.75 14.70 -16.55
C ARG D 203 36.91 15.26 -17.33
N GLU D 204 37.92 14.43 -17.56
CA GLU D 204 39.06 14.87 -18.32
C GLU D 204 38.71 15.18 -19.78
N VAL D 205 37.99 14.24 -20.41
CA VAL D 205 37.62 14.37 -21.80
C VAL D 205 36.65 15.53 -21.98
N VAL D 206 35.65 15.60 -21.11
CA VAL D 206 34.66 16.69 -21.22
C VAL D 206 35.27 18.06 -21.00
N ALA D 207 36.18 18.17 -20.05
CA ALA D 207 36.82 19.46 -19.79
C ALA D 207 37.64 19.88 -20.99
N ASN D 208 38.21 18.90 -21.69
CA ASN D 208 38.95 19.20 -22.92
C ASN D 208 38.02 19.62 -24.08
N VAL D 209 36.88 18.93 -24.24
CA VAL D 209 35.92 19.29 -25.23
C VAL D 209 35.45 20.72 -24.97
N ALA D 210 35.29 21.06 -23.71
CA ALA D 210 34.73 22.31 -23.28
C ALA D 210 35.54 23.52 -23.70
N LYS D 211 36.81 23.30 -24.02
CA LYS D 211 37.66 24.40 -24.53
C LYS D 211 37.18 24.99 -25.83
N ASP D 212 36.50 24.18 -26.62
CA ASP D 212 35.91 24.61 -27.89
C ASP D 212 34.57 25.37 -27.67
N TYR D 213 34.14 25.47 -26.43
CA TYR D 213 32.81 25.98 -26.13
C TYR D 213 32.89 26.87 -24.93
N GLN D 214 33.67 27.92 -25.07
CA GLN D 214 33.93 28.79 -23.96
C GLN D 214 32.72 29.65 -23.61
N ASP D 215 31.70 29.68 -24.46
CA ASP D 215 30.42 30.35 -24.19
C ASP D 215 29.53 29.54 -23.23
N ILE D 216 29.89 28.30 -22.97
CA ILE D 216 29.02 27.41 -22.19
C ILE D 216 29.57 27.23 -20.78
N ASN D 217 28.68 27.33 -19.80
CA ASN D 217 28.98 27.04 -18.40
C ASN D 217 28.94 25.52 -18.18
N LEU D 218 30.09 24.96 -17.89
CA LEU D 218 30.19 23.56 -17.51
C LEU D 218 30.26 23.42 -16.00
N GLU D 219 29.37 22.61 -15.45
CA GLU D 219 29.40 22.20 -14.05
C GLU D 219 29.42 20.64 -13.95
N TYR D 220 29.90 20.16 -12.82
CA TYR D 220 29.96 18.76 -12.53
C TYR D 220 29.07 18.44 -11.33
N MET D 221 28.42 17.30 -11.36
CA MET D 221 27.59 16.90 -10.27
C MET D 221 27.53 15.39 -10.18
N TYR D 222 27.60 14.86 -8.97
CA TYR D 222 27.56 13.40 -8.74
C TYR D 222 26.14 12.93 -8.99
N VAL D 223 26.04 11.72 -9.50
CA VAL D 223 24.71 11.16 -9.88
C VAL D 223 23.73 11.14 -8.71
N ASP D 224 24.22 10.87 -7.52
CA ASP D 224 23.34 10.79 -6.35
C ASP D 224 22.79 12.16 -6.01
N ASN D 225 23.61 13.19 -6.15
CA ASN D 225 23.15 14.55 -5.88
C ASN D 225 22.22 15.00 -6.97
N ALA D 226 22.50 14.63 -8.20
CA ALA D 226 21.55 14.88 -9.28
C ALA D 226 20.17 14.25 -9.08
N ALA D 227 20.13 12.99 -8.60
CA ALA D 227 18.85 12.35 -8.26
C ALA D 227 18.09 13.18 -7.23
N MET D 228 18.82 13.79 -6.30
CA MET D 228 18.19 14.75 -5.32
C MET D 228 17.71 16.03 -5.89
N GLN D 229 18.60 16.67 -6.63
CA GLN D 229 18.29 17.96 -7.24
C GLN D 229 17.14 17.98 -8.26
N ILE D 230 16.92 16.86 -8.93
CA ILE D 230 15.81 16.73 -9.91
C ILE D 230 14.52 16.87 -9.11
N VAL D 231 14.49 16.35 -7.89
CA VAL D 231 13.31 16.46 -7.02
C VAL D 231 13.23 17.82 -6.31
N LYS D 232 14.34 18.32 -5.78
CA LYS D 232 14.36 19.48 -4.87
C LYS D 232 14.46 20.82 -5.58
N ASN D 233 15.20 20.87 -6.69
CA ASN D 233 15.47 22.14 -7.39
C ASN D 233 15.80 21.97 -8.89
N PRO D 234 14.85 21.40 -9.68
CA PRO D 234 15.15 21.03 -11.09
C PRO D 234 15.32 22.24 -11.99
N SER D 235 14.85 23.44 -11.60
CA SER D 235 14.95 24.58 -12.52
C SER D 235 16.37 25.05 -12.73
N ILE D 236 17.33 24.56 -11.96
CA ILE D 236 18.73 24.90 -12.21
C ILE D 236 19.31 24.24 -13.49
N PHE D 237 18.73 23.12 -13.95
CA PHE D 237 19.34 22.39 -15.07
C PHE D 237 19.01 22.92 -16.47
N ASP D 238 20.00 22.89 -17.38
CA ASP D 238 19.77 23.02 -18.82
C ASP D 238 20.06 21.71 -19.48
N VAL D 239 21.30 21.50 -19.88
CA VAL D 239 21.66 20.23 -20.49
C VAL D 239 22.29 19.34 -19.41
N MET D 240 21.87 18.05 -19.33
CA MET D 240 22.41 17.13 -18.38
C MET D 240 23.06 16.04 -19.19
N LEU D 241 24.38 15.99 -19.12
CA LEU D 241 25.15 14.99 -19.88
C LEU D 241 25.43 13.80 -19.01
N CYS D 242 25.05 12.62 -19.46
CA CYS D 242 25.07 11.43 -18.63
C CYS D 242 25.68 10.27 -19.39
N SER D 243 26.32 9.40 -18.63
CA SER D 243 26.65 8.04 -19.11
C SER D 243 25.37 7.22 -19.38
N ASN D 244 25.54 6.08 -19.99
CA ASN D 244 24.46 5.24 -20.37
C ASN D 244 23.60 4.81 -19.17
N LEU D 245 24.25 4.29 -18.14
CA LEU D 245 23.56 3.81 -16.91
C LEU D 245 22.89 4.98 -16.15
N PHE D 246 23.68 6.00 -15.92
CA PHE D 246 23.17 7.14 -15.20
C PHE D 246 22.05 7.86 -15.97
N GLY D 247 22.21 8.02 -17.28
CA GLY D 247 21.16 8.62 -18.14
C GLY D 247 19.86 7.79 -18.12
N ASP D 248 20.00 6.47 -18.09
CA ASP D 248 18.87 5.55 -18.12
C ASP D 248 18.04 5.85 -16.86
N ILE D 249 18.70 6.04 -15.71
CA ILE D 249 18.03 6.27 -14.42
C ILE D 249 17.44 7.67 -14.38
N LEU D 250 18.28 8.67 -14.69
CA LEU D 250 17.83 10.07 -14.55
C LEU D 250 16.80 10.52 -15.59
N SER D 251 16.85 9.98 -16.81
CA SER D 251 15.84 10.27 -17.81
C SER D 251 14.43 9.82 -17.35
N ASP D 252 14.36 8.69 -16.64
CA ASP D 252 13.08 8.27 -16.07
C ASP D 252 12.59 9.15 -14.94
N GLU D 253 13.51 9.57 -14.09
CA GLU D 253 13.22 10.44 -12.96
C GLU D 253 12.70 11.78 -13.49
N LEU D 254 13.35 12.27 -14.55
CA LEU D 254 12.85 13.49 -15.24
C LEU D 254 11.46 13.31 -15.86
N ALA D 255 11.22 12.17 -16.50
CA ALA D 255 9.84 11.85 -16.93
C ALA D 255 8.86 11.91 -15.79
N ALA D 256 9.23 11.34 -14.64
CA ALA D 256 8.36 11.30 -13.49
C ALA D 256 8.02 12.71 -13.00
N ILE D 257 9.04 13.59 -12.87
CA ILE D 257 8.76 14.94 -12.38
C ILE D 257 7.97 15.76 -13.39
N ASN D 258 8.10 15.41 -14.68
CA ASN D 258 7.39 16.13 -15.71
C ASN D 258 5.85 16.03 -15.54
N GLY D 259 5.36 14.81 -15.43
CA GLY D 259 3.93 14.58 -15.14
C GLY D 259 3.01 14.38 -16.31
N SER D 260 3.44 14.78 -17.50
CA SER D 260 2.61 14.70 -18.72
C SER D 260 3.30 13.86 -19.79
N LEU D 261 3.20 12.55 -19.65
CA LEU D 261 3.92 11.59 -20.50
C LEU D 261 3.59 11.75 -21.97
N GLY D 262 2.34 12.10 -22.28
CA GLY D 262 1.93 12.32 -23.62
C GLY D 262 2.57 13.49 -24.32
N LEU D 263 3.32 14.35 -23.63
CA LEU D 263 4.03 15.42 -24.28
C LEU D 263 5.55 15.13 -24.52
N LEU D 264 6.01 13.98 -24.11
CA LEU D 264 7.46 13.74 -24.06
C LEU D 264 7.95 13.10 -25.37
N SER D 265 9.08 13.63 -25.88
CA SER D 265 9.67 13.26 -27.15
C SER D 265 11.14 12.83 -26.91
N SER D 266 11.69 12.22 -27.94
CA SER D 266 13.02 11.63 -27.89
C SER D 266 13.69 11.80 -29.27
N ALA D 267 15.00 12.05 -29.30
CA ALA D 267 15.80 12.11 -30.51
C ALA D 267 17.01 11.18 -30.29
N SER D 268 17.32 10.32 -31.25
CA SER D 268 18.54 9.51 -31.19
C SER D 268 19.40 9.97 -32.38
N LEU D 269 20.55 10.54 -32.10
CA LEU D 269 21.33 11.24 -33.08
C LEU D 269 22.72 10.58 -33.24
N ASN D 270 23.30 10.74 -34.41
CA ASN D 270 24.72 10.47 -34.61
C ASN D 270 25.46 11.79 -34.72
N ASP D 271 26.71 11.76 -35.24
CA ASP D 271 27.56 12.95 -35.27
C ASP D 271 27.53 13.67 -36.62
N LYS D 272 26.68 13.22 -37.53
CA LYS D 272 26.53 13.79 -38.88
C LYS D 272 25.17 14.44 -39.18
N GLY D 273 24.41 14.75 -38.13
CA GLY D 273 23.08 15.36 -38.31
C GLY D 273 21.94 14.40 -38.59
N PHE D 274 22.19 13.09 -38.66
CA PHE D 274 21.12 12.12 -38.88
C PHE D 274 20.49 11.78 -37.53
N GLY D 275 19.16 11.69 -37.48
CA GLY D 275 18.49 11.31 -36.24
C GLY D 275 17.22 10.51 -36.47
N LEU D 276 16.80 9.80 -35.43
CA LEU D 276 15.51 9.11 -35.37
C LEU D 276 14.77 9.82 -34.24
N TYR D 277 13.58 10.33 -34.58
CA TYR D 277 12.81 11.22 -33.71
C TYR D 277 11.42 10.56 -33.46
N GLU D 278 11.07 10.39 -32.21
CA GLU D 278 9.90 9.64 -31.79
C GLU D 278 9.33 10.09 -30.48
N PRO D 279 8.02 9.80 -30.24
CA PRO D 279 7.48 10.04 -28.89
C PRO D 279 8.11 9.07 -27.89
N ALA D 280 8.33 9.53 -26.65
CA ALA D 280 8.88 8.68 -25.58
C ALA D 280 7.93 7.59 -25.19
N GLY D 281 6.63 7.89 -25.16
CA GLY D 281 5.60 6.91 -24.77
C GLY D 281 5.38 5.76 -25.76
N GLY D 282 4.47 4.86 -25.45
CA GLY D 282 4.22 3.68 -26.32
C GLY D 282 3.07 3.81 -27.29
N SER D 283 2.67 2.68 -27.89
CA SER D 283 1.72 2.69 -28.99
C SER D 283 0.21 2.68 -28.53
N ALA D 284 -0.04 2.63 -27.23
CA ALA D 284 -1.44 2.78 -26.68
C ALA D 284 -2.52 2.02 -27.42
N PRO D 285 -2.33 0.70 -27.56
CA PRO D 285 -3.17 -0.09 -28.47
C PRO D 285 -4.68 -0.04 -28.14
N ASP D 286 -4.98 0.08 -26.87
CA ASP D 286 -6.37 0.10 -26.41
C ASP D 286 -7.15 1.36 -26.78
N ILE D 287 -6.46 2.46 -27.16
CA ILE D 287 -7.19 3.64 -27.71
C ILE D 287 -6.92 3.92 -29.19
N ALA D 288 -6.27 2.99 -29.87
CA ALA D 288 -5.87 3.16 -31.25
C ALA D 288 -7.00 3.36 -32.25
N HIS D 289 -8.19 2.88 -31.91
CA HIS D 289 -9.34 2.91 -32.82
C HIS D 289 -10.17 4.13 -32.56
N LEU D 290 -9.79 4.93 -31.57
CA LEU D 290 -10.53 6.10 -31.18
C LEU D 290 -9.78 7.30 -31.81
N ASN D 291 -10.21 8.49 -31.52
CA ASN D 291 -9.62 9.67 -32.13
C ASN D 291 -9.25 10.62 -30.97
N ILE D 292 -8.68 10.05 -29.90
CA ILE D 292 -8.33 10.82 -28.67
C ILE D 292 -6.83 10.87 -28.27
N ALA D 293 -5.98 10.08 -28.91
CA ALA D 293 -4.55 10.12 -28.58
C ALA D 293 -3.93 11.49 -28.69
N ASN D 294 -3.04 11.80 -27.79
CA ASN D 294 -2.32 13.10 -27.78
C ASN D 294 -1.26 13.16 -28.90
N PRO D 295 -1.43 14.05 -29.91
CA PRO D 295 -0.43 14.10 -30.98
C PRO D 295 0.76 15.00 -30.67
N ILE D 296 0.75 15.64 -29.50
CA ILE D 296 1.74 16.70 -29.21
C ILE D 296 3.18 16.13 -29.15
N ALA D 297 3.35 14.93 -28.54
CA ALA D 297 4.69 14.29 -28.53
C ALA D 297 5.24 14.09 -29.93
N GLN D 298 4.39 13.62 -30.85
CA GLN D 298 4.79 13.38 -32.25
C GLN D 298 5.14 14.68 -32.92
N ILE D 299 4.35 15.70 -32.64
CA ILE D 299 4.61 17.01 -33.25
C ILE D 299 5.95 17.58 -32.72
N LEU D 300 6.21 17.39 -31.43
CA LEU D 300 7.40 17.86 -30.80
C LEU D 300 8.65 17.05 -31.26
N SER D 301 8.49 15.78 -31.54
CA SER D 301 9.54 14.99 -32.25
C SER D 301 9.90 15.58 -33.63
N ALA D 302 8.89 15.98 -34.37
CA ALA D 302 9.07 16.69 -35.66
C ALA D 302 9.81 18.00 -35.46
N ALA D 303 9.49 18.75 -34.39
CA ALA D 303 10.26 19.96 -34.10
C ALA D 303 11.74 19.66 -33.77
N LEU D 304 11.96 18.61 -33.02
CA LEU D 304 13.35 18.20 -32.64
C LEU D 304 14.13 17.82 -33.91
N MET D 305 13.46 17.16 -34.84
CA MET D 305 14.05 16.84 -36.16
C MET D 305 14.43 18.10 -36.95
N LEU D 306 13.52 19.09 -37.00
CA LEU D 306 13.88 20.37 -37.61
C LEU D 306 15.11 21.00 -37.00
N LYS D 307 15.20 21.00 -35.66
CA LYS D 307 16.24 21.68 -34.89
C LYS D 307 17.59 20.99 -35.09
N TYR D 308 17.58 19.69 -34.92
CA TYR D 308 18.81 18.90 -34.89
C TYR D 308 19.27 18.20 -36.16
N SER D 309 18.39 17.81 -37.06
CA SER D 309 18.83 17.26 -38.32
C SER D 309 18.87 18.30 -39.42
N PHE D 310 17.94 19.23 -39.45
CA PHE D 310 17.83 20.16 -40.57
C PHE D 310 18.32 21.60 -40.29
N LYS D 311 18.68 21.89 -39.06
CA LYS D 311 19.16 23.19 -38.61
C LYS D 311 18.18 24.28 -38.93
N GLU D 312 16.92 23.95 -38.80
CA GLU D 312 15.84 24.91 -39.03
C GLU D 312 15.32 25.30 -37.65
N GLU D 313 16.13 26.09 -36.92
CA GLU D 313 15.93 26.37 -35.50
C GLU D 313 14.70 27.24 -35.27
N GLN D 314 14.47 28.21 -36.15
CA GLN D 314 13.28 29.04 -35.99
C GLN D 314 11.99 28.30 -36.26
N ALA D 315 12.00 27.48 -37.28
CA ALA D 315 10.84 26.63 -37.61
C ALA D 315 10.46 25.76 -36.42
N ALA D 316 11.45 25.11 -35.84
CA ALA D 316 11.32 24.35 -34.56
C ALA D 316 10.72 25.17 -33.46
N GLN D 317 11.24 26.38 -33.29
CA GLN D 317 10.78 27.23 -32.22
C GLN D 317 9.36 27.62 -32.41
N ASP D 318 8.97 27.87 -33.67
CA ASP D 318 7.59 28.30 -33.98
C ASP D 318 6.60 27.19 -33.54
N ILE D 319 6.95 25.94 -33.86
CA ILE D 319 6.12 24.79 -33.49
C ILE D 319 6.05 24.71 -31.96
N GLU D 320 7.20 24.79 -31.27
CA GLU D 320 7.20 24.75 -29.81
C GLU D 320 6.36 25.86 -29.15
N ASN D 321 6.49 27.07 -29.67
CA ASN D 321 5.67 28.17 -29.15
C ASN D 321 4.18 28.00 -29.41
N ALA D 322 3.81 27.44 -30.58
CA ALA D 322 2.41 27.15 -30.89
C ALA D 322 1.83 26.18 -29.86
N ILE D 323 2.57 25.11 -29.54
CA ILE D 323 2.18 24.17 -28.47
C ILE D 323 1.99 24.84 -27.07
N SER D 324 2.95 25.68 -26.67
CA SER D 324 2.86 26.45 -25.45
C SER D 324 1.57 27.29 -25.43
N LEU D 325 1.34 28.00 -26.55
CA LEU D 325 0.16 28.89 -26.64
C LEU D 325 -1.15 28.10 -26.59
N ALA D 326 -1.24 26.99 -27.34
CA ALA D 326 -2.45 26.13 -27.32
C ALA D 326 -2.74 25.67 -25.89
N LEU D 327 -1.72 25.14 -25.21
CA LEU D 327 -1.90 24.66 -23.82
C LEU D 327 -2.33 25.83 -22.91
N ALA D 328 -1.70 27.00 -23.06
CA ALA D 328 -2.06 28.17 -22.23
C ALA D 328 -3.50 28.61 -22.51
N GLN D 329 -4.01 28.36 -23.70
CA GLN D 329 -5.44 28.65 -23.98
C GLN D 329 -6.40 27.57 -23.46
N GLY D 330 -5.88 26.48 -22.88
CA GLY D 330 -6.68 25.42 -22.34
C GLY D 330 -7.06 24.41 -23.39
N LYS D 331 -6.36 24.39 -24.52
CA LYS D 331 -6.70 23.47 -25.57
C LYS D 331 -5.84 22.19 -25.41
N MET D 332 -6.47 21.06 -25.08
CA MET D 332 -5.79 19.88 -24.58
C MET D 332 -6.54 18.62 -24.93
N THR D 333 -5.82 17.50 -25.02
CA THR D 333 -6.42 16.21 -25.28
C THR D 333 -6.84 15.57 -23.94
N LYS D 334 -7.58 14.47 -24.05
CA LYS D 334 -8.21 13.82 -22.89
C LYS D 334 -7.26 13.40 -21.78
N ASP D 335 -6.06 12.91 -22.16
CA ASP D 335 -5.03 12.59 -21.17
C ASP D 335 -4.60 13.79 -20.31
N LEU D 336 -4.67 15.00 -20.83
CA LEU D 336 -4.31 16.23 -20.10
C LEU D 336 -5.48 16.94 -19.39
N ASN D 337 -6.70 16.77 -19.93
CA ASN D 337 -7.89 17.32 -19.25
C ASN D 337 -9.09 16.43 -19.60
N ALA D 338 -9.49 15.60 -18.63
CA ALA D 338 -10.49 14.55 -18.81
C ALA D 338 -11.89 15.15 -18.92
N LYS D 339 -12.07 16.35 -18.44
CA LYS D 339 -13.39 16.98 -18.43
C LYS D 339 -13.71 17.82 -19.68
N SER D 340 -12.72 18.46 -20.27
CA SER D 340 -12.92 19.22 -21.43
C SER D 340 -11.74 19.08 -22.41
N TYR D 341 -11.93 18.36 -23.52
CA TYR D 341 -10.78 18.10 -24.41
C TYR D 341 -11.09 18.11 -25.85
N LEU D 342 -10.03 18.14 -26.67
CA LEU D 342 -10.08 18.06 -28.11
C LEU D 342 -9.69 16.67 -28.58
N ASN D 343 -10.26 16.24 -29.71
CA ASN D 343 -9.85 14.99 -30.36
C ASN D 343 -8.49 15.17 -31.03
N THR D 344 -7.88 14.09 -31.44
CA THR D 344 -6.52 14.20 -32.06
C THR D 344 -6.38 15.18 -33.22
N ASP D 345 -7.30 15.06 -34.20
CA ASP D 345 -7.32 15.91 -35.36
C ASP D 345 -7.67 17.36 -34.95
N GLU D 346 -8.57 17.56 -33.99
CA GLU D 346 -8.87 18.92 -33.47
C GLU D 346 -7.65 19.59 -32.82
N MET D 347 -6.85 18.78 -32.13
CA MET D 347 -5.70 19.27 -31.42
C MET D 347 -4.69 19.73 -32.48
N GLY D 348 -4.47 18.88 -33.49
CA GLY D 348 -3.61 19.23 -34.66
C GLY D 348 -4.02 20.53 -35.34
N ASP D 349 -5.31 20.67 -35.55
CA ASP D 349 -5.89 21.84 -36.21
C ASP D 349 -5.72 23.08 -35.38
N CYS D 350 -5.89 22.96 -34.06
CA CYS D 350 -5.67 24.04 -33.10
C CYS D 350 -4.24 24.59 -33.12
N ILE D 351 -3.28 23.68 -33.12
CA ILE D 351 -1.88 24.09 -33.29
C ILE D 351 -1.60 24.72 -34.62
N LEU D 352 -2.14 24.15 -35.72
CA LEU D 352 -2.04 24.74 -37.03
C LEU D 352 -2.60 26.17 -37.08
N GLU D 353 -3.80 26.34 -36.53
CA GLU D 353 -4.44 27.66 -36.52
C GLU D 353 -3.60 28.73 -35.77
N ILE D 354 -3.01 28.36 -34.64
CA ILE D 354 -2.08 29.21 -33.92
C ILE D 354 -0.81 29.52 -34.72
N LEU D 355 -0.20 28.53 -35.36
CA LEU D 355 0.90 28.82 -36.32
C LEU D 355 0.51 29.84 -37.42
N LYS D 356 -0.67 29.69 -38.01
CA LYS D 356 -1.14 30.64 -39.03
C LYS D 356 -1.40 32.04 -38.47
N GLU D 357 -2.00 32.08 -37.27
CA GLU D 357 -2.32 33.33 -36.54
C GLU D 357 -1.07 34.16 -36.20
N ASN D 358 0.07 33.48 -36.10
CA ASN D 358 1.37 34.12 -35.78
C ASN D 358 2.29 34.22 -37.00
N ASP D 359 1.74 34.03 -38.18
CA ASP D 359 2.55 34.07 -39.40
C ASP D 359 2.66 35.51 -39.99
N ASN D 360 1.59 36.11 -40.47
CA ASN D 360 1.55 37.56 -40.75
C ASN D 360 2.90 38.31 -40.62
N THR E 6 -29.13 -24.54 20.63
CA THR E 6 -28.76 -23.43 19.67
C THR E 6 -28.44 -22.14 20.40
N TYR E 7 -27.19 -21.75 20.34
CA TYR E 7 -26.67 -20.69 21.15
C TYR E 7 -26.41 -19.52 20.24
N LYS E 8 -27.12 -18.42 20.47
CA LYS E 8 -26.98 -17.23 19.66
C LYS E 8 -25.93 -16.28 20.23
N VAL E 9 -24.89 -15.97 19.43
CA VAL E 9 -23.78 -15.09 19.85
C VAL E 9 -23.72 -13.89 18.90
N ALA E 10 -23.73 -12.69 19.46
CA ALA E 10 -23.42 -11.50 18.73
C ALA E 10 -21.89 -11.35 18.75
N VAL E 11 -21.28 -11.49 17.58
CA VAL E 11 -19.82 -11.37 17.41
C VAL E 11 -19.52 -9.97 16.92
N LEU E 12 -18.95 -9.14 17.81
CA LEU E 12 -18.58 -7.75 17.57
C LEU E 12 -17.06 -7.60 17.61
N ALA E 13 -16.41 -7.92 16.50
CA ALA E 13 -14.93 -8.05 16.49
C ALA E 13 -14.22 -6.69 16.55
N GLY E 14 -14.83 -5.67 15.96
CA GLY E 14 -14.37 -4.33 16.09
C GLY E 14 -13.25 -3.94 15.12
N ASP E 15 -12.21 -3.32 15.63
CA ASP E 15 -11.16 -2.65 14.86
C ASP E 15 -9.74 -3.26 15.09
N GLY E 16 -8.79 -2.83 14.28
CA GLY E 16 -7.35 -3.18 14.47
C GLY E 16 -7.17 -4.66 14.48
N ILE E 17 -6.66 -5.19 15.57
CA ILE E 17 -6.40 -6.65 15.68
C ILE E 17 -7.71 -7.44 15.91
N GLY E 18 -8.80 -6.76 16.19
CA GLY E 18 -10.00 -7.47 16.57
C GLY E 18 -10.48 -8.54 15.59
N PRO E 19 -10.65 -8.20 14.29
CA PRO E 19 -11.15 -9.16 13.31
C PRO E 19 -10.16 -10.29 13.13
N LEU E 20 -8.86 -10.00 13.27
CA LEU E 20 -7.77 -11.04 13.05
C LEU E 20 -7.81 -12.07 14.17
N VAL E 21 -7.87 -11.65 15.43
CA VAL E 21 -7.98 -12.61 16.54
C VAL E 21 -9.36 -13.27 16.63
N MET E 22 -10.42 -12.53 16.27
CA MET E 22 -11.79 -13.13 16.25
C MET E 22 -11.89 -14.32 15.34
N LYS E 23 -11.24 -14.24 14.17
CA LYS E 23 -11.19 -15.34 13.20
C LYS E 23 -10.74 -16.64 13.90
N GLU E 24 -9.77 -16.54 14.79
CA GLU E 24 -9.22 -17.71 15.52
C GLU E 24 -10.18 -18.24 16.58
N ALA E 25 -10.82 -17.33 17.31
CA ALA E 25 -11.84 -17.75 18.23
C ALA E 25 -13.02 -18.44 17.53
N LEU E 26 -13.47 -17.93 16.39
CA LEU E 26 -14.57 -18.54 15.61
C LEU E 26 -14.17 -19.91 15.07
N LYS E 27 -12.92 -20.04 14.63
CA LYS E 27 -12.39 -21.31 14.27
C LYS E 27 -12.53 -22.34 15.39
N ILE E 28 -12.19 -21.97 16.64
CA ILE E 28 -12.25 -22.86 17.75
C ILE E 28 -13.70 -23.16 18.11
N LEU E 29 -14.54 -22.16 18.16
CA LEU E 29 -15.92 -22.41 18.50
C LEU E 29 -16.65 -23.34 17.47
N THR E 30 -16.35 -23.16 16.18
CA THR E 30 -16.91 -23.96 15.14
C THR E 30 -16.54 -25.43 15.41
N PHE E 31 -15.30 -25.70 15.76
CA PHE E 31 -14.91 -27.07 16.09
C PHE E 31 -15.65 -27.62 17.30
N ILE E 32 -15.79 -26.78 18.33
CA ILE E 32 -16.43 -27.15 19.58
C ILE E 32 -17.90 -27.53 19.36
N ALA E 33 -18.59 -26.74 18.56
CA ALA E 33 -20.00 -27.01 18.21
C ALA E 33 -20.14 -28.36 17.43
N GLN E 34 -19.15 -28.64 16.58
CA GLN E 34 -19.09 -29.93 15.91
C GLN E 34 -18.93 -31.06 16.90
N LYS E 35 -17.94 -30.96 17.77
CA LYS E 35 -17.61 -32.02 18.72
C LYS E 35 -18.78 -32.32 19.66
N TYR E 36 -19.50 -31.30 20.09
CA TYR E 36 -20.52 -31.50 21.10
C TYR E 36 -21.91 -31.60 20.57
N ASN E 37 -22.04 -31.46 19.24
CA ASN E 37 -23.29 -31.59 18.54
C ASN E 37 -24.31 -30.59 19.03
N PHE E 38 -23.90 -29.33 19.10
CA PHE E 38 -24.86 -28.26 19.36
C PHE E 38 -24.61 -27.25 18.26
N SER E 39 -25.51 -26.27 18.09
CA SER E 39 -25.31 -25.30 17.04
C SER E 39 -25.10 -23.89 17.61
N PHE E 40 -24.21 -23.16 16.94
CA PHE E 40 -24.06 -21.71 17.15
C PHE E 40 -24.74 -20.98 16.05
N GLU E 41 -25.37 -19.86 16.35
CA GLU E 41 -25.70 -18.90 15.36
C GLU E 41 -24.75 -17.76 15.66
N LEU E 42 -23.73 -17.58 14.84
CA LEU E 42 -22.77 -16.55 15.13
C LEU E 42 -22.97 -15.40 14.19
N ASN E 43 -23.69 -14.41 14.65
CA ASN E 43 -24.00 -13.25 13.85
C ASN E 43 -22.95 -12.18 14.04
N GLU E 44 -22.20 -11.93 12.98
CA GLU E 44 -21.17 -10.92 13.07
C GLU E 44 -21.85 -9.61 12.78
N ALA E 45 -21.48 -8.59 13.53
CA ALA E 45 -22.01 -7.28 13.30
C ALA E 45 -20.93 -6.29 13.69
N LYS E 46 -21.03 -5.11 13.12
CA LYS E 46 -20.03 -4.08 13.26
C LYS E 46 -20.14 -3.41 14.60
N ILE E 47 -18.98 -2.99 15.11
CA ILE E 47 -18.95 -2.24 16.38
C ILE E 47 -17.74 -1.31 16.29
N GLY E 48 -17.80 -0.22 17.00
CA GLY E 48 -16.63 0.62 17.10
C GLY E 48 -16.37 1.39 15.81
N GLY E 49 -15.09 1.56 15.46
CA GLY E 49 -14.73 2.22 14.21
C GLY E 49 -15.41 1.66 12.97
N ALA E 50 -15.45 0.32 12.88
CA ALA E 50 -16.10 -0.34 11.74
C ALA E 50 -17.53 0.16 11.60
N SER E 51 -18.17 0.38 12.73
CA SER E 51 -19.59 0.78 12.74
C SER E 51 -19.74 2.26 12.49
N ILE E 52 -18.83 3.08 13.02
CA ILE E 52 -18.82 4.48 12.65
C ILE E 52 -18.71 4.64 11.12
N ASP E 53 -17.82 3.87 10.47
CA ASP E 53 -17.61 4.00 9.05
C ASP E 53 -18.85 3.63 8.26
N ALA E 54 -19.58 2.61 8.70
CA ALA E 54 -20.66 2.06 7.92
C ALA E 54 -21.94 2.84 8.22
N TYR E 55 -22.15 3.09 9.49
CA TYR E 55 -23.44 3.56 9.97
C TYR E 55 -23.37 4.91 10.63
N GLY E 56 -22.19 5.50 10.79
CA GLY E 56 -22.09 6.85 11.37
C GLY E 56 -22.01 6.94 12.87
N VAL E 57 -22.28 5.82 13.56
CA VAL E 57 -22.21 5.73 15.02
C VAL E 57 -21.44 4.43 15.44
N ALA E 58 -20.87 4.43 16.67
CA ALA E 58 -20.09 3.25 17.16
C ALA E 58 -20.97 2.03 17.50
N LEU E 59 -22.25 2.27 17.83
CA LEU E 59 -23.20 1.20 18.16
C LEU E 59 -24.54 1.50 17.57
N SER E 60 -24.88 0.81 16.49
CA SER E 60 -26.10 1.13 15.75
C SER E 60 -27.30 0.42 16.37
N ASP E 61 -28.49 0.94 16.09
CA ASP E 61 -29.72 0.35 16.57
C ASP E 61 -29.85 -1.10 16.13
N GLU E 62 -29.50 -1.40 14.89
CA GLU E 62 -29.70 -2.76 14.38
C GLU E 62 -28.70 -3.72 15.06
N THR E 63 -27.51 -3.22 15.38
CA THR E 63 -26.51 -4.00 16.12
C THR E 63 -26.92 -4.19 17.57
N LEU E 64 -27.45 -3.14 18.18
CA LEU E 64 -28.03 -3.28 19.53
C LEU E 64 -29.14 -4.33 19.55
N LYS E 65 -30.04 -4.28 18.59
CA LYS E 65 -31.13 -5.25 18.57
C LYS E 65 -30.69 -6.68 18.36
N LEU E 66 -29.64 -6.84 17.55
CA LEU E 66 -29.02 -8.15 17.40
C LEU E 66 -28.57 -8.67 18.77
N CYS E 67 -27.88 -7.84 19.54
CA CYS E 67 -27.38 -8.18 20.86
C CYS E 67 -28.55 -8.60 21.80
N GLU E 68 -29.64 -7.82 21.76
CA GLU E 68 -30.85 -8.16 22.52
C GLU E 68 -31.42 -9.53 22.14
N GLN E 69 -31.27 -9.94 20.87
CA GLN E 69 -31.77 -11.19 20.40
C GLN E 69 -30.79 -12.32 20.63
N SER E 70 -29.59 -12.00 21.16
CA SER E 70 -28.57 -13.03 21.37
C SER E 70 -28.49 -13.52 22.83
N ASP E 71 -27.74 -14.58 23.04
CA ASP E 71 -27.54 -15.09 24.35
C ASP E 71 -26.26 -14.54 25.03
N ALA E 72 -25.36 -13.98 24.22
CA ALA E 72 -24.14 -13.39 24.70
C ALA E 72 -23.50 -12.57 23.59
N ILE E 73 -22.53 -11.73 23.95
CA ILE E 73 -21.72 -10.91 23.04
C ILE E 73 -20.23 -11.36 23.16
N LEU E 74 -19.70 -11.80 22.06
CA LEU E 74 -18.23 -12.11 21.97
C LEU E 74 -17.63 -10.90 21.30
N PHE E 75 -16.90 -10.11 22.06
CA PHE E 75 -16.40 -8.76 21.69
C PHE E 75 -14.88 -8.85 21.45
N GLY E 76 -14.42 -8.17 20.40
CA GLY E 76 -12.97 -8.09 20.15
C GLY E 76 -12.35 -6.87 20.83
N SER E 77 -11.98 -5.89 20.00
CA SER E 77 -11.30 -4.70 20.46
C SER E 77 -11.76 -3.55 19.59
N VAL E 78 -11.86 -2.37 20.17
CA VAL E 78 -12.27 -1.20 19.36
C VAL E 78 -11.31 -0.04 19.53
N GLY E 79 -11.26 0.82 18.50
CA GLY E 79 -10.49 2.05 18.52
C GLY E 79 -9.29 1.98 17.61
N GLY E 80 -8.83 3.16 17.20
CA GLY E 80 -7.69 3.28 16.34
C GLY E 80 -7.48 4.74 15.94
N PRO E 81 -6.33 5.04 15.32
CA PRO E 81 -5.99 6.42 14.92
C PRO E 81 -7.04 7.10 14.05
N LYS E 82 -7.66 6.35 13.14
CA LYS E 82 -8.65 6.92 12.23
C LYS E 82 -9.77 7.68 12.92
N TRP E 83 -10.16 7.25 14.12
CA TRP E 83 -11.31 7.83 14.87
C TRP E 83 -10.87 8.58 16.10
N ASP E 84 -9.55 8.69 16.31
CA ASP E 84 -9.06 9.37 17.52
C ASP E 84 -9.42 10.85 17.55
N ASN E 85 -9.75 11.44 16.39
CA ASN E 85 -10.08 12.87 16.28
C ASN E 85 -11.56 13.23 16.39
N LEU E 86 -12.44 12.25 16.53
CA LEU E 86 -13.86 12.50 16.76
C LEU E 86 -14.06 13.11 18.15
N PRO E 87 -15.22 13.74 18.38
CA PRO E 87 -15.57 14.16 19.73
C PRO E 87 -15.43 13.00 20.70
N ILE E 88 -14.99 13.29 21.92
CA ILE E 88 -14.69 12.26 22.92
C ILE E 88 -15.83 11.25 23.13
N ASP E 89 -17.06 11.75 23.23
CA ASP E 89 -18.23 10.89 23.43
C ASP E 89 -18.63 9.99 22.22
N GLN E 90 -18.04 10.24 21.04
CA GLN E 90 -18.37 9.45 19.86
C GLN E 90 -17.28 8.39 19.56
N ARG E 91 -16.15 8.46 20.24
CA ARG E 91 -15.00 7.59 19.96
C ARG E 91 -15.34 6.15 20.24
N PRO E 92 -14.67 5.24 19.56
CA PRO E 92 -15.17 3.88 19.53
C PRO E 92 -15.32 3.21 20.91
N GLU E 93 -14.34 3.28 21.80
CA GLU E 93 -14.50 2.61 23.06
C GLU E 93 -15.59 3.17 23.96
N ARG E 94 -15.58 4.47 24.14
CA ARG E 94 -16.59 5.13 24.98
C ARG E 94 -17.99 4.90 24.47
N ALA E 95 -18.15 4.97 23.16
CA ALA E 95 -19.50 4.84 22.55
C ALA E 95 -19.98 3.40 22.34
N SER E 96 -19.16 2.41 22.68
CA SER E 96 -19.51 0.98 22.50
C SER E 96 -19.73 0.21 23.79
N LEU E 97 -18.67 0.03 24.57
CA LEU E 97 -18.70 -0.84 25.77
C LEU E 97 -19.57 -0.36 26.91
N LEU E 98 -19.45 0.90 27.23
CA LEU E 98 -20.17 1.42 28.33
C LEU E 98 -21.68 1.37 28.09
N PRO E 99 -22.13 1.76 26.93
CA PRO E 99 -23.56 1.69 26.63
C PRO E 99 -24.06 0.24 26.65
N LEU E 100 -23.26 -0.67 26.17
CA LEU E 100 -23.63 -2.08 26.20
C LEU E 100 -23.74 -2.59 27.61
N ARG E 101 -22.76 -2.26 28.46
CA ARG E 101 -22.77 -2.67 29.87
C ARG E 101 -24.05 -2.13 30.54
N LYS E 102 -24.35 -0.88 30.27
CA LYS E 102 -25.54 -0.29 30.87
C LYS E 102 -26.83 -0.95 30.33
N HIS E 103 -26.94 -1.13 29.00
CA HIS E 103 -28.15 -1.66 28.40
C HIS E 103 -28.51 -2.99 28.96
N PHE E 104 -27.49 -3.83 29.15
CA PHE E 104 -27.69 -5.22 29.55
C PHE E 104 -27.46 -5.47 31.06
N ASN E 105 -27.29 -4.39 31.84
CA ASN E 105 -27.11 -4.46 33.29
C ASN E 105 -25.94 -5.39 33.62
N LEU E 106 -24.80 -5.18 32.96
CA LEU E 106 -23.65 -6.08 33.20
C LEU E 106 -22.89 -5.57 34.46
N PHE E 107 -23.36 -6.02 35.62
CA PHE E 107 -22.85 -5.50 36.90
C PHE E 107 -21.65 -6.21 37.49
N ALA E 108 -21.28 -7.34 36.88
CA ALA E 108 -20.22 -8.20 37.45
C ALA E 108 -19.11 -8.29 36.43
N ASN E 109 -17.88 -8.01 36.83
CA ASN E 109 -16.68 -8.27 35.97
C ASN E 109 -15.90 -9.44 36.56
N LEU E 110 -15.62 -10.43 35.74
CA LEU E 110 -14.89 -11.61 36.10
C LEU E 110 -13.58 -11.53 35.28
N ARG E 111 -12.44 -11.53 35.96
CA ARG E 111 -11.14 -11.54 35.30
C ARG E 111 -10.32 -12.69 35.88
N PRO E 112 -10.08 -13.74 35.11
CA PRO E 112 -9.21 -14.79 35.58
C PRO E 112 -7.74 -14.41 35.58
N CYS E 113 -7.00 -14.89 36.58
CA CYS E 113 -5.55 -14.74 36.65
C CYS E 113 -5.00 -16.14 36.88
N LYS E 114 -4.62 -16.76 35.76
CA LYS E 114 -4.00 -18.09 35.78
C LYS E 114 -2.60 -18.00 35.20
N ILE E 115 -1.61 -18.50 35.92
CA ILE E 115 -0.20 -18.43 35.45
C ILE E 115 0.10 -19.81 34.95
N TYR E 116 0.47 -19.89 33.69
CA TYR E 116 0.78 -21.19 33.04
C TYR E 116 2.18 -21.55 33.41
N GLU E 117 2.37 -22.83 33.72
CA GLU E 117 3.67 -23.33 34.19
C GLU E 117 4.77 -22.96 33.24
N SER E 118 4.48 -23.04 31.94
CA SER E 118 5.48 -22.73 30.88
C SER E 118 5.83 -21.20 30.80
N LEU E 119 5.04 -20.34 31.45
CA LEU E 119 5.26 -18.89 31.43
C LEU E 119 5.55 -18.31 32.83
N THR E 120 6.00 -19.18 33.72
CA THR E 120 6.40 -18.81 35.08
C THR E 120 7.54 -17.79 35.07
N HIS E 121 8.44 -17.89 34.10
CA HIS E 121 9.54 -16.90 34.01
C HIS E 121 9.03 -15.48 33.76
N ALA E 122 7.87 -15.33 33.15
CA ALA E 122 7.38 -14.01 32.78
C ALA E 122 6.63 -13.31 33.96
N SER E 123 6.26 -14.07 34.99
CA SER E 123 5.74 -13.43 36.20
C SER E 123 6.87 -12.67 36.89
N PRO E 124 6.54 -11.51 37.42
CA PRO E 124 7.56 -10.82 38.22
C PRO E 124 7.79 -11.46 39.59
N LEU E 125 6.98 -12.44 40.01
CA LEU E 125 7.14 -13.09 41.32
C LEU E 125 8.15 -14.22 41.16
N LYS E 126 8.99 -14.39 42.15
CA LYS E 126 9.91 -15.57 42.12
C LYS E 126 9.11 -16.89 41.93
N ASN E 127 9.73 -17.81 41.19
CA ASN E 127 9.05 -19.03 40.80
C ASN E 127 8.58 -19.78 42.01
N GLU E 128 9.33 -19.70 43.10
CA GLU E 128 9.05 -20.44 44.33
C GLU E 128 7.77 -19.92 45.02
N ILE E 129 7.45 -18.65 44.79
CA ILE E 129 6.24 -18.09 45.34
C ILE E 129 4.96 -18.60 44.68
N ILE E 130 5.03 -18.83 43.37
CA ILE E 130 3.88 -19.23 42.54
C ILE E 130 3.87 -20.71 42.20
N GLN E 131 4.86 -21.45 42.68
CA GLN E 131 5.07 -22.82 42.13
C GLN E 131 3.91 -23.75 42.38
N LYS E 132 3.14 -23.53 43.41
CA LYS E 132 2.00 -24.40 43.67
C LYS E 132 0.89 -24.29 42.67
N GLY E 133 0.86 -23.20 41.91
CA GLY E 133 -0.11 -23.00 40.87
C GLY E 133 -0.94 -21.79 41.29
N VAL E 134 -0.97 -20.81 40.42
CA VAL E 134 -1.86 -19.62 40.59
C VAL E 134 -3.03 -19.69 39.60
N ASP E 135 -4.25 -19.72 40.14
CA ASP E 135 -5.44 -19.84 39.34
C ASP E 135 -6.54 -19.12 40.12
N ILE E 136 -6.75 -17.86 39.79
CA ILE E 136 -7.60 -16.98 40.62
C ILE E 136 -8.68 -16.39 39.70
N LEU E 137 -9.85 -16.08 40.29
CA LEU E 137 -10.85 -15.39 39.51
C LEU E 137 -11.21 -14.16 40.32
N CYS E 138 -10.94 -12.99 39.79
CA CYS E 138 -11.35 -11.73 40.47
C CYS E 138 -12.78 -11.37 40.04
N VAL E 139 -13.68 -11.11 40.99
CA VAL E 139 -15.08 -10.85 40.68
C VAL E 139 -15.38 -9.49 41.29
N ARG E 140 -15.58 -8.51 40.43
CA ARG E 140 -15.61 -7.06 40.83
C ARG E 140 -17.03 -6.53 40.53
N GLU E 141 -17.65 -5.95 41.53
CA GLU E 141 -18.90 -5.22 41.38
C GLU E 141 -18.69 -3.91 40.60
N LEU E 142 -19.55 -3.63 39.59
CA LEU E 142 -19.29 -2.53 38.64
C LEU E 142 -20.26 -1.29 38.79
N THR E 143 -21.28 -1.44 39.59
CA THR E 143 -22.41 -0.45 39.58
C THR E 143 -22.56 0.41 40.80
N GLY E 144 -21.85 0.02 41.87
CA GLY E 144 -21.98 0.60 43.17
C GLY E 144 -20.72 1.30 43.65
N GLY E 145 -20.84 1.81 44.86
CA GLY E 145 -19.76 2.40 45.59
C GLY E 145 -19.35 3.79 45.15
N ILE E 146 -18.08 4.07 45.49
CA ILE E 146 -17.51 5.39 45.50
C ILE E 146 -17.49 6.04 44.12
N TYR E 147 -17.39 5.25 43.05
CA TYR E 147 -17.49 5.82 41.71
C TYR E 147 -18.86 6.45 41.36
N PHE E 148 -19.90 6.07 42.08
CA PHE E 148 -21.26 6.51 41.78
C PHE E 148 -21.95 7.25 42.89
N GLY E 149 -21.39 7.27 44.10
CA GLY E 149 -22.04 7.97 45.22
C GLY E 149 -21.91 9.50 45.15
N LYS E 150 -22.61 10.18 46.06
CA LYS E 150 -22.62 11.65 46.09
C LYS E 150 -21.21 12.17 46.29
N GLN E 151 -20.83 13.16 45.50
CA GLN E 151 -19.50 13.75 45.65
C GLN E 151 -19.58 15.26 45.47
N ASP E 152 -18.56 15.95 45.96
CA ASP E 152 -18.48 17.40 45.77
C ASP E 152 -17.03 17.90 45.82
N LEU E 153 -16.68 18.75 44.88
CA LEU E 153 -15.40 19.43 44.84
C LEU E 153 -15.61 20.87 45.25
N GLY E 154 -15.06 21.22 46.41
CA GLY E 154 -14.96 22.61 46.85
C GLY E 154 -13.54 23.12 46.81
N LYS E 155 -13.39 24.39 47.14
CA LYS E 155 -12.07 25.02 47.17
C LYS E 155 -11.25 24.60 48.39
N GLU E 156 -11.93 24.30 49.49
CA GLU E 156 -11.27 24.02 50.78
C GLU E 156 -11.46 22.56 51.27
N SER E 157 -12.37 21.84 50.64
CA SER E 157 -12.84 20.51 51.05
C SER E 157 -13.45 19.79 49.84
N ALA E 158 -13.40 18.46 49.85
CA ALA E 158 -13.93 17.65 48.72
C ALA E 158 -14.25 16.27 49.33
N TYR E 159 -15.34 15.66 48.85
CA TYR E 159 -15.70 14.32 49.25
C TYR E 159 -16.29 13.49 48.12
N ASP E 160 -16.24 12.18 48.40
CA ASP E 160 -16.84 11.14 47.59
C ASP E 160 -17.45 10.13 48.59
N THR E 161 -18.48 9.41 48.15
CA THR E 161 -19.23 8.53 49.00
C THR E 161 -19.26 7.08 48.52
N GLU E 162 -18.68 6.24 49.34
CA GLU E 162 -18.70 4.75 49.14
C GLU E 162 -20.03 4.22 49.70
N ILE E 163 -20.96 4.08 48.81
CA ILE E 163 -22.33 3.68 49.15
C ILE E 163 -22.74 2.44 48.39
N TYR E 164 -23.25 1.49 49.14
CA TYR E 164 -23.71 0.23 48.60
C TYR E 164 -25.09 -0.19 49.20
N THR E 165 -25.88 -0.85 48.36
CA THR E 165 -27.13 -1.48 48.77
C THR E 165 -27.02 -2.98 48.91
N LYS E 166 -27.93 -3.54 49.69
CA LYS E 166 -28.06 -4.99 49.78
C LYS E 166 -28.35 -5.64 48.41
N LYS E 167 -29.17 -5.01 47.58
CA LYS E 167 -29.49 -5.54 46.23
C LYS E 167 -28.17 -5.67 45.39
N GLU E 168 -27.37 -4.60 45.42
CA GLU E 168 -26.08 -4.60 44.73
C GLU E 168 -25.16 -5.70 45.24
N ILE E 169 -25.08 -5.90 46.55
CA ILE E 169 -24.15 -6.84 47.11
C ILE E 169 -24.64 -8.26 46.88
N GLU E 170 -25.92 -8.47 47.10
CA GLU E 170 -26.45 -9.82 46.91
C GLU E 170 -26.18 -10.40 45.51
N ARG E 171 -26.41 -9.59 44.47
CA ARG E 171 -26.37 -10.09 43.07
C ARG E 171 -24.92 -10.39 42.66
N ILE E 172 -23.98 -9.56 43.11
CA ILE E 172 -22.53 -9.87 42.87
C ILE E 172 -22.08 -11.08 43.70
N ALA E 173 -22.51 -11.21 44.94
CA ALA E 173 -22.18 -12.38 45.77
C ALA E 173 -22.65 -13.70 45.14
N ARG E 174 -23.88 -13.72 44.61
CA ARG E 174 -24.38 -14.91 43.91
C ARG E 174 -23.51 -15.29 42.70
N ILE E 175 -23.10 -14.31 41.92
CA ILE E 175 -22.16 -14.57 40.83
C ILE E 175 -20.87 -15.19 41.31
N ALA E 176 -20.28 -14.62 42.36
CA ALA E 176 -19.05 -15.17 42.95
C ALA E 176 -19.19 -16.63 43.44
N PHE E 177 -20.27 -16.92 44.15
CA PHE E 177 -20.44 -18.29 44.66
C PHE E 177 -20.66 -19.33 43.58
N GLU E 178 -21.45 -18.94 42.55
CA GLU E 178 -21.74 -19.77 41.36
C GLU E 178 -20.41 -20.09 40.63
N SER E 179 -19.53 -19.09 40.52
CA SER E 179 -18.17 -19.34 39.97
C SER E 179 -17.35 -20.33 40.81
N ALA E 180 -17.36 -20.11 42.14
CA ALA E 180 -16.61 -20.85 43.03
C ALA E 180 -17.06 -22.29 42.96
N ARG E 181 -18.37 -22.48 42.81
CA ARG E 181 -18.93 -23.85 42.70
C ARG E 181 -18.34 -24.70 41.58
N ILE E 182 -17.99 -24.09 40.47
CA ILE E 182 -17.39 -24.79 39.32
C ILE E 182 -15.85 -24.58 39.20
N ARG E 183 -15.25 -23.90 40.16
CA ARG E 183 -13.78 -23.79 40.24
C ARG E 183 -13.16 -24.64 41.37
N LYS E 184 -12.74 -24.06 42.49
CA LYS E 184 -12.13 -24.76 43.60
C LYS E 184 -12.91 -24.57 44.91
N LYS E 185 -14.14 -24.08 44.79
CA LYS E 185 -15.00 -23.99 45.95
C LYS E 185 -14.50 -23.16 47.10
N LYS E 186 -13.95 -21.99 46.79
CA LYS E 186 -13.55 -21.05 47.80
C LYS E 186 -13.81 -19.63 47.30
N VAL E 187 -14.39 -18.82 48.19
CA VAL E 187 -14.58 -17.36 47.97
C VAL E 187 -13.86 -16.63 49.10
N HIS E 188 -13.02 -15.64 48.76
CA HIS E 188 -12.53 -14.64 49.71
C HIS E 188 -13.26 -13.37 49.45
N LEU E 189 -13.98 -12.90 50.45
CA LEU E 189 -14.58 -11.57 50.40
C LEU E 189 -13.51 -10.58 50.86
N ILE E 190 -13.17 -9.67 49.97
CA ILE E 190 -12.18 -8.61 50.17
C ILE E 190 -12.93 -7.31 50.56
N ASP E 191 -12.64 -6.84 51.77
CA ASP E 191 -13.28 -5.62 52.32
C ASP E 191 -12.36 -4.84 53.27
N LYS E 192 -12.95 -3.87 54.02
CA LYS E 192 -12.27 -3.19 55.12
C LYS E 192 -13.25 -3.04 56.31
N ALA E 193 -13.78 -4.19 56.74
CA ALA E 193 -14.87 -4.28 57.72
C ALA E 193 -14.46 -3.85 59.13
N ASN E 194 -13.18 -3.71 59.40
CA ASN E 194 -12.73 -3.17 60.68
C ASN E 194 -12.94 -1.65 60.79
N VAL E 195 -13.14 -0.99 59.67
CA VAL E 195 -13.44 0.40 59.67
C VAL E 195 -14.65 0.89 58.83
N LEU E 196 -15.03 0.20 57.77
CA LEU E 196 -16.05 0.75 56.86
C LEU E 196 -17.40 0.14 57.15
N ALA E 197 -18.39 1.02 57.31
CA ALA E 197 -19.80 0.57 57.48
C ALA E 197 -20.31 -0.19 56.24
N SER E 198 -19.99 0.30 55.06
CA SER E 198 -20.35 -0.36 53.84
C SER E 198 -19.69 -1.81 53.81
N SER E 199 -18.48 -1.97 54.34
CA SER E 199 -17.86 -3.33 54.38
C SER E 199 -18.59 -4.26 55.37
N ILE E 200 -19.08 -3.69 56.45
CA ILE E 200 -19.89 -4.44 57.42
C ILE E 200 -21.15 -4.96 56.76
N LEU E 201 -21.80 -4.13 55.98
CA LEU E 201 -22.98 -4.58 55.19
C LEU E 201 -22.60 -5.71 54.20
N TRP E 202 -21.45 -5.54 53.53
CA TRP E 202 -20.95 -6.58 52.66
C TRP E 202 -20.89 -7.90 53.41
N ARG E 203 -20.30 -7.95 54.61
CA ARG E 203 -20.11 -9.23 55.30
C ARG E 203 -21.44 -9.82 55.70
N GLU E 204 -22.38 -8.96 56.07
CA GLU E 204 -23.68 -9.47 56.45
C GLU E 204 -24.43 -10.10 55.29
N VAL E 205 -24.45 -9.40 54.17
CA VAL E 205 -25.18 -9.86 52.98
C VAL E 205 -24.52 -11.11 52.41
N VAL E 206 -23.20 -11.06 52.26
CA VAL E 206 -22.45 -12.22 51.73
C VAL E 206 -22.62 -13.43 52.63
N ALA E 207 -22.52 -13.28 53.95
CA ALA E 207 -22.67 -14.43 54.84
C ALA E 207 -24.08 -15.05 54.71
N ASN E 208 -25.08 -14.20 54.47
CA ASN E 208 -26.45 -14.73 54.24
C ASN E 208 -26.60 -15.45 52.89
N VAL E 209 -26.01 -14.88 51.82
CA VAL E 209 -25.98 -15.55 50.53
C VAL E 209 -25.31 -16.89 50.68
N ALA E 210 -24.25 -16.96 51.48
CA ALA E 210 -23.42 -18.15 51.62
C ALA E 210 -24.20 -19.35 52.15
N LYS E 211 -25.36 -19.09 52.77
CA LYS E 211 -26.20 -20.19 53.31
C LYS E 211 -26.71 -21.14 52.23
N ASP E 212 -26.86 -20.61 51.03
CA ASP E 212 -27.30 -21.35 49.85
C ASP E 212 -26.13 -22.10 49.21
N TYR E 213 -24.93 -21.96 49.75
CA TYR E 213 -23.73 -22.50 49.10
C TYR E 213 -22.86 -23.11 50.16
N GLN E 214 -23.41 -24.09 50.84
CA GLN E 214 -22.73 -24.68 51.99
C GLN E 214 -21.53 -25.52 51.54
N ASP E 215 -21.45 -25.81 50.24
CA ASP E 215 -20.29 -26.54 49.63
C ASP E 215 -19.06 -25.61 49.47
N ILE E 216 -19.25 -24.31 49.61
CA ILE E 216 -18.16 -23.34 49.35
C ILE E 216 -17.59 -22.88 50.68
N ASN E 217 -16.27 -22.81 50.75
CA ASN E 217 -15.56 -22.20 51.83
C ASN E 217 -15.51 -20.66 51.66
N LEU E 218 -16.19 -19.92 52.53
CA LEU E 218 -16.12 -18.49 52.56
C LEU E 218 -15.13 -17.98 53.61
N GLU E 219 -14.22 -17.13 53.19
CA GLU E 219 -13.25 -16.49 54.06
C GLU E 219 -13.30 -14.98 53.78
N TYR E 220 -12.81 -14.22 54.74
CA TYR E 220 -12.85 -12.77 54.69
C TYR E 220 -11.42 -12.29 54.80
N MET E 221 -11.07 -11.27 54.03
CA MET E 221 -9.79 -10.69 54.10
C MET E 221 -9.86 -9.19 53.84
N TYR E 222 -9.11 -8.40 54.61
CA TYR E 222 -9.01 -6.97 54.43
C TYR E 222 -8.22 -6.67 53.14
N VAL E 223 -8.62 -5.63 52.45
CA VAL E 223 -8.01 -5.26 51.15
C VAL E 223 -6.47 -5.04 51.23
N ASP E 224 -6.00 -4.54 52.36
CA ASP E 224 -4.54 -4.30 52.53
C ASP E 224 -3.80 -5.60 52.71
N ASN E 225 -4.38 -6.54 53.44
CA ASN E 225 -3.78 -7.89 53.52
C ASN E 225 -3.85 -8.61 52.20
N ALA E 226 -4.98 -8.47 51.48
CA ALA E 226 -5.08 -9.03 50.14
C ALA E 226 -3.99 -8.49 49.19
N ALA E 227 -3.69 -7.19 49.26
CA ALA E 227 -2.61 -6.61 48.45
C ALA E 227 -1.27 -7.27 48.76
N MET E 228 -1.05 -7.62 50.02
CA MET E 228 0.16 -8.36 50.44
C MET E 228 0.20 -9.77 49.99
N GLN E 229 -0.91 -10.48 50.24
CA GLN E 229 -1.01 -11.89 49.84
C GLN E 229 -0.94 -12.20 48.33
N ILE E 230 -1.38 -11.27 47.50
CA ILE E 230 -1.25 -11.45 46.09
C ILE E 230 0.28 -11.51 45.71
N VAL E 231 1.10 -10.77 46.43
CA VAL E 231 2.56 -10.78 46.20
C VAL E 231 3.23 -12.00 46.93
N LYS E 232 2.83 -12.28 48.16
CA LYS E 232 3.55 -13.21 49.02
C LYS E 232 3.10 -14.65 48.87
N ASN E 233 1.82 -14.85 48.61
CA ASN E 233 1.26 -16.21 48.58
C ASN E 233 -0.08 -16.29 47.78
N PRO E 234 -0.03 -15.97 46.45
CA PRO E 234 -1.23 -15.88 45.66
C PRO E 234 -1.90 -17.24 45.41
N SER E 235 -1.16 -18.39 45.56
CA SER E 235 -1.79 -19.66 45.24
C SER E 235 -2.93 -20.05 46.15
N ILE E 236 -3.06 -19.42 47.29
CA ILE E 236 -4.17 -19.67 48.17
C ILE E 236 -5.55 -19.25 47.58
N PHE E 237 -5.58 -18.26 46.68
CA PHE E 237 -6.87 -17.79 46.26
C PHE E 237 -7.54 -18.67 45.25
N ASP E 238 -8.87 -18.69 45.32
CA ASP E 238 -9.70 -19.12 44.20
C ASP E 238 -10.54 -17.95 43.66
N VAL E 239 -11.71 -17.76 44.23
CA VAL E 239 -12.54 -16.63 43.80
C VAL E 239 -12.30 -15.49 44.76
N MET E 240 -12.09 -14.27 44.24
CA MET E 240 -11.86 -13.10 45.11
C MET E 240 -13.00 -12.12 44.81
N LEU E 241 -13.85 -11.94 45.79
CA LEU E 241 -15.06 -11.08 45.62
C LEU E 241 -14.78 -9.70 46.15
N CYS E 242 -14.90 -8.67 45.28
CA CYS E 242 -14.45 -7.33 45.60
C CYS E 242 -15.58 -6.32 45.34
N SER E 243 -15.56 -5.27 46.14
CA SER E 243 -16.25 -4.01 45.77
C SER E 243 -15.64 -3.41 44.48
N ASN E 244 -16.32 -2.38 43.95
CA ASN E 244 -15.89 -1.74 42.72
C ASN E 244 -14.47 -1.20 42.90
N LEU E 245 -14.25 -0.43 43.97
CA LEU E 245 -12.92 0.28 44.14
C LEU E 245 -11.82 -0.76 44.39
N PHE E 246 -12.08 -1.61 45.36
CA PHE E 246 -11.09 -2.61 45.71
C PHE E 246 -10.78 -3.56 44.57
N GLY E 247 -11.80 -3.99 43.83
CA GLY E 247 -11.62 -4.80 42.60
C GLY E 247 -10.81 -4.13 41.51
N ASP E 248 -11.02 -2.83 41.35
CA ASP E 248 -10.30 -2.04 40.39
C ASP E 248 -8.77 -2.07 40.72
N ILE E 249 -8.41 -1.97 41.99
CA ILE E 249 -7.03 -2.03 42.46
C ILE E 249 -6.44 -3.44 42.35
N LEU E 250 -7.14 -4.40 42.94
CA LEU E 250 -6.60 -5.80 42.96
C LEU E 250 -6.56 -6.49 41.61
N SER E 251 -7.50 -6.20 40.70
CA SER E 251 -7.51 -6.80 39.39
C SER E 251 -6.22 -6.38 38.63
N ASP E 252 -5.79 -5.13 38.80
CA ASP E 252 -4.54 -4.68 38.20
C ASP E 252 -3.30 -5.30 38.82
N GLU E 253 -3.34 -5.50 40.15
CA GLU E 253 -2.27 -6.16 40.84
C GLU E 253 -2.16 -7.60 40.38
N LEU E 254 -3.30 -8.27 40.26
CA LEU E 254 -3.32 -9.61 39.70
C LEU E 254 -2.77 -9.67 38.23
N ALA E 255 -3.14 -8.69 37.39
CA ALA E 255 -2.57 -8.58 36.06
C ALA E 255 -1.03 -8.52 36.17
N ALA E 256 -0.52 -7.75 37.12
CA ALA E 256 0.91 -7.53 37.27
C ALA E 256 1.60 -8.78 37.66
N ILE E 257 1.05 -9.49 38.65
CA ILE E 257 1.74 -10.79 39.03
C ILE E 257 1.67 -11.83 37.90
N ASN E 258 0.65 -11.75 37.04
CA ASN E 258 0.49 -12.72 36.01
C ASN E 258 1.68 -12.73 35.07
N GLY E 259 2.02 -11.55 34.55
CA GLY E 259 3.10 -11.38 33.66
C GLY E 259 2.88 -11.52 32.16
N SER E 260 1.74 -12.09 31.75
CA SER E 260 1.44 -12.34 30.34
C SER E 260 0.11 -11.71 29.97
N LEU E 261 0.17 -10.40 29.76
CA LEU E 261 -1.02 -9.61 29.44
C LEU E 261 -1.83 -10.11 28.28
N GLY E 262 -1.18 -10.60 27.24
CA GLY E 262 -1.86 -11.07 26.04
C GLY E 262 -2.73 -12.28 26.26
N LEU E 263 -2.61 -12.92 27.42
CA LEU E 263 -3.43 -14.12 27.68
C LEU E 263 -4.66 -13.77 28.56
N LEU E 264 -4.81 -12.50 28.93
CA LEU E 264 -5.85 -12.16 29.92
C LEU E 264 -7.17 -11.79 29.28
N SER E 265 -8.24 -12.35 29.87
CA SER E 265 -9.60 -12.19 29.34
C SER E 265 -10.50 -11.60 30.42
N SER E 266 -11.71 -11.26 30.00
CA SER E 266 -12.63 -10.54 30.86
C SER E 266 -14.08 -10.93 30.49
N ALA E 267 -14.95 -11.07 31.49
CA ALA E 267 -16.37 -11.34 31.23
C ALA E 267 -17.16 -10.28 32.04
N SER E 268 -18.14 -9.65 31.43
CA SER E 268 -19.04 -8.74 32.15
C SER E 268 -20.42 -9.37 32.09
N LEU E 269 -20.99 -9.75 33.24
CA LEU E 269 -22.17 -10.58 33.30
C LEU E 269 -23.30 -9.85 34.06
N ASN E 270 -24.52 -10.25 33.74
CA ASN E 270 -25.67 -9.86 34.52
C ASN E 270 -26.14 -11.06 35.27
N ASP E 271 -27.36 -11.00 35.79
CA ASP E 271 -27.89 -12.09 36.64
C ASP E 271 -28.72 -13.12 35.89
N LYS E 272 -28.78 -13.01 34.56
CA LYS E 272 -29.62 -13.92 33.73
C LYS E 272 -28.80 -14.78 32.76
N GLY E 273 -27.51 -14.91 32.99
CA GLY E 273 -26.64 -15.68 32.08
C GLY E 273 -26.16 -14.95 30.82
N PHE E 274 -26.55 -13.69 30.64
CA PHE E 274 -26.00 -12.87 29.54
C PHE E 274 -24.63 -12.29 29.93
N GLY E 275 -23.68 -12.31 29.01
CA GLY E 275 -22.39 -11.71 29.22
C GLY E 275 -21.80 -11.09 27.98
N LEU E 276 -20.85 -10.20 28.19
CA LEU E 276 -20.00 -9.67 27.13
C LEU E 276 -18.56 -10.11 27.50
N TYR E 277 -17.94 -10.84 26.57
CA TYR E 277 -16.70 -11.55 26.80
C TYR E 277 -15.64 -10.98 25.84
N GLU E 278 -14.52 -10.54 26.39
CA GLU E 278 -13.51 -9.82 25.61
C GLU E 278 -12.11 -10.04 26.17
N PRO E 279 -11.09 -9.85 25.33
CA PRO E 279 -9.71 -9.73 25.89
C PRO E 279 -9.60 -8.52 26.82
N ALA E 280 -8.79 -8.65 27.86
CA ALA E 280 -8.50 -7.57 28.78
C ALA E 280 -7.66 -6.45 28.17
N GLY E 281 -6.70 -6.80 27.31
CA GLY E 281 -5.73 -5.84 26.76
C GLY E 281 -6.16 -4.67 25.82
N GLY E 282 -7.23 -4.77 25.06
CA GLY E 282 -7.58 -3.60 24.20
C GLY E 282 -6.87 -3.53 22.85
N SER E 283 -6.93 -2.38 22.17
CA SER E 283 -6.34 -2.27 20.82
C SER E 283 -4.82 -2.31 20.71
N ALA E 284 -4.35 -2.63 19.51
CA ALA E 284 -2.92 -2.75 19.24
C ALA E 284 -2.71 -2.23 17.83
N PRO E 285 -3.10 -0.96 17.56
CA PRO E 285 -3.07 -0.45 16.18
C PRO E 285 -1.70 -0.58 15.47
N ASP E 286 -0.63 -0.49 16.22
CA ASP E 286 0.71 -0.58 15.64
C ASP E 286 1.11 -1.97 15.12
N ILE E 287 0.39 -3.03 15.53
CA ILE E 287 0.65 -4.37 14.93
C ILE E 287 -0.54 -4.91 14.13
N ALA E 288 -1.53 -4.06 13.86
CA ALA E 288 -2.79 -4.42 13.22
C ALA E 288 -2.64 -4.94 11.80
N HIS E 289 -1.56 -4.52 11.13
CA HIS E 289 -1.33 -4.90 9.73
C HIS E 289 -0.49 -6.13 9.61
N LEU E 290 0.00 -6.64 10.73
CA LEU E 290 0.87 -7.78 10.75
C LEU E 290 -0.04 -8.99 11.10
N ASN E 291 0.55 -10.13 11.27
CA ASN E 291 -0.23 -11.34 11.53
C ASN E 291 0.42 -11.97 12.76
N ILE E 292 0.71 -11.14 13.76
CA ILE E 292 1.42 -11.63 14.99
C ILE E 292 0.65 -11.52 16.33
N ALA E 293 -0.45 -10.79 16.34
CA ALA E 293 -1.24 -10.61 17.56
C ALA E 293 -1.60 -11.95 18.23
N ASN E 294 -1.50 -12.00 19.55
CA ASN E 294 -1.86 -13.16 20.33
C ASN E 294 -3.38 -13.38 20.33
N PRO E 295 -3.89 -14.48 19.73
CA PRO E 295 -5.35 -14.72 19.72
C PRO E 295 -5.83 -15.44 20.99
N ILE E 296 -4.93 -15.81 21.88
CA ILE E 296 -5.28 -16.67 23.06
C ILE E 296 -6.30 -15.99 24.02
N ALA E 297 -6.14 -14.69 24.25
CA ALA E 297 -7.08 -13.98 25.06
C ALA E 297 -8.52 -14.02 24.46
N GLN E 298 -8.65 -13.81 23.14
CA GLN E 298 -9.96 -13.90 22.47
C GLN E 298 -10.51 -15.32 22.57
N ILE E 299 -9.65 -16.31 22.39
CA ILE E 299 -10.10 -17.71 22.50
C ILE E 299 -10.56 -18.06 23.94
N LEU E 300 -9.81 -17.57 24.95
CA LEU E 300 -10.12 -17.78 26.33
C LEU E 300 -11.45 -17.03 26.69
N SER E 301 -11.70 -15.86 26.07
CA SER E 301 -13.01 -15.15 26.21
C SER E 301 -14.16 -16.02 25.71
N ALA E 302 -13.94 -16.70 24.60
CA ALA E 302 -14.90 -17.64 24.03
C ALA E 302 -15.12 -18.81 24.96
N ALA E 303 -14.08 -19.28 25.61
CA ALA E 303 -14.23 -20.31 26.67
C ALA E 303 -15.07 -19.86 27.87
N LEU E 304 -14.81 -18.64 28.34
CA LEU E 304 -15.58 -18.06 29.40
C LEU E 304 -17.02 -17.95 29.03
N MET E 305 -17.30 -17.56 27.80
CA MET E 305 -18.70 -17.47 27.30
C MET E 305 -19.38 -18.86 27.33
N LEU E 306 -18.69 -19.90 26.85
CA LEU E 306 -19.23 -21.26 26.95
C LEU E 306 -19.58 -21.67 28.39
N LYS E 307 -18.68 -21.37 29.33
CA LYS E 307 -18.77 -21.76 30.72
C LYS E 307 -19.94 -21.02 31.39
N TYR E 308 -19.97 -19.70 31.22
CA TYR E 308 -20.86 -18.85 31.99
C TYR E 308 -22.16 -18.43 31.35
N SER E 309 -22.21 -18.30 30.04
CA SER E 309 -23.48 -17.99 29.41
C SER E 309 -24.17 -19.23 28.93
N PHE E 310 -23.43 -20.22 28.47
CA PHE E 310 -24.06 -21.42 27.86
C PHE E 310 -24.04 -22.68 28.69
N LYS E 311 -23.36 -22.63 29.80
CA LYS E 311 -23.25 -23.77 30.74
C LYS E 311 -22.67 -24.98 30.06
N GLU E 312 -21.72 -24.74 29.18
CA GLU E 312 -21.03 -25.82 28.48
C GLU E 312 -19.66 -25.95 29.04
N GLU E 313 -19.61 -26.45 30.26
CA GLU E 313 -18.43 -26.44 31.07
C GLU E 313 -17.33 -27.33 30.51
N GLN E 314 -17.70 -28.49 29.98
CA GLN E 314 -16.68 -29.37 29.45
C GLN E 314 -16.07 -28.82 28.18
N ALA E 315 -16.89 -28.25 27.32
CA ALA E 315 -16.41 -27.59 26.08
C ALA E 315 -15.40 -26.53 26.45
N ALA E 316 -15.76 -25.65 27.39
CA ALA E 316 -14.84 -24.63 27.93
C ALA E 316 -13.55 -25.22 28.41
N GLN E 317 -13.66 -26.29 29.17
CA GLN E 317 -12.49 -26.94 29.75
C GLN E 317 -11.60 -27.48 28.69
N ASP E 318 -12.20 -28.02 27.62
CA ASP E 318 -11.41 -28.61 26.51
C ASP E 318 -10.54 -27.50 25.87
N ILE E 319 -11.15 -26.35 25.66
CA ILE E 319 -10.44 -25.19 25.05
C ILE E 319 -9.30 -24.77 25.98
N GLU E 320 -9.60 -24.61 27.28
CA GLU E 320 -8.56 -24.21 28.24
C GLU E 320 -7.41 -25.22 28.30
N ASN E 321 -7.75 -26.51 28.27
CA ASN E 321 -6.67 -27.53 28.30
C ASN E 321 -5.85 -27.54 27.05
N ALA E 322 -6.48 -27.24 25.90
CA ALA E 322 -5.74 -27.17 24.65
C ALA E 322 -4.69 -26.04 24.69
N ILE E 323 -5.09 -24.88 25.18
CA ILE E 323 -4.15 -23.77 25.36
C ILE E 323 -2.99 -24.10 26.29
N SER E 324 -3.27 -24.75 27.41
CA SER E 324 -2.28 -25.22 28.36
C SER E 324 -1.30 -26.14 27.67
N LEU E 325 -1.84 -27.08 26.86
CA LEU E 325 -0.97 -28.09 26.22
C LEU E 325 -0.10 -27.39 25.16
N ALA E 326 -0.70 -26.49 24.36
CA ALA E 326 0.00 -25.74 23.30
C ALA E 326 1.16 -24.96 23.91
N LEU E 327 0.88 -24.22 24.98
CA LEU E 327 1.96 -23.48 25.69
C LEU E 327 3.07 -24.42 26.28
N ALA E 328 2.65 -25.53 26.87
CA ALA E 328 3.59 -26.53 27.38
C ALA E 328 4.48 -27.12 26.27
N GLN E 329 3.95 -27.20 25.04
CA GLN E 329 4.76 -27.67 23.89
C GLN E 329 5.65 -26.58 23.29
N GLY E 330 5.58 -25.35 23.80
CA GLY E 330 6.44 -24.29 23.37
C GLY E 330 5.83 -23.54 22.23
N LYS E 331 4.53 -23.72 21.98
CA LYS E 331 3.89 -23.12 20.84
C LYS E 331 3.26 -21.77 21.30
N MET E 332 3.85 -20.67 20.85
CA MET E 332 3.59 -19.36 21.46
C MET E 332 3.70 -18.27 20.42
N THR E 333 2.98 -17.15 20.63
CA THR E 333 3.08 -16.01 19.78
C THR E 333 4.30 -15.13 20.21
N LYS E 334 4.60 -14.12 19.39
CA LYS E 334 5.79 -13.27 19.59
C LYS E 334 5.85 -12.57 20.94
N ASP E 335 4.71 -12.09 21.43
CA ASP E 335 4.67 -11.49 22.76
C ASP E 335 5.15 -12.42 23.89
N LEU E 336 4.98 -13.73 23.74
CA LEU E 336 5.31 -14.69 24.77
C LEU E 336 6.73 -15.34 24.56
N ASN E 337 7.17 -15.41 23.31
CA ASN E 337 8.52 -15.86 23.02
C ASN E 337 9.02 -15.16 21.74
N ALA E 338 9.88 -14.16 21.92
CA ALA E 338 10.33 -13.29 20.84
C ALA E 338 11.30 -14.00 19.89
N LYS E 339 11.89 -15.09 20.34
CA LYS E 339 12.88 -15.79 19.55
C LYS E 339 12.29 -16.89 18.65
N SER E 340 11.26 -17.58 19.13
CA SER E 340 10.67 -18.61 18.37
C SER E 340 9.15 -18.59 18.53
N TYR E 341 8.43 -18.15 17.49
CA TYR E 341 6.97 -17.92 17.65
C TYR E 341 6.15 -18.25 16.43
N LEU E 342 4.84 -18.35 16.66
CA LEU E 342 3.85 -18.62 15.65
C LEU E 342 3.09 -17.36 15.33
N ASN E 343 2.67 -17.23 14.08
CA ASN E 343 1.77 -16.14 13.67
C ASN E 343 0.38 -16.39 14.23
N THR E 344 -0.46 -15.38 14.15
CA THR E 344 -1.84 -15.53 14.72
C THR E 344 -2.64 -16.74 14.25
N ASP E 345 -2.69 -16.93 12.93
CA ASP E 345 -3.38 -18.02 12.33
C ASP E 345 -2.68 -19.35 12.64
N GLU E 346 -1.35 -19.39 12.63
CA GLU E 346 -0.64 -20.61 13.07
C GLU E 346 -0.93 -21.03 14.54
N MET E 347 -1.08 -20.03 15.39
CA MET E 347 -1.38 -20.28 16.79
C MET E 347 -2.76 -20.87 16.91
N GLY E 348 -3.73 -20.26 16.18
CA GLY E 348 -5.12 -20.80 16.14
C GLY E 348 -5.16 -22.27 15.65
N ASP E 349 -4.40 -22.53 14.60
CA ASP E 349 -4.36 -23.87 13.99
C ASP E 349 -3.76 -24.86 14.95
N CYS E 350 -2.73 -24.46 15.71
CA CYS E 350 -2.08 -25.28 16.70
C CYS E 350 -3.05 -25.72 17.82
N ILE E 351 -3.82 -24.76 18.30
CA ILE E 351 -4.86 -25.08 19.26
C ILE E 351 -5.89 -26.02 18.69
N LEU E 352 -6.32 -25.74 17.45
CA LEU E 352 -7.30 -26.59 16.80
C LEU E 352 -6.78 -28.01 16.70
N GLU E 353 -5.54 -28.15 16.28
CA GLU E 353 -4.95 -29.50 16.10
C GLU E 353 -4.93 -30.28 17.43
N ILE E 354 -4.59 -29.62 18.54
CA ILE E 354 -4.64 -30.21 19.85
C ILE E 354 -6.05 -30.61 20.25
N LEU E 355 -7.04 -29.75 20.01
CA LEU E 355 -8.42 -30.16 20.21
C LEU E 355 -8.81 -31.44 19.43
N LYS E 356 -8.42 -31.53 18.15
CA LYS E 356 -8.72 -32.71 17.32
C LYS E 356 -7.98 -33.96 17.79
N GLU E 357 -6.76 -33.78 18.22
CA GLU E 357 -5.93 -34.87 18.75
C GLU E 357 -6.44 -35.50 20.02
N ASN E 358 -7.21 -34.70 20.78
CA ASN E 358 -7.77 -35.13 22.05
C ASN E 358 -9.25 -35.44 21.92
N ASP E 359 -9.72 -35.56 20.68
CA ASP E 359 -11.13 -35.87 20.41
C ASP E 359 -11.29 -37.35 19.99
N ASN E 360 -11.14 -38.22 21.01
CA ASN E 360 -10.97 -39.67 20.96
C ASN E 360 -9.66 -40.07 20.30
N LYS F 5 37.65 -21.22 -12.22
CA LYS F 5 36.51 -21.95 -12.83
C LYS F 5 36.15 -23.30 -12.07
N THR F 6 34.99 -23.30 -11.40
CA THR F 6 34.41 -24.46 -10.71
C THR F 6 33.05 -24.81 -11.31
N TYR F 7 32.94 -26.08 -11.72
CA TYR F 7 31.75 -26.57 -12.39
C TYR F 7 31.06 -27.44 -11.36
N LYS F 8 29.83 -27.08 -10.99
CA LYS F 8 29.13 -27.82 -10.02
C LYS F 8 28.17 -28.84 -10.63
N VAL F 9 28.29 -30.08 -10.19
CA VAL F 9 27.58 -31.20 -10.84
C VAL F 9 26.84 -31.94 -9.77
N ALA F 10 25.53 -32.13 -9.97
CA ALA F 10 24.75 -33.05 -9.17
C ALA F 10 24.84 -34.43 -9.77
N VAL F 11 25.49 -35.33 -9.04
CA VAL F 11 25.70 -36.68 -9.47
C VAL F 11 24.65 -37.60 -8.83
N LEU F 12 23.74 -38.09 -9.64
CA LEU F 12 22.63 -38.93 -9.24
C LEU F 12 22.77 -40.32 -9.88
N ALA F 13 23.54 -41.20 -9.23
CA ALA F 13 23.97 -42.47 -9.82
C ALA F 13 22.84 -43.50 -9.87
N GLY F 14 21.95 -43.48 -8.88
CA GLY F 14 20.75 -44.28 -8.94
C GLY F 14 20.95 -45.74 -8.49
N ASP F 15 20.38 -46.66 -9.26
CA ASP F 15 20.20 -48.07 -8.91
C ASP F 15 20.96 -49.01 -9.84
N GLY F 16 21.00 -50.30 -9.45
CA GLY F 16 21.62 -51.33 -10.27
C GLY F 16 23.06 -50.97 -10.62
N ILE F 17 23.36 -50.92 -11.90
CA ILE F 17 24.75 -50.69 -12.37
C ILE F 17 25.11 -49.20 -12.25
N GLY F 18 24.15 -48.34 -11.96
CA GLY F 18 24.46 -46.92 -11.95
C GLY F 18 25.67 -46.48 -11.13
N PRO F 19 25.72 -46.83 -9.84
CA PRO F 19 26.82 -46.43 -8.99
C PRO F 19 28.17 -46.98 -9.49
N LEU F 20 28.14 -48.20 -10.02
CA LEU F 20 29.39 -48.89 -10.51
C LEU F 20 29.97 -48.13 -11.73
N VAL F 21 29.14 -47.86 -12.71
CA VAL F 21 29.59 -47.09 -13.88
C VAL F 21 29.90 -45.63 -13.56
N MET F 22 29.14 -45.04 -12.61
CA MET F 22 29.41 -43.63 -12.27
C MET F 22 30.84 -43.46 -11.75
N LYS F 23 31.32 -44.42 -10.97
CA LYS F 23 32.69 -44.40 -10.45
C LYS F 23 33.71 -44.16 -11.61
N GLU F 24 33.49 -44.78 -12.74
CA GLU F 24 34.40 -44.68 -13.91
C GLU F 24 34.28 -43.31 -14.62
N ALA F 25 33.06 -42.79 -14.77
CA ALA F 25 32.88 -41.42 -15.23
C ALA F 25 33.58 -40.36 -14.32
N LEU F 26 33.43 -40.45 -12.99
CA LEU F 26 34.08 -39.55 -12.04
C LEU F 26 35.62 -39.66 -12.10
N LYS F 27 36.11 -40.87 -12.28
CA LYS F 27 37.54 -41.10 -12.52
C LYS F 27 38.06 -40.32 -13.74
N ILE F 28 37.32 -40.37 -14.86
CA ILE F 28 37.67 -39.66 -16.06
C ILE F 28 37.53 -38.15 -15.86
N LEU F 29 36.43 -37.71 -15.28
CA LEU F 29 36.33 -36.25 -15.06
C LEU F 29 37.44 -35.64 -14.15
N THR F 30 37.77 -36.35 -13.07
CA THR F 30 38.82 -35.97 -12.16
C THR F 30 40.10 -35.75 -12.97
N PHE F 31 40.41 -36.66 -13.89
CA PHE F 31 41.61 -36.43 -14.72
C PHE F 31 41.51 -35.22 -15.65
N ILE F 32 40.34 -35.05 -16.26
CA ILE F 32 40.08 -33.96 -17.15
C ILE F 32 40.24 -32.60 -16.42
N ALA F 33 39.71 -32.49 -15.19
CA ALA F 33 39.85 -31.26 -14.40
C ALA F 33 41.33 -30.96 -14.14
N GLN F 34 42.10 -32.03 -13.90
CA GLN F 34 43.54 -31.86 -13.69
C GLN F 34 44.21 -31.35 -14.91
N LYS F 35 43.95 -31.99 -16.06
CA LYS F 35 44.56 -31.64 -17.32
C LYS F 35 44.24 -30.17 -17.73
N TYR F 36 43.00 -29.74 -17.51
CA TYR F 36 42.57 -28.47 -18.01
C TYR F 36 42.60 -27.36 -17.01
N ASN F 37 43.04 -27.64 -15.80
CA ASN F 37 43.15 -26.70 -14.73
C ASN F 37 41.83 -26.00 -14.39
N PHE F 38 40.77 -26.79 -14.23
CA PHE F 38 39.51 -26.26 -13.68
C PHE F 38 39.12 -27.20 -12.58
N SER F 39 38.09 -26.89 -11.79
CA SER F 39 37.66 -27.76 -10.68
C SER F 39 36.21 -28.19 -10.85
N PHE F 40 35.93 -29.42 -10.42
CA PHE F 40 34.58 -29.90 -10.23
C PHE F 40 34.19 -29.88 -8.80
N GLU F 41 32.94 -29.54 -8.49
CA GLU F 41 32.38 -29.87 -7.23
C GLU F 41 31.35 -30.96 -7.53
N LEU F 42 31.52 -32.06 -7.09
CA LEU F 42 30.75 -33.23 -7.45
C LEU F 42 29.87 -33.75 -6.33
N ASN F 43 28.70 -33.37 -6.16
CA ASN F 43 27.89 -33.70 -5.04
C ASN F 43 26.98 -34.84 -5.37
N GLU F 44 27.21 -35.96 -4.72
CA GLU F 44 26.48 -37.17 -5.00
C GLU F 44 25.23 -37.11 -4.16
N ALA F 45 24.10 -37.51 -4.73
CA ALA F 45 22.81 -37.55 -4.04
C ALA F 45 22.03 -38.78 -4.47
N LYS F 46 21.12 -39.27 -3.62
CA LYS F 46 20.30 -40.44 -3.98
C LYS F 46 19.18 -40.06 -4.95
N ILE F 47 18.82 -41.01 -5.81
CA ILE F 47 17.78 -40.87 -6.77
C ILE F 47 17.16 -42.25 -7.03
N GLY F 48 15.94 -42.27 -7.45
CA GLY F 48 15.33 -43.50 -7.88
C GLY F 48 15.06 -44.42 -6.72
N GLY F 49 15.19 -45.74 -6.95
CA GLY F 49 14.99 -46.73 -5.91
C GLY F 49 15.77 -46.46 -4.65
N ALA F 50 17.02 -46.02 -4.80
CA ALA F 50 17.86 -45.69 -3.65
C ALA F 50 17.21 -44.64 -2.80
N SER F 51 16.56 -43.68 -3.44
CA SER F 51 15.94 -42.54 -2.75
C SER F 51 14.59 -42.95 -2.14
N ILE F 52 13.82 -43.78 -2.83
CA ILE F 52 12.59 -44.34 -2.26
C ILE F 52 12.92 -45.11 -0.95
N ASP F 53 13.95 -45.95 -0.97
CA ASP F 53 14.38 -46.68 0.22
C ASP F 53 14.83 -45.77 1.39
N ALA F 54 15.56 -44.71 1.10
CA ALA F 54 16.10 -43.86 2.14
C ALA F 54 15.10 -42.78 2.59
N TYR F 55 14.35 -42.22 1.65
CA TYR F 55 13.56 -40.99 1.91
C TYR F 55 12.09 -41.15 1.60
N GLY F 56 11.68 -42.32 1.11
CA GLY F 56 10.27 -42.60 0.84
C GLY F 56 9.74 -42.13 -0.53
N VAL F 57 10.54 -41.33 -1.23
CA VAL F 57 10.20 -40.81 -2.53
C VAL F 57 11.41 -40.96 -3.49
N ALA F 58 11.14 -41.01 -4.79
CA ALA F 58 12.21 -41.15 -5.81
C ALA F 58 13.09 -39.91 -5.97
N LEU F 59 12.52 -38.74 -5.70
CA LEU F 59 13.23 -37.45 -5.77
C LEU F 59 12.90 -36.59 -4.56
N SER F 60 13.85 -36.42 -3.65
CA SER F 60 13.57 -35.68 -2.42
C SER F 60 13.75 -34.19 -2.65
N ASP F 61 13.08 -33.39 -1.82
CA ASP F 61 13.21 -31.94 -1.90
C ASP F 61 14.62 -31.48 -1.78
N GLU F 62 15.42 -32.10 -0.92
CA GLU F 62 16.79 -31.62 -0.76
C GLU F 62 17.65 -31.95 -2.02
N THR F 63 17.36 -33.08 -2.63
CA THR F 63 18.06 -33.52 -3.86
C THR F 63 17.64 -32.61 -5.00
N LEU F 64 16.34 -32.28 -5.09
CA LEU F 64 15.91 -31.29 -6.09
C LEU F 64 16.62 -29.97 -5.91
N LYS F 65 16.73 -29.49 -4.67
CA LYS F 65 17.39 -28.19 -4.39
C LYS F 65 18.88 -28.21 -4.73
N LEU F 66 19.51 -29.34 -4.46
CA LEU F 66 20.94 -29.54 -4.88
C LEU F 66 21.09 -29.35 -6.40
N CYS F 67 20.19 -29.97 -7.15
CA CYS F 67 20.18 -29.81 -8.58
C CYS F 67 20.03 -28.33 -9.02
N GLU F 68 19.08 -27.64 -8.40
CA GLU F 68 18.88 -26.21 -8.69
C GLU F 68 20.13 -25.41 -8.45
N GLN F 69 20.94 -25.83 -7.46
CA GLN F 69 22.19 -25.14 -7.15
C GLN F 69 23.38 -25.65 -7.97
N SER F 70 23.13 -26.58 -8.88
CA SER F 70 24.23 -27.10 -9.74
C SER F 70 24.21 -26.55 -11.18
N ASP F 71 25.26 -26.82 -11.96
CA ASP F 71 25.32 -26.40 -13.32
C ASP F 71 24.79 -27.46 -14.30
N ALA F 72 24.69 -28.70 -13.81
CA ALA F 72 24.20 -29.80 -14.63
C ALA F 72 24.05 -31.00 -13.69
N ILE F 73 23.33 -31.99 -14.17
CA ILE F 73 23.07 -33.25 -13.56
C ILE F 73 23.66 -34.42 -14.38
N LEU F 74 24.53 -35.17 -13.74
CA LEU F 74 25.11 -36.37 -14.34
C LEU F 74 24.42 -37.53 -13.63
N PHE F 75 23.58 -38.17 -14.39
CA PHE F 75 22.56 -39.16 -13.95
C PHE F 75 23.04 -40.52 -14.40
N GLY F 76 22.91 -41.51 -13.53
CA GLY F 76 23.12 -42.90 -13.89
C GLY F 76 21.92 -43.63 -14.43
N SER F 77 21.42 -44.57 -13.68
CA SER F 77 20.24 -45.34 -14.17
C SER F 77 19.38 -45.60 -12.95
N VAL F 78 18.08 -45.67 -13.17
CA VAL F 78 17.16 -45.92 -12.06
C VAL F 78 16.23 -47.09 -12.42
N GLY F 79 15.79 -47.79 -11.40
CA GLY F 79 14.77 -48.82 -11.51
C GLY F 79 15.35 -50.19 -11.21
N GLY F 80 14.47 -51.12 -10.90
CA GLY F 80 14.85 -52.52 -10.63
C GLY F 80 13.62 -53.31 -10.15
N PRO F 81 13.75 -54.65 -10.04
CA PRO F 81 12.66 -55.52 -9.56
C PRO F 81 12.00 -55.09 -8.26
N LYS F 82 12.80 -54.61 -7.29
CA LYS F 82 12.29 -54.23 -5.96
C LYS F 82 11.15 -53.21 -6.02
N TRP F 83 11.14 -52.34 -7.04
CA TRP F 83 10.15 -51.25 -7.13
C TRP F 83 9.25 -51.40 -8.33
N ASP F 84 9.38 -52.51 -9.06
CA ASP F 84 8.57 -52.70 -10.28
C ASP F 84 7.08 -52.83 -9.96
N ASN F 85 6.75 -53.16 -8.71
CA ASN F 85 5.36 -53.39 -8.32
C ASN F 85 4.63 -52.15 -7.72
N LEU F 86 5.34 -51.03 -7.57
CA LEU F 86 4.71 -49.79 -7.08
C LEU F 86 3.76 -49.25 -8.15
N PRO F 87 2.85 -48.34 -7.74
CA PRO F 87 1.99 -47.67 -8.71
C PRO F 87 2.86 -47.03 -9.77
N ILE F 88 2.36 -46.99 -10.99
CA ILE F 88 3.14 -46.54 -12.15
C ILE F 88 3.80 -45.15 -11.93
N ASP F 89 3.05 -44.20 -11.38
CA ASP F 89 3.58 -42.85 -11.12
C ASP F 89 4.62 -42.75 -9.99
N GLN F 90 4.79 -43.80 -9.19
CA GLN F 90 5.78 -43.77 -8.12
C GLN F 90 7.07 -44.53 -8.47
N ARG F 91 7.09 -45.22 -9.61
CA ARG F 91 8.24 -46.07 -9.97
C ARG F 91 9.48 -45.21 -10.26
N PRO F 92 10.68 -45.72 -9.92
CA PRO F 92 11.87 -44.92 -9.95
C PRO F 92 12.04 -44.03 -11.19
N GLU F 93 11.85 -44.58 -12.39
CA GLU F 93 12.12 -43.79 -13.58
C GLU F 93 11.12 -42.66 -13.74
N ARG F 94 9.83 -43.00 -13.73
CA ARG F 94 8.78 -42.02 -13.92
C ARG F 94 8.85 -40.92 -12.90
N ALA F 95 9.14 -41.28 -11.64
CA ALA F 95 9.13 -40.33 -10.52
C ALA F 95 10.45 -39.57 -10.33
N SER F 96 11.51 -39.90 -11.10
CA SER F 96 12.76 -39.12 -11.04
C SER F 96 12.94 -38.22 -12.28
N LEU F 97 12.97 -38.83 -13.47
CA LEU F 97 13.39 -38.10 -14.70
C LEU F 97 12.30 -37.14 -15.16
N LEU F 98 11.05 -37.54 -15.08
CA LEU F 98 9.98 -36.71 -15.57
C LEU F 98 9.85 -35.38 -14.76
N PRO F 99 9.78 -35.44 -13.43
CA PRO F 99 9.84 -34.20 -12.65
C PRO F 99 11.10 -33.36 -12.83
N LEU F 100 12.26 -33.99 -13.04
CA LEU F 100 13.43 -33.22 -13.29
C LEU F 100 13.34 -32.48 -14.61
N ARG F 101 12.90 -33.16 -15.65
CA ARG F 101 12.73 -32.56 -16.98
C ARG F 101 11.75 -31.38 -16.93
N LYS F 102 10.64 -31.58 -16.26
CA LYS F 102 9.72 -30.47 -16.08
C LYS F 102 10.31 -29.31 -15.28
N HIS F 103 10.96 -29.62 -14.13
CA HIS F 103 11.45 -28.57 -13.24
C HIS F 103 12.42 -27.65 -13.92
N PHE F 104 13.29 -28.23 -14.76
CA PHE F 104 14.34 -27.51 -15.41
C PHE F 104 14.09 -27.13 -16.86
N ASN F 105 12.84 -27.39 -17.32
CA ASN F 105 12.44 -27.10 -18.68
C ASN F 105 13.40 -27.76 -19.69
N LEU F 106 13.64 -29.06 -19.51
CA LEU F 106 14.54 -29.74 -20.40
C LEU F 106 13.73 -30.23 -21.64
N PHE F 107 13.61 -29.33 -22.59
CA PHE F 107 12.75 -29.56 -23.73
C PHE F 107 13.42 -30.28 -24.94
N ALA F 108 14.76 -30.45 -24.90
CA ALA F 108 15.49 -31.00 -26.01
C ALA F 108 16.19 -32.30 -25.60
N ASN F 109 15.97 -33.37 -26.35
CA ASN F 109 16.71 -34.63 -26.13
C ASN F 109 17.69 -34.81 -27.30
N LEU F 110 18.96 -34.97 -26.97
CA LEU F 110 20.04 -35.16 -27.92
C LEU F 110 20.55 -36.62 -27.69
N ARG F 111 20.50 -37.44 -28.72
CA ARG F 111 20.97 -38.84 -28.63
C ARG F 111 21.95 -39.05 -29.80
N PRO F 112 23.24 -39.12 -29.53
CA PRO F 112 24.17 -39.46 -30.60
C PRO F 112 24.06 -40.91 -31.06
N CYS F 113 24.25 -41.13 -32.35
CA CYS F 113 24.37 -42.44 -32.95
C CYS F 113 25.65 -42.46 -33.76
N LYS F 114 26.70 -42.91 -33.11
CA LYS F 114 28.00 -43.07 -33.76
C LYS F 114 28.37 -44.56 -33.76
N ILE F 115 28.70 -45.08 -34.91
CA ILE F 115 29.11 -46.47 -35.02
C ILE F 115 30.63 -46.48 -35.13
N TYR F 116 31.27 -47.21 -34.24
CA TYR F 116 32.73 -47.27 -34.18
C TYR F 116 33.19 -48.29 -35.16
N GLU F 117 34.27 -47.97 -35.89
CA GLU F 117 34.79 -48.87 -36.94
C GLU F 117 34.98 -50.27 -36.41
N SER F 118 35.49 -50.38 -35.19
CA SER F 118 35.77 -51.69 -34.56
C SER F 118 34.49 -52.52 -34.23
N LEU F 119 33.32 -51.86 -34.26
CA LEU F 119 32.07 -52.48 -33.86
C LEU F 119 31.04 -52.49 -34.98
N THR F 120 31.56 -52.36 -36.18
CA THR F 120 30.75 -52.36 -37.36
C THR F 120 30.00 -53.70 -37.48
N HIS F 121 30.65 -54.77 -37.04
CA HIS F 121 30.07 -56.09 -37.10
C HIS F 121 28.81 -56.15 -36.30
N ALA F 122 28.77 -55.43 -35.19
CA ALA F 122 27.60 -55.38 -34.30
C ALA F 122 26.34 -54.71 -34.89
N SER F 123 26.52 -53.82 -35.84
CA SER F 123 25.32 -53.19 -36.49
C SER F 123 24.58 -54.26 -37.28
N PRO F 124 23.24 -54.16 -37.30
CA PRO F 124 22.49 -55.04 -38.15
C PRO F 124 22.58 -54.62 -39.66
N LEU F 125 23.16 -53.45 -40.01
CA LEU F 125 23.29 -53.07 -41.38
C LEU F 125 24.60 -53.73 -41.96
N LYS F 126 24.55 -54.09 -43.20
CA LYS F 126 25.76 -54.59 -43.86
C LYS F 126 26.89 -53.55 -43.76
N ASN F 127 28.10 -54.09 -43.72
CA ASN F 127 29.25 -53.20 -43.44
C ASN F 127 29.39 -52.20 -44.54
N GLU F 128 29.00 -52.56 -45.74
CA GLU F 128 29.15 -51.69 -46.93
C GLU F 128 28.18 -50.50 -46.86
N ILE F 129 27.04 -50.69 -46.22
CA ILE F 129 26.09 -49.57 -46.03
C ILE F 129 26.61 -48.43 -45.13
N ILE F 130 27.37 -48.80 -44.11
CA ILE F 130 27.84 -47.92 -43.08
C ILE F 130 29.31 -47.50 -43.19
N GLN F 131 30.01 -48.03 -44.18
CA GLN F 131 31.47 -48.04 -44.16
C GLN F 131 32.04 -46.62 -44.25
N LYS F 132 31.30 -45.70 -44.82
CA LYS F 132 31.74 -44.31 -44.85
C LYS F 132 31.80 -43.59 -43.51
N GLY F 133 31.12 -44.10 -42.49
CA GLY F 133 31.19 -43.59 -41.17
C GLY F 133 29.79 -43.04 -40.85
N VAL F 134 29.24 -43.49 -39.73
CA VAL F 134 27.95 -43.05 -39.25
C VAL F 134 28.20 -42.29 -37.94
N ASP F 135 27.74 -41.06 -37.92
CA ASP F 135 27.95 -40.18 -36.83
C ASP F 135 26.79 -39.16 -36.84
N ILE F 136 25.75 -39.46 -36.10
CA ILE F 136 24.47 -38.76 -36.25
C ILE F 136 24.09 -38.26 -34.88
N LEU F 137 23.41 -37.10 -34.83
CA LEU F 137 22.87 -36.67 -33.58
C LEU F 137 21.37 -36.47 -33.76
N CYS F 138 20.57 -37.19 -33.02
CA CYS F 138 19.07 -37.04 -33.14
C CYS F 138 18.72 -35.95 -32.11
N VAL F 139 17.98 -34.93 -32.52
CA VAL F 139 17.55 -33.88 -31.64
C VAL F 139 16.02 -33.87 -31.65
N ARG F 140 15.43 -34.20 -30.53
CA ARG F 140 13.99 -34.48 -30.47
C ARG F 140 13.37 -33.48 -29.50
N GLU F 141 12.31 -32.83 -29.96
CA GLU F 141 11.51 -31.96 -29.12
C GLU F 141 10.68 -32.78 -28.09
N LEU F 142 10.68 -32.40 -26.81
CA LEU F 142 10.07 -33.21 -25.76
C LEU F 142 8.71 -32.70 -25.17
N THR F 143 8.32 -31.50 -25.53
CA THR F 143 7.24 -30.77 -24.77
C THR F 143 5.94 -30.55 -25.51
N GLY F 144 6.01 -30.72 -26.83
CA GLY F 144 4.97 -30.37 -27.75
C GLY F 144 4.37 -31.58 -28.43
N GLY F 145 3.49 -31.25 -29.35
CA GLY F 145 2.83 -32.18 -30.21
C GLY F 145 1.80 -33.10 -29.59
N ILE F 146 1.61 -34.21 -30.32
CA ILE F 146 0.50 -35.16 -30.13
C ILE F 146 0.44 -35.78 -28.75
N TYR F 147 1.59 -35.93 -28.08
CA TYR F 147 1.58 -36.42 -26.70
C TYR F 147 0.96 -35.48 -25.66
N PHE F 148 0.83 -34.20 -25.98
CA PHE F 148 0.29 -33.22 -25.06
C PHE F 148 -0.94 -32.48 -25.56
N GLY F 149 -1.29 -32.60 -26.84
CA GLY F 149 -2.49 -31.91 -27.34
C GLY F 149 -3.80 -32.51 -26.88
N LYS F 150 -4.90 -31.81 -27.22
CA LYS F 150 -6.22 -32.24 -26.80
C LYS F 150 -6.53 -33.63 -27.36
N GLN F 151 -7.06 -34.49 -26.53
CA GLN F 151 -7.44 -35.82 -26.98
C GLN F 151 -8.75 -36.23 -26.36
N ASP F 152 -9.41 -37.21 -26.96
CA ASP F 152 -10.61 -37.80 -26.36
C ASP F 152 -10.80 -39.23 -26.81
N LEU F 153 -11.16 -40.10 -25.86
CA LEU F 153 -11.50 -41.49 -26.13
C LEU F 153 -12.99 -41.73 -25.99
N GLY F 154 -13.64 -41.99 -27.11
CA GLY F 154 -15.04 -42.45 -27.14
C GLY F 154 -15.16 -43.90 -27.55
N LYS F 155 -16.38 -44.43 -27.52
CA LYS F 155 -16.69 -45.80 -27.93
C LYS F 155 -16.66 -45.91 -29.48
N GLU F 156 -17.02 -44.83 -30.17
CA GLU F 156 -17.18 -44.86 -31.65
C GLU F 156 -16.13 -44.06 -32.42
N SER F 157 -15.41 -43.19 -31.70
CA SER F 157 -14.49 -42.21 -32.26
C SER F 157 -13.46 -41.85 -31.17
N ALA F 158 -12.23 -41.54 -31.60
CA ALA F 158 -11.16 -41.14 -30.67
C ALA F 158 -10.19 -40.26 -31.44
N TYR F 159 -9.64 -39.25 -30.79
CA TYR F 159 -8.64 -38.38 -31.43
C TYR F 159 -7.57 -37.94 -30.47
N ASP F 160 -6.49 -37.45 -31.09
CA ASP F 160 -5.34 -36.87 -30.47
C ASP F 160 -4.92 -35.76 -31.39
N THR F 161 -4.29 -34.73 -30.86
CA THR F 161 -3.95 -33.52 -31.61
C THR F 161 -2.46 -33.17 -31.60
N GLU F 162 -1.90 -33.21 -32.78
CA GLU F 162 -0.51 -32.81 -33.01
C GLU F 162 -0.48 -31.27 -33.15
N ILE F 163 -0.13 -30.62 -32.07
CA ILE F 163 -0.13 -29.20 -31.97
C ILE F 163 1.21 -28.71 -31.54
N TYR F 164 1.69 -27.72 -32.28
CA TYR F 164 2.94 -27.05 -31.98
C TYR F 164 2.81 -25.51 -32.04
N THR F 165 3.57 -24.85 -31.19
CA THR F 165 3.78 -23.41 -31.26
C THR F 165 5.10 -23.02 -31.87
N LYS F 166 5.14 -21.77 -32.32
CA LYS F 166 6.36 -21.22 -32.80
C LYS F 166 7.45 -21.20 -31.69
N LYS F 167 7.04 -20.87 -30.46
CA LYS F 167 8.01 -20.81 -29.35
C LYS F 167 8.67 -22.20 -29.15
N GLU F 168 7.85 -23.24 -29.18
CA GLU F 168 8.36 -24.62 -29.07
C GLU F 168 9.32 -24.99 -30.18
N ILE F 169 9.02 -24.61 -31.42
CA ILE F 169 9.83 -24.99 -32.55
C ILE F 169 11.12 -24.19 -32.57
N GLU F 170 11.00 -22.89 -32.33
CA GLU F 170 12.17 -22.07 -32.37
C GLU F 170 13.30 -22.53 -31.38
N ARG F 171 12.91 -22.88 -30.16
CA ARG F 171 13.90 -23.20 -29.10
C ARG F 171 14.63 -24.56 -29.42
N ILE F 172 13.89 -25.55 -29.92
CA ILE F 172 14.49 -26.81 -30.34
C ILE F 172 15.34 -26.62 -31.58
N ALA F 173 14.88 -25.82 -32.56
CA ALA F 173 15.67 -25.52 -33.72
C ALA F 173 17.04 -24.89 -33.38
N ARG F 174 17.03 -23.91 -32.46
CA ARG F 174 18.27 -23.28 -32.02
C ARG F 174 19.25 -24.29 -31.42
N ILE F 175 18.76 -25.16 -30.56
CA ILE F 175 19.58 -26.29 -30.05
C ILE F 175 20.20 -27.09 -31.17
N ALA F 176 19.40 -27.51 -32.16
CA ALA F 176 19.89 -28.32 -33.30
C ALA F 176 20.98 -27.58 -34.11
N PHE F 177 20.80 -26.28 -34.36
CA PHE F 177 21.79 -25.52 -35.12
C PHE F 177 23.10 -25.29 -34.38
N GLU F 178 23.01 -25.07 -33.07
CA GLU F 178 24.16 -24.92 -32.19
C GLU F 178 24.96 -26.23 -32.17
N SER F 179 24.24 -27.36 -32.16
CA SER F 179 24.92 -28.67 -32.23
C SER F 179 25.65 -28.83 -33.55
N ALA F 180 24.95 -28.52 -34.67
CA ALA F 180 25.45 -28.68 -35.97
C ALA F 180 26.70 -27.87 -36.14
N ARG F 181 26.70 -26.65 -35.56
CA ARG F 181 27.84 -25.76 -35.65
C ARG F 181 29.13 -26.41 -35.18
N ILE F 182 29.06 -27.24 -34.16
CA ILE F 182 30.25 -27.88 -33.59
C ILE F 182 30.40 -29.31 -34.04
N ARG F 183 29.49 -29.79 -34.89
CA ARG F 183 29.61 -31.14 -35.46
C ARG F 183 30.07 -31.13 -36.93
N LYS F 184 29.19 -31.34 -37.91
CA LYS F 184 29.53 -31.38 -39.34
C LYS F 184 28.70 -30.38 -40.14
N LYS F 185 28.12 -29.44 -39.43
CA LYS F 185 27.44 -28.29 -40.07
C LYS F 185 26.30 -28.64 -41.00
N LYS F 186 25.50 -29.63 -40.60
CA LYS F 186 24.31 -29.98 -41.38
C LYS F 186 23.16 -30.37 -40.46
N VAL F 187 21.96 -29.83 -40.76
CA VAL F 187 20.72 -30.13 -40.09
C VAL F 187 19.72 -30.65 -41.12
N HIS F 188 19.15 -31.86 -40.87
CA HIS F 188 18.00 -32.34 -41.62
C HIS F 188 16.83 -32.10 -40.72
N LEU F 189 15.90 -31.30 -41.18
CA LEU F 189 14.58 -31.22 -40.52
C LEU F 189 13.68 -32.36 -41.05
N ILE F 190 13.22 -33.21 -40.14
CA ILE F 190 12.34 -34.32 -40.43
C ILE F 190 10.90 -33.91 -40.07
N ASP F 191 10.07 -33.95 -41.09
CA ASP F 191 8.64 -33.61 -40.95
C ASP F 191 7.76 -34.38 -41.92
N LYS F 192 6.48 -33.95 -42.04
CA LYS F 192 5.55 -34.44 -43.06
C LYS F 192 4.79 -33.18 -43.64
N ALA F 193 5.58 -32.23 -44.12
CA ALA F 193 5.06 -30.94 -44.64
C ALA F 193 4.20 -31.04 -45.91
N ASN F 194 4.20 -32.18 -46.60
CA ASN F 194 3.31 -32.37 -47.74
C ASN F 194 1.87 -32.59 -47.27
N VAL F 195 1.65 -32.91 -46.00
CA VAL F 195 0.30 -33.19 -45.48
C VAL F 195 -0.06 -32.49 -44.14
N LEU F 196 0.92 -32.24 -43.27
CA LEU F 196 0.63 -31.67 -41.94
C LEU F 196 0.84 -30.16 -41.88
N ALA F 197 -0.21 -29.45 -41.43
CA ALA F 197 -0.11 -28.05 -41.14
C ALA F 197 0.98 -27.71 -40.09
N SER F 198 1.07 -28.53 -39.02
CA SER F 198 2.08 -28.36 -38.01
C SER F 198 3.50 -28.49 -38.65
N SER F 199 3.65 -29.36 -39.63
CA SER F 199 4.97 -29.49 -40.33
C SER F 199 5.28 -28.28 -41.19
N ILE F 200 4.24 -27.67 -41.76
CA ILE F 200 4.44 -26.42 -42.52
C ILE F 200 4.97 -25.31 -41.60
N LEU F 201 4.41 -25.21 -40.40
CA LEU F 201 4.87 -24.27 -39.38
C LEU F 201 6.34 -24.56 -39.00
N TRP F 202 6.64 -25.84 -38.80
CA TRP F 202 8.05 -26.24 -38.60
C TRP F 202 8.96 -25.68 -39.63
N ARG F 203 8.66 -25.85 -40.91
CA ARG F 203 9.55 -25.41 -41.96
C ARG F 203 9.70 -23.91 -41.98
N GLU F 204 8.61 -23.21 -41.70
CA GLU F 204 8.68 -21.76 -41.68
C GLU F 204 9.58 -21.23 -40.56
N VAL F 205 9.39 -21.75 -39.36
CA VAL F 205 10.14 -21.31 -38.16
C VAL F 205 11.59 -21.71 -38.29
N VAL F 206 11.83 -22.97 -38.70
CA VAL F 206 13.21 -23.42 -38.86
C VAL F 206 13.96 -22.64 -39.91
N ALA F 207 13.32 -22.38 -41.07
CA ALA F 207 13.96 -21.63 -42.15
C ALA F 207 14.33 -20.24 -41.67
N ASN F 208 13.48 -19.67 -40.83
CA ASN F 208 13.79 -18.36 -40.25
C ASN F 208 14.95 -18.43 -39.22
N VAL F 209 14.97 -19.45 -38.36
CA VAL F 209 16.05 -19.64 -37.43
C VAL F 209 17.36 -19.80 -38.21
N ALA F 210 17.29 -20.48 -39.35
CA ALA F 210 18.49 -20.82 -40.14
C ALA F 210 19.21 -19.61 -40.68
N LYS F 211 18.51 -18.46 -40.70
CA LYS F 211 19.16 -17.21 -41.12
C LYS F 211 20.30 -16.76 -40.25
N ASP F 212 20.24 -17.12 -38.97
CA ASP F 212 21.29 -16.85 -38.00
C ASP F 212 22.44 -17.87 -38.10
N TYR F 213 22.34 -18.83 -39.00
CA TYR F 213 23.29 -19.92 -39.05
C TYR F 213 23.63 -20.23 -40.47
N GLN F 214 24.15 -19.22 -41.15
CA GLN F 214 24.36 -19.34 -42.57
C GLN F 214 25.52 -20.28 -42.87
N ASP F 215 26.29 -20.65 -41.86
CA ASP F 215 27.41 -21.65 -42.00
C ASP F 215 26.85 -23.09 -42.06
N ILE F 216 25.57 -23.26 -41.74
CA ILE F 216 24.99 -24.60 -41.66
C ILE F 216 24.12 -24.91 -42.88
N ASN F 217 24.30 -26.12 -43.42
CA ASN F 217 23.48 -26.63 -44.48
C ASN F 217 22.18 -27.19 -43.88
N LEU F 218 21.07 -26.55 -44.22
CA LEU F 218 19.76 -27.05 -43.87
C LEU F 218 19.09 -27.78 -45.02
N GLU F 219 18.64 -29.00 -44.73
CA GLU F 219 17.87 -29.79 -45.67
C GLU F 219 16.56 -30.26 -44.97
N TYR F 220 15.58 -30.61 -45.79
CA TYR F 220 14.31 -31.08 -45.32
C TYR F 220 14.05 -32.51 -45.85
N MET F 221 13.43 -33.33 -45.04
CA MET F 221 13.16 -34.69 -45.42
C MET F 221 11.92 -35.18 -44.71
N TYR F 222 11.07 -35.92 -45.44
CA TYR F 222 9.84 -36.46 -44.88
C TYR F 222 10.20 -37.62 -43.96
N VAL F 223 9.45 -37.77 -42.89
CA VAL F 223 9.73 -38.82 -41.88
C VAL F 223 9.78 -40.22 -42.48
N ASP F 224 8.96 -40.46 -43.49
CA ASP F 224 8.92 -41.81 -44.12
C ASP F 224 10.18 -42.07 -44.91
N ASN F 225 10.68 -41.04 -45.60
CA ASN F 225 11.95 -41.18 -46.30
C ASN F 225 13.10 -41.29 -45.34
N ALA F 226 13.08 -40.53 -44.27
CA ALA F 226 14.03 -40.65 -43.19
C ALA F 226 14.10 -42.07 -42.63
N ALA F 227 12.96 -42.72 -42.44
CA ALA F 227 12.96 -44.09 -41.95
C ALA F 227 13.70 -44.98 -42.92
N MET F 228 13.51 -44.72 -44.19
CA MET F 228 14.22 -45.46 -45.24
C MET F 228 15.73 -45.18 -45.27
N GLN F 229 16.09 -43.92 -45.22
CA GLN F 229 17.49 -43.54 -45.28
C GLN F 229 18.34 -44.00 -44.11
N ILE F 230 17.75 -44.09 -42.94
CA ILE F 230 18.47 -44.58 -41.76
C ILE F 230 18.95 -46.02 -42.03
N VAL F 231 18.13 -46.79 -42.75
CA VAL F 231 18.50 -48.16 -43.14
C VAL F 231 19.45 -48.21 -44.36
N LYS F 232 19.17 -47.42 -45.38
CA LYS F 232 19.82 -47.54 -46.71
C LYS F 232 21.11 -46.72 -46.85
N ASN F 233 21.16 -45.56 -46.19
CA ASN F 233 22.28 -44.62 -46.35
C ASN F 233 22.46 -43.66 -45.19
N PRO F 234 22.72 -44.18 -43.95
CA PRO F 234 22.67 -43.33 -42.78
C PRO F 234 23.88 -42.41 -42.71
N SER F 235 24.97 -42.70 -43.45
CA SER F 235 26.15 -41.84 -43.33
C SER F 235 25.95 -40.41 -43.83
N ILE F 236 24.84 -40.14 -44.54
CA ILE F 236 24.55 -38.79 -44.98
C ILE F 236 24.12 -37.85 -43.83
N PHE F 237 23.62 -38.38 -42.70
CA PHE F 237 23.14 -37.52 -41.64
C PHE F 237 24.17 -36.93 -40.70
N ASP F 238 23.97 -35.66 -40.28
CA ASP F 238 24.67 -35.10 -39.14
C ASP F 238 23.65 -34.89 -38.04
N VAL F 239 23.06 -33.71 -38.00
CA VAL F 239 22.05 -33.45 -36.99
C VAL F 239 20.68 -33.73 -37.61
N MET F 240 19.78 -34.44 -36.87
CA MET F 240 18.44 -34.78 -37.38
C MET F 240 17.47 -34.17 -36.40
N LEU F 241 16.79 -33.13 -36.85
CA LEU F 241 15.90 -32.37 -35.99
C LEU F 241 14.49 -32.89 -36.17
N CYS F 242 13.84 -33.29 -35.08
CA CYS F 242 12.60 -34.04 -35.14
C CYS F 242 11.60 -33.45 -34.16
N SER F 243 10.34 -33.55 -34.55
CA SER F 243 9.25 -33.41 -33.59
C SER F 243 9.25 -34.52 -32.54
N ASN F 244 8.40 -34.39 -31.53
CA ASN F 244 8.36 -35.30 -30.41
C ASN F 244 8.03 -36.71 -30.91
N LEU F 245 6.98 -36.81 -31.71
CA LEU F 245 6.53 -38.13 -32.22
C LEU F 245 7.56 -38.75 -33.19
N PHE F 246 7.92 -37.97 -34.15
CA PHE F 246 8.85 -38.46 -35.15
C PHE F 246 10.21 -38.81 -34.52
N GLY F 247 10.71 -37.97 -33.62
CA GLY F 247 11.98 -38.22 -32.88
C GLY F 247 11.91 -39.50 -32.03
N ASP F 248 10.75 -39.75 -31.44
CA ASP F 248 10.52 -40.93 -30.60
C ASP F 248 10.74 -42.18 -31.48
N ILE F 249 10.20 -42.18 -32.69
CA ILE F 249 10.31 -43.30 -33.64
C ILE F 249 11.73 -43.41 -34.17
N LEU F 250 12.27 -42.30 -34.69
CA LEU F 250 13.59 -42.38 -35.35
C LEU F 250 14.76 -42.56 -34.43
N SER F 251 14.69 -42.04 -33.19
CA SER F 251 15.74 -42.28 -32.20
C SER F 251 15.88 -43.79 -31.87
N ASP F 252 14.76 -44.51 -31.85
CA ASP F 252 14.82 -45.96 -31.71
C ASP F 252 15.40 -46.70 -32.91
N GLU F 253 14.99 -46.28 -34.12
CA GLU F 253 15.53 -46.81 -35.34
C GLU F 253 17.05 -46.62 -35.41
N LEU F 254 17.48 -45.42 -35.04
CA LEU F 254 18.93 -45.15 -34.90
C LEU F 254 19.65 -46.04 -33.88
N ALA F 255 19.04 -46.23 -32.72
CA ALA F 255 19.58 -47.21 -31.76
C ALA F 255 19.73 -48.57 -32.40
N ALA F 256 18.73 -49.01 -33.19
CA ALA F 256 18.73 -50.32 -33.78
C ALA F 256 19.86 -50.44 -34.75
N ILE F 257 20.06 -49.44 -35.62
CA ILE F 257 21.14 -49.56 -36.62
C ILE F 257 22.50 -49.48 -35.94
N ASN F 258 22.57 -48.82 -34.79
CA ASN F 258 23.87 -48.70 -34.10
C ASN F 258 24.45 -50.03 -33.69
N GLY F 259 23.66 -50.83 -33.00
CA GLY F 259 24.04 -52.17 -32.64
C GLY F 259 24.71 -52.40 -31.31
N SER F 260 25.22 -51.32 -30.69
CA SER F 260 25.93 -51.39 -29.42
C SER F 260 25.24 -50.50 -28.37
N LEU F 261 24.19 -51.04 -27.78
CA LEU F 261 23.33 -50.28 -26.82
C LEU F 261 24.11 -49.74 -25.63
N GLY F 262 25.10 -50.51 -25.16
CA GLY F 262 25.90 -50.11 -24.04
C GLY F 262 26.80 -48.93 -24.27
N LEU F 263 26.91 -48.44 -25.51
CA LEU F 263 27.67 -47.25 -25.79
C LEU F 263 26.78 -45.96 -25.94
N LEU F 264 25.48 -46.09 -25.83
CA LEU F 264 24.59 -44.99 -26.24
C LEU F 264 24.26 -44.09 -25.06
N SER F 265 24.38 -42.76 -25.30
CA SER F 265 24.20 -41.73 -24.28
C SER F 265 23.06 -40.78 -24.72
N SER F 266 22.65 -39.94 -23.79
CA SER F 266 21.51 -39.06 -23.95
C SER F 266 21.80 -37.74 -23.16
N ALA F 267 21.42 -36.58 -23.71
CA ALA F 267 21.45 -35.28 -22.98
C ALA F 267 20.01 -34.71 -23.09
N SER F 268 19.49 -34.22 -21.97
CA SER F 268 18.23 -33.47 -22.01
C SER F 268 18.57 -32.03 -21.58
N LEU F 269 18.38 -31.07 -22.47
CA LEU F 269 18.90 -29.73 -22.27
C LEU F 269 17.76 -28.69 -22.28
N ASN F 270 18.03 -27.57 -21.65
CA ASN F 270 17.19 -26.41 -21.80
C ASN F 270 17.95 -25.39 -22.63
N ASP F 271 17.50 -24.14 -22.60
CA ASP F 271 18.07 -23.10 -23.45
C ASP F 271 19.11 -22.23 -22.75
N LYS F 272 19.46 -22.57 -21.51
CA LYS F 272 20.40 -21.84 -20.70
C LYS F 272 21.68 -22.65 -20.34
N GLY F 273 21.96 -23.73 -21.07
CA GLY F 273 23.18 -24.53 -20.82
C GLY F 273 23.04 -25.55 -19.68
N PHE F 274 21.86 -25.69 -19.06
CA PHE F 274 21.66 -26.73 -18.08
C PHE F 274 21.25 -28.02 -18.76
N GLY F 275 21.76 -29.15 -18.29
CA GLY F 275 21.36 -30.44 -18.87
C GLY F 275 21.40 -31.58 -17.87
N LEU F 276 20.67 -32.61 -18.20
CA LEU F 276 20.72 -33.90 -17.50
C LEU F 276 21.30 -34.87 -18.53
N TYR F 277 22.38 -35.53 -18.12
CA TYR F 277 23.18 -36.36 -19.00
C TYR F 277 23.19 -37.81 -18.44
N GLU F 278 22.86 -38.76 -19.25
CA GLU F 278 22.64 -40.14 -18.83
C GLU F 278 22.85 -41.13 -19.90
N PRO F 279 23.14 -42.40 -19.51
CA PRO F 279 23.14 -43.48 -20.55
C PRO F 279 21.73 -43.74 -21.04
N ALA F 280 21.59 -44.05 -22.31
CA ALA F 280 20.32 -44.35 -22.91
C ALA F 280 19.73 -45.66 -22.40
N GLY F 281 20.59 -46.66 -22.13
CA GLY F 281 20.15 -47.96 -21.62
C GLY F 281 19.60 -47.95 -20.20
N GLY F 282 19.16 -49.10 -19.70
CA GLY F 282 18.59 -49.19 -18.34
C GLY F 282 19.55 -49.60 -17.26
N SER F 283 19.02 -49.93 -16.08
CA SER F 283 19.84 -50.16 -14.91
C SER F 283 20.42 -51.63 -14.76
N ALA F 284 20.10 -52.51 -15.70
CA ALA F 284 20.68 -53.89 -15.77
C ALA F 284 20.80 -54.61 -14.44
N PRO F 285 19.67 -54.74 -13.72
CA PRO F 285 19.71 -55.20 -12.33
C PRO F 285 20.35 -56.60 -12.14
N ASP F 286 20.17 -57.45 -13.13
CA ASP F 286 20.70 -58.82 -13.06
C ASP F 286 22.23 -58.91 -13.14
N ILE F 287 22.92 -57.84 -13.60
CA ILE F 287 24.42 -57.84 -13.52
C ILE F 287 25.00 -56.77 -12.58
N ALA F 288 24.14 -56.17 -11.77
CA ALA F 288 24.50 -55.07 -10.90
C ALA F 288 25.49 -55.46 -9.77
N HIS F 289 25.56 -56.75 -9.42
CA HIS F 289 26.44 -57.24 -8.37
C HIS F 289 27.75 -57.71 -8.91
N LEU F 290 27.91 -57.68 -10.23
CA LEU F 290 29.11 -58.15 -10.88
C LEU F 290 29.95 -56.88 -11.19
N ASN F 291 31.04 -57.05 -11.85
CA ASN F 291 31.93 -55.93 -12.14
C ASN F 291 32.15 -55.97 -13.66
N ILE F 292 31.07 -56.19 -14.44
CA ILE F 292 31.17 -56.33 -15.92
C ILE F 292 30.39 -55.27 -16.78
N ALA F 293 29.55 -54.49 -16.17
CA ALA F 293 28.78 -53.47 -16.92
C ALA F 293 29.67 -52.54 -17.74
N ASN F 294 29.22 -52.16 -18.90
CA ASN F 294 29.92 -51.21 -19.79
C ASN F 294 29.82 -49.79 -19.25
N PRO F 295 30.92 -49.22 -18.76
CA PRO F 295 30.87 -47.82 -18.31
C PRO F 295 30.96 -46.75 -19.41
N ILE F 296 31.09 -47.17 -20.67
CA ILE F 296 31.42 -46.21 -21.74
C ILE F 296 30.23 -45.21 -21.97
N ALA F 297 28.98 -45.70 -21.93
CA ALA F 297 27.85 -44.81 -22.06
C ALA F 297 27.85 -43.70 -20.99
N GLN F 298 28.15 -44.07 -19.74
CA GLN F 298 28.24 -43.09 -18.64
C GLN F 298 29.37 -42.10 -18.88
N ILE F 299 30.49 -42.61 -19.38
CA ILE F 299 31.64 -41.73 -19.64
C ILE F 299 31.32 -40.75 -20.76
N LEU F 300 30.62 -41.23 -21.79
CA LEU F 300 30.23 -40.44 -22.91
C LEU F 300 29.14 -39.39 -22.49
N SER F 301 28.27 -39.74 -21.57
CA SER F 301 27.30 -38.73 -20.99
C SER F 301 28.06 -37.59 -20.32
N ALA F 302 29.11 -37.94 -19.58
CA ALA F 302 30.04 -36.97 -18.98
C ALA F 302 30.71 -36.09 -20.03
N ALA F 303 31.15 -36.68 -21.14
CA ALA F 303 31.66 -35.89 -22.26
C ALA F 303 30.61 -34.92 -22.85
N LEU F 304 29.40 -35.40 -23.01
CA LEU F 304 28.30 -34.57 -23.50
C LEU F 304 28.05 -33.39 -22.55
N MET F 305 28.11 -33.64 -21.25
CA MET F 305 28.00 -32.59 -20.22
C MET F 305 29.09 -31.52 -20.39
N LEU F 306 30.36 -31.97 -20.57
CA LEU F 306 31.44 -31.02 -20.86
C LEU F 306 31.19 -30.17 -22.04
N LYS F 307 30.69 -30.77 -23.13
CA LYS F 307 30.51 -30.12 -24.42
C LYS F 307 29.36 -29.10 -24.36
N TYR F 308 28.26 -29.55 -23.84
CA TYR F 308 26.98 -28.77 -23.88
C TYR F 308 26.61 -27.95 -22.66
N SER F 309 26.99 -28.35 -21.45
CA SER F 309 26.78 -27.48 -20.30
C SER F 309 27.98 -26.59 -19.99
N PHE F 310 29.20 -27.10 -20.14
CA PHE F 310 30.37 -26.38 -19.65
C PHE F 310 31.21 -25.74 -20.73
N LYS F 311 30.89 -25.98 -21.99
CA LYS F 311 31.57 -25.45 -23.16
C LYS F 311 33.03 -25.80 -23.13
N GLU F 312 33.32 -26.98 -22.64
CA GLU F 312 34.70 -27.48 -22.60
C GLU F 312 34.81 -28.48 -23.73
N GLU F 313 34.82 -27.97 -24.98
CA GLU F 313 34.73 -28.81 -26.18
C GLU F 313 35.96 -29.70 -26.36
N GLN F 314 37.14 -29.17 -26.08
CA GLN F 314 38.34 -29.96 -26.25
C GLN F 314 38.43 -31.08 -25.25
N ALA F 315 38.08 -30.78 -24.01
CA ALA F 315 38.04 -31.81 -22.96
C ALA F 315 37.12 -32.94 -23.37
N ALA F 316 35.94 -32.60 -23.87
CA ALA F 316 34.98 -33.61 -24.39
C ALA F 316 35.55 -34.42 -25.49
N GLN F 317 36.20 -33.74 -26.42
CA GLN F 317 36.78 -34.43 -27.58
C GLN F 317 37.86 -35.36 -27.15
N ASP F 318 38.64 -34.99 -26.13
CA ASP F 318 39.75 -35.87 -25.63
C ASP F 318 39.15 -37.20 -25.12
N ILE F 319 38.06 -37.10 -24.36
CA ILE F 319 37.39 -38.26 -23.79
C ILE F 319 36.86 -39.12 -24.96
N GLU F 320 36.17 -38.49 -25.94
CA GLU F 320 35.63 -39.23 -27.07
C GLU F 320 36.72 -39.96 -27.87
N ASN F 321 37.81 -39.26 -28.09
CA ASN F 321 38.94 -39.92 -28.81
C ASN F 321 39.55 -41.05 -28.03
N ALA F 322 39.62 -40.94 -26.68
CA ALA F 322 40.17 -42.00 -25.86
C ALA F 322 39.34 -43.25 -25.99
N ILE F 323 38.02 -43.09 -25.97
CA ILE F 323 37.11 -44.22 -26.19
C ILE F 323 37.30 -44.89 -27.60
N SER F 324 37.40 -44.09 -28.64
CA SER F 324 37.65 -44.56 -30.00
C SER F 324 38.94 -45.35 -30.06
N LEU F 325 39.98 -44.79 -29.44
CA LEU F 325 41.29 -45.49 -29.45
C LEU F 325 41.24 -46.81 -28.66
N ALA F 326 40.63 -46.82 -27.47
CA ALA F 326 40.49 -48.04 -26.67
C ALA F 326 39.78 -49.12 -27.48
N LEU F 327 38.63 -48.77 -28.06
CA LEU F 327 37.86 -49.74 -28.89
C LEU F 327 38.70 -50.24 -30.10
N ALA F 328 39.43 -49.33 -30.74
CA ALA F 328 40.30 -49.72 -31.84
C ALA F 328 41.42 -50.65 -31.39
N GLN F 329 41.86 -50.53 -30.14
CA GLN F 329 42.87 -51.46 -29.60
C GLN F 329 42.28 -52.80 -29.16
N GLY F 330 40.96 -52.96 -29.27
CA GLY F 330 40.28 -54.20 -28.91
C GLY F 330 39.99 -54.24 -27.43
N LYS F 331 40.04 -53.10 -26.74
CA LYS F 331 39.77 -53.09 -25.32
C LYS F 331 38.23 -52.83 -25.09
N MET F 332 37.52 -53.83 -24.59
CA MET F 332 36.05 -53.85 -24.61
C MET F 332 35.49 -54.61 -23.43
N THR F 333 34.26 -54.27 -23.03
CA THR F 333 33.58 -54.99 -21.99
C THR F 333 32.79 -56.18 -22.60
N LYS F 334 32.29 -57.07 -21.74
CA LYS F 334 31.69 -58.33 -22.15
C LYS F 334 30.55 -58.20 -23.13
N ASP F 335 29.71 -57.17 -22.96
CA ASP F 335 28.62 -56.92 -23.95
C ASP F 335 29.13 -56.68 -25.37
N LEU F 336 30.33 -56.15 -25.53
CA LEU F 336 30.91 -55.85 -26.85
C LEU F 336 31.81 -56.99 -27.40
N ASN F 337 32.40 -57.75 -26.50
CA ASN F 337 33.20 -58.93 -26.93
C ASN F 337 33.16 -59.99 -25.83
N ALA F 338 32.38 -61.05 -26.07
CA ALA F 338 32.06 -62.06 -25.04
C ALA F 338 33.25 -62.99 -24.80
N LYS F 339 34.18 -63.04 -25.76
CA LYS F 339 35.33 -63.93 -25.66
C LYS F 339 36.57 -63.33 -24.96
N SER F 340 36.81 -62.04 -25.14
CA SER F 340 37.89 -61.40 -24.53
C SER F 340 37.50 -60.00 -24.03
N TYR F 341 37.37 -59.82 -22.72
CA TYR F 341 36.87 -58.51 -22.21
C TYR F 341 37.52 -58.04 -20.96
N LEU F 342 37.33 -56.75 -20.67
CA LEU F 342 37.74 -56.09 -19.45
C LEU F 342 36.56 -55.89 -18.50
N ASN F 343 36.82 -55.93 -17.19
CA ASN F 343 35.80 -55.61 -16.18
C ASN F 343 35.56 -54.10 -16.18
N THR F 344 34.52 -53.69 -15.49
CA THR F 344 34.19 -52.24 -15.52
C THR F 344 35.29 -51.26 -15.12
N ASP F 345 35.94 -51.56 -13.99
CA ASP F 345 37.04 -50.75 -13.47
C ASP F 345 38.27 -50.85 -14.40
N GLU F 346 38.55 -52.03 -14.96
CA GLU F 346 39.63 -52.14 -15.98
C GLU F 346 39.39 -51.30 -17.24
N MET F 347 38.12 -51.22 -17.66
CA MET F 347 37.76 -50.49 -18.85
C MET F 347 38.00 -49.01 -18.54
N GLY F 348 37.53 -48.55 -17.36
CA GLY F 348 37.78 -47.16 -16.92
C GLY F 348 39.27 -46.79 -16.90
N ASP F 349 40.05 -47.71 -16.37
CA ASP F 349 41.51 -47.53 -16.23
C ASP F 349 42.17 -47.48 -17.57
N CYS F 350 41.71 -48.29 -18.52
CA CYS F 350 42.17 -48.29 -19.87
C CYS F 350 41.98 -46.94 -20.58
N ILE F 351 40.79 -46.39 -20.44
CA ILE F 351 40.54 -45.08 -20.97
C ILE F 351 41.38 -44.03 -20.32
N LEU F 352 41.52 -44.08 -19.00
CA LEU F 352 42.37 -43.18 -18.30
C LEU F 352 43.79 -43.22 -18.81
N GLU F 353 44.32 -44.42 -18.98
CA GLU F 353 45.69 -44.53 -19.43
C GLU F 353 45.90 -43.95 -20.83
N ILE F 354 44.94 -44.15 -21.74
CA ILE F 354 44.97 -43.53 -23.03
C ILE F 354 44.90 -42.00 -22.95
N LEU F 355 44.04 -41.47 -22.10
CA LEU F 355 44.10 -40.00 -21.84
C LEU F 355 45.45 -39.48 -21.33
N LYS F 356 46.06 -40.20 -20.40
CA LYS F 356 47.41 -39.85 -19.91
C LYS F 356 48.50 -39.97 -20.98
N GLU F 357 48.42 -41.04 -21.78
CA GLU F 357 49.36 -41.30 -22.92
C GLU F 357 49.36 -40.18 -23.96
N ASN F 358 48.23 -39.50 -24.08
CA ASN F 358 48.04 -38.43 -25.08
C ASN F 358 48.12 -37.03 -24.44
N ASP F 359 48.58 -36.97 -23.19
CA ASP F 359 48.69 -35.73 -22.44
C ASP F 359 50.21 -35.32 -22.37
N ASN F 360 50.65 -34.88 -23.56
CA ASN F 360 52.07 -34.69 -23.96
C ASN F 360 52.94 -35.90 -23.62
N LYS G 5 -8.03 11.31 -2.72
CA LYS G 5 -9.12 10.69 -3.49
C LYS G 5 -9.53 9.28 -2.89
N THR G 6 -10.74 9.25 -2.31
CA THR G 6 -11.35 8.04 -1.69
C THR G 6 -12.71 7.73 -2.33
N TYR G 7 -12.84 6.49 -2.77
CA TYR G 7 -14.05 6.01 -3.44
C TYR G 7 -14.74 5.16 -2.39
N LYS G 8 -15.95 5.54 -1.97
CA LYS G 8 -16.70 4.79 -1.04
C LYS G 8 -17.65 3.78 -1.71
N VAL G 9 -17.49 2.51 -1.37
CA VAL G 9 -18.18 1.39 -2.03
C VAL G 9 -18.97 0.61 -0.98
N ALA G 10 -20.30 0.50 -1.20
CA ALA G 10 -21.15 -0.43 -0.43
C ALA G 10 -21.04 -1.82 -1.00
N VAL G 11 -20.51 -2.75 -0.21
CA VAL G 11 -20.21 -4.14 -0.65
C VAL G 11 -21.29 -5.03 -0.06
N LEU G 12 -22.21 -5.46 -0.92
CA LEU G 12 -23.36 -6.29 -0.58
C LEU G 12 -23.21 -7.66 -1.24
N ALA G 13 -22.43 -8.54 -0.62
CA ALA G 13 -22.02 -9.81 -1.19
C ALA G 13 -23.14 -10.84 -1.27
N GLY G 14 -24.08 -10.82 -0.31
CA GLY G 14 -25.29 -11.64 -0.42
C GLY G 14 -25.09 -13.11 0.01
N ASP G 15 -25.68 -14.02 -0.77
CA ASP G 15 -25.89 -15.40 -0.41
C ASP G 15 -25.02 -16.31 -1.31
N GLY G 16 -25.00 -17.59 -0.96
CA GLY G 16 -24.29 -18.60 -1.72
C GLY G 16 -22.83 -18.23 -2.04
N ILE G 17 -22.48 -18.21 -3.32
CA ILE G 17 -21.07 -17.98 -3.75
C ILE G 17 -20.73 -16.51 -3.58
N GLY G 18 -21.71 -15.64 -3.31
CA GLY G 18 -21.43 -14.21 -3.30
C GLY G 18 -20.22 -13.79 -2.48
N PRO G 19 -20.19 -14.17 -1.20
CA PRO G 19 -19.09 -13.76 -0.32
C PRO G 19 -17.71 -14.31 -0.79
N LEU G 20 -17.71 -15.52 -1.29
CA LEU G 20 -16.46 -16.19 -1.76
C LEU G 20 -15.87 -15.42 -2.95
N VAL G 21 -16.67 -15.13 -3.97
CA VAL G 21 -16.19 -14.41 -5.16
C VAL G 21 -15.91 -12.94 -4.87
N MET G 22 -16.68 -12.35 -3.95
CA MET G 22 -16.41 -10.97 -3.54
C MET G 22 -14.99 -10.78 -2.99
N LYS G 23 -14.53 -11.72 -2.18
CA LYS G 23 -13.15 -11.66 -1.67
C LYS G 23 -12.16 -11.41 -2.82
N GLU G 24 -12.35 -12.08 -3.97
CA GLU G 24 -11.44 -11.94 -5.10
C GLU G 24 -11.55 -10.54 -5.77
N ALA G 25 -12.79 -10.04 -5.95
CA ALA G 25 -12.98 -8.69 -6.47
C ALA G 25 -12.26 -7.68 -5.56
N LEU G 26 -12.41 -7.80 -4.25
CA LEU G 26 -11.76 -6.88 -3.27
C LEU G 26 -10.20 -6.98 -3.32
N LYS G 27 -9.69 -8.19 -3.48
CA LYS G 27 -8.28 -8.39 -3.66
C LYS G 27 -7.74 -7.60 -4.87
N ILE G 28 -8.46 -7.63 -5.99
CA ILE G 28 -8.08 -6.94 -7.20
C ILE G 28 -8.22 -5.42 -7.00
N LEU G 29 -9.33 -4.98 -6.41
CA LEU G 29 -9.48 -3.57 -6.21
C LEU G 29 -8.37 -2.97 -5.31
N THR G 30 -8.01 -3.69 -4.26
CA THR G 30 -6.96 -3.28 -3.35
C THR G 30 -5.67 -3.07 -4.10
N PHE G 31 -5.33 -3.97 -5.02
CA PHE G 31 -4.12 -3.76 -5.81
C PHE G 31 -4.23 -2.53 -6.72
N ILE G 32 -5.41 -2.36 -7.33
CA ILE G 32 -5.66 -1.26 -8.28
C ILE G 32 -5.51 0.10 -7.56
N ALA G 33 -6.02 0.19 -6.34
CA ALA G 33 -5.88 1.41 -5.50
C ALA G 33 -4.41 1.70 -5.20
N GLN G 34 -3.65 0.64 -4.91
CA GLN G 34 -2.21 0.79 -4.70
C GLN G 34 -1.52 1.32 -5.96
N LYS G 35 -1.80 0.73 -7.11
CA LYS G 35 -1.18 1.12 -8.39
C LYS G 35 -1.50 2.56 -8.80
N TYR G 36 -2.74 2.98 -8.55
CA TYR G 36 -3.17 4.25 -9.04
C TYR G 36 -3.18 5.35 -8.01
N ASN G 37 -2.78 5.03 -6.80
CA ASN G 37 -2.64 5.95 -5.71
C ASN G 37 -3.95 6.64 -5.34
N PHE G 38 -5.00 5.85 -5.23
CA PHE G 38 -6.26 6.36 -4.67
C PHE G 38 -6.65 5.38 -3.57
N SER G 39 -7.70 5.66 -2.80
CA SER G 39 -8.15 4.72 -1.75
C SER G 39 -9.59 4.31 -1.95
N PHE G 40 -9.89 3.12 -1.48
CA PHE G 40 -11.25 2.64 -1.31
C PHE G 40 -11.65 2.63 0.13
N GLU G 41 -12.89 3.02 0.45
CA GLU G 41 -13.45 2.67 1.70
C GLU G 41 -14.48 1.60 1.38
N LEU G 42 -14.28 0.43 1.92
CA LEU G 42 -15.17 -0.65 1.62
C LEU G 42 -15.95 -0.99 2.86
N ASN G 43 -17.25 -0.79 2.80
CA ASN G 43 -18.12 -1.13 3.87
C ASN G 43 -19.07 -2.26 3.51
N GLU G 44 -18.95 -3.38 4.21
CA GLU G 44 -19.70 -4.58 3.88
C GLU G 44 -20.98 -4.55 4.65
N ALA G 45 -22.07 -4.99 4.02
CA ALA G 45 -23.34 -5.12 4.70
C ALA G 45 -24.10 -6.32 4.21
N LYS G 46 -25.06 -6.81 4.99
CA LYS G 46 -25.90 -7.94 4.58
C LYS G 46 -26.96 -7.52 3.60
N ILE G 47 -27.27 -8.44 2.68
CA ILE G 47 -28.32 -8.24 1.71
C ILE G 47 -28.96 -9.61 1.42
N GLY G 48 -30.17 -9.60 0.94
CA GLY G 48 -30.75 -10.83 0.43
C GLY G 48 -31.07 -11.76 1.57
N GLY G 49 -30.92 -13.07 1.32
CA GLY G 49 -31.16 -14.06 2.34
C GLY G 49 -30.43 -13.81 3.65
N ALA G 50 -29.15 -13.41 3.58
CA ALA G 50 -28.36 -13.12 4.76
C ALA G 50 -29.10 -12.08 5.61
N SER G 51 -29.68 -11.09 4.93
CA SER G 51 -30.33 -9.95 5.62
C SER G 51 -31.68 -10.37 6.18
N ILE G 52 -32.42 -11.22 5.43
CA ILE G 52 -33.72 -11.75 5.91
C ILE G 52 -33.44 -12.50 7.24
N ASP G 53 -32.41 -13.35 7.25
CA ASP G 53 -32.05 -14.12 8.45
C ASP G 53 -31.64 -13.24 9.65
N ALA G 54 -30.86 -12.19 9.39
CA ALA G 54 -30.36 -11.37 10.47
C ALA G 54 -31.41 -10.29 10.92
N TYR G 55 -32.15 -9.72 9.98
CA TYR G 55 -32.94 -8.50 10.25
C TYR G 55 -34.36 -8.63 9.87
N GLY G 56 -34.77 -9.78 9.31
CA GLY G 56 -36.17 -10.01 8.95
C GLY G 56 -36.63 -9.50 7.59
N VAL G 57 -35.80 -8.71 6.93
CA VAL G 57 -36.10 -8.16 5.64
C VAL G 57 -34.81 -8.27 4.75
N ALA G 58 -35.02 -8.30 3.44
CA ALA G 58 -33.90 -8.46 2.49
C ALA G 58 -33.00 -7.23 2.37
N LEU G 59 -33.56 -6.05 2.70
CA LEU G 59 -32.82 -4.76 2.68
C LEU G 59 -33.17 -3.92 3.88
N SER G 60 -32.25 -3.83 4.83
CA SER G 60 -32.55 -3.11 6.07
C SER G 60 -32.36 -1.60 5.85
N ASP G 61 -32.99 -0.81 6.72
CA ASP G 61 -32.82 0.63 6.64
C ASP G 61 -31.40 1.06 6.82
N GLU G 62 -30.63 0.41 7.69
CA GLU G 62 -29.26 0.86 7.88
C GLU G 62 -28.42 0.53 6.62
N THR G 63 -28.72 -0.58 5.98
CA THR G 63 -28.00 -0.99 4.74
C THR G 63 -28.39 0.00 3.62
N LEU G 64 -29.68 0.34 3.52
CA LEU G 64 -30.07 1.34 2.55
C LEU G 64 -29.33 2.68 2.78
N LYS G 65 -29.25 3.14 4.03
CA LYS G 65 -28.57 4.42 4.36
C LYS G 65 -27.08 4.37 4.03
N LEU G 66 -26.49 3.21 4.24
CA LEU G 66 -25.07 3.04 3.85
C LEU G 66 -24.86 3.26 2.35
N CYS G 67 -25.75 2.65 1.56
CA CYS G 67 -25.72 2.83 0.10
C CYS G 67 -25.84 4.30 -0.29
N GLU G 68 -26.76 5.02 0.37
CA GLU G 68 -26.96 6.43 0.13
C GLU G 68 -25.68 7.19 0.38
N GLN G 69 -24.91 6.76 1.38
CA GLN G 69 -23.68 7.40 1.77
C GLN G 69 -22.45 6.90 0.99
N SER G 70 -22.68 6.06 0.00
CA SER G 70 -21.59 5.52 -0.84
C SER G 70 -21.56 6.13 -2.26
N ASP G 71 -20.53 5.81 -3.03
CA ASP G 71 -20.47 6.25 -4.40
C ASP G 71 -20.95 5.20 -5.45
N ALA G 72 -21.05 3.95 -4.98
CA ALA G 72 -21.51 2.87 -5.81
C ALA G 72 -21.71 1.64 -4.89
N ILE G 73 -22.45 0.69 -5.38
CA ILE G 73 -22.73 -0.59 -4.74
C ILE G 73 -22.09 -1.71 -5.59
N LEU G 74 -21.22 -2.47 -4.93
CA LEU G 74 -20.69 -3.66 -5.51
C LEU G 74 -21.44 -4.83 -4.87
N PHE G 75 -22.25 -5.45 -5.68
CA PHE G 75 -23.26 -6.44 -5.26
C PHE G 75 -22.78 -7.81 -5.72
N GLY G 76 -22.95 -8.82 -4.87
CA GLY G 76 -22.70 -10.21 -5.27
C GLY G 76 -23.88 -10.95 -5.87
N SER G 77 -24.44 -11.87 -5.14
CA SER G 77 -25.61 -12.60 -5.65
C SER G 77 -26.51 -12.89 -4.46
N VAL G 78 -27.82 -12.98 -4.73
CA VAL G 78 -28.78 -13.28 -3.69
C VAL G 78 -29.70 -14.40 -4.10
N GLY G 79 -30.17 -15.10 -3.08
CA GLY G 79 -31.18 -16.14 -3.24
C GLY G 79 -30.61 -17.50 -2.92
N GLY G 80 -31.52 -18.43 -2.62
CA GLY G 80 -31.13 -19.80 -2.31
C GLY G 80 -32.38 -20.58 -1.84
N PRO G 81 -32.25 -21.90 -1.71
CA PRO G 81 -33.40 -22.79 -1.40
C PRO G 81 -34.12 -22.38 -0.15
N LYS G 82 -33.38 -21.91 0.85
CA LYS G 82 -33.95 -21.53 2.15
C LYS G 82 -35.09 -20.51 2.04
N TRP G 83 -35.06 -19.64 1.04
CA TRP G 83 -36.03 -18.53 0.92
C TRP G 83 -36.88 -18.66 -0.30
N ASP G 84 -36.72 -19.76 -1.04
CA ASP G 84 -37.49 -19.94 -2.28
C ASP G 84 -38.99 -20.09 -2.01
N ASN G 85 -39.37 -20.39 -0.76
CA ASN G 85 -40.79 -20.59 -0.39
C ASN G 85 -41.53 -19.35 0.12
N LEU G 86 -40.86 -18.21 0.20
CA LEU G 86 -41.49 -16.96 0.64
C LEU G 86 -42.40 -16.42 -0.41
N PRO G 87 -43.37 -15.57 -0.01
CA PRO G 87 -44.15 -14.87 -1.04
C PRO G 87 -43.22 -14.21 -2.05
N ILE G 88 -43.64 -14.18 -3.31
CA ILE G 88 -42.80 -13.75 -4.43
C ILE G 88 -42.16 -12.37 -4.18
N ASP G 89 -42.94 -11.42 -3.66
CA ASP G 89 -42.41 -10.07 -3.31
C ASP G 89 -41.39 -9.99 -2.17
N GLN G 90 -41.25 -11.06 -1.39
CA GLN G 90 -40.32 -11.03 -0.25
C GLN G 90 -39.04 -11.82 -0.53
N ARG G 91 -38.97 -12.49 -1.66
CA ARG G 91 -37.81 -13.34 -1.96
C ARG G 91 -36.54 -12.48 -2.20
N PRO G 92 -35.36 -13.01 -1.85
CA PRO G 92 -34.14 -12.19 -1.82
C PRO G 92 -33.91 -11.29 -3.00
N GLU G 93 -34.04 -11.78 -4.22
CA GLU G 93 -33.69 -10.96 -5.39
C GLU G 93 -34.69 -9.84 -5.57
N ARG G 94 -35.96 -10.17 -5.64
CA ARG G 94 -36.98 -9.18 -5.84
C ARG G 94 -36.98 -8.10 -4.73
N ALA G 95 -36.78 -8.51 -3.47
CA ALA G 95 -36.85 -7.59 -2.31
C ALA G 95 -35.53 -6.83 -2.02
N SER G 96 -34.46 -7.15 -2.75
CA SER G 96 -33.22 -6.36 -2.63
C SER G 96 -33.03 -5.41 -3.83
N LEU G 97 -32.99 -5.98 -5.04
CA LEU G 97 -32.53 -5.23 -6.23
C LEU G 97 -33.60 -4.25 -6.66
N LEU G 98 -34.84 -4.66 -6.63
CA LEU G 98 -35.89 -3.80 -7.12
C LEU G 98 -35.95 -2.50 -6.26
N PRO G 99 -35.99 -2.61 -4.93
CA PRO G 99 -36.02 -1.37 -4.11
C PRO G 99 -34.76 -0.52 -4.26
N LEU G 100 -33.62 -1.16 -4.49
CA LEU G 100 -32.42 -0.39 -4.72
C LEU G 100 -32.46 0.37 -6.02
N ARG G 101 -32.94 -0.28 -7.09
CA ARG G 101 -33.07 0.31 -8.42
C ARG G 101 -34.03 1.51 -8.35
N LYS G 102 -35.13 1.32 -7.66
CA LYS G 102 -36.07 2.45 -7.45
C LYS G 102 -35.46 3.58 -6.62
N HIS G 103 -34.81 3.25 -5.49
CA HIS G 103 -34.33 4.29 -4.56
C HIS G 103 -33.34 5.21 -5.23
N PHE G 104 -32.48 4.59 -6.06
CA PHE G 104 -31.37 5.30 -6.70
C PHE G 104 -31.60 5.68 -8.19
N ASN G 105 -32.86 5.48 -8.68
CA ASN G 105 -33.25 5.79 -10.02
C ASN G 105 -32.25 5.09 -10.98
N LEU G 106 -32.02 3.79 -10.77
CA LEU G 106 -31.12 3.08 -11.69
C LEU G 106 -31.89 2.61 -12.95
N PHE G 107 -31.98 3.50 -13.91
CA PHE G 107 -32.87 3.29 -15.08
C PHE G 107 -32.20 2.62 -16.26
N ALA G 108 -30.86 2.47 -16.19
CA ALA G 108 -30.11 1.88 -17.31
C ALA G 108 -29.44 0.56 -16.86
N ASN G 109 -29.62 -0.48 -17.62
CA ASN G 109 -28.89 -1.76 -17.40
C ASN G 109 -27.93 -1.95 -18.52
N LEU G 110 -26.65 -2.13 -18.20
CA LEU G 110 -25.57 -2.28 -19.17
C LEU G 110 -25.09 -3.77 -18.94
N ARG G 111 -25.11 -4.58 -19.98
CA ARG G 111 -24.60 -5.94 -19.94
C ARG G 111 -23.64 -6.14 -21.09
N PRO G 112 -22.35 -6.27 -20.80
CA PRO G 112 -21.40 -6.59 -21.86
C PRO G 112 -21.48 -8.05 -22.31
N CYS G 113 -21.29 -8.27 -23.62
CA CYS G 113 -21.16 -9.57 -24.23
C CYS G 113 -19.88 -9.56 -25.02
N LYS G 114 -18.81 -10.01 -24.39
CA LYS G 114 -17.54 -10.16 -25.00
C LYS G 114 -17.16 -11.66 -25.00
N ILE G 115 -16.87 -12.20 -26.16
CA ILE G 115 -16.53 -13.59 -26.27
C ILE G 115 -14.98 -13.65 -26.36
N TYR G 116 -14.35 -14.38 -25.46
CA TYR G 116 -12.87 -14.39 -25.39
C TYR G 116 -12.42 -15.39 -26.36
N GLU G 117 -11.32 -15.09 -27.09
CA GLU G 117 -10.80 -15.97 -28.14
C GLU G 117 -10.58 -17.42 -27.62
N SER G 118 -10.08 -17.53 -26.39
CA SER G 118 -9.80 -18.82 -25.76
C SER G 118 -11.05 -19.60 -25.39
N LEU G 119 -12.21 -18.94 -25.43
CA LEU G 119 -13.50 -19.59 -25.07
C LEU G 119 -14.53 -19.57 -26.20
N THR G 120 -14.02 -19.43 -27.41
CA THR G 120 -14.82 -19.48 -28.61
C THR G 120 -15.55 -20.85 -28.71
N HIS G 121 -14.89 -21.92 -28.28
CA HIS G 121 -15.48 -23.22 -28.35
C HIS G 121 -16.79 -23.28 -27.55
N ALA G 122 -16.90 -22.47 -26.51
CA ALA G 122 -18.03 -22.58 -25.62
C ALA G 122 -19.28 -21.81 -26.14
N SER G 123 -19.07 -20.93 -27.09
CA SER G 123 -20.23 -20.33 -27.76
C SER G 123 -20.97 -21.38 -28.57
N PRO G 124 -22.30 -21.33 -28.57
CA PRO G 124 -23.06 -22.17 -29.45
C PRO G 124 -23.00 -21.74 -30.95
N LEU G 125 -22.40 -20.59 -31.30
CA LEU G 125 -22.29 -20.17 -32.70
C LEU G 125 -20.97 -20.82 -33.27
N LYS G 126 -21.03 -21.22 -34.50
CA LYS G 126 -19.77 -21.70 -35.15
C LYS G 126 -18.65 -20.64 -35.01
N ASN G 127 -17.44 -21.15 -34.90
CA ASN G 127 -16.30 -20.29 -34.65
C ASN G 127 -16.14 -19.29 -35.75
N GLU G 128 -16.42 -19.66 -36.97
CA GLU G 128 -16.30 -18.76 -38.10
C GLU G 128 -17.27 -17.58 -38.01
N ILE G 129 -18.41 -17.80 -37.40
CA ILE G 129 -19.38 -16.74 -37.24
C ILE G 129 -18.88 -15.57 -36.38
N ILE G 130 -18.14 -15.92 -35.35
CA ILE G 130 -17.67 -15.03 -34.29
C ILE G 130 -16.20 -14.69 -34.32
N GLN G 131 -15.50 -15.21 -35.33
CA GLN G 131 -14.04 -15.13 -35.32
C GLN G 131 -13.47 -13.74 -35.42
N LYS G 132 -14.21 -12.80 -35.98
CA LYS G 132 -13.77 -11.42 -36.02
C LYS G 132 -13.71 -10.71 -34.69
N GLY G 133 -14.43 -11.22 -33.68
CA GLY G 133 -14.32 -10.70 -32.35
C GLY G 133 -15.71 -10.13 -32.03
N VAL G 134 -16.30 -10.66 -30.97
CA VAL G 134 -17.64 -10.17 -30.47
C VAL G 134 -17.34 -9.42 -29.20
N ASP G 135 -17.77 -8.17 -29.18
CA ASP G 135 -17.62 -7.31 -28.04
C ASP G 135 -18.76 -6.30 -28.09
N ILE G 136 -19.81 -6.59 -27.34
CA ILE G 136 -21.09 -5.89 -27.50
C ILE G 136 -21.47 -5.36 -26.13
N LEU G 137 -22.17 -4.21 -26.08
CA LEU G 137 -22.73 -3.78 -24.83
C LEU G 137 -24.24 -3.57 -25.05
N CYS G 138 -25.05 -4.33 -24.36
CA CYS G 138 -26.52 -4.14 -24.41
C CYS G 138 -26.85 -3.05 -23.39
N VAL G 139 -27.60 -2.02 -23.80
CA VAL G 139 -28.02 -1.03 -22.91
C VAL G 139 -29.55 -1.05 -22.94
N ARG G 140 -30.15 -1.42 -21.82
CA ARG G 140 -31.59 -1.66 -21.76
C ARG G 140 -32.25 -0.67 -20.78
N GLU G 141 -33.29 0.03 -21.26
CA GLU G 141 -34.07 0.94 -20.42
C GLU G 141 -34.90 0.10 -19.40
N LEU G 142 -34.94 0.48 -18.12
CA LEU G 142 -35.57 -0.34 -17.07
C LEU G 142 -36.89 0.19 -16.45
N THR G 143 -37.29 1.39 -16.80
CA THR G 143 -38.36 2.06 -16.07
C THR G 143 -39.66 2.27 -16.84
N GLY G 144 -39.58 2.12 -18.15
CA GLY G 144 -40.64 2.47 -19.08
C GLY G 144 -41.21 1.28 -19.77
N GLY G 145 -42.13 1.60 -20.65
CA GLY G 145 -42.77 0.67 -21.54
C GLY G 145 -43.80 -0.25 -20.92
N ILE G 146 -43.99 -1.34 -21.66
CA ILE G 146 -45.07 -2.26 -21.48
C ILE G 146 -45.15 -2.88 -20.08
N TYR G 147 -44.00 -3.05 -19.42
CA TYR G 147 -44.01 -3.59 -18.05
C TYR G 147 -44.63 -2.65 -17.01
N PHE G 148 -44.73 -1.36 -17.31
CA PHE G 148 -45.29 -0.39 -16.37
C PHE G 148 -46.54 0.36 -16.85
N GLY G 149 -46.88 0.25 -18.15
CA GLY G 149 -48.06 0.95 -18.65
C GLY G 149 -49.37 0.37 -18.14
N LYS G 150 -50.45 1.08 -18.46
CA LYS G 150 -51.76 0.63 -18.03
C LYS G 150 -52.07 -0.74 -18.61
N GLN G 151 -52.61 -1.62 -17.80
CA GLN G 151 -53.00 -2.93 -18.27
C GLN G 151 -54.30 -3.36 -17.63
N ASP G 152 -54.96 -4.33 -18.25
CA ASP G 152 -56.17 -4.91 -17.66
C ASP G 152 -56.37 -6.34 -18.14
N LEU G 153 -56.70 -7.24 -17.22
CA LEU G 153 -57.05 -8.61 -17.52
C LEU G 153 -58.56 -8.77 -17.36
N GLY G 154 -59.23 -8.98 -18.48
CA GLY G 154 -60.65 -9.36 -18.49
C GLY G 154 -60.82 -10.80 -18.88
N LYS G 155 -62.08 -11.22 -18.91
CA LYS G 155 -62.42 -12.60 -19.29
C LYS G 155 -62.30 -12.84 -20.80
N GLU G 156 -62.61 -11.81 -21.58
CA GLU G 156 -62.73 -11.92 -23.03
C GLU G 156 -61.67 -11.13 -23.78
N SER G 157 -61.00 -10.24 -23.07
CA SER G 157 -60.05 -9.29 -23.62
C SER G 157 -59.03 -8.91 -22.52
N ALA G 158 -57.80 -8.58 -22.95
CA ALA G 158 -56.78 -8.20 -22.02
C ALA G 158 -55.79 -7.34 -22.81
N TYR G 159 -55.25 -6.32 -22.17
CA TYR G 159 -54.26 -5.45 -22.78
C TYR G 159 -53.17 -4.99 -21.80
N ASP G 160 -52.10 -4.52 -22.45
CA ASP G 160 -50.90 -3.95 -21.83
C ASP G 160 -50.50 -2.81 -22.75
N THR G 161 -49.87 -1.80 -22.20
CA THR G 161 -49.53 -0.61 -22.92
C THR G 161 -48.04 -0.27 -22.91
N GLU G 162 -47.46 -0.35 -24.10
CA GLU G 162 -46.08 0.07 -24.33
C GLU G 162 -46.07 1.62 -24.46
N ILE G 163 -45.75 2.25 -23.35
CA ILE G 163 -45.73 3.68 -23.27
C ILE G 163 -44.37 4.14 -22.85
N TYR G 164 -43.87 5.13 -23.58
CA TYR G 164 -42.66 5.81 -23.27
C TYR G 164 -42.82 7.33 -23.32
N THR G 165 -42.08 7.98 -22.47
CA THR G 165 -41.83 9.44 -22.52
C THR G 165 -40.51 9.85 -23.08
N LYS G 166 -40.46 11.11 -23.52
CA LYS G 166 -39.21 11.70 -24.00
C LYS G 166 -38.15 11.70 -22.89
N LYS G 167 -38.56 11.95 -21.66
CA LYS G 167 -37.62 12.01 -20.53
C LYS G 167 -36.93 10.62 -20.36
N GLU G 168 -37.76 9.60 -20.41
CA GLU G 168 -37.22 8.20 -20.32
C GLU G 168 -36.27 7.90 -21.42
N ILE G 169 -36.61 8.27 -22.66
CA ILE G 169 -35.79 7.89 -23.82
C ILE G 169 -34.49 8.70 -23.80
N GLU G 170 -34.61 10.00 -23.54
CA GLU G 170 -33.43 10.84 -23.53
C GLU G 170 -32.30 10.36 -22.60
N ARG G 171 -32.67 9.98 -21.39
CA ARG G 171 -31.68 9.66 -20.36
C ARG G 171 -30.97 8.34 -20.65
N ILE G 172 -31.72 7.36 -21.17
CA ILE G 172 -31.09 6.08 -21.58
C ILE G 172 -30.24 6.29 -22.80
N ALA G 173 -30.68 7.11 -23.76
CA ALA G 173 -29.90 7.38 -24.96
C ALA G 173 -28.55 7.97 -24.58
N ARG G 174 -28.58 8.94 -23.66
CA ARG G 174 -27.38 9.63 -23.19
C ARG G 174 -26.36 8.60 -22.61
N ILE G 175 -26.86 7.71 -21.80
CA ILE G 175 -26.04 6.62 -21.30
C ILE G 175 -25.41 5.79 -22.42
N ALA G 176 -26.21 5.36 -23.41
CA ALA G 176 -25.69 4.58 -24.56
C ALA G 176 -24.59 5.32 -25.34
N PHE G 177 -24.80 6.62 -25.61
CA PHE G 177 -23.82 7.35 -26.38
C PHE G 177 -22.48 7.54 -25.62
N GLU G 178 -22.57 7.83 -24.34
CA GLU G 178 -21.41 7.95 -23.40
C GLU G 178 -20.64 6.65 -23.34
N SER G 179 -21.36 5.54 -23.29
CA SER G 179 -20.67 4.21 -23.42
C SER G 179 -19.95 4.04 -24.78
N ALA G 180 -20.65 4.36 -25.89
CA ALA G 180 -20.16 4.20 -27.22
C ALA G 180 -18.89 5.03 -27.37
N ARG G 181 -18.90 6.25 -26.77
CA ARG G 181 -17.74 7.13 -26.87
C ARG G 181 -16.43 6.49 -26.39
N ILE G 182 -16.49 5.67 -25.36
CA ILE G 182 -15.31 5.04 -24.76
C ILE G 182 -15.18 3.57 -25.20
N ARG G 183 -16.08 3.09 -26.07
CA ARG G 183 -15.95 1.72 -26.67
C ARG G 183 -15.49 1.73 -28.16
N LYS G 184 -16.39 1.55 -29.16
CA LYS G 184 -16.03 1.56 -30.57
C LYS G 184 -16.83 2.58 -31.37
N LYS G 185 -17.42 3.50 -30.67
CA LYS G 185 -18.13 4.62 -31.30
C LYS G 185 -19.24 4.27 -32.24
N LYS G 186 -20.06 3.27 -31.84
CA LYS G 186 -21.23 2.93 -32.59
C LYS G 186 -22.38 2.56 -31.65
N VAL G 187 -23.56 3.07 -32.01
CA VAL G 187 -24.85 2.73 -31.38
C VAL G 187 -25.81 2.20 -32.43
N HIS G 188 -26.39 1.01 -32.21
CA HIS G 188 -27.58 0.58 -32.93
C HIS G 188 -28.77 0.81 -32.00
N LEU G 189 -29.70 1.63 -32.46
CA LEU G 189 -31.03 1.77 -31.75
C LEU G 189 -31.93 0.64 -32.30
N ILE G 190 -32.40 -0.20 -31.38
CA ILE G 190 -33.20 -1.34 -31.72
C ILE G 190 -34.65 -1.01 -31.39
N ASP G 191 -35.52 -1.09 -32.39
CA ASP G 191 -36.91 -0.72 -32.25
C ASP G 191 -37.79 -1.41 -33.28
N LYS G 192 -39.06 -1.01 -33.31
CA LYS G 192 -40.01 -1.51 -34.29
C LYS G 192 -40.74 -0.27 -34.89
N ALA G 193 -39.98 0.68 -35.43
CA ALA G 193 -40.51 1.99 -35.95
C ALA G 193 -41.40 1.87 -37.19
N ASN G 194 -41.37 0.75 -37.89
CA ASN G 194 -42.26 0.57 -39.04
C ASN G 194 -43.70 0.36 -38.58
N VAL G 195 -43.90 -0.02 -37.34
CA VAL G 195 -45.24 -0.18 -36.80
C VAL G 195 -45.61 0.47 -35.46
N LEU G 196 -44.64 0.70 -34.60
CA LEU G 196 -44.94 1.22 -33.27
C LEU G 196 -44.75 2.73 -33.21
N ALA G 197 -45.77 3.42 -32.74
CA ALA G 197 -45.70 4.84 -32.45
C ALA G 197 -44.61 5.18 -31.39
N SER G 198 -44.51 4.35 -30.33
CA SER G 198 -43.50 4.54 -29.31
C SER G 198 -42.08 4.40 -29.95
N SER G 199 -41.90 3.51 -30.92
CA SER G 199 -40.59 3.40 -31.59
C SER G 199 -40.29 4.64 -32.45
N ILE G 200 -41.33 5.22 -33.03
CA ILE G 200 -41.15 6.50 -33.80
C ILE G 200 -40.61 7.61 -32.85
N LEU G 201 -41.21 7.72 -31.67
CA LEU G 201 -40.74 8.66 -30.63
C LEU G 201 -39.27 8.34 -30.21
N TRP G 202 -38.93 7.06 -30.02
CA TRP G 202 -37.54 6.68 -29.82
C TRP G 202 -36.63 7.24 -30.86
N ARG G 203 -36.93 7.08 -32.14
CA ARG G 203 -36.04 7.55 -33.20
C ARG G 203 -35.88 9.05 -33.19
N GLU G 204 -36.97 9.76 -32.86
CA GLU G 204 -36.96 11.21 -32.80
C GLU G 204 -36.02 11.76 -31.72
N VAL G 205 -36.22 11.22 -30.54
CA VAL G 205 -35.48 11.62 -29.37
C VAL G 205 -34.03 11.20 -29.48
N VAL G 206 -33.79 9.95 -29.87
CA VAL G 206 -32.42 9.50 -30.02
C VAL G 206 -31.64 10.31 -31.08
N ALA G 207 -32.27 10.61 -32.21
CA ALA G 207 -31.62 11.38 -33.29
C ALA G 207 -31.26 12.76 -32.77
N ASN G 208 -32.11 13.31 -31.91
CA ASN G 208 -31.82 14.62 -31.29
C ASN G 208 -30.68 14.55 -30.23
N VAL G 209 -30.66 13.48 -29.42
CA VAL G 209 -29.55 13.28 -28.54
C VAL G 209 -28.24 13.14 -29.29
N ALA G 210 -28.27 12.42 -30.40
CA ALA G 210 -27.12 12.13 -31.19
C ALA G 210 -26.39 13.39 -31.69
N LYS G 211 -27.07 14.53 -31.73
CA LYS G 211 -26.41 15.75 -32.16
C LYS G 211 -25.24 16.16 -31.30
N ASP G 212 -25.31 15.79 -30.02
CA ASP G 212 -24.25 16.05 -29.05
C ASP G 212 -23.11 15.03 -29.19
N TYR G 213 -23.24 14.10 -30.11
CA TYR G 213 -22.27 12.96 -30.19
C TYR G 213 -21.97 12.68 -31.62
N GLN G 214 -21.43 13.69 -32.28
CA GLN G 214 -21.22 13.59 -33.69
C GLN G 214 -20.08 12.62 -34.02
N ASP G 215 -19.30 12.23 -33.03
CA ASP G 215 -18.19 11.27 -33.18
C ASP G 215 -18.74 9.84 -33.24
N ILE G 216 -20.02 9.65 -32.91
CA ILE G 216 -20.59 8.29 -32.87
C ILE G 216 -21.46 8.00 -34.07
N ASN G 217 -21.28 6.81 -34.63
CA ASN G 217 -22.11 6.28 -35.67
C ASN G 217 -23.41 5.73 -35.08
N LEU G 218 -24.52 6.35 -35.43
CA LEU G 218 -25.85 5.88 -35.08
C LEU G 218 -26.53 5.13 -36.22
N GLU G 219 -26.94 3.91 -35.96
CA GLU G 219 -27.72 3.13 -36.90
C GLU G 219 -29.01 2.66 -36.22
N TYR G 220 -30.00 2.33 -37.04
CA TYR G 220 -31.29 1.88 -36.58
C TYR G 220 -31.52 0.47 -37.09
N MET G 221 -32.08 -0.37 -36.28
CA MET G 221 -32.37 -1.73 -36.68
C MET G 221 -33.63 -2.20 -36.00
N TYR G 222 -34.48 -2.92 -36.74
CA TYR G 222 -35.68 -3.51 -36.16
C TYR G 222 -35.31 -4.66 -35.25
N VAL G 223 -36.09 -4.84 -34.20
CA VAL G 223 -35.83 -5.91 -33.20
C VAL G 223 -35.74 -7.32 -33.83
N ASP G 224 -36.55 -7.57 -34.85
CA ASP G 224 -36.59 -8.89 -35.46
C ASP G 224 -35.32 -9.14 -36.24
N ASN G 225 -34.82 -8.10 -36.93
CA ASN G 225 -33.54 -8.21 -37.65
C ASN G 225 -32.39 -8.33 -36.68
N ALA G 226 -32.47 -7.62 -35.57
CA ALA G 226 -31.50 -7.73 -34.52
C ALA G 226 -31.41 -9.17 -33.96
N ALA G 227 -32.56 -9.80 -33.77
CA ALA G 227 -32.59 -11.18 -33.29
C ALA G 227 -31.84 -12.11 -34.25
N MET G 228 -31.96 -11.84 -35.54
CA MET G 228 -31.26 -12.61 -36.57
C MET G 228 -29.79 -12.30 -36.58
N GLN G 229 -29.46 -11.01 -36.57
CA GLN G 229 -28.04 -10.60 -36.63
C GLN G 229 -27.19 -11.02 -35.45
N ILE G 230 -27.78 -11.18 -34.28
CA ILE G 230 -27.06 -11.65 -33.11
C ILE G 230 -26.58 -13.09 -33.35
N VAL G 231 -27.38 -13.86 -34.08
CA VAL G 231 -27.00 -15.24 -34.46
C VAL G 231 -26.06 -15.28 -35.67
N LYS G 232 -26.34 -14.48 -36.69
CA LYS G 232 -25.70 -14.61 -37.99
C LYS G 232 -24.40 -13.84 -38.10
N ASN G 233 -24.36 -12.67 -37.46
CA ASN G 233 -23.26 -11.71 -37.65
C ASN G 233 -23.12 -10.76 -36.49
N PRO G 234 -22.90 -11.28 -35.26
CA PRO G 234 -22.87 -10.43 -34.09
C PRO G 234 -21.65 -9.50 -33.98
N SER G 235 -20.54 -9.79 -34.69
CA SER G 235 -19.36 -8.94 -34.54
C SER G 235 -19.57 -7.50 -35.03
N ILE G 236 -20.65 -7.23 -35.75
CA ILE G 236 -20.93 -5.88 -36.21
C ILE G 236 -21.37 -4.94 -35.07
N PHE G 237 -21.89 -5.47 -33.95
CA PHE G 237 -22.40 -4.62 -32.88
C PHE G 237 -21.32 -4.00 -31.94
N ASP G 238 -21.55 -2.73 -31.54
CA ASP G 238 -20.89 -2.18 -30.35
C ASP G 238 -21.91 -1.98 -29.23
N VAL G 239 -22.56 -0.81 -29.21
CA VAL G 239 -23.56 -0.54 -28.22
C VAL G 239 -24.93 -0.81 -28.87
N MET G 240 -25.80 -1.58 -28.18
CA MET G 240 -27.11 -1.89 -28.65
C MET G 240 -28.05 -1.24 -27.65
N LEU G 241 -28.75 -0.21 -28.11
CA LEU G 241 -29.66 0.54 -27.26
C LEU G 241 -31.08 0.05 -27.43
N CYS G 242 -31.70 -0.43 -26.36
CA CYS G 242 -32.96 -1.16 -26.44
C CYS G 242 -33.97 -0.56 -25.48
N SER G 243 -35.23 -0.60 -25.88
CA SER G 243 -36.30 -0.47 -24.92
C SER G 243 -36.30 -1.60 -23.87
N ASN G 244 -37.18 -1.46 -22.87
CA ASN G 244 -37.23 -2.41 -21.74
C ASN G 244 -37.56 -3.83 -22.23
N LEU G 245 -38.62 -3.95 -23.03
CA LEU G 245 -39.06 -5.29 -23.53
C LEU G 245 -38.02 -5.88 -24.50
N PHE G 246 -37.65 -5.07 -25.48
CA PHE G 246 -36.72 -5.56 -26.48
C PHE G 246 -35.36 -5.92 -25.85
N GLY G 247 -34.87 -5.11 -24.94
CA GLY G 247 -33.60 -5.36 -24.18
C GLY G 247 -33.68 -6.62 -23.35
N ASP G 248 -34.87 -6.88 -22.77
CA ASP G 248 -35.10 -8.06 -21.95
C ASP G 248 -34.87 -9.32 -22.81
N ILE G 249 -35.39 -9.32 -24.05
CA ILE G 249 -35.27 -10.44 -24.99
C ILE G 249 -33.83 -10.54 -25.49
N LEU G 250 -33.31 -9.43 -26.06
CA LEU G 250 -31.97 -9.47 -26.73
C LEU G 250 -30.81 -9.69 -25.76
N SER G 251 -30.94 -9.21 -24.51
CA SER G 251 -29.86 -9.43 -23.51
C SER G 251 -29.71 -10.91 -23.22
N ASP G 252 -30.83 -11.63 -23.20
CA ASP G 252 -30.75 -13.10 -23.02
C ASP G 252 -30.22 -13.79 -24.23
N GLU G 253 -30.59 -13.35 -25.44
CA GLU G 253 -30.06 -13.90 -26.70
C GLU G 253 -28.51 -13.72 -26.73
N LEU G 254 -28.07 -12.53 -26.33
CA LEU G 254 -26.63 -12.25 -26.21
C LEU G 254 -25.92 -13.16 -25.19
N ALA G 255 -26.52 -13.36 -24.04
CA ALA G 255 -26.00 -14.29 -23.08
C ALA G 255 -25.88 -15.67 -23.67
N ALA G 256 -26.92 -16.11 -24.42
CA ALA G 256 -26.88 -17.42 -25.07
C ALA G 256 -25.72 -17.53 -26.03
N ILE G 257 -25.53 -16.52 -26.91
CA ILE G 257 -24.41 -16.63 -27.90
C ILE G 257 -23.01 -16.57 -27.21
N ASN G 258 -22.95 -15.95 -26.06
CA ASN G 258 -21.70 -15.82 -25.34
C ASN G 258 -21.14 -17.16 -24.95
N GLY G 259 -21.98 -17.97 -24.32
CA GLY G 259 -21.58 -19.32 -23.92
C GLY G 259 -20.90 -19.53 -22.58
N SER G 260 -20.41 -18.48 -21.96
CA SER G 260 -19.67 -18.59 -20.66
C SER G 260 -20.36 -17.71 -19.61
N LEU G 261 -21.42 -18.25 -19.01
CA LEU G 261 -22.28 -17.48 -18.07
C LEU G 261 -21.52 -16.94 -16.90
N GLY G 262 -20.53 -17.71 -16.42
CA GLY G 262 -19.74 -17.30 -15.31
C GLY G 262 -18.86 -16.10 -15.52
N LEU G 263 -18.74 -15.60 -16.75
CA LEU G 263 -18.00 -14.39 -17.00
C LEU G 263 -18.87 -13.14 -17.14
N LEU G 264 -20.18 -13.28 -17.03
CA LEU G 264 -21.06 -12.18 -17.48
C LEU G 264 -21.41 -11.29 -16.34
N SER G 265 -21.33 -9.97 -16.59
CA SER G 265 -21.52 -8.94 -15.56
C SER G 265 -22.61 -7.99 -15.99
N SER G 266 -23.01 -7.17 -15.05
CA SER G 266 -24.14 -6.27 -15.23
C SER G 266 -23.88 -4.97 -14.44
N ALA G 267 -24.26 -3.81 -15.02
CA ALA G 267 -24.23 -2.54 -14.26
C ALA G 267 -25.66 -1.91 -14.35
N SER G 268 -26.18 -1.40 -13.25
CA SER G 268 -27.45 -0.66 -13.29
C SER G 268 -27.11 0.76 -12.85
N LEU G 269 -27.31 1.74 -13.72
CA LEU G 269 -26.73 3.07 -13.54
C LEU G 269 -27.87 4.11 -13.58
N ASN G 270 -27.62 5.23 -12.93
CA ASN G 270 -28.46 6.39 -13.05
C ASN G 270 -27.71 7.41 -13.87
N ASP G 271 -28.17 8.67 -13.83
CA ASP G 271 -27.59 9.73 -14.64
C ASP G 271 -26.53 10.54 -13.92
N LYS G 272 -26.17 10.17 -12.68
CA LYS G 272 -25.23 10.91 -11.85
C LYS G 272 -23.96 10.11 -11.47
N GLY G 273 -23.70 9.05 -12.18
CA GLY G 273 -22.51 8.26 -11.90
C GLY G 273 -22.68 7.19 -10.81
N PHE G 274 -23.88 7.06 -10.21
CA PHE G 274 -24.08 6.01 -9.23
C PHE G 274 -24.51 4.72 -9.93
N GLY G 275 -23.95 3.59 -9.51
CA GLY G 275 -24.32 2.32 -10.07
C GLY G 275 -24.27 1.19 -9.10
N LEU G 276 -24.96 0.12 -9.48
CA LEU G 276 -24.98 -1.17 -8.78
C LEU G 276 -24.45 -2.18 -9.81
N TYR G 277 -23.37 -2.81 -9.41
CA TYR G 277 -22.56 -3.66 -10.27
C TYR G 277 -22.60 -5.07 -9.71
N GLU G 278 -22.96 -6.01 -10.57
CA GLU G 278 -23.14 -7.42 -10.14
C GLU G 278 -22.83 -8.41 -11.24
N PRO G 279 -22.53 -9.66 -10.89
CA PRO G 279 -22.57 -10.76 -11.88
C PRO G 279 -23.96 -11.02 -12.37
N ALA G 280 -24.08 -11.35 -13.65
CA ALA G 280 -25.38 -11.64 -14.30
C ALA G 280 -25.96 -12.96 -13.80
N GLY G 281 -25.09 -13.94 -13.51
CA GLY G 281 -25.51 -15.23 -12.99
C GLY G 281 -26.06 -15.23 -11.56
N GLY G 282 -26.50 -16.39 -11.11
CA GLY G 282 -27.15 -16.49 -9.79
C GLY G 282 -26.18 -16.87 -8.68
N SER G 283 -26.73 -17.20 -7.53
CA SER G 283 -25.93 -17.43 -6.34
C SER G 283 -25.34 -18.89 -6.19
N ALA G 284 -25.65 -19.78 -7.12
CA ALA G 284 -25.00 -21.14 -7.17
C ALA G 284 -24.91 -21.84 -5.79
N PRO G 285 -26.06 -21.94 -5.10
CA PRO G 285 -26.06 -22.43 -3.70
C PRO G 285 -25.39 -23.80 -3.47
N ASP G 286 -25.54 -24.67 -4.43
CA ASP G 286 -25.01 -26.03 -4.31
C ASP G 286 -23.49 -26.12 -4.39
N ILE G 287 -22.81 -25.07 -4.84
CA ILE G 287 -21.32 -25.08 -4.77
C ILE G 287 -20.73 -24.04 -3.81
N ALA G 288 -21.59 -23.39 -3.03
CA ALA G 288 -21.22 -22.29 -2.14
C ALA G 288 -20.21 -22.64 -1.03
N HIS G 289 -20.15 -23.94 -0.66
CA HIS G 289 -19.26 -24.40 0.38
C HIS G 289 -17.93 -24.86 -0.19
N LEU G 290 -17.79 -24.86 -1.49
CA LEU G 290 -16.60 -25.37 -2.15
C LEU G 290 -15.77 -24.12 -2.47
N ASN G 291 -14.64 -24.34 -3.12
CA ASN G 291 -13.76 -23.24 -3.43
C ASN G 291 -13.56 -23.27 -4.96
N ILE G 292 -14.64 -23.43 -5.72
CA ILE G 292 -14.54 -23.54 -7.19
C ILE G 292 -15.32 -22.49 -8.06
N ALA G 293 -16.18 -21.70 -7.45
CA ALA G 293 -16.91 -20.72 -8.18
C ALA G 293 -15.98 -19.83 -9.03
N ASN G 294 -16.45 -19.45 -10.22
CA ASN G 294 -15.75 -18.50 -11.07
C ASN G 294 -15.87 -17.10 -10.49
N PRO G 295 -14.77 -16.49 -10.02
CA PRO G 295 -14.83 -15.09 -9.58
C PRO G 295 -14.74 -13.97 -10.67
N ILE G 296 -14.62 -14.37 -11.94
CA ILE G 296 -14.29 -13.40 -13.00
C ILE G 296 -15.49 -12.42 -13.22
N ALA G 297 -16.72 -12.93 -13.19
CA ALA G 297 -17.92 -12.05 -13.31
C ALA G 297 -17.92 -10.95 -12.23
N GLN G 298 -17.61 -11.32 -10.97
CA GLN G 298 -17.48 -10.35 -9.87
C GLN G 298 -16.36 -9.35 -10.09
N ILE G 299 -15.22 -9.84 -10.54
CA ILE G 299 -14.12 -8.94 -10.83
C ILE G 299 -14.38 -7.98 -11.97
N LEU G 300 -15.06 -8.47 -13.03
CA LEU G 300 -15.48 -7.65 -14.16
C LEU G 300 -16.58 -6.63 -13.74
N SER G 301 -17.42 -6.97 -12.77
CA SER G 301 -18.37 -5.97 -12.14
C SER G 301 -17.61 -4.85 -11.45
N ALA G 302 -16.53 -5.20 -10.80
CA ALA G 302 -15.61 -4.20 -10.21
C ALA G 302 -14.98 -3.32 -11.24
N ALA G 303 -14.52 -3.90 -12.32
CA ALA G 303 -13.99 -3.11 -13.43
C ALA G 303 -15.04 -2.15 -14.02
N LEU G 304 -16.27 -2.62 -14.19
CA LEU G 304 -17.34 -1.78 -14.68
C LEU G 304 -17.59 -0.60 -13.74
N MET G 305 -17.56 -0.87 -12.43
CA MET G 305 -17.74 0.16 -11.38
C MET G 305 -16.63 1.23 -11.53
N LEU G 306 -15.35 0.77 -11.68
CA LEU G 306 -14.28 1.72 -11.94
C LEU G 306 -14.52 2.60 -13.16
N LYS G 307 -14.99 2.00 -14.25
CA LYS G 307 -15.14 2.66 -15.57
C LYS G 307 -16.30 3.67 -15.48
N TYR G 308 -17.42 3.20 -15.00
CA TYR G 308 -18.70 4.02 -15.06
C TYR G 308 -19.03 4.84 -13.84
N SER G 309 -18.70 4.42 -12.64
CA SER G 309 -18.95 5.28 -11.45
C SER G 309 -17.76 6.13 -11.09
N PHE G 310 -16.54 5.62 -11.25
CA PHE G 310 -15.35 6.33 -10.75
C PHE G 310 -14.51 7.00 -11.81
N LYS G 311 -14.85 6.76 -13.06
CA LYS G 311 -14.18 7.33 -14.20
C LYS G 311 -12.67 6.99 -14.18
N GLU G 312 -12.37 5.78 -13.70
CA GLU G 312 -10.99 5.29 -13.67
C GLU G 312 -10.80 4.30 -14.83
N GLU G 313 -10.79 4.82 -16.08
CA GLU G 313 -10.94 4.03 -17.25
C GLU G 313 -9.71 3.15 -17.41
N GLN G 314 -8.56 3.69 -17.10
CA GLN G 314 -7.34 2.87 -17.30
C GLN G 314 -7.23 1.74 -16.32
N ALA G 315 -7.59 2.01 -15.07
CA ALA G 315 -7.64 1.00 -14.02
C ALA G 315 -8.58 -0.15 -14.44
N ALA G 316 -9.80 0.19 -14.90
CA ALA G 316 -10.79 -0.80 -15.51
C ALA G 316 -10.15 -1.61 -16.64
N GLN G 317 -9.48 -0.92 -17.55
CA GLN G 317 -8.86 -1.57 -18.70
C GLN G 317 -7.79 -2.54 -18.27
N ASP G 318 -7.04 -2.20 -17.22
CA ASP G 318 -5.91 -3.04 -16.77
C ASP G 318 -6.49 -4.38 -16.25
N ILE G 319 -7.60 -4.28 -15.52
CA ILE G 319 -8.29 -5.47 -14.99
C ILE G 319 -8.83 -6.32 -16.14
N GLU G 320 -9.51 -5.70 -17.12
CA GLU G 320 -10.03 -6.41 -18.24
C GLU G 320 -8.90 -7.14 -19.03
N ASN G 321 -7.79 -6.43 -19.25
CA ASN G 321 -6.69 -7.06 -19.99
C ASN G 321 -6.07 -8.22 -19.22
N ALA G 322 -6.01 -8.10 -17.88
CA ALA G 322 -5.44 -9.16 -17.05
C ALA G 322 -6.28 -10.40 -17.15
N ILE G 323 -7.59 -10.24 -17.16
CA ILE G 323 -8.51 -11.41 -17.43
C ILE G 323 -8.32 -12.05 -18.80
N SER G 324 -8.17 -11.20 -19.85
CA SER G 324 -7.96 -11.66 -21.19
C SER G 324 -6.70 -12.49 -21.22
N LEU G 325 -5.66 -11.97 -20.58
CA LEU G 325 -4.37 -12.65 -20.62
C LEU G 325 -4.39 -13.97 -19.83
N ALA G 326 -5.00 -14.01 -18.66
CA ALA G 326 -5.18 -15.20 -17.87
C ALA G 326 -5.88 -16.29 -18.65
N LEU G 327 -7.01 -15.94 -19.27
CA LEU G 327 -7.75 -16.91 -20.08
C LEU G 327 -6.86 -17.41 -21.26
N ALA G 328 -6.16 -16.49 -21.93
CA ALA G 328 -5.31 -16.83 -23.05
C ALA G 328 -4.15 -17.75 -22.60
N GLN G 329 -3.72 -17.66 -21.34
CA GLN G 329 -2.75 -18.60 -20.76
C GLN G 329 -3.34 -19.93 -20.31
N GLY G 330 -4.67 -20.10 -20.41
CA GLY G 330 -5.33 -21.34 -20.08
C GLY G 330 -5.67 -21.41 -18.62
N LYS G 331 -5.67 -20.27 -17.93
CA LYS G 331 -5.88 -20.27 -16.51
C LYS G 331 -7.37 -20.03 -16.25
N MET G 332 -8.09 -21.05 -15.81
CA MET G 332 -9.57 -21.07 -15.86
C MET G 332 -10.13 -21.83 -14.70
N THR G 333 -11.35 -21.52 -14.32
CA THR G 333 -12.03 -22.24 -13.29
C THR G 333 -12.80 -23.46 -13.88
N LYS G 334 -13.35 -24.31 -13.01
CA LYS G 334 -13.95 -25.55 -13.42
C LYS G 334 -15.08 -25.43 -14.42
N ASP G 335 -15.94 -24.41 -14.23
CA ASP G 335 -17.02 -24.14 -15.21
C ASP G 335 -16.51 -23.88 -16.64
N LEU G 336 -15.32 -23.34 -16.80
CA LEU G 336 -14.72 -23.07 -18.11
C LEU G 336 -13.80 -24.21 -18.65
N ASN G 337 -13.17 -24.95 -17.75
CA ASN G 337 -12.38 -26.15 -18.18
C ASN G 337 -12.44 -27.21 -17.10
N ALA G 338 -13.21 -28.26 -17.36
CA ALA G 338 -13.54 -29.25 -16.32
C ALA G 338 -12.37 -30.19 -16.07
N LYS G 339 -11.44 -30.25 -17.00
CA LYS G 339 -10.30 -31.17 -16.88
C LYS G 339 -9.10 -30.56 -16.19
N SER G 340 -8.86 -29.27 -16.38
CA SER G 340 -7.73 -28.64 -15.77
C SER G 340 -8.10 -27.24 -15.29
N TYR G 341 -8.24 -27.06 -13.97
CA TYR G 341 -8.76 -25.75 -13.46
C TYR G 341 -8.15 -25.26 -12.21
N LEU G 342 -8.39 -23.98 -11.93
CA LEU G 342 -7.97 -23.31 -10.71
C LEU G 342 -9.11 -23.11 -9.77
N ASN G 343 -8.84 -23.13 -8.46
CA ASN G 343 -9.86 -22.85 -7.45
C ASN G 343 -10.14 -21.35 -7.43
N THR G 344 -11.18 -20.93 -6.73
CA THR G 344 -11.53 -19.51 -6.77
C THR G 344 -10.43 -18.53 -6.39
N ASP G 345 -9.80 -18.82 -5.25
CA ASP G 345 -8.68 -18.01 -4.74
C ASP G 345 -7.44 -18.09 -5.63
N GLU G 346 -7.15 -19.25 -6.20
CA GLU G 346 -6.08 -19.37 -7.20
C GLU G 346 -6.31 -18.52 -8.45
N MET G 347 -7.58 -18.49 -8.89
CA MET G 347 -7.95 -17.73 -10.07
C MET G 347 -7.71 -16.23 -9.76
N GLY G 348 -8.17 -15.80 -8.58
CA GLY G 348 -7.96 -14.41 -8.14
C GLY G 348 -6.46 -14.05 -8.14
N ASP G 349 -5.67 -14.94 -7.60
CA ASP G 349 -4.23 -14.76 -7.43
C ASP G 349 -3.55 -14.71 -8.75
N CYS G 350 -4.02 -15.50 -9.71
CA CYS G 350 -3.51 -15.52 -11.06
C CYS G 350 -3.71 -14.16 -11.73
N ILE G 351 -4.90 -13.62 -11.57
CA ILE G 351 -5.21 -12.31 -12.13
C ILE G 351 -4.39 -11.23 -11.47
N LEU G 352 -4.24 -11.32 -10.17
CA LEU G 352 -3.39 -10.40 -9.45
C LEU G 352 -1.95 -10.45 -9.93
N GLU G 353 -1.39 -11.65 -10.06
CA GLU G 353 -0.05 -11.73 -10.51
C GLU G 353 0.20 -11.15 -11.93
N ILE G 354 -0.74 -11.36 -12.86
CA ILE G 354 -0.70 -10.76 -14.16
C ILE G 354 -0.74 -9.23 -14.05
N LEU G 355 -1.63 -8.69 -13.21
CA LEU G 355 -1.61 -7.25 -12.95
C LEU G 355 -0.24 -6.75 -12.45
N LYS G 356 0.38 -7.45 -11.52
CA LYS G 356 1.73 -7.10 -11.00
C LYS G 356 2.82 -7.20 -12.06
N GLU G 357 2.75 -8.25 -12.87
CA GLU G 357 3.70 -8.50 -13.99
C GLU G 357 3.71 -7.38 -15.02
N ASN G 358 2.57 -6.70 -15.16
CA ASN G 358 2.39 -5.64 -16.15
C ASN G 358 2.44 -4.27 -15.52
N ASP G 359 2.88 -4.22 -14.26
CA ASP G 359 2.91 -2.97 -13.51
C ASP G 359 4.36 -2.49 -13.52
N ASN G 360 4.75 -2.18 -14.75
CA ASN G 360 6.02 -1.59 -15.11
C ASN G 360 7.19 -2.51 -14.86
N THR H 6 15.97 -56.71 10.85
CA THR H 6 16.78 -55.66 10.17
C THR H 6 17.14 -54.52 11.13
N TYR H 7 18.43 -54.19 11.16
CA TYR H 7 18.95 -53.17 12.04
C TYR H 7 19.23 -51.98 11.15
N LYS H 8 18.55 -50.87 11.41
CA LYS H 8 18.71 -49.69 10.62
C LYS H 8 19.76 -48.76 11.22
N VAL H 9 20.75 -48.37 10.41
CA VAL H 9 21.85 -47.52 10.87
C VAL H 9 21.94 -46.31 9.99
N ALA H 10 21.92 -45.12 10.58
CA ALA H 10 22.35 -43.91 9.89
C ALA H 10 23.88 -43.74 9.93
N VAL H 11 24.50 -43.83 8.78
CA VAL H 11 25.96 -43.78 8.62
C VAL H 11 26.29 -42.41 8.18
N LEU H 12 26.84 -41.61 9.11
CA LEU H 12 27.24 -40.24 8.88
C LEU H 12 28.75 -40.07 8.95
N ALA H 13 29.43 -40.32 7.84
CA ALA H 13 30.88 -40.44 7.85
C ALA H 13 31.62 -39.11 7.96
N GLY H 14 31.04 -38.06 7.39
CA GLY H 14 31.54 -36.72 7.59
C GLY H 14 32.69 -36.31 6.63
N ASP H 15 33.75 -35.73 7.19
CA ASP H 15 34.83 -35.06 6.50
C ASP H 15 36.22 -35.68 6.78
N GLY H 16 37.22 -35.20 6.06
CA GLY H 16 38.63 -35.65 6.22
C GLY H 16 38.73 -37.16 6.12
N ILE H 17 39.23 -37.79 7.16
CA ILE H 17 39.43 -39.23 7.15
C ILE H 17 38.13 -39.97 7.33
N GLY H 18 37.05 -39.25 7.67
CA GLY H 18 35.83 -40.00 8.03
C GLY H 18 35.36 -41.02 7.02
N PRO H 19 35.16 -40.62 5.74
CA PRO H 19 34.67 -41.53 4.73
C PRO H 19 35.61 -42.73 4.51
N LEU H 20 36.91 -42.47 4.59
CA LEU H 20 37.96 -43.51 4.37
C LEU H 20 37.91 -44.60 5.44
N VAL H 21 37.85 -44.19 6.73
CA VAL H 21 37.77 -45.18 7.80
C VAL H 21 36.36 -45.84 7.84
N MET H 22 35.32 -45.06 7.50
CA MET H 22 33.96 -45.65 7.51
C MET H 22 33.85 -46.82 6.58
N LYS H 23 34.47 -46.71 5.41
CA LYS H 23 34.50 -47.84 4.47
C LYS H 23 34.92 -49.12 5.16
N GLU H 24 35.91 -49.03 6.05
CA GLU H 24 36.43 -50.24 6.74
C GLU H 24 35.41 -50.77 7.78
N ALA H 25 34.78 -49.86 8.54
CA ALA H 25 33.75 -50.28 9.47
C ALA H 25 32.62 -50.99 8.72
N LEU H 26 32.19 -50.44 7.58
CA LEU H 26 31.07 -51.02 6.78
C LEU H 26 31.46 -52.40 6.22
N LYS H 27 32.71 -52.50 5.83
CA LYS H 27 33.27 -53.79 5.43
C LYS H 27 33.13 -54.84 6.51
N ILE H 28 33.44 -54.48 7.76
CA ILE H 28 33.37 -55.42 8.88
C ILE H 28 31.91 -55.71 9.22
N LEU H 29 31.06 -54.69 9.25
CA LEU H 29 29.69 -54.93 9.59
C LEU H 29 28.97 -55.86 8.55
N THR H 30 29.27 -55.66 7.27
CA THR H 30 28.71 -56.45 6.19
C THR H 30 29.06 -57.91 6.41
N PHE H 31 30.32 -58.19 6.75
CA PHE H 31 30.67 -59.58 7.07
C PHE H 31 29.89 -60.12 8.28
N ILE H 32 29.78 -59.29 9.34
CA ILE H 32 29.13 -59.68 10.60
C ILE H 32 27.65 -60.02 10.35
N ALA H 33 26.96 -59.21 9.56
CA ALA H 33 25.55 -59.50 9.16
C ALA H 33 25.44 -60.84 8.40
N GLN H 34 26.43 -61.10 7.54
CA GLN H 34 26.45 -62.39 6.83
C GLN H 34 26.62 -63.54 7.80
N LYS H 35 27.61 -63.46 8.69
CA LYS H 35 27.87 -64.50 9.65
C LYS H 35 26.69 -64.81 10.56
N TYR H 36 26.00 -63.78 11.00
CA TYR H 36 25.00 -63.96 12.03
C TYR H 36 23.60 -64.05 11.47
N ASN H 37 23.48 -63.90 10.15
CA ASN H 37 22.24 -64.03 9.44
C ASN H 37 21.20 -63.05 9.92
N PHE H 38 21.62 -61.78 10.00
CA PHE H 38 20.65 -60.70 10.20
C PHE H 38 20.92 -59.71 9.08
N SER H 39 20.08 -58.69 8.92
CA SER H 39 20.33 -57.69 7.89
C SER H 39 20.54 -56.31 8.46
N PHE H 40 21.42 -55.56 7.80
CA PHE H 40 21.61 -54.14 8.06
C PHE H 40 20.95 -53.37 6.96
N GLU H 41 20.34 -52.24 7.30
CA GLU H 41 20.07 -51.27 6.31
C GLU H 41 21.03 -50.15 6.65
N LEU H 42 22.07 -49.96 5.89
CA LEU H 42 23.14 -49.02 6.16
C LEU H 42 22.99 -47.75 5.37
N ASN H 43 22.18 -46.71 5.69
CA ASN H 43 21.91 -45.56 4.92
C ASN H 43 22.92 -44.51 5.18
N GLU H 44 23.69 -44.21 4.15
CA GLU H 44 24.74 -43.22 4.25
C GLU H 44 24.11 -41.88 3.96
N ALA H 45 24.50 -40.87 4.72
CA ALA H 45 24.02 -39.53 4.52
C ALA H 45 25.12 -38.59 4.90
N LYS H 46 24.98 -37.37 4.40
CA LYS H 46 25.97 -36.35 4.60
C LYS H 46 25.82 -35.69 5.95
N ILE H 47 26.97 -35.30 6.50
CA ILE H 47 27.00 -34.60 7.80
C ILE H 47 28.20 -33.70 7.78
N GLY H 48 28.14 -32.68 8.59
CA GLY H 48 29.31 -31.83 8.75
C GLY H 48 29.60 -31.03 7.48
N GLY H 49 30.88 -30.85 7.16
CA GLY H 49 31.28 -30.13 5.97
C GLY H 49 30.62 -30.62 4.70
N ALA H 50 30.55 -31.94 4.57
CA ALA H 50 29.97 -32.57 3.38
C ALA H 50 28.55 -32.09 3.20
N SER H 51 27.85 -31.91 4.32
CA SER H 51 26.44 -31.52 4.29
C SER H 51 26.32 -30.03 4.03
N ILE H 52 27.20 -29.23 4.62
CA ILE H 52 27.20 -27.79 4.35
C ILE H 52 27.36 -27.55 2.82
N ASP H 53 28.29 -28.28 2.20
CA ASP H 53 28.53 -28.16 0.75
C ASP H 53 27.34 -28.56 -0.10
N ALA H 54 26.63 -29.59 0.30
CA ALA H 54 25.54 -30.11 -0.50
C ALA H 54 24.23 -29.38 -0.23
N TYR H 55 23.96 -29.11 1.04
CA TYR H 55 22.64 -28.68 1.49
C TYR H 55 22.66 -27.36 2.22
N GLY H 56 23.83 -26.76 2.42
CA GLY H 56 23.92 -25.44 3.04
C GLY H 56 23.99 -25.41 4.55
N VAL H 57 23.69 -26.56 5.17
CA VAL H 57 23.70 -26.69 6.64
C VAL H 57 24.46 -27.97 7.02
N ALA H 58 25.02 -28.00 8.23
CA ALA H 58 25.80 -29.17 8.72
C ALA H 58 24.92 -30.42 8.97
N LEU H 59 23.64 -30.20 9.27
CA LEU H 59 22.68 -31.27 9.55
C LEU H 59 21.35 -30.91 8.93
N SER H 60 21.03 -31.57 7.83
CA SER H 60 19.78 -31.25 7.09
C SER H 60 18.58 -31.95 7.71
N ASP H 61 17.40 -31.42 7.41
CA ASP H 61 16.16 -32.00 7.90
C ASP H 61 15.97 -33.42 7.45
N GLU H 62 16.31 -33.73 6.20
CA GLU H 62 16.09 -35.10 5.74
C GLU H 62 17.08 -36.06 6.42
N THR H 63 18.29 -35.60 6.71
CA THR H 63 19.31 -36.40 7.43
C THR H 63 18.85 -36.60 8.89
N LEU H 64 18.36 -35.53 9.53
CA LEU H 64 17.79 -35.68 10.87
C LEU H 64 16.68 -36.73 10.86
N LYS H 65 15.75 -36.65 9.88
CA LYS H 65 14.66 -37.62 9.83
C LYS H 65 15.11 -39.04 9.61
N LEU H 66 16.12 -39.19 8.78
CA LEU H 66 16.73 -40.49 8.61
C LEU H 66 17.17 -41.08 9.96
N CYS H 67 17.89 -40.27 10.72
CA CYS H 67 18.36 -40.66 12.06
C CYS H 67 17.17 -41.07 12.99
N GLU H 68 16.11 -40.26 12.98
CA GLU H 68 14.86 -40.60 13.71
C GLU H 68 14.28 -41.94 13.31
N GLN H 69 14.44 -42.33 12.04
CA GLN H 69 13.96 -43.61 11.55
C GLN H 69 14.95 -44.76 11.71
N SER H 70 16.13 -44.46 12.24
CA SER H 70 17.17 -45.49 12.42
C SER H 70 17.22 -46.00 13.86
N ASP H 71 17.96 -47.06 14.07
CA ASP H 71 18.10 -47.63 15.38
C ASP H 71 19.40 -47.13 16.07
N ALA H 72 20.32 -46.55 15.29
CA ALA H 72 21.56 -46.01 15.82
C ALA H 72 22.20 -45.17 14.74
N ILE H 73 23.16 -44.33 15.15
CA ILE H 73 23.98 -43.51 14.25
C ILE H 73 25.42 -43.94 14.39
N LEU H 74 26.01 -44.32 13.26
CA LEU H 74 27.44 -44.60 13.20
C LEU H 74 28.06 -43.38 12.52
N PHE H 75 28.81 -42.63 13.32
CA PHE H 75 29.32 -41.32 12.99
C PHE H 75 30.83 -41.41 12.79
N GLY H 76 31.34 -40.72 11.77
CA GLY H 76 32.78 -40.63 11.55
C GLY H 76 33.41 -39.44 12.26
N SER H 77 33.81 -38.45 11.47
CA SER H 77 34.51 -37.30 11.97
C SER H 77 34.06 -36.12 11.15
N VAL H 78 34.00 -34.93 11.77
CA VAL H 78 33.61 -33.74 11.01
C VAL H 78 34.56 -32.59 11.25
N GLY H 79 34.64 -31.71 10.26
CA GLY H 79 35.40 -30.48 10.34
C GLY H 79 36.62 -30.51 9.43
N GLY H 80 37.09 -29.32 9.10
CA GLY H 80 38.27 -29.16 8.26
C GLY H 80 38.50 -27.68 7.95
N PRO H 81 39.67 -27.36 7.34
CA PRO H 81 40.04 -25.96 7.04
C PRO H 81 38.98 -25.21 6.22
N LYS H 82 38.35 -25.90 5.26
CA LYS H 82 37.38 -25.27 4.37
C LYS H 82 36.23 -24.55 5.09
N TRP H 83 35.86 -25.02 6.29
CA TRP H 83 34.71 -24.48 7.05
C TRP H 83 35.12 -23.85 8.33
N ASP H 84 36.44 -23.76 8.57
CA ASP H 84 36.97 -23.25 9.82
C ASP H 84 36.86 -21.71 9.93
N LEU H 86 33.59 -19.93 8.88
CA LEU H 86 32.12 -19.99 9.10
C LEU H 86 31.82 -19.49 10.51
N PRO H 87 30.62 -18.92 10.75
CA PRO H 87 30.28 -18.50 12.13
C PRO H 87 30.41 -19.68 13.06
N ILE H 88 30.84 -19.44 14.30
CA ILE H 88 31.15 -20.51 15.27
C ILE H 88 29.99 -21.53 15.41
N ASP H 89 28.76 -21.05 15.52
CA ASP H 89 27.57 -21.91 15.64
C ASP H 89 27.19 -22.71 14.36
N GLN H 90 27.79 -22.38 13.21
CA GLN H 90 27.48 -23.09 11.96
C GLN H 90 28.61 -24.09 11.57
N ARG H 91 29.71 -24.12 12.32
CA ARG H 91 30.87 -24.98 11.97
C ARG H 91 30.52 -26.46 12.14
N PRO H 92 31.10 -27.33 11.30
CA PRO H 92 30.68 -28.73 11.23
C PRO H 92 30.45 -29.45 12.58
N GLU H 93 31.38 -29.37 13.51
CA GLU H 93 31.25 -30.14 14.75
C GLU H 93 30.13 -29.63 15.63
N ARG H 94 30.17 -28.33 15.91
CA ARG H 94 29.15 -27.72 16.76
C ARG H 94 27.76 -27.90 16.21
N ALA H 95 27.61 -27.75 14.89
CA ALA H 95 26.33 -27.80 14.25
C ALA H 95 25.84 -29.23 13.93
N SER H 96 26.65 -30.26 14.17
CA SER H 96 26.18 -31.63 13.95
C SER H 96 25.98 -32.44 15.25
N LEU H 97 27.03 -32.58 16.07
CA LEU H 97 26.99 -33.53 17.24
C LEU H 97 26.12 -33.02 18.36
N LEU H 98 26.23 -31.74 18.62
CA LEU H 98 25.48 -31.16 19.71
C LEU H 98 23.95 -31.28 19.46
N PRO H 99 23.45 -30.83 18.30
CA PRO H 99 22.00 -31.00 18.06
C PRO H 99 21.55 -32.47 18.04
N LEU H 100 22.42 -33.36 17.56
CA LEU H 100 22.04 -34.77 17.58
C LEU H 100 21.91 -35.28 18.98
N ARG H 101 22.86 -34.95 19.84
CA ARG H 101 22.83 -35.38 21.25
C ARG H 101 21.55 -34.85 21.95
N LYS H 102 21.25 -33.61 21.71
CA LYS H 102 20.02 -33.04 22.25
C LYS H 102 18.76 -33.71 21.70
N HIS H 103 18.69 -33.91 20.38
CA HIS H 103 17.47 -34.39 19.74
C HIS H 103 17.10 -35.73 20.22
N PHE H 104 18.12 -36.55 20.44
CA PHE H 104 17.94 -37.92 20.86
C PHE H 104 18.17 -38.22 22.34
N ASN H 105 18.39 -37.17 23.14
CA ASN H 105 18.50 -37.27 24.60
C ASN H 105 19.63 -38.19 24.90
N LEU H 106 20.78 -37.98 24.26
CA LEU H 106 21.94 -38.85 24.52
C LEU H 106 22.72 -38.35 25.79
N PHE H 107 22.26 -38.81 26.95
CA PHE H 107 22.75 -38.32 28.22
C PHE H 107 23.97 -39.03 28.79
N ALA H 108 24.33 -40.18 28.18
CA ALA H 108 25.37 -41.03 28.72
C ALA H 108 26.49 -41.14 27.72
N ASN H 109 27.69 -40.84 28.13
CA ASN H 109 28.89 -41.09 27.25
C ASN H 109 29.64 -42.29 27.83
N LEU H 110 29.94 -43.27 27.00
CA LEU H 110 30.69 -44.45 27.35
C LEU H 110 32.03 -44.35 26.54
N ARG H 111 33.14 -44.35 27.23
CA ARG H 111 34.47 -44.35 26.55
C ARG H 111 35.29 -45.52 27.12
N PRO H 112 35.54 -46.52 26.33
CA PRO H 112 36.37 -47.64 26.84
C PRO H 112 37.84 -47.26 26.82
N CYS H 113 38.56 -47.79 27.78
CA CYS H 113 40.00 -47.65 27.90
C CYS H 113 40.58 -49.04 28.13
N LYS H 114 40.94 -49.65 27.02
CA LYS H 114 41.52 -50.97 26.98
C LYS H 114 42.93 -50.86 26.39
N ILE H 115 43.91 -51.35 27.12
CA ILE H 115 45.29 -51.25 26.66
C ILE H 115 45.58 -52.67 26.14
N TYR H 116 45.98 -52.75 24.89
CA TYR H 116 46.30 -54.06 24.25
C TYR H 116 47.71 -54.46 24.63
N GLU H 117 47.91 -55.76 24.90
CA GLU H 117 49.19 -56.26 25.37
C GLU H 117 50.31 -55.87 24.44
N SER H 118 50.03 -55.91 23.14
CA SER H 118 51.03 -55.57 22.10
C SER H 118 51.38 -54.05 22.05
N LEU H 119 50.56 -53.21 22.73
CA LEU H 119 50.78 -51.76 22.73
C LEU H 119 51.07 -51.19 24.13
N THR H 120 51.53 -52.06 25.03
CA THR H 120 51.92 -51.67 26.41
C THR H 120 53.05 -50.67 26.35
N HIS H 121 53.93 -50.77 25.36
CA HIS H 121 55.04 -49.80 25.23
C HIS H 121 54.57 -48.38 24.98
N ALA H 122 53.41 -48.23 24.33
CA ALA H 122 52.89 -46.93 24.03
C ALA H 122 52.21 -46.22 25.21
N SER H 123 51.85 -46.96 26.25
CA SER H 123 51.31 -46.29 27.47
C SER H 123 52.43 -45.53 28.13
N PRO H 124 52.11 -44.38 28.68
CA PRO H 124 53.12 -43.72 29.50
C PRO H 124 53.33 -44.35 30.86
N LEU H 125 52.54 -45.35 31.26
CA LEU H 125 52.70 -46.00 32.57
C LEU H 125 53.73 -47.14 32.38
N LYS H 126 54.53 -47.36 33.37
CA LYS H 126 55.44 -48.53 33.32
C LYS H 126 54.65 -49.83 33.09
N ASN H 127 55.25 -50.71 32.35
CA ASN H 127 54.59 -51.93 31.98
C ASN H 127 54.14 -52.71 33.18
N GLU H 128 54.89 -52.63 34.27
CA GLU H 128 54.59 -53.37 35.50
C GLU H 128 53.28 -52.84 36.15
N ILE H 129 52.98 -51.56 35.96
CA ILE H 129 51.73 -50.96 36.52
C ILE H 129 50.46 -51.50 35.86
N ILE H 130 50.54 -51.80 34.57
CA ILE H 130 49.44 -52.18 33.78
C ILE H 130 49.40 -53.65 33.36
N GLN H 131 50.41 -54.40 33.81
CA GLN H 131 50.62 -55.73 33.21
C GLN H 131 49.47 -56.68 33.44
N LYS H 132 48.71 -56.48 34.51
CA LYS H 132 47.55 -57.36 34.78
C LYS H 132 46.41 -57.20 33.81
N GLY H 133 46.35 -56.08 33.06
CA GLY H 133 45.42 -55.91 32.02
C GLY H 133 44.54 -54.74 32.43
N VAL H 134 44.51 -53.72 31.60
CA VAL H 134 43.64 -52.53 31.79
C VAL H 134 42.49 -52.67 30.81
N ASP H 135 41.28 -52.60 31.33
CA ASP H 135 40.09 -52.69 30.55
C ASP H 135 38.96 -51.99 31.33
N ILE H 136 38.73 -50.76 30.99
CA ILE H 136 37.94 -49.86 31.86
C ILE H 136 36.90 -49.26 30.95
N LEU H 137 35.75 -48.86 31.55
CA LEU H 137 34.76 -48.18 30.79
C LEU H 137 34.34 -46.97 31.60
N CYS H 138 34.57 -45.80 31.04
CA CYS H 138 34.23 -44.54 31.77
C CYS H 138 32.77 -44.23 31.33
N VAL H 139 31.88 -43.99 32.27
CA VAL H 139 30.48 -43.70 31.96
C VAL H 139 30.14 -42.35 32.59
N ARG H 140 29.95 -41.34 31.73
CA ARG H 140 29.98 -39.95 32.15
C ARG H 140 28.58 -39.41 31.86
N GLU H 141 27.98 -38.80 32.86
CA GLU H 141 26.70 -38.08 32.69
C GLU H 141 26.92 -36.78 31.89
N LEU H 142 26.07 -36.48 30.90
CA LEU H 142 26.31 -35.36 29.97
C LEU H 142 25.32 -34.16 30.08
N THR H 143 24.29 -34.30 30.87
CA THR H 143 23.17 -33.31 30.91
C THR H 143 23.00 -32.48 32.15
N GLY H 144 23.69 -32.88 33.22
CA GLY H 144 23.60 -32.28 34.52
C GLY H 144 24.86 -31.54 34.97
N GLY H 145 24.75 -31.08 36.18
CA GLY H 145 25.83 -30.51 36.93
C GLY H 145 26.24 -29.13 36.53
N ILE H 146 27.49 -28.86 36.93
CA ILE H 146 28.08 -27.53 36.90
C ILE H 146 28.10 -26.86 35.52
N TYR H 147 28.18 -27.65 34.43
CA TYR H 147 28.13 -27.06 33.11
C TYR H 147 26.75 -26.43 32.74
N PHE H 148 25.70 -26.82 33.44
CA PHE H 148 24.37 -26.36 33.12
C PHE H 148 23.65 -25.63 34.23
N GLY H 149 24.21 -25.63 35.44
CA GLY H 149 23.54 -24.94 36.56
C GLY H 149 23.67 -23.42 36.48
N LYS H 150 22.98 -22.77 37.39
CA LYS H 150 22.97 -21.31 37.38
C LYS H 150 24.41 -20.82 37.55
N GLN H 151 24.79 -19.82 36.80
CA GLN H 151 26.10 -19.22 36.97
C GLN H 151 26.00 -17.71 36.79
N ASP H 152 27.00 -17.01 37.30
CA ASP H 152 27.07 -15.56 37.10
C ASP H 152 28.51 -15.04 37.18
N LEU H 153 28.87 -14.16 36.25
CA LEU H 153 30.13 -13.51 36.21
C LEU H 153 29.91 -12.05 36.61
N GLY H 154 30.45 -11.69 37.75
CA GLY H 154 30.58 -10.30 38.17
C GLY H 154 32.00 -9.79 38.06
N LYS H 155 32.19 -8.51 38.41
CA LYS H 155 33.51 -7.87 38.40
C LYS H 155 34.38 -8.33 39.61
N GLU H 156 33.74 -8.65 40.74
CA GLU H 156 34.44 -8.96 41.99
C GLU H 156 34.19 -10.38 42.54
N SER H 157 33.25 -11.10 41.93
CA SER H 157 32.75 -12.39 42.38
C SER H 157 32.11 -13.12 41.19
N ALA H 158 32.14 -14.47 41.23
CA ALA H 158 31.57 -15.26 40.15
C ALA H 158 31.27 -16.63 40.72
N TYR H 159 30.23 -17.28 40.21
CA TYR H 159 29.89 -18.64 40.62
C TYR H 159 29.29 -19.48 39.49
N ASP H 160 29.27 -20.77 39.80
CA ASP H 160 28.73 -21.82 38.99
C ASP H 160 28.12 -22.79 39.94
N THR H 161 27.08 -23.47 39.51
CA THR H 161 26.35 -24.37 40.36
C THR H 161 26.32 -25.82 39.88
N GLU H 162 26.91 -26.67 40.71
CA GLU H 162 26.88 -28.13 40.49
C GLU H 162 25.58 -28.68 41.04
N ILE H 163 24.63 -28.83 40.13
CA ILE H 163 23.26 -29.23 40.49
C ILE H 163 22.86 -30.46 39.75
N TYR H 164 22.37 -31.42 40.52
CA TYR H 164 21.88 -32.70 39.96
C TYR H 164 20.51 -33.13 40.54
N THR H 165 19.70 -33.74 39.70
CA THR H 165 18.43 -34.34 40.10
C THR H 165 18.52 -35.83 40.22
N LYS H 166 17.59 -36.38 40.99
CA LYS H 166 17.47 -37.83 41.10
C LYS H 166 17.21 -38.49 39.75
N LYS H 167 16.34 -37.86 38.94
CA LYS H 167 16.06 -38.40 37.57
C LYS H 167 17.39 -38.53 36.74
N GLU H 168 18.19 -37.47 36.78
CA GLU H 168 19.47 -37.45 36.05
C GLU H 168 20.40 -38.55 36.55
N ILE H 169 20.51 -38.71 37.86
CA ILE H 169 21.42 -39.70 38.42
C ILE H 169 20.96 -41.12 38.12
N GLU H 170 19.66 -41.33 38.27
CA GLU H 170 19.14 -42.64 38.15
C GLU H 170 19.37 -43.21 36.75
N ARG H 171 19.10 -42.40 35.74
CA ARG H 171 19.21 -42.86 34.35
C ARG H 171 20.65 -43.18 33.92
N ILE H 172 21.58 -42.35 34.33
CA ILE H 172 23.02 -42.66 34.16
C ILE H 172 23.49 -43.88 34.97
N ALA H 173 22.98 -44.06 36.19
CA ALA H 173 23.31 -45.22 37.00
C ALA H 173 22.90 -46.52 36.35
N ARG H 174 21.73 -46.55 35.78
CA ARG H 174 21.23 -47.74 35.10
C ARG H 174 22.08 -48.12 33.91
N ILE H 175 22.53 -47.13 33.17
CA ILE H 175 23.41 -47.40 32.07
C ILE H 175 24.70 -48.04 32.57
N ALA H 176 25.29 -47.46 33.63
CA ALA H 176 26.50 -48.00 34.22
C ALA H 176 26.37 -49.45 34.73
N PHE H 177 25.27 -49.74 35.42
CA PHE H 177 25.05 -51.11 35.89
C PHE H 177 24.83 -52.15 34.76
N GLU H 178 24.06 -51.77 33.75
CA GLU H 178 23.79 -52.58 32.57
C GLU H 178 25.12 -52.90 31.84
N SER H 179 26.01 -51.92 31.77
CA SER H 179 27.38 -52.18 31.19
C SER H 179 28.21 -53.14 32.02
N ALA H 180 28.20 -52.94 33.35
CA ALA H 180 28.94 -53.74 34.26
C ALA H 180 28.47 -55.17 34.12
N ARG H 181 27.16 -55.34 33.99
CA ARG H 181 26.58 -56.69 33.90
C ARG H 181 27.20 -57.52 32.80
N ILE H 182 27.58 -56.91 31.70
CA ILE H 182 28.16 -57.62 30.56
C ILE H 182 29.67 -57.40 30.42
N ARG H 183 30.26 -56.69 31.37
CA ARG H 183 31.74 -56.58 31.44
C ARG H 183 32.38 -57.44 32.57
N LYS H 184 32.79 -56.87 33.70
CA LYS H 184 33.38 -57.59 34.82
C LYS H 184 32.60 -57.42 36.14
N LYS H 185 31.39 -56.92 36.03
CA LYS H 185 30.50 -56.85 37.18
C LYS H 185 30.98 -56.02 38.32
N LYS H 186 31.56 -54.85 38.00
CA LYS H 186 31.97 -53.91 39.02
C LYS H 186 31.75 -52.50 38.52
N VAL H 187 31.15 -51.71 39.39
CA VAL H 187 30.97 -50.22 39.20
C VAL H 187 31.66 -49.49 40.32
N HIS H 188 32.54 -48.53 40.00
CA HIS H 188 33.04 -47.57 40.97
C HIS H 188 32.27 -46.29 40.72
N LEU H 189 31.55 -45.83 41.73
CA LEU H 189 30.94 -44.46 41.67
C LEU H 189 32.04 -43.49 42.14
N ILE H 190 32.38 -42.56 41.26
CA ILE H 190 33.36 -41.56 41.53
C ILE H 190 32.63 -40.26 41.92
N ASP H 191 32.98 -39.77 43.10
CA ASP H 191 32.37 -38.57 43.65
C ASP H 191 33.26 -37.76 44.61
N LYS H 192 32.66 -36.80 45.30
CA LYS H 192 33.32 -36.09 46.39
C LYS H 192 32.30 -35.96 47.60
N ALA H 193 31.77 -37.10 48.03
CA ALA H 193 30.70 -37.21 49.04
C ALA H 193 31.14 -36.76 50.45
N ASN H 194 32.44 -36.62 50.71
CA ASN H 194 32.89 -36.10 51.98
C ASN H 194 32.67 -34.57 52.08
N VAL H 195 32.43 -33.90 50.96
CA VAL H 195 32.15 -32.46 51.02
C VAL H 195 30.95 -31.98 50.16
N LEU H 196 30.60 -32.67 49.09
CA LEU H 196 29.56 -32.16 48.21
C LEU H 196 28.22 -32.76 48.49
N ALA H 197 27.21 -31.88 48.67
CA ALA H 197 25.83 -32.33 48.83
C ALA H 197 25.30 -33.11 47.61
N SER H 198 25.63 -32.64 46.41
CA SER H 198 25.27 -33.30 45.19
C SER H 198 25.91 -34.73 45.13
N SER H 199 27.12 -34.89 45.63
CA SER H 199 27.75 -36.27 45.69
C SER H 199 27.03 -37.15 46.68
N ILE H 200 26.55 -36.56 47.78
CA ILE H 200 25.75 -37.34 48.77
C ILE H 200 24.43 -37.87 48.14
N LEU H 201 23.79 -37.04 47.35
CA LEU H 201 22.60 -37.47 46.54
C LEU H 201 22.97 -38.60 45.54
N TRP H 202 24.12 -38.43 44.84
CA TRP H 202 24.59 -39.50 44.00
C TRP H 202 24.65 -40.78 44.72
N ARG H 203 25.31 -40.83 45.88
CA ARG H 203 25.47 -42.09 46.58
C ARG H 203 24.13 -42.69 46.98
N GLU H 204 23.18 -41.82 47.39
CA GLU H 204 21.89 -42.34 47.79
C GLU H 204 21.12 -42.97 46.64
N VAL H 205 21.07 -42.26 45.51
CA VAL H 205 20.34 -42.70 44.32
C VAL H 205 21.01 -43.96 43.72
N VAL H 206 22.32 -43.91 43.60
CA VAL H 206 23.03 -45.07 43.06
C VAL H 206 22.90 -46.32 43.92
N ALA H 207 23.03 -46.17 45.26
CA ALA H 207 22.92 -47.31 46.15
C ALA H 207 21.51 -47.95 46.02
N ASN H 208 20.51 -47.12 45.82
CA ASN H 208 19.15 -47.64 45.57
C ASN H 208 18.98 -48.34 44.19
N VAL H 209 19.57 -47.78 43.15
CA VAL H 209 19.58 -48.43 41.83
C VAL H 209 20.28 -49.78 41.92
N ALA H 210 21.35 -49.87 42.69
CA ALA H 210 22.14 -51.06 42.77
C ALA H 210 21.36 -52.26 43.29
N LYS H 211 20.24 -52.00 43.94
CA LYS H 211 19.41 -53.03 44.53
C LYS H 211 18.91 -53.96 43.47
N ASP H 212 18.68 -53.41 42.30
CA ASP H 212 18.22 -54.13 41.16
C ASP H 212 19.34 -54.90 40.43
N TYR H 213 20.56 -54.77 40.91
CA TYR H 213 21.75 -55.34 40.27
C TYR H 213 22.62 -55.98 41.30
N GLN H 214 22.07 -56.99 41.96
CA GLN H 214 22.76 -57.60 43.10
C GLN H 214 23.93 -58.45 42.64
N ASP H 215 24.04 -58.71 41.35
CA ASP H 215 25.19 -59.43 40.76
C ASP H 215 26.42 -58.49 40.61
N ILE H 216 26.22 -57.18 40.74
CA ILE H 216 27.31 -56.20 40.50
C ILE H 216 27.87 -55.70 41.83
N ASN H 217 29.19 -55.65 41.91
CA ASN H 217 29.91 -55.07 43.01
C ASN H 217 29.96 -53.55 42.82
N LEU H 218 29.33 -52.81 43.71
CA LEU H 218 29.41 -51.36 43.75
C LEU H 218 30.41 -50.90 44.80
N GLU H 219 31.36 -50.08 44.37
CA GLU H 219 32.30 -49.44 45.27
C GLU H 219 32.29 -47.91 45.03
N TYR H 220 32.75 -47.18 46.02
CA TYR H 220 32.74 -45.69 45.97
C TYR H 220 34.13 -45.20 46.10
N MET H 221 34.48 -44.18 45.36
CA MET H 221 35.82 -43.63 45.42
C MET H 221 35.73 -42.12 45.18
N TYR H 222 36.49 -41.35 45.98
CA TYR H 222 36.58 -39.91 45.77
C TYR H 222 37.35 -39.64 44.44
N VAL H 223 36.97 -38.59 43.74
CA VAL H 223 37.60 -38.18 42.45
C VAL H 223 39.13 -37.99 42.56
N ASP H 224 39.58 -37.52 43.69
CA ASP H 224 41.04 -37.26 43.87
C ASP H 224 41.80 -38.59 44.03
N ASN H 225 41.21 -39.52 44.72
CA ASN H 225 41.79 -40.87 44.83
C ASN H 225 41.73 -41.57 43.51
N ALA H 226 40.64 -41.39 42.79
CA ALA H 226 40.53 -41.94 41.45
C ALA H 226 41.60 -41.41 40.49
N ALA H 227 41.91 -40.12 40.56
CA ALA H 227 42.97 -39.55 39.74
C ALA H 227 44.30 -40.22 40.04
N MET H 228 44.51 -40.58 41.32
CA MET H 228 45.75 -41.33 41.73
C MET H 228 45.78 -42.73 41.24
N GLN H 229 44.67 -43.43 41.45
CA GLN H 229 44.60 -44.86 41.09
C GLN H 229 44.67 -45.15 39.59
N ILE H 230 44.23 -44.22 38.74
CA ILE H 230 44.33 -44.37 37.30
C ILE H 230 45.80 -44.45 36.93
N VAL H 231 46.64 -43.75 37.66
CA VAL H 231 48.08 -43.79 37.44
C VAL H 231 48.74 -44.98 38.12
N LYS H 232 48.38 -45.23 39.39
CA LYS H 232 49.11 -46.20 40.24
C LYS H 232 48.68 -47.63 40.09
N ASN H 233 47.40 -47.84 39.82
CA ASN H 233 46.82 -49.19 39.82
C ASN H 233 45.50 -49.24 39.02
N PRO H 234 45.54 -48.86 37.71
CA PRO H 234 44.29 -48.81 36.91
C PRO H 234 43.66 -50.18 36.58
N SER H 235 44.38 -51.31 36.70
CA SER H 235 43.76 -52.60 36.40
C SER H 235 42.64 -53.00 37.34
N ILE H 236 42.50 -52.34 38.47
CA ILE H 236 41.37 -52.63 39.35
C ILE H 236 39.99 -52.20 38.78
N PHE H 237 39.95 -51.21 37.89
CA PHE H 237 38.67 -50.66 37.46
C PHE H 237 37.99 -51.51 36.42
N ASP H 238 36.66 -51.59 36.52
CA ASP H 238 35.82 -52.01 35.42
C ASP H 238 35.02 -50.83 34.90
N VAL H 239 33.82 -50.65 35.44
CA VAL H 239 33.03 -49.52 35.05
C VAL H 239 33.24 -48.38 36.01
N MET H 240 33.47 -47.15 35.47
CA MET H 240 33.68 -45.99 36.35
C MET H 240 32.53 -45.04 36.07
N LEU H 241 31.69 -44.87 37.04
CA LEU H 241 30.49 -44.00 36.89
C LEU H 241 30.81 -42.60 37.43
N CYS H 242 30.67 -41.58 36.61
CA CYS H 242 31.16 -40.24 36.91
C CYS H 242 30.05 -39.21 36.63
N SER H 243 30.06 -38.16 37.44
CA SER H 243 29.35 -36.94 37.06
C SER H 243 29.94 -36.34 35.79
N ASN H 244 29.28 -35.31 35.31
CA ASN H 244 29.73 -34.65 34.11
C ASN H 244 31.15 -34.06 34.24
N LEU H 245 31.38 -33.29 35.29
CA LEU H 245 32.69 -32.62 35.50
C LEU H 245 33.79 -33.67 35.76
N PHE H 246 33.52 -34.52 36.72
CA PHE H 246 34.51 -35.53 37.07
C PHE H 246 34.81 -36.49 35.91
N GLY H 247 33.79 -36.89 35.15
CA GLY H 247 33.95 -37.72 33.94
C GLY H 247 34.78 -37.04 32.87
N ASP H 248 34.60 -35.72 32.74
CA ASP H 248 35.32 -34.95 31.76
C ASP H 248 36.80 -35.00 32.06
N ILE H 249 37.18 -34.87 33.33
CA ILE H 249 38.61 -34.92 33.79
C ILE H 249 39.14 -36.34 33.65
N LEU H 250 38.43 -37.29 34.25
CA LEU H 250 38.97 -38.70 34.29
C LEU H 250 39.00 -39.39 32.93
N SER H 251 38.06 -39.07 32.02
CA SER H 251 38.09 -39.66 30.68
C SER H 251 39.34 -39.24 29.92
N ASP H 252 39.78 -38.00 30.11
CA ASP H 252 41.04 -37.56 29.50
C ASP H 252 42.27 -38.19 30.12
N GLU H 253 42.24 -38.32 31.44
CA GLU H 253 43.31 -39.03 32.16
C GLU H 253 43.41 -40.48 31.64
N LEU H 254 42.28 -41.14 31.52
CA LEU H 254 42.23 -42.53 30.94
C LEU H 254 42.76 -42.60 29.48
N ALA H 255 42.38 -41.64 28.66
CA ALA H 255 42.99 -41.47 27.31
C ALA H 255 44.53 -41.37 27.42
N ALA H 256 45.02 -40.61 28.39
CA ALA H 256 46.48 -40.40 28.54
C ALA H 256 47.13 -41.68 28.87
N ILE H 257 46.58 -42.41 29.87
CA ILE H 257 47.28 -43.71 30.27
C ILE H 257 47.22 -44.75 29.17
N ASN H 258 46.18 -44.68 28.35
CA ASN H 258 46.04 -45.60 27.28
C ASN H 258 47.22 -45.59 26.31
N GLY H 259 47.56 -44.40 25.80
CA GLY H 259 48.67 -44.25 24.90
C GLY H 259 48.46 -44.34 23.40
N SER H 260 47.34 -44.90 22.97
CA SER H 260 47.06 -45.15 21.56
C SER H 260 45.72 -44.49 21.18
N LEU H 261 45.77 -43.18 20.94
CA LEU H 261 44.56 -42.41 20.63
C LEU H 261 43.75 -42.92 19.47
N GLY H 262 44.42 -43.44 18.45
CA GLY H 262 43.74 -43.90 17.27
C GLY H 262 42.87 -45.09 17.50
N LEU H 263 42.97 -45.73 18.68
CA LEU H 263 42.16 -46.91 18.95
C LEU H 263 40.93 -46.55 19.80
N LEU H 264 40.76 -45.29 20.13
CA LEU H 264 39.76 -44.94 21.16
C LEU H 264 38.41 -44.57 20.51
N SER H 265 37.33 -45.09 21.12
CA SER H 265 35.95 -44.96 20.62
C SER H 265 35.08 -44.37 21.71
N SER H 266 33.86 -44.04 21.29
CA SER H 266 32.95 -43.33 22.14
C SER H 266 31.54 -43.72 21.76
N ALA H 267 30.65 -43.86 22.76
CA ALA H 267 29.22 -44.09 22.47
C ALA H 267 28.44 -43.06 23.29
N SER H 268 27.45 -42.43 22.68
CA SER H 268 26.58 -41.52 23.43
C SER H 268 25.19 -42.14 23.36
N LEU H 269 24.63 -42.54 24.50
CA LEU H 269 23.44 -43.38 24.54
C LEU H 269 22.29 -42.65 25.27
N ASN H 270 21.07 -43.05 24.94
CA ASN H 270 19.91 -42.66 25.75
C ASN H 270 19.43 -43.92 26.46
N ASP H 271 18.21 -43.86 26.98
CA ASP H 271 17.70 -44.94 27.83
C ASP H 271 16.89 -45.96 27.08
N LYS H 272 16.79 -45.81 25.76
CA LYS H 272 15.95 -46.66 24.93
C LYS H 272 16.77 -47.49 23.91
N GLY H 273 18.05 -47.64 24.13
CA GLY H 273 18.92 -48.40 23.18
C GLY H 273 19.40 -47.64 21.96
N PHE H 274 19.08 -46.36 21.80
CA PHE H 274 19.58 -45.56 20.71
C PHE H 274 20.95 -44.98 21.10
N GLY H 275 21.87 -44.96 20.16
CA GLY H 275 23.18 -44.38 20.43
C GLY H 275 23.82 -43.79 19.18
N LEU H 276 24.80 -42.93 19.43
CA LEU H 276 25.67 -42.34 18.39
C LEU H 276 27.08 -42.81 18.80
N TYR H 277 27.70 -43.48 17.86
CA TYR H 277 28.94 -44.20 18.05
C TYR H 277 29.97 -43.57 17.11
N GLU H 278 31.09 -43.17 17.68
CA GLU H 278 32.13 -42.47 16.92
C GLU H 278 33.49 -42.73 17.48
N PRO H 279 34.53 -42.54 16.65
CA PRO H 279 35.88 -42.45 17.23
C PRO H 279 36.04 -41.26 18.15
N ALA H 280 36.84 -41.42 19.21
CA ALA H 280 37.16 -40.29 20.14
C ALA H 280 37.99 -39.20 19.49
N GLY H 281 38.92 -39.57 18.60
CA GLY H 281 39.78 -38.60 17.86
C GLY H 281 39.09 -37.69 16.84
N GLY H 282 39.80 -36.78 16.19
CA GLY H 282 39.21 -35.85 15.19
C GLY H 282 39.28 -36.27 13.72
N SER H 283 39.06 -35.33 12.79
CA SER H 283 38.98 -35.64 11.33
C SER H 283 40.38 -35.67 10.59
N ALA H 284 41.49 -35.40 11.29
CA ALA H 284 42.90 -35.50 10.75
C ALA H 284 43.09 -34.99 9.33
N PRO H 285 42.72 -33.72 9.10
CA PRO H 285 42.67 -33.18 7.71
C PRO H 285 44.01 -33.31 6.95
N ASP H 286 45.10 -33.23 7.68
CA ASP H 286 46.44 -33.28 7.05
C ASP H 286 46.82 -34.65 6.51
N ILE H 287 46.12 -35.71 6.92
CA ILE H 287 46.38 -37.05 6.28
C ILE H 287 45.17 -37.59 5.49
N ALA H 288 44.17 -36.75 5.28
CA ALA H 288 42.93 -37.14 4.63
C ALA H 288 43.07 -37.64 3.18
N HIS H 289 44.12 -37.21 2.48
CA HIS H 289 44.35 -37.55 1.07
C HIS H 289 45.18 -38.78 0.93
N LEU H 290 45.66 -39.31 2.04
CA LEU H 290 46.55 -40.46 2.06
C LEU H 290 45.66 -41.68 2.36
N ASN H 291 46.25 -42.82 2.52
CA ASN H 291 45.47 -44.01 2.79
C ASN H 291 46.13 -44.65 4.04
N ILE H 292 46.41 -43.84 5.06
CA ILE H 292 47.10 -44.36 6.29
C ILE H 292 46.35 -44.25 7.63
N ALA H 293 45.25 -43.50 7.67
CA ALA H 293 44.49 -43.34 8.89
C ALA H 293 44.14 -44.70 9.52
N ASN H 294 44.21 -44.75 10.84
CA ASN H 294 43.86 -45.92 11.60
C ASN H 294 42.34 -46.11 11.62
N PRO H 295 41.81 -47.16 10.95
CA PRO H 295 40.34 -47.39 10.97
C PRO H 295 39.83 -48.13 12.23
N ILE H 296 40.71 -48.49 13.16
CA ILE H 296 40.31 -49.38 14.28
C ILE H 296 39.31 -48.70 15.26
N ALA H 297 39.47 -47.41 15.52
CA ALA H 297 38.51 -46.67 16.34
C ALA H 297 37.13 -46.73 15.75
N GLN H 298 37.01 -46.49 14.43
CA GLN H 298 35.73 -46.57 13.71
C GLN H 298 35.13 -47.97 13.75
N ILE H 299 35.97 -48.97 13.60
CA ILE H 299 35.49 -50.36 13.72
C ILE H 299 35.02 -50.74 15.14
N LEU H 300 35.74 -50.30 16.16
CA LEU H 300 35.43 -50.50 17.54
C LEU H 300 34.13 -49.69 17.88
N SER H 301 33.90 -48.51 17.27
CA SER H 301 32.57 -47.80 17.41
C SER H 301 31.42 -48.67 16.88
N ALA H 302 31.66 -49.36 15.77
CA ALA H 302 30.69 -50.29 15.17
C ALA H 302 30.47 -51.48 16.08
N ALA H 303 31.51 -51.99 16.72
CA ALA H 303 31.36 -53.01 17.78
C ALA H 303 30.51 -52.55 19.00
N LEU H 304 30.76 -51.34 19.45
CA LEU H 304 29.98 -50.77 20.54
C LEU H 304 28.53 -50.65 20.14
N MET H 305 28.26 -50.23 18.90
CA MET H 305 26.86 -50.11 18.39
C MET H 305 26.16 -51.48 18.42
N LEU H 306 26.85 -52.52 17.95
CA LEU H 306 26.31 -53.89 18.07
C LEU H 306 25.96 -54.31 19.51
N LYS H 307 26.85 -54.02 20.47
CA LYS H 307 26.75 -54.45 21.84
C LYS H 307 25.60 -53.68 22.50
N TYR H 308 25.60 -52.38 22.34
CA TYR H 308 24.68 -51.47 23.10
C TYR H 308 23.37 -51.06 22.44
N SER H 309 23.34 -50.92 21.13
CA SER H 309 22.09 -50.63 20.49
C SER H 309 21.37 -51.87 19.98
N PHE H 310 22.10 -52.89 19.51
CA PHE H 310 21.46 -54.05 18.86
C PHE H 310 21.47 -55.33 19.69
N LYS H 311 22.16 -55.31 20.82
CA LYS H 311 22.26 -56.43 21.75
C LYS H 311 22.85 -57.65 21.09
N GLU H 312 23.80 -57.42 20.20
CA GLU H 312 24.44 -58.49 19.47
C GLU H 312 25.79 -58.63 20.06
N GLU H 313 25.83 -59.13 21.27
CA GLU H 313 27.01 -59.12 22.09
C GLU H 313 28.09 -60.01 21.47
N GLN H 314 27.71 -61.17 20.93
CA GLN H 314 28.74 -62.06 20.44
C GLN H 314 29.41 -61.51 19.15
N ALA H 315 28.59 -60.92 18.28
CA ALA H 315 29.07 -60.25 17.07
C ALA H 315 30.07 -59.20 17.47
N ALA H 316 29.72 -58.35 18.45
CA ALA H 316 30.65 -57.34 19.01
C ALA H 316 31.93 -57.93 19.51
N GLN H 317 31.80 -59.04 20.25
CA GLN H 317 32.97 -59.68 20.82
C GLN H 317 33.86 -60.21 19.75
N ASP H 318 33.28 -60.72 18.67
CA ASP H 318 34.09 -61.30 17.57
C ASP H 318 34.97 -60.20 16.92
N ILE H 319 34.37 -59.04 16.73
CA ILE H 319 35.08 -57.85 16.15
C ILE H 319 36.20 -57.45 17.11
N GLU H 320 35.92 -57.36 18.41
CA GLU H 320 36.94 -56.98 19.38
C GLU H 320 38.09 -58.00 19.45
N ASN H 321 37.76 -59.29 19.43
CA ASN H 321 38.79 -60.32 19.42
C ASN H 321 39.64 -60.31 18.15
N ALA H 322 39.04 -60.01 17.00
CA ALA H 322 39.76 -59.90 15.79
C ALA H 322 40.83 -58.82 15.85
N ILE H 323 40.42 -57.66 16.37
CA ILE H 323 41.37 -56.56 16.55
C ILE H 323 42.52 -56.94 17.46
N SER H 324 42.19 -57.58 18.59
CA SER H 324 43.19 -58.03 19.58
C SER H 324 44.18 -58.97 18.89
N LEU H 325 43.64 -59.88 18.08
CA LEU H 325 44.49 -60.86 17.38
C LEU H 325 45.39 -60.18 16.34
N ALA H 326 44.82 -59.30 15.54
CA ALA H 326 45.58 -58.55 14.53
C ALA H 326 46.75 -57.81 15.15
N LEU H 327 46.45 -57.05 16.20
CA LEU H 327 47.49 -56.32 16.91
C LEU H 327 48.58 -57.27 17.47
N ALA H 328 48.14 -58.37 18.07
CA ALA H 328 49.11 -59.40 18.58
C ALA H 328 49.98 -60.00 17.48
N GLN H 329 49.46 -60.06 16.25
CA GLN H 329 50.26 -60.52 15.11
C GLN H 329 51.18 -59.44 14.52
N GLY H 330 51.11 -58.22 15.06
CA GLY H 330 51.96 -57.13 14.63
C GLY H 330 51.36 -56.41 13.45
N LYS H 331 50.06 -56.56 13.20
CA LYS H 331 49.43 -55.94 12.06
C LYS H 331 48.82 -54.60 12.50
N MET H 332 49.41 -53.51 12.05
CA MET H 332 49.16 -52.19 12.67
C MET H 332 49.29 -51.10 11.63
N THR H 333 48.62 -49.97 11.88
CA THR H 333 48.77 -48.81 11.04
C THR H 333 49.95 -47.91 11.50
N LYS H 334 50.29 -46.90 10.70
CA LYS H 334 51.48 -46.10 10.88
C LYS H 334 51.56 -45.38 12.23
N ASP H 335 50.43 -44.88 12.73
CA ASP H 335 50.35 -44.31 14.08
C ASP H 335 50.79 -45.26 15.19
N LEU H 336 50.61 -46.58 15.01
CA LEU H 336 50.96 -47.55 16.02
C LEU H 336 52.34 -48.19 15.80
N ASN H 337 52.76 -48.28 14.56
CA ASN H 337 54.14 -48.77 14.25
C ASN H 337 54.65 -48.08 12.99
N ALA H 338 55.54 -47.10 13.18
CA ALA H 338 55.99 -46.23 12.10
C ALA H 338 56.92 -46.93 11.12
N LYS H 339 57.53 -48.01 11.58
CA LYS H 339 58.51 -48.71 10.77
C LYS H 339 57.92 -49.81 9.88
N SER H 340 56.90 -50.53 10.36
CA SER H 340 56.26 -51.57 9.56
C SER H 340 54.76 -51.47 9.73
N TYR H 341 54.06 -51.01 8.71
CA TYR H 341 52.61 -50.77 8.87
C TYR H 341 51.81 -51.08 7.66
N LEU H 342 50.50 -51.18 7.88
CA LEU H 342 49.52 -51.40 6.85
C LEU H 342 48.77 -50.12 6.54
N ASN H 343 48.29 -49.97 5.32
CA ASN H 343 47.44 -48.86 4.92
C ASN H 343 46.04 -49.10 5.44
N THR H 344 45.22 -48.08 5.37
CA THR H 344 43.89 -48.22 5.96
C THR H 344 43.09 -49.42 5.46
N ASP H 345 43.02 -49.58 4.13
CA ASP H 345 42.27 -50.67 3.54
C ASP H 345 42.92 -52.01 3.83
N GLU H 346 44.25 -52.07 3.84
CA GLU H 346 44.97 -53.30 4.28
C GLU H 346 44.68 -53.72 5.73
N MET H 347 44.58 -52.72 6.61
CA MET H 347 44.24 -52.98 8.01
C MET H 347 42.82 -53.55 8.11
N GLY H 348 41.87 -52.94 7.37
CA GLY H 348 40.48 -53.45 7.31
C GLY H 348 40.43 -54.91 6.82
N ASP H 349 41.17 -55.17 5.77
CA ASP H 349 41.21 -56.51 5.17
C ASP H 349 41.81 -57.51 6.09
N CYS H 350 42.81 -57.12 6.87
CA CYS H 350 43.45 -57.96 7.86
C CYS H 350 42.48 -58.38 8.94
N ILE H 351 41.70 -57.44 9.43
CA ILE H 351 40.70 -57.74 10.42
C ILE H 351 39.64 -58.66 9.82
N LEU H 352 39.19 -58.36 8.59
CA LEU H 352 38.22 -59.20 7.93
C LEU H 352 38.72 -60.66 7.78
N GLU H 353 39.94 -60.81 7.36
CA GLU H 353 40.50 -62.17 7.19
C GLU H 353 40.55 -62.94 8.50
N ILE H 354 40.95 -62.27 9.60
CA ILE H 354 40.93 -62.89 10.91
C ILE H 354 39.48 -63.29 11.31
N LEU H 355 38.50 -62.41 11.10
CA LEU H 355 37.09 -62.81 11.28
C LEU H 355 36.72 -64.09 10.49
N LYS H 356 37.11 -64.16 9.22
CA LYS H 356 36.81 -65.35 8.38
C LYS H 356 37.53 -66.61 8.86
N GLU H 357 38.79 -66.45 9.27
CA GLU H 357 39.65 -67.53 9.82
C GLU H 357 39.06 -68.16 11.07
N ASN H 358 38.27 -67.37 11.81
CA ASN H 358 37.67 -67.82 13.07
C ASN H 358 36.18 -68.11 12.94
N ASP H 359 35.73 -68.21 11.70
CA ASP H 359 34.32 -68.48 11.40
C ASP H 359 34.15 -69.96 10.96
N ASN H 360 34.27 -70.87 11.93
CA ASN H 360 34.35 -72.33 11.63
C ASN H 360 33.29 -73.18 12.29
#